data_7KO8
#
_entry.id   7KO8
#
_cell.length_a   1.00
_cell.length_b   1.00
_cell.length_c   1.00
_cell.angle_alpha   90.00
_cell.angle_beta   90.00
_cell.angle_gamma   90.00
#
_symmetry.space_group_name_H-M   'P 1'
#
loop_
_entity.id
_entity.type
_entity.pdbx_description
1 polymer 'Capsid protein'
2 polymer 'E1 glycoprotein'
3 polymer 'E2 glycoprotein'
4 branched beta-D-mannopyranose-(1-4)-2-acetamido-2-deoxy-beta-D-glucopyranose-(1-4)-2-acetamido-2-deoxy-beta-D-glucopyranose
5 branched alpha-D-mannopyranose-(1-3)-[alpha-D-mannopyranose-(1-6)]beta-D-mannopyranose-(1-4)-2-acetamido-2-deoxy-beta-D-glucopyranose-(1-4)-2-acetamido-2-deoxy-beta-D-glucopyranose
6 branched 2-acetamido-2-deoxy-beta-D-glucopyranose-(1-4)-2-acetamido-2-deoxy-beta-D-glucopyranose
#
loop_
_entity_poly.entity_id
_entity_poly.type
_entity_poly.pdbx_seq_one_letter_code
_entity_poly.pdbx_strand_id
1 'polypeptide(L)'
;MDFLPTQVFYGRRWRPRMPPRPWRPRPPTIQRPDQQARQMQQLIAAVSTLALRQNAAAPQRGRKKQPRRKKPKPQPEKPK
KQEQKPKQKKTPKKKPGRRERMCMKIEHDCIFEVKHEGKVTGYACLVGDKVMKPAHVPGVIDNIDLARLSYKKSSKYDLE
CAQIPVAMKSDASKYTHEKPEGHYNWHYGAVQYTGGRFTVPTGVGKPGDSGRPIFDNKGRVVAIVLGGANEGARTALSVV
TWNKDMVTKITPEGTEEW
;
A,D,G,J
2 'polypeptide(L)'
;YEHTAVIPNQVGFPYKAHVAREGYSPLTLQMQVVETSLEPTLNLEYITCDYKTKVPSPYVKCCGTAECRTQDKPEYKCAV
FTGVYPFMWGGAYCFCDSENTQMSEAYVERADVCKHDYAAAYRAHTASLRAKIKVTYGTVNQTVEAYVNGDHAVTIAGTK
FIFGPVSTAWTPFDTKIVVYKGEVYNQDFPPYGAGQPGRFGDIQSRTLDSKDLYANTGLKLARPAAGNIHVPYTQTPSGF
KTWQKDRDSPLNAKAPFGCTIQTNPVRAMNCAVGNIPVSMDIADSAFTRLTDAPIISELLCTVSTCTHSSDFGGVAVLSY
KVEKAGRCDVHSHSNVAVLQEVSIEAEGRSVIHFSTASAAPSFIVSVCSSRATCTAKCEPPKDHVVTYPANHNGITLPDL
SSTAMTWAQHLAGGVGLLIALAVLILVIVTCITLRR
;
B,E,H,L
3 'polypeptide(L)'
;STANHFNAYKLTRPYVAYCADCGMGHSCHSPAMIENVQADATDGTLKIQFASQIGLTKTDTHDHTKIRYAEGHDIAEAAR
STLKVHSSSECAVTGTMGHFILAKCPPGEVISVSFVDSKNEQRTCRIAYHHEQRLIGRERFTVRPHHGIELPCTTYQLTT
AETSEEIDMHMPPDIPDRTILSQQSGNVKITVNGRTVKYSCSCGSKPSGTTTTDKTINSCTVDKCQAYVTSHTKWQFNSP
FVPRAEQAERKGKVHIPFPLINTTCRVPLAPEALVRSGKREATLSLHPIHPTLLSYRTLGREPVFDEQWITTQTEVTIPV
PVEGVEYRWGNHKPQRLWSQLTTEGRAHGWPHEIIEYYYGLHPTTTIVVVVAVSVVVLLSVAASVYMCVVARNKCLTPYA
LTPGAVVPVTIGVLCCAPKAHA
;
C,F,I,M
#
# COMPACT_ATOMS: atom_id res chain seq x y z
N GLU A 107 -83.69 -38.28 7.24
CA GLU A 107 -83.34 -39.04 6.05
C GLU A 107 -83.07 -40.51 6.37
N HIS A 108 -83.42 -41.38 5.43
CA HIS A 108 -83.03 -42.78 5.49
C HIS A 108 -82.21 -43.21 4.29
N ASP A 109 -82.40 -42.57 3.14
CA ASP A 109 -81.58 -42.84 1.98
C ASP A 109 -80.26 -42.11 2.15
N CYS A 110 -79.18 -42.87 2.38
CA CYS A 110 -77.85 -42.37 2.68
C CYS A 110 -77.22 -41.55 1.57
N ILE A 111 -77.94 -41.35 0.46
CA ILE A 111 -77.33 -40.96 -0.82
C ILE A 111 -76.54 -39.67 -0.69
N PHE A 112 -77.19 -38.59 -0.25
CA PHE A 112 -76.55 -37.29 -0.06
C PHE A 112 -75.84 -36.85 -1.34
N GLU A 113 -76.66 -36.63 -2.37
CA GLU A 113 -76.27 -36.68 -3.78
C GLU A 113 -74.98 -35.93 -4.07
N VAL A 114 -74.01 -36.66 -4.65
CA VAL A 114 -72.77 -36.05 -5.12
C VAL A 114 -73.07 -35.33 -6.43
N LYS A 115 -73.14 -34.01 -6.38
CA LYS A 115 -73.52 -33.20 -7.53
C LYS A 115 -72.31 -32.44 -8.07
N HIS A 116 -72.07 -32.56 -9.37
CA HIS A 116 -70.98 -31.86 -10.04
C HIS A 116 -71.48 -31.02 -11.21
N GLU A 117 -70.94 -29.80 -11.31
CA GLU A 117 -71.39 -28.81 -12.28
C GLU A 117 -72.90 -28.62 -12.22
N GLY A 118 -73.44 -28.64 -11.02
CA GLY A 118 -74.87 -28.46 -10.86
C GLY A 118 -75.67 -29.74 -11.01
N LYS A 119 -75.32 -30.57 -12.00
CA LYS A 119 -75.99 -31.85 -12.15
C LYS A 119 -75.36 -32.86 -11.20
N VAL A 120 -75.82 -34.12 -11.24
CA VAL A 120 -75.40 -35.13 -10.28
C VAL A 120 -74.48 -36.11 -11.00
N THR A 121 -73.64 -36.81 -10.24
CA THR A 121 -72.72 -37.78 -10.82
C THR A 121 -72.63 -39.08 -10.02
N GLY A 122 -73.44 -39.24 -9.00
CA GLY A 122 -73.40 -40.43 -8.17
C GLY A 122 -73.71 -40.11 -6.73
N TYR A 123 -73.26 -40.96 -5.82
CA TYR A 123 -73.67 -40.89 -4.43
C TYR A 123 -72.47 -41.08 -3.53
N ALA A 124 -72.75 -41.24 -2.24
CA ALA A 124 -71.80 -41.57 -1.19
C ALA A 124 -72.61 -41.93 0.04
N CYS A 125 -72.05 -42.73 0.92
CA CYS A 125 -72.80 -43.09 2.11
C CYS A 125 -72.07 -42.70 3.38
N LEU A 126 -72.82 -42.76 4.47
CA LEU A 126 -72.41 -42.35 5.80
C LEU A 126 -72.74 -43.49 6.75
N VAL A 127 -71.72 -44.19 7.21
CA VAL A 127 -71.89 -45.45 7.94
C VAL A 127 -70.97 -45.46 9.16
N GLY A 128 -71.56 -45.65 10.33
CA GLY A 128 -70.82 -45.96 11.53
C GLY A 128 -70.16 -44.76 12.15
N ASP A 129 -69.05 -44.33 11.57
CA ASP A 129 -68.40 -43.08 11.92
C ASP A 129 -67.83 -42.37 10.70
N LYS A 130 -68.16 -42.82 9.50
CA LYS A 130 -67.37 -42.51 8.32
C LYS A 130 -68.25 -42.06 7.18
N VAL A 131 -67.89 -40.96 6.55
CA VAL A 131 -68.45 -40.59 5.24
C VAL A 131 -67.55 -41.22 4.18
N MET A 132 -68.04 -42.27 3.55
CA MET A 132 -67.31 -42.92 2.46
C MET A 132 -67.96 -42.54 1.13
N LYS A 133 -67.12 -42.11 0.20
CA LYS A 133 -67.33 -41.83 -1.20
C LYS A 133 -66.62 -42.87 -2.04
N PRO A 134 -67.29 -43.47 -3.00
CA PRO A 134 -66.56 -44.30 -3.97
C PRO A 134 -65.63 -43.42 -4.78
N ALA A 135 -64.33 -43.69 -4.67
CA ALA A 135 -63.31 -42.86 -5.30
C ALA A 135 -63.36 -42.94 -6.83
N HIS A 136 -64.18 -43.82 -7.38
CA HIS A 136 -64.38 -43.91 -8.81
C HIS A 136 -65.13 -42.70 -9.38
N VAL A 137 -65.78 -41.93 -8.54
CA VAL A 137 -66.67 -40.85 -8.97
C VAL A 137 -65.97 -39.51 -8.75
N PRO A 138 -66.01 -38.59 -9.71
CA PRO A 138 -65.45 -37.25 -9.47
C PRO A 138 -66.51 -36.26 -9.01
N GLY A 139 -66.15 -35.35 -8.12
CA GLY A 139 -67.04 -34.29 -7.70
C GLY A 139 -67.18 -34.21 -6.19
N VAL A 140 -67.89 -33.18 -5.74
CA VAL A 140 -68.21 -33.02 -4.34
C VAL A 140 -69.70 -33.31 -4.14
N ILE A 141 -70.08 -33.49 -2.88
CA ILE A 141 -71.45 -33.85 -2.53
C ILE A 141 -72.31 -32.59 -2.47
N ASP A 142 -73.63 -32.77 -2.38
CA ASP A 142 -74.54 -31.62 -2.34
C ASP A 142 -74.46 -30.87 -1.03
N ASN A 143 -74.25 -31.57 0.08
CA ASN A 143 -74.27 -30.92 1.39
C ASN A 143 -73.07 -30.00 1.55
N ILE A 144 -73.25 -28.97 2.36
CA ILE A 144 -72.30 -27.86 2.49
C ILE A 144 -71.23 -28.19 3.53
N ASP A 145 -71.64 -28.43 4.77
CA ASP A 145 -70.67 -28.60 5.86
C ASP A 145 -69.88 -29.88 5.78
N LEU A 146 -70.30 -30.84 4.96
CA LEU A 146 -69.53 -32.05 4.74
C LEU A 146 -68.61 -31.88 3.53
N ALA A 147 -67.72 -30.89 3.64
CA ALA A 147 -66.75 -30.62 2.59
C ALA A 147 -65.35 -30.33 3.08
N ARG A 148 -65.14 -30.06 4.38
CA ARG A 148 -63.85 -29.64 4.91
C ARG A 148 -63.10 -30.79 5.55
N LEU A 149 -63.22 -31.99 4.98
CA LEU A 149 -62.69 -33.21 5.57
C LEU A 149 -61.51 -33.71 4.75
N SER A 150 -60.59 -34.41 5.41
CA SER A 150 -59.36 -34.86 4.78
C SER A 150 -59.56 -36.27 4.26
N TYR A 151 -60.19 -36.36 3.09
CA TYR A 151 -60.57 -37.65 2.52
C TYR A 151 -59.33 -38.43 2.08
N LYS A 152 -59.09 -39.57 2.72
CA LYS A 152 -57.93 -40.39 2.41
C LYS A 152 -58.23 -41.27 1.21
N LYS A 153 -57.22 -41.44 0.35
CA LYS A 153 -57.40 -42.05 -0.97
C LYS A 153 -56.75 -43.42 -1.01
N SER A 154 -57.55 -44.45 -1.25
CA SER A 154 -57.08 -45.80 -1.52
C SER A 154 -57.09 -46.02 -3.02
N SER A 155 -56.00 -46.56 -3.54
CA SER A 155 -55.82 -46.60 -5.00
C SER A 155 -56.37 -47.91 -5.58
N LYS A 156 -55.88 -49.06 -5.10
CA LYS A 156 -56.18 -50.34 -5.75
C LYS A 156 -57.66 -50.69 -5.66
N TYR A 157 -58.36 -50.22 -4.63
CA TYR A 157 -59.82 -50.26 -4.61
C TYR A 157 -60.36 -48.90 -4.23
N ASP A 158 -61.35 -48.45 -5.00
CA ASP A 158 -61.82 -47.08 -4.89
C ASP A 158 -62.57 -46.88 -3.57
N LEU A 159 -61.96 -46.14 -2.66
CA LEU A 159 -62.66 -45.68 -1.47
C LEU A 159 -62.02 -44.39 -1.00
N GLU A 160 -62.87 -43.48 -0.52
CA GLU A 160 -62.47 -42.12 -0.20
C GLU A 160 -63.02 -41.75 1.18
N CYS A 161 -62.73 -42.61 2.15
CA CYS A 161 -63.26 -42.46 3.49
C CYS A 161 -62.68 -41.22 4.18
N ALA A 162 -63.42 -40.74 5.17
CA ALA A 162 -63.00 -39.66 6.04
C ALA A 162 -63.80 -39.75 7.33
N GLN A 163 -63.18 -39.32 8.42
CA GLN A 163 -63.82 -39.40 9.72
C GLN A 163 -64.89 -38.34 9.85
N ILE A 164 -66.00 -38.70 10.50
CA ILE A 164 -67.09 -37.76 10.76
C ILE A 164 -66.57 -36.67 11.70
N PRO A 165 -67.10 -35.45 11.64
CA PRO A 165 -66.75 -34.44 12.64
C PRO A 165 -67.63 -34.60 13.89
N VAL A 166 -67.39 -33.71 14.86
CA VAL A 166 -68.08 -33.77 16.14
C VAL A 166 -69.54 -33.41 15.94
N ALA A 167 -70.42 -34.17 16.61
CA ALA A 167 -71.85 -33.92 16.70
C ALA A 167 -72.57 -34.00 15.36
N MET A 168 -71.93 -34.55 14.34
CA MET A 168 -72.49 -34.53 12.99
C MET A 168 -73.56 -35.62 12.85
N LYS A 169 -74.68 -35.38 13.56
CA LYS A 169 -75.95 -36.14 13.62
C LYS A 169 -75.74 -37.62 13.32
N SER A 170 -74.93 -38.29 14.14
CA SER A 170 -74.46 -39.63 13.86
C SER A 170 -75.63 -40.60 14.02
N ASP A 171 -76.49 -40.60 13.00
CA ASP A 171 -77.64 -41.49 12.92
C ASP A 171 -77.45 -42.50 11.81
N ALA A 172 -76.21 -42.89 11.59
CA ALA A 172 -75.85 -43.69 10.42
C ALA A 172 -76.37 -45.11 10.56
N SER A 173 -76.17 -45.89 9.51
CA SER A 173 -76.63 -47.26 9.52
C SER A 173 -75.66 -48.14 10.30
N LYS A 174 -76.06 -49.40 10.51
CA LYS A 174 -75.35 -50.32 11.37
C LYS A 174 -74.72 -51.42 10.52
N TYR A 175 -73.43 -51.67 10.77
CA TYR A 175 -72.63 -52.57 9.95
C TYR A 175 -72.41 -53.89 10.70
N THR A 176 -72.86 -54.99 10.10
CA THR A 176 -72.74 -56.32 10.70
C THR A 176 -71.94 -57.21 9.75
N HIS A 177 -70.73 -57.59 10.16
CA HIS A 177 -69.76 -58.20 9.26
C HIS A 177 -70.06 -59.69 9.04
N GLU A 178 -71.27 -59.95 8.56
CA GLU A 178 -71.70 -61.31 8.28
C GLU A 178 -72.83 -61.25 7.27
N LYS A 179 -73.01 -62.35 6.53
CA LYS A 179 -74.00 -62.42 5.46
C LYS A 179 -74.54 -63.83 5.29
N PRO A 180 -75.68 -64.14 5.89
CA PRO A 180 -76.44 -65.31 5.46
C PRO A 180 -76.98 -65.12 4.04
N GLU A 181 -77.29 -66.23 3.40
CA GLU A 181 -77.73 -66.21 2.01
C GLU A 181 -79.24 -66.13 1.91
N GLY A 182 -79.72 -65.38 0.92
CA GLY A 182 -81.14 -65.22 0.70
C GLY A 182 -81.47 -63.91 0.02
N HIS A 183 -82.46 -63.20 0.55
CA HIS A 183 -83.00 -62.00 -0.06
C HIS A 183 -82.68 -60.80 0.83
N TYR A 184 -81.98 -59.81 0.28
CA TYR A 184 -81.70 -58.56 0.97
C TYR A 184 -82.36 -57.39 0.23
N ASN A 185 -82.35 -56.25 0.88
CA ASN A 185 -83.01 -55.07 0.35
C ASN A 185 -82.05 -54.21 -0.46
N TRP A 186 -82.60 -53.54 -1.46
CA TRP A 186 -81.86 -52.66 -2.34
C TRP A 186 -82.81 -51.54 -2.77
N HIS A 187 -82.21 -50.40 -3.16
CA HIS A 187 -83.00 -49.21 -3.45
C HIS A 187 -84.02 -49.46 -4.55
N TYR A 188 -83.67 -50.29 -5.53
CA TYR A 188 -84.57 -50.57 -6.64
C TYR A 188 -85.32 -51.87 -6.48
N GLY A 189 -84.95 -52.72 -5.52
CA GLY A 189 -85.60 -54.00 -5.38
C GLY A 189 -84.96 -54.89 -4.34
N ALA A 190 -84.83 -56.18 -4.66
CA ALA A 190 -84.42 -57.19 -3.70
C ALA A 190 -83.30 -58.02 -4.30
N VAL A 191 -82.16 -58.06 -3.63
CA VAL A 191 -81.00 -58.75 -4.16
C VAL A 191 -81.02 -60.20 -3.68
N GLN A 192 -80.52 -61.11 -4.51
CA GLN A 192 -80.36 -62.50 -4.14
C GLN A 192 -78.88 -62.81 -3.96
N TYR A 193 -78.54 -63.42 -2.83
CA TYR A 193 -77.17 -63.78 -2.49
C TYR A 193 -77.09 -65.29 -2.32
N THR A 194 -76.27 -65.94 -3.14
CA THR A 194 -76.15 -67.39 -3.07
C THR A 194 -74.72 -67.79 -3.41
N GLY A 195 -74.10 -68.56 -2.52
CA GLY A 195 -72.80 -69.16 -2.78
C GLY A 195 -71.66 -68.20 -2.98
N GLY A 196 -71.76 -67.00 -2.41
CA GLY A 196 -70.76 -65.97 -2.64
C GLY A 196 -70.99 -65.15 -3.88
N ARG A 197 -71.91 -65.55 -4.74
CA ARG A 197 -72.26 -64.76 -5.91
C ARG A 197 -73.43 -63.86 -5.57
N PHE A 198 -73.52 -62.74 -6.28
CA PHE A 198 -74.28 -61.60 -5.77
C PHE A 198 -74.96 -60.91 -6.95
N THR A 199 -76.22 -61.24 -7.20
CA THR A 199 -76.84 -60.83 -8.45
C THR A 199 -78.26 -60.30 -8.23
N VAL A 200 -78.81 -59.71 -9.30
CA VAL A 200 -80.13 -59.07 -9.35
C VAL A 200 -80.66 -59.21 -10.78
N PRO A 201 -81.88 -58.76 -11.07
CA PRO A 201 -82.30 -58.59 -12.47
C PRO A 201 -81.31 -57.76 -13.29
N THR A 202 -81.25 -58.07 -14.58
CA THR A 202 -80.31 -57.44 -15.49
C THR A 202 -80.88 -56.16 -16.08
N GLY A 203 -80.05 -55.12 -16.12
CA GLY A 203 -80.36 -53.89 -16.82
C GLY A 203 -81.40 -53.01 -16.18
N VAL A 204 -82.11 -53.50 -15.16
CA VAL A 204 -83.09 -52.68 -14.47
C VAL A 204 -82.39 -51.58 -13.69
N GLY A 205 -81.24 -51.90 -13.10
CA GLY A 205 -80.43 -50.88 -12.46
C GLY A 205 -79.89 -49.90 -13.50
N LYS A 206 -79.98 -48.61 -13.15
CA LYS A 206 -79.48 -47.54 -14.01
C LYS A 206 -77.96 -47.60 -14.10
N PRO A 207 -77.35 -46.94 -15.09
CA PRO A 207 -75.88 -46.93 -15.18
C PRO A 207 -75.19 -45.97 -14.24
N GLY A 208 -75.87 -45.40 -13.25
CA GLY A 208 -75.26 -44.37 -12.45
C GLY A 208 -75.50 -44.49 -10.95
N ASP A 209 -76.22 -45.52 -10.53
CA ASP A 209 -76.37 -45.78 -9.10
C ASP A 209 -75.05 -46.31 -8.60
N SER A 210 -74.21 -45.43 -8.07
CA SER A 210 -72.80 -45.73 -7.90
C SER A 210 -72.35 -45.60 -6.45
N GLY A 211 -73.26 -45.41 -5.52
CA GLY A 211 -72.92 -45.38 -4.12
C GLY A 211 -74.01 -46.00 -3.28
N ARG A 212 -74.88 -46.75 -3.92
CA ARG A 212 -76.03 -47.29 -3.23
C ARG A 212 -75.64 -48.50 -2.40
N PRO A 213 -75.86 -48.49 -1.10
CA PRO A 213 -75.48 -49.63 -0.26
C PRO A 213 -76.52 -50.73 -0.35
N ILE A 214 -76.30 -51.81 0.41
CA ILE A 214 -77.26 -52.88 0.57
C ILE A 214 -77.39 -53.20 2.04
N PHE A 215 -78.61 -53.53 2.47
CA PHE A 215 -78.86 -53.91 3.86
C PHE A 215 -79.91 -55.00 3.90
N ASP A 216 -80.05 -55.62 5.07
CA ASP A 216 -80.94 -56.76 5.24
C ASP A 216 -82.38 -56.28 5.35
N ASN A 217 -83.26 -57.18 5.80
CA ASN A 217 -84.62 -56.77 6.13
C ASN A 217 -84.62 -55.75 7.26
N LYS A 218 -83.79 -55.98 8.29
CA LYS A 218 -83.78 -55.08 9.43
C LYS A 218 -83.18 -53.72 9.06
N GLY A 219 -82.10 -53.73 8.30
CA GLY A 219 -81.44 -52.48 7.92
C GLY A 219 -79.96 -52.51 8.19
N ARG A 220 -79.43 -53.70 8.48
CA ARG A 220 -78.02 -53.86 8.78
C ARG A 220 -77.24 -53.84 7.46
N VAL A 221 -76.58 -52.72 7.17
CA VAL A 221 -75.88 -52.58 5.90
C VAL A 221 -74.64 -53.47 5.91
N VAL A 222 -74.31 -54.04 4.75
CA VAL A 222 -72.99 -54.64 4.69
C VAL A 222 -72.13 -54.12 3.53
N ALA A 223 -72.56 -54.33 2.28
CA ALA A 223 -71.70 -53.95 1.17
C ALA A 223 -72.05 -52.60 0.58
N ILE A 224 -71.29 -52.21 -0.45
CA ILE A 224 -71.53 -51.00 -1.22
C ILE A 224 -71.31 -51.43 -2.67
N VAL A 225 -71.64 -50.59 -3.65
CA VAL A 225 -71.79 -51.05 -5.03
C VAL A 225 -70.79 -50.32 -5.92
N LEU A 226 -70.49 -50.93 -7.08
CA LEU A 226 -69.68 -50.30 -8.11
C LEU A 226 -70.35 -50.26 -9.48
N GLY A 227 -71.13 -51.27 -9.84
CA GLY A 227 -71.86 -51.22 -11.09
C GLY A 227 -72.22 -52.61 -11.60
N GLY A 228 -72.72 -52.64 -12.84
CA GLY A 228 -73.18 -53.86 -13.47
C GLY A 228 -72.86 -53.89 -14.96
N ALA A 229 -73.31 -54.96 -15.60
CA ALA A 229 -73.09 -55.21 -17.02
C ALA A 229 -74.35 -55.87 -17.60
N ASN A 230 -74.21 -56.44 -18.79
CA ASN A 230 -75.33 -57.07 -19.51
C ASN A 230 -74.91 -58.48 -19.89
N GLU A 231 -75.52 -59.47 -19.24
CA GLU A 231 -75.10 -60.87 -19.29
C GLU A 231 -76.24 -61.81 -19.67
N GLY A 232 -77.47 -61.51 -19.23
CA GLY A 232 -78.60 -62.41 -19.37
C GLY A 232 -79.81 -61.81 -18.69
N ALA A 233 -80.51 -62.60 -17.89
CA ALA A 233 -81.54 -62.03 -17.01
C ALA A 233 -81.03 -61.71 -15.62
N ARG A 234 -79.91 -62.31 -15.21
CA ARG A 234 -79.29 -62.05 -13.91
C ARG A 234 -77.90 -61.45 -14.14
N THR A 235 -77.64 -60.29 -13.55
CA THR A 235 -76.39 -59.57 -13.75
C THR A 235 -75.49 -59.65 -12.53
N ALA A 236 -74.18 -59.65 -12.79
CA ALA A 236 -73.19 -59.75 -11.73
C ALA A 236 -72.90 -58.36 -11.19
N LEU A 237 -73.11 -58.17 -9.89
CA LEU A 237 -72.94 -56.87 -9.24
C LEU A 237 -71.50 -56.76 -8.75
N SER A 238 -70.67 -56.07 -9.53
CA SER A 238 -69.31 -55.79 -9.09
C SER A 238 -69.34 -54.89 -7.86
N VAL A 239 -68.78 -55.35 -6.75
CA VAL A 239 -68.80 -54.59 -5.52
C VAL A 239 -67.42 -54.59 -4.88
N VAL A 240 -67.04 -53.44 -4.34
CA VAL A 240 -66.18 -53.34 -3.18
C VAL A 240 -67.07 -53.49 -1.97
N THR A 241 -66.53 -54.03 -0.88
CA THR A 241 -67.35 -54.35 0.27
C THR A 241 -66.55 -54.28 1.55
N TRP A 242 -67.18 -53.76 2.60
CA TRP A 242 -66.58 -53.81 3.93
C TRP A 242 -67.21 -54.95 4.68
N ASN A 243 -66.38 -55.88 5.13
CA ASN A 243 -66.79 -57.11 5.76
C ASN A 243 -65.53 -57.84 6.19
N LYS A 244 -65.71 -58.83 7.06
CA LYS A 244 -64.61 -59.66 7.56
C LYS A 244 -63.53 -58.80 8.20
N ASP A 245 -63.97 -57.73 8.87
CA ASP A 245 -63.14 -56.78 9.61
C ASP A 245 -62.07 -56.10 8.76
N MET A 246 -62.29 -56.04 7.45
CA MET A 246 -61.44 -55.33 6.50
C MET A 246 -62.31 -54.86 5.35
N VAL A 247 -61.67 -54.40 4.29
CA VAL A 247 -62.38 -54.09 3.06
C VAL A 247 -61.75 -54.88 1.93
N THR A 248 -62.54 -55.14 0.91
CA THR A 248 -62.04 -55.86 -0.26
C THR A 248 -62.93 -55.54 -1.45
N LYS A 249 -62.51 -56.02 -2.62
CA LYS A 249 -63.20 -55.78 -3.87
C LYS A 249 -63.48 -57.14 -4.52
N ILE A 250 -64.71 -57.34 -4.94
CA ILE A 250 -65.05 -58.47 -5.80
C ILE A 250 -65.66 -57.88 -7.06
N THR A 251 -64.86 -57.74 -8.10
CA THR A 251 -65.35 -57.41 -9.41
C THR A 251 -65.22 -58.65 -10.29
N PRO A 252 -66.27 -59.09 -10.93
CA PRO A 252 -66.16 -60.24 -11.84
C PRO A 252 -65.40 -59.91 -13.09
N GLU A 253 -65.28 -60.89 -13.98
CA GLU A 253 -64.87 -60.60 -15.34
C GLU A 253 -66.03 -59.92 -16.07
N GLY A 254 -65.70 -58.96 -16.93
CA GLY A 254 -66.64 -58.42 -17.90
C GLY A 254 -67.62 -57.41 -17.36
N THR A 255 -67.69 -57.20 -16.06
CA THR A 255 -68.63 -56.22 -15.50
C THR A 255 -67.93 -54.87 -15.48
N GLU A 256 -68.19 -54.07 -16.49
CA GLU A 256 -67.62 -52.72 -16.52
C GLU A 256 -68.35 -51.83 -15.53
N GLU A 257 -67.60 -50.87 -14.99
CA GLU A 257 -68.09 -50.00 -13.92
C GLU A 257 -69.25 -49.13 -14.40
N TRP A 258 -70.17 -48.84 -13.48
CA TRP A 258 -71.23 -47.88 -13.73
C TRP A 258 -70.74 -46.48 -13.40
N TYR B 1 14.75 -63.96 -30.17
CA TYR B 1 13.37 -63.52 -30.03
C TYR B 1 13.28 -62.03 -29.69
N GLU B 2 12.36 -61.34 -30.36
CA GLU B 2 12.20 -59.91 -30.25
C GLU B 2 10.95 -59.56 -29.46
N HIS B 3 11.00 -58.45 -28.71
CA HIS B 3 9.83 -57.95 -27.99
C HIS B 3 9.94 -56.44 -27.84
N THR B 4 8.84 -55.84 -27.38
CA THR B 4 8.67 -54.40 -27.37
C THR B 4 9.01 -53.81 -26.01
N ALA B 5 9.23 -52.51 -26.00
CA ALA B 5 9.33 -51.73 -24.77
C ALA B 5 9.11 -50.26 -25.10
N VAL B 6 8.56 -49.54 -24.13
CA VAL B 6 8.29 -48.11 -24.25
C VAL B 6 9.20 -47.36 -23.29
N ILE B 7 9.97 -46.42 -23.81
CA ILE B 7 10.96 -45.67 -23.04
C ILE B 7 10.56 -44.20 -23.00
N PRO B 8 10.28 -43.65 -21.82
CA PRO B 8 9.86 -42.23 -21.73
C PRO B 8 11.02 -41.30 -22.01
N ASN B 9 10.87 -40.48 -23.04
CA ASN B 9 11.96 -39.67 -23.59
C ASN B 9 12.23 -38.45 -22.69
N GLN B 10 12.84 -38.74 -21.55
CA GLN B 10 13.30 -37.69 -20.63
C GLN B 10 14.68 -38.07 -20.14
N VAL B 11 15.63 -37.14 -20.21
CA VAL B 11 17.01 -37.46 -19.87
C VAL B 11 17.12 -37.73 -18.38
N GLY B 12 17.84 -38.79 -18.02
CA GLY B 12 18.07 -39.15 -16.64
C GLY B 12 17.06 -40.12 -16.07
N PHE B 13 15.90 -40.24 -16.68
CA PHE B 13 14.88 -41.13 -16.15
C PHE B 13 15.30 -42.59 -16.31
N PRO B 14 15.16 -43.40 -15.28
CA PRO B 14 15.41 -44.84 -15.44
C PRO B 14 14.14 -45.60 -15.78
N TYR B 15 14.30 -46.60 -16.65
CA TYR B 15 13.20 -47.46 -17.05
C TYR B 15 13.60 -48.92 -16.91
N LYS B 16 12.64 -49.74 -16.51
CA LYS B 16 12.85 -51.17 -16.34
C LYS B 16 11.95 -51.94 -17.29
N ALA B 17 12.50 -52.99 -17.91
CA ALA B 17 11.72 -53.89 -18.75
C ALA B 17 12.04 -55.33 -18.37
N HIS B 18 11.08 -56.22 -18.61
CA HIS B 18 11.17 -57.61 -18.16
C HIS B 18 11.02 -58.57 -19.32
N VAL B 19 11.92 -59.55 -19.38
CA VAL B 19 11.81 -60.66 -20.32
C VAL B 19 11.29 -61.88 -19.58
N ALA B 20 10.43 -62.65 -20.25
CA ALA B 20 9.83 -63.84 -19.65
C ALA B 20 10.03 -65.02 -20.59
N ARG B 21 10.49 -66.14 -20.03
CA ARG B 21 10.75 -67.35 -20.81
C ARG B 21 10.73 -68.54 -19.87
N GLU B 22 9.84 -69.51 -20.15
CA GLU B 22 9.60 -70.62 -19.26
C GLU B 22 10.76 -71.60 -19.32
N GLY B 23 11.52 -71.68 -18.23
CA GLY B 23 12.63 -72.60 -18.13
C GLY B 23 13.97 -71.96 -17.85
N TYR B 24 14.02 -70.64 -17.71
CA TYR B 24 15.27 -69.91 -17.51
C TYR B 24 15.11 -68.96 -16.34
N SER B 25 16.22 -68.32 -15.95
CA SER B 25 16.17 -67.34 -14.88
C SER B 25 15.54 -66.04 -15.40
N PRO B 26 14.57 -65.47 -14.69
CA PRO B 26 13.99 -64.21 -15.15
C PRO B 26 15.01 -63.09 -15.09
N LEU B 27 15.05 -62.30 -16.16
CA LEU B 27 16.03 -61.23 -16.30
C LEU B 27 15.33 -59.91 -16.60
N THR B 28 15.93 -58.82 -16.13
CA THR B 28 15.45 -57.48 -16.43
C THR B 28 16.62 -56.58 -16.77
N LEU B 29 16.30 -55.45 -17.38
CA LEU B 29 17.29 -54.53 -17.89
C LEU B 29 16.87 -53.10 -17.61
N GLN B 30 17.86 -52.23 -17.42
CA GLN B 30 17.65 -50.82 -17.10
C GLN B 30 18.16 -49.95 -18.23
N MET B 31 17.31 -49.03 -18.69
CA MET B 31 17.60 -48.18 -19.83
C MET B 31 17.44 -46.72 -19.45
N GLN B 32 18.36 -45.89 -19.93
CA GLN B 32 18.38 -44.47 -19.56
C GLN B 32 18.93 -43.67 -20.75
N VAL B 33 18.13 -42.76 -21.26
CA VAL B 33 18.47 -42.01 -22.45
C VAL B 33 19.28 -40.79 -22.04
N VAL B 34 20.25 -40.40 -22.87
CA VAL B 34 21.04 -39.22 -22.54
C VAL B 34 20.98 -38.15 -23.63
N GLU B 35 21.51 -38.47 -24.81
CA GLU B 35 21.59 -37.51 -25.91
C GLU B 35 20.43 -37.64 -26.90
N THR B 36 19.76 -36.53 -27.21
CA THR B 36 18.84 -36.43 -28.33
C THR B 36 19.14 -35.22 -29.18
N SER B 37 18.62 -35.22 -30.40
CA SER B 37 18.80 -34.10 -31.32
C SER B 37 17.75 -34.19 -32.42
N LEU B 38 17.46 -33.05 -33.04
CA LEU B 38 16.56 -33.00 -34.19
C LEU B 38 17.20 -32.14 -35.27
N GLU B 39 17.95 -32.76 -36.17
CA GLU B 39 18.54 -32.01 -37.27
C GLU B 39 17.47 -31.77 -38.33
N PRO B 40 17.06 -30.53 -38.59
CA PRO B 40 16.08 -30.28 -39.65
C PRO B 40 16.74 -30.14 -41.00
N THR B 41 16.06 -30.62 -42.03
CA THR B 41 16.58 -30.58 -43.39
C THR B 41 16.42 -29.18 -43.96
N LEU B 42 17.45 -28.36 -43.82
CA LEU B 42 17.40 -26.97 -44.25
C LEU B 42 17.78 -26.84 -45.72
N ASN B 43 17.09 -25.96 -46.42
CA ASN B 43 17.49 -25.50 -47.73
C ASN B 43 17.80 -24.01 -47.61
N LEU B 44 18.17 -23.39 -48.73
CA LEU B 44 18.57 -22.00 -48.70
C LEU B 44 17.55 -21.18 -49.46
N GLU B 45 17.44 -19.91 -49.08
CA GLU B 45 16.77 -18.95 -49.93
C GLU B 45 17.70 -17.81 -50.32
N TYR B 46 18.29 -17.13 -49.34
CA TYR B 46 19.18 -15.99 -49.59
C TYR B 46 19.72 -15.51 -48.26
N ILE B 47 20.79 -14.73 -48.34
CA ILE B 47 21.44 -14.17 -47.17
C ILE B 47 21.35 -12.66 -47.25
N THR B 48 21.72 -12.00 -46.16
CA THR B 48 21.74 -10.55 -46.17
C THR B 48 22.77 -10.03 -45.19
N CYS B 49 23.31 -8.85 -45.51
CA CYS B 49 24.35 -8.21 -44.71
C CYS B 49 24.15 -6.70 -44.88
N ASP B 50 25.16 -5.93 -44.52
CA ASP B 50 25.09 -4.48 -44.68
C ASP B 50 25.58 -4.08 -46.07
N TYR B 51 25.11 -2.93 -46.52
CA TYR B 51 25.48 -2.41 -47.83
C TYR B 51 26.43 -1.22 -47.69
N LYS B 52 26.74 -0.61 -48.84
CA LYS B 52 27.70 0.46 -48.93
C LYS B 52 27.33 1.30 -50.15
N THR B 53 27.71 2.58 -50.13
CA THR B 53 27.38 3.50 -51.22
C THR B 53 28.67 4.01 -51.84
N LYS B 54 29.17 3.30 -52.85
CA LYS B 54 30.38 3.71 -53.54
C LYS B 54 30.09 4.92 -54.41
N VAL B 55 30.83 6.00 -54.22
CA VAL B 55 30.61 7.24 -54.94
C VAL B 55 31.89 7.65 -55.67
N PRO B 56 31.98 7.40 -56.96
CA PRO B 56 33.15 7.86 -57.71
C PRO B 56 33.14 9.36 -57.91
N SER B 57 34.15 9.89 -58.58
CA SER B 57 34.38 11.33 -58.57
C SER B 57 33.36 12.03 -59.47
N PRO B 58 32.86 13.18 -59.08
CA PRO B 58 31.89 13.91 -59.90
C PRO B 58 32.50 14.73 -61.02
N TYR B 59 32.74 14.09 -62.17
CA TYR B 59 33.31 14.75 -63.34
C TYR B 59 32.48 15.94 -63.79
N VAL B 60 33.03 17.14 -63.66
CA VAL B 60 32.36 18.38 -64.05
C VAL B 60 32.91 18.81 -65.40
N LYS B 61 32.02 19.21 -66.29
CA LYS B 61 32.38 19.73 -67.60
C LYS B 61 31.92 21.17 -67.68
N CYS B 62 32.83 22.07 -68.03
CA CYS B 62 32.50 23.48 -68.17
C CYS B 62 32.16 23.79 -69.61
N CYS B 63 31.06 24.54 -69.79
CA CYS B 63 30.51 24.92 -71.11
C CYS B 63 30.52 23.78 -72.10
N GLY B 64 29.87 22.70 -71.70
CA GLY B 64 29.70 21.52 -72.51
C GLY B 64 28.66 20.64 -71.84
N THR B 65 28.47 19.45 -72.39
CA THR B 65 27.53 18.51 -71.81
C THR B 65 28.06 17.11 -72.03
N ALA B 66 27.82 16.22 -71.07
CA ALA B 66 28.22 14.83 -71.17
C ALA B 66 26.99 13.94 -71.41
N GLU B 67 27.26 12.65 -71.64
CA GLU B 67 26.22 11.67 -71.91
C GLU B 67 26.61 10.38 -71.20
N CYS B 68 25.82 9.96 -70.22
CA CYS B 68 26.19 8.87 -69.33
C CYS B 68 25.70 7.53 -69.90
N ARG B 69 26.62 6.79 -70.50
CA ARG B 69 26.31 5.43 -70.92
C ARG B 69 26.18 4.54 -69.69
N THR B 70 25.11 3.75 -69.63
CA THR B 70 24.78 3.03 -68.42
C THR B 70 25.73 1.85 -68.20
N GLN B 71 25.48 1.09 -67.15
CA GLN B 71 26.34 -0.05 -66.81
C GLN B 71 25.48 -1.16 -66.23
N ASP B 72 25.82 -2.40 -66.59
CA ASP B 72 25.14 -3.54 -65.98
C ASP B 72 25.63 -3.65 -64.55
N LYS B 73 24.91 -3.02 -63.63
CA LYS B 73 25.33 -2.86 -62.25
C LYS B 73 24.09 -2.68 -61.40
N PRO B 74 24.20 -2.90 -60.08
CA PRO B 74 23.03 -2.71 -59.22
C PRO B 74 22.71 -1.24 -58.99
N GLU B 75 21.59 -0.79 -59.57
CA GLU B 75 21.05 0.55 -59.33
C GLU B 75 22.01 1.66 -59.76
N TYR B 76 22.70 1.44 -60.89
CA TYR B 76 23.52 2.47 -61.50
C TYR B 76 22.65 3.68 -61.81
N LYS B 77 22.90 4.80 -61.14
CA LYS B 77 22.02 5.95 -61.20
C LYS B 77 22.78 7.15 -61.75
N CYS B 78 22.28 7.71 -62.85
CA CYS B 78 22.91 8.84 -63.50
C CYS B 78 22.07 10.10 -63.34
N ALA B 79 22.74 11.23 -63.15
CA ALA B 79 22.04 12.50 -63.00
C ALA B 79 22.90 13.61 -63.57
N VAL B 80 22.30 14.45 -64.42
CA VAL B 80 22.99 15.53 -65.09
C VAL B 80 22.32 16.85 -64.71
N PHE B 81 23.11 17.80 -64.25
CA PHE B 81 22.60 19.06 -63.72
C PHE B 81 23.19 20.23 -64.51
N THR B 82 22.39 21.27 -64.70
CA THR B 82 22.85 22.50 -65.33
C THR B 82 22.92 23.62 -64.32
N GLY B 83 23.59 24.70 -64.71
CA GLY B 83 23.61 25.90 -63.90
C GLY B 83 24.45 25.82 -62.64
N VAL B 84 25.59 25.17 -62.72
CA VAL B 84 26.45 25.00 -61.55
C VAL B 84 27.55 26.05 -61.62
N TYR B 85 28.06 26.44 -60.46
CA TYR B 85 29.27 27.26 -60.36
C TYR B 85 30.14 26.68 -59.28
N PRO B 86 30.96 25.68 -59.62
CA PRO B 86 31.90 25.11 -58.65
C PRO B 86 32.98 26.12 -58.29
N PHE B 87 33.18 26.31 -56.99
CA PHE B 87 34.09 27.33 -56.45
C PHE B 87 35.08 26.61 -55.54
N MET B 88 36.18 26.14 -56.11
CA MET B 88 37.16 25.40 -55.33
C MET B 88 38.22 26.38 -54.84
N TRP B 89 39.32 25.84 -54.31
CA TRP B 89 40.39 26.65 -53.72
C TRP B 89 40.99 27.62 -54.72
N GLY B 90 41.15 27.21 -55.97
CA GLY B 90 41.73 28.07 -56.98
C GLY B 90 40.72 28.98 -57.66
N GLY B 91 39.97 29.75 -56.89
CA GLY B 91 39.01 30.69 -57.46
C GLY B 91 37.78 29.95 -57.93
N ALA B 92 37.63 29.85 -59.25
CA ALA B 92 36.65 28.96 -59.84
C ALA B 92 37.39 27.80 -60.51
N TYR B 93 36.67 26.71 -60.72
CA TYR B 93 37.28 25.55 -61.36
C TYR B 93 37.49 25.81 -62.85
N CYS B 94 36.42 26.15 -63.56
CA CYS B 94 36.50 26.57 -64.94
C CYS B 94 36.12 28.04 -65.07
N PHE B 95 36.14 28.50 -66.32
CA PHE B 95 35.77 29.86 -66.70
C PHE B 95 34.71 29.75 -67.78
N CYS B 96 33.45 29.85 -67.36
CA CYS B 96 32.25 29.92 -68.18
C CYS B 96 31.11 30.23 -67.21
N ASP B 97 29.95 30.60 -67.75
CA ASP B 97 28.94 31.16 -66.86
C ASP B 97 27.55 30.57 -67.02
N SER B 98 27.21 30.04 -68.19
CA SER B 98 25.83 29.66 -68.47
C SER B 98 25.63 28.26 -69.03
N GLU B 99 26.69 27.59 -69.47
CA GLU B 99 26.54 26.28 -70.10
C GLU B 99 27.18 25.18 -69.26
N ASN B 100 27.44 25.43 -67.99
CA ASN B 100 28.14 24.47 -67.16
C ASN B 100 27.25 23.30 -66.78
N THR B 101 27.85 22.12 -66.75
CA THR B 101 27.16 20.89 -66.38
C THR B 101 27.98 20.14 -65.34
N GLN B 102 27.29 19.41 -64.48
CA GLN B 102 27.93 18.54 -63.49
C GLN B 102 27.35 17.15 -63.61
N MET B 103 28.22 16.15 -63.53
CA MET B 103 27.82 14.75 -63.59
C MET B 103 28.08 14.11 -62.23
N SER B 104 27.04 13.50 -61.66
CA SER B 104 27.14 12.76 -60.42
C SER B 104 26.58 11.37 -60.63
N GLU B 105 27.38 10.35 -60.31
CA GLU B 105 26.96 8.97 -60.43
C GLU B 105 27.33 8.22 -59.16
N ALA B 106 26.48 7.30 -58.75
CA ALA B 106 26.73 6.50 -57.56
C ALA B 106 25.95 5.20 -57.65
N TYR B 107 26.44 4.19 -56.96
CA TYR B 107 25.77 2.90 -56.97
C TYR B 107 25.90 2.28 -55.58
N VAL B 108 25.15 1.20 -55.37
CA VAL B 108 25.03 0.56 -54.07
C VAL B 108 25.50 -0.87 -54.19
N GLU B 109 26.38 -1.28 -53.28
CA GLU B 109 27.11 -2.52 -53.41
C GLU B 109 27.20 -3.19 -52.06
N ARG B 110 27.48 -4.49 -52.09
CA ARG B 110 27.59 -5.28 -50.86
C ARG B 110 28.90 -4.96 -50.16
N ALA B 111 28.83 -4.70 -48.86
CA ALA B 111 29.99 -4.26 -48.12
C ALA B 111 31.04 -5.37 -48.05
N ASP B 112 32.27 -4.98 -47.70
CA ASP B 112 33.39 -5.89 -47.80
C ASP B 112 33.57 -6.78 -46.58
N VAL B 113 33.02 -6.39 -45.43
CA VAL B 113 33.22 -7.17 -44.22
C VAL B 113 32.17 -8.27 -44.01
N CYS B 114 31.06 -8.23 -44.72
CA CYS B 114 30.03 -9.23 -44.43
C CYS B 114 30.34 -10.60 -45.03
N LYS B 115 31.58 -10.83 -45.46
CA LYS B 115 32.04 -12.20 -45.69
C LYS B 115 32.23 -12.98 -44.41
N HIS B 116 32.05 -12.35 -43.25
CA HIS B 116 32.31 -13.02 -41.97
C HIS B 116 31.13 -12.88 -41.00
N ASP B 117 30.34 -11.83 -41.14
CA ASP B 117 29.05 -11.73 -40.45
C ASP B 117 27.93 -11.57 -41.46
N TYR B 118 26.83 -12.28 -41.23
CA TYR B 118 25.69 -12.23 -42.13
C TYR B 118 24.55 -12.98 -41.50
N ALA B 119 23.34 -12.63 -41.92
CA ALA B 119 22.17 -13.42 -41.62
C ALA B 119 21.81 -14.24 -42.85
N ALA B 120 21.31 -15.45 -42.62
CA ALA B 120 20.92 -16.34 -43.70
C ALA B 120 19.54 -16.88 -43.40
N ALA B 121 18.59 -16.62 -44.29
CA ALA B 121 17.26 -17.18 -44.15
C ALA B 121 17.21 -18.53 -44.85
N TYR B 122 16.64 -19.51 -44.18
CA TYR B 122 16.48 -20.85 -44.71
C TYR B 122 15.01 -21.21 -44.74
N ARG B 123 14.62 -22.06 -45.69
CA ARG B 123 13.36 -22.77 -45.56
C ARG B 123 13.58 -24.01 -44.72
N ALA B 124 12.63 -24.35 -43.86
CA ALA B 124 12.85 -25.39 -42.87
C ALA B 124 11.82 -26.48 -42.99
N HIS B 125 12.29 -27.70 -43.15
CA HIS B 125 11.51 -28.86 -43.52
C HIS B 125 11.60 -29.88 -42.39
N THR B 126 11.04 -31.07 -42.60
CA THR B 126 11.03 -32.09 -41.55
C THR B 126 12.45 -32.48 -41.14
N ALA B 127 12.53 -33.11 -39.97
CA ALA B 127 13.78 -33.39 -39.28
C ALA B 127 13.91 -34.89 -39.06
N SER B 128 14.93 -35.27 -38.30
CA SER B 128 15.17 -36.66 -37.95
C SER B 128 15.33 -36.78 -36.43
N LEU B 129 15.78 -37.94 -35.95
CA LEU B 129 15.95 -38.11 -34.51
C LEU B 129 17.05 -39.12 -34.25
N ARG B 130 18.00 -38.75 -33.40
CA ARG B 130 19.03 -39.65 -32.94
C ARG B 130 18.97 -39.70 -31.42
N ALA B 131 19.45 -40.81 -30.86
CA ALA B 131 19.37 -41.04 -29.43
C ALA B 131 20.65 -41.68 -28.93
N LYS B 132 20.90 -41.52 -27.63
CA LYS B 132 21.95 -42.24 -26.93
C LYS B 132 21.35 -42.91 -25.70
N ILE B 133 21.61 -44.20 -25.53
CA ILE B 133 20.98 -44.96 -24.46
C ILE B 133 22.08 -45.62 -23.64
N LYS B 134 21.75 -45.93 -22.39
CA LYS B 134 22.54 -46.81 -21.55
C LYS B 134 21.77 -48.12 -21.41
N VAL B 135 22.47 -49.24 -21.50
CA VAL B 135 21.81 -50.53 -21.65
C VAL B 135 22.16 -51.50 -20.53
N THR B 136 22.32 -50.97 -19.32
CA THR B 136 22.78 -51.76 -18.18
C THR B 136 21.83 -52.91 -17.88
N TYR B 137 22.34 -54.14 -17.90
CA TYR B 137 21.63 -55.30 -17.35
C TYR B 137 22.58 -56.19 -16.56
N GLY B 138 23.45 -55.58 -15.75
CA GLY B 138 24.40 -56.35 -14.95
C GLY B 138 25.62 -56.80 -15.73
N THR B 139 25.40 -57.68 -16.70
CA THR B 139 26.45 -57.99 -17.68
C THR B 139 26.78 -56.72 -18.44
N VAL B 140 28.03 -56.62 -18.90
CA VAL B 140 28.79 -55.37 -19.12
C VAL B 140 27.95 -54.27 -19.75
N ASN B 141 27.96 -53.10 -19.11
CA ASN B 141 27.09 -52.00 -19.49
C ASN B 141 27.74 -51.20 -20.62
N GLN B 142 27.09 -51.16 -21.76
CA GLN B 142 27.57 -50.39 -22.89
C GLN B 142 26.84 -49.06 -23.01
N THR B 143 27.45 -48.15 -23.74
CA THR B 143 26.76 -46.96 -24.22
C THR B 143 26.60 -47.09 -25.73
N VAL B 144 25.57 -46.46 -26.27
CA VAL B 144 25.23 -46.63 -27.67
C VAL B 144 24.62 -45.34 -28.18
N GLU B 145 25.00 -44.95 -29.40
CA GLU B 145 24.26 -43.96 -30.17
C GLU B 145 23.62 -44.68 -31.36
N ALA B 146 22.42 -44.25 -31.74
CA ALA B 146 21.70 -44.90 -32.82
C ALA B 146 20.62 -43.95 -33.32
N TYR B 147 20.18 -44.19 -34.55
CA TYR B 147 19.09 -43.42 -35.14
C TYR B 147 17.73 -44.00 -34.72
N VAL B 148 16.66 -43.32 -35.13
CA VAL B 148 15.31 -43.74 -34.76
C VAL B 148 14.53 -43.98 -36.05
N ASN B 149 15.22 -44.44 -37.08
CA ASN B 149 14.56 -44.71 -38.36
C ASN B 149 14.06 -46.14 -38.49
N GLY B 150 14.34 -47.00 -37.53
CA GLY B 150 13.92 -48.40 -37.62
C GLY B 150 14.85 -49.32 -38.36
N ASP B 151 15.22 -48.93 -39.58
CA ASP B 151 16.17 -49.74 -40.35
C ASP B 151 17.53 -49.79 -39.69
N HIS B 152 18.00 -48.66 -39.18
CA HIS B 152 19.33 -48.62 -38.56
C HIS B 152 19.29 -49.41 -37.26
N ALA B 153 20.14 -50.42 -37.17
CA ALA B 153 20.24 -51.27 -36.00
C ALA B 153 21.70 -51.37 -35.59
N VAL B 154 21.93 -51.46 -34.28
CA VAL B 154 23.25 -51.65 -33.72
C VAL B 154 23.16 -52.72 -32.65
N THR B 155 24.08 -53.67 -32.71
CA THR B 155 24.02 -54.87 -31.88
C THR B 155 25.28 -55.00 -31.03
N ILE B 156 25.08 -55.38 -29.77
CA ILE B 156 26.18 -55.66 -28.85
C ILE B 156 26.05 -57.10 -28.38
N ALA B 157 27.10 -57.89 -28.63
CA ALA B 157 27.18 -59.30 -28.22
C ALA B 157 25.97 -60.09 -28.71
N GLY B 158 25.71 -59.98 -30.01
CA GLY B 158 24.62 -60.70 -30.64
C GLY B 158 23.23 -60.23 -30.27
N THR B 159 23.11 -59.26 -29.36
CA THR B 159 21.82 -58.70 -28.98
C THR B 159 21.66 -57.35 -29.67
N LYS B 160 20.60 -57.21 -30.44
CA LYS B 160 20.39 -56.03 -31.27
C LYS B 160 19.17 -55.24 -30.81
N PHE B 161 19.19 -53.94 -31.14
CA PHE B 161 18.08 -53.03 -30.87
C PHE B 161 17.68 -52.32 -32.15
N ILE B 162 16.37 -52.12 -32.33
CA ILE B 162 15.87 -51.19 -33.33
C ILE B 162 14.92 -50.22 -32.66
N PHE B 163 14.84 -49.01 -33.21
CA PHE B 163 14.16 -47.90 -32.54
C PHE B 163 12.92 -47.42 -33.28
N GLY B 164 13.03 -47.05 -34.55
CA GLY B 164 11.94 -46.44 -35.27
C GLY B 164 10.76 -47.37 -35.48
N PRO B 165 9.56 -46.81 -35.68
CA PRO B 165 9.23 -45.40 -35.93
C PRO B 165 9.20 -44.54 -34.69
N VAL B 166 8.89 -43.26 -34.87
CA VAL B 166 8.87 -42.31 -33.80
C VAL B 166 7.43 -42.12 -33.37
N SER B 167 7.22 -41.50 -32.21
CA SER B 167 5.87 -41.33 -31.70
C SER B 167 5.22 -40.03 -32.13
N THR B 168 5.99 -38.98 -32.39
CA THR B 168 5.40 -37.68 -32.66
C THR B 168 6.40 -36.85 -33.48
N ALA B 169 5.88 -36.00 -34.36
CA ALA B 169 6.68 -35.03 -35.10
C ALA B 169 6.55 -33.63 -34.52
N TRP B 170 6.49 -33.54 -33.19
CA TRP B 170 6.31 -32.27 -32.48
C TRP B 170 7.56 -31.43 -32.66
N THR B 171 7.46 -30.41 -33.51
CA THR B 171 8.71 -29.73 -33.81
C THR B 171 8.83 -28.42 -33.05
N PRO B 172 10.04 -28.10 -32.64
CA PRO B 172 10.37 -26.74 -32.21
C PRO B 172 10.87 -25.87 -33.34
N PHE B 173 10.13 -25.83 -34.44
CA PHE B 173 10.53 -25.07 -35.61
C PHE B 173 9.28 -24.72 -36.41
N ASP B 174 9.50 -24.06 -37.54
CA ASP B 174 8.43 -23.68 -38.44
C ASP B 174 8.89 -23.99 -39.85
N THR B 175 8.14 -23.52 -40.85
CA THR B 175 8.56 -23.75 -42.23
C THR B 175 9.63 -22.75 -42.66
N LYS B 176 9.52 -21.51 -42.20
CA LYS B 176 10.47 -20.46 -42.55
C LYS B 176 11.30 -20.10 -41.33
N ILE B 177 12.58 -19.84 -41.54
CA ILE B 177 13.51 -19.64 -40.43
C ILE B 177 14.61 -18.68 -40.90
N VAL B 178 15.24 -18.01 -39.93
CA VAL B 178 16.36 -17.12 -40.21
C VAL B 178 17.41 -17.28 -39.11
N VAL B 179 18.66 -17.46 -39.51
CA VAL B 179 19.74 -17.83 -38.60
C VAL B 179 20.77 -16.70 -38.59
N TYR B 180 21.09 -16.24 -37.40
CA TYR B 180 22.17 -15.31 -37.11
C TYR B 180 23.27 -16.09 -36.39
N LYS B 181 24.30 -15.38 -35.91
CA LYS B 181 25.51 -16.02 -35.41
C LYS B 181 25.22 -17.10 -34.38
N GLY B 182 24.28 -16.85 -33.47
CA GLY B 182 23.99 -17.84 -32.47
C GLY B 182 22.52 -18.00 -32.14
N GLU B 183 21.64 -17.48 -32.99
CA GLU B 183 20.21 -17.52 -32.71
C GLU B 183 19.45 -17.96 -33.92
N VAL B 184 18.22 -18.41 -33.68
CA VAL B 184 17.25 -18.72 -34.71
C VAL B 184 15.96 -17.95 -34.40
N TYR B 185 15.31 -17.44 -35.45
CA TYR B 185 14.10 -16.65 -35.30
C TYR B 185 13.05 -17.17 -36.25
N ASN B 186 11.79 -16.83 -35.97
CA ASN B 186 10.68 -17.20 -36.84
C ASN B 186 9.89 -15.95 -37.21
N GLN B 187 10.29 -15.30 -38.30
CA GLN B 187 9.44 -14.28 -38.90
C GLN B 187 9.44 -14.48 -40.41
N ASP B 188 8.29 -14.20 -41.02
CA ASP B 188 8.04 -14.54 -42.42
C ASP B 188 8.80 -13.56 -43.31
N PHE B 189 10.06 -13.88 -43.56
CA PHE B 189 10.93 -13.00 -44.31
C PHE B 189 10.40 -12.79 -45.72
N PRO B 190 10.61 -11.61 -46.30
CA PRO B 190 10.05 -11.30 -47.61
C PRO B 190 10.69 -12.17 -48.68
N PRO B 191 10.01 -12.33 -49.82
CA PRO B 191 10.56 -13.19 -50.89
C PRO B 191 11.79 -12.61 -51.55
N TYR B 192 12.31 -13.30 -52.57
CA TYR B 192 13.54 -12.88 -53.21
C TYR B 192 13.41 -11.55 -53.93
N GLY B 193 12.21 -11.16 -54.32
CA GLY B 193 12.04 -9.94 -55.07
C GLY B 193 11.68 -8.73 -54.23
N ALA B 194 10.78 -8.92 -53.25
CA ALA B 194 10.15 -7.79 -52.56
C ALA B 194 11.15 -7.16 -51.60
N GLY B 195 12.02 -6.32 -52.16
CA GLY B 195 12.96 -5.55 -51.38
C GLY B 195 12.34 -4.30 -50.80
N GLN B 196 11.53 -4.43 -49.77
CA GLN B 196 10.97 -3.26 -49.13
C GLN B 196 12.08 -2.48 -48.43
N PRO B 197 12.35 -1.26 -48.85
CA PRO B 197 13.54 -0.56 -48.34
C PRO B 197 13.44 -0.18 -46.87
N GLY B 198 14.28 -0.80 -46.05
CA GLY B 198 14.32 -0.54 -44.63
C GLY B 198 13.76 -1.65 -43.77
N ARG B 199 13.18 -2.67 -44.37
CA ARG B 199 12.80 -3.85 -43.63
C ARG B 199 13.91 -4.87 -43.74
N PHE B 200 13.66 -6.10 -43.27
CA PHE B 200 14.70 -7.11 -43.18
C PHE B 200 15.26 -7.46 -44.54
N GLY B 201 16.56 -7.25 -44.69
CA GLY B 201 17.26 -7.73 -45.86
C GLY B 201 16.98 -6.99 -47.14
N ASP B 202 16.97 -5.66 -47.07
CA ASP B 202 16.80 -4.87 -48.28
C ASP B 202 17.94 -5.08 -49.30
N ILE B 203 19.02 -5.73 -48.90
CA ILE B 203 20.01 -6.28 -49.82
C ILE B 203 19.90 -7.79 -49.73
N GLN B 204 20.03 -8.46 -50.87
CA GLN B 204 19.89 -9.91 -50.91
C GLN B 204 20.95 -10.51 -51.80
N SER B 205 21.48 -11.66 -51.40
CA SER B 205 22.48 -12.38 -52.15
C SER B 205 22.19 -13.87 -52.06
N ARG B 206 22.33 -14.57 -53.18
CA ARG B 206 21.92 -15.97 -53.19
C ARG B 206 23.00 -16.91 -52.66
N THR B 207 24.21 -16.41 -52.45
CA THR B 207 25.23 -17.16 -51.72
C THR B 207 26.24 -16.17 -51.17
N LEU B 208 27.35 -16.70 -50.65
CA LEU B 208 28.39 -15.85 -50.08
C LEU B 208 29.13 -15.05 -51.14
N ASP B 209 29.29 -15.62 -52.33
CA ASP B 209 30.25 -15.09 -53.29
C ASP B 209 29.72 -15.08 -54.72
N SER B 210 28.41 -14.92 -54.90
CA SER B 210 27.89 -14.72 -56.25
C SER B 210 28.25 -13.32 -56.74
N LYS B 211 28.54 -13.21 -58.03
CA LYS B 211 28.95 -11.94 -58.61
C LYS B 211 27.78 -11.07 -59.03
N ASP B 212 26.55 -11.50 -58.75
CA ASP B 212 25.37 -10.69 -58.98
C ASP B 212 24.56 -10.61 -57.71
N LEU B 213 23.83 -9.52 -57.56
CA LEU B 213 23.10 -9.25 -56.33
C LEU B 213 21.87 -8.41 -56.67
N TYR B 214 21.07 -8.14 -55.66
CA TYR B 214 19.85 -7.37 -55.82
C TYR B 214 19.74 -6.37 -54.68
N ALA B 215 19.22 -5.18 -54.97
CA ALA B 215 19.09 -4.15 -53.96
C ALA B 215 17.94 -3.24 -54.31
N ASN B 216 17.25 -2.73 -53.27
CA ASN B 216 16.18 -1.76 -53.41
C ASN B 216 16.37 -0.67 -52.36
N THR B 217 17.58 -0.14 -52.27
CA THR B 217 17.98 0.77 -51.20
C THR B 217 17.21 2.08 -51.19
N GLY B 218 16.48 2.42 -52.24
CA GLY B 218 15.80 3.70 -52.25
C GLY B 218 16.78 4.85 -52.36
N LEU B 219 17.44 4.96 -53.51
CA LEU B 219 18.53 5.90 -53.71
C LEU B 219 18.11 6.99 -54.69
N LYS B 220 18.39 8.24 -54.34
CA LYS B 220 18.11 9.39 -55.18
C LYS B 220 19.24 10.39 -55.07
N LEU B 221 19.22 11.42 -55.92
CA LEU B 221 20.27 12.41 -55.99
C LEU B 221 19.67 13.80 -56.01
N ALA B 222 20.44 14.78 -55.55
CA ALA B 222 20.01 16.17 -55.50
C ALA B 222 21.12 17.09 -55.99
N ARG B 223 20.71 18.27 -56.43
CA ARG B 223 21.66 19.24 -56.96
C ARG B 223 22.46 19.87 -55.83
N PRO B 224 23.73 20.17 -56.06
CA PRO B 224 24.57 20.72 -55.00
C PRO B 224 24.23 22.16 -54.63
N ALA B 225 24.99 22.73 -53.69
CA ALA B 225 24.82 24.10 -53.27
C ALA B 225 25.76 25.01 -54.06
N ALA B 226 25.73 26.30 -53.73
CA ALA B 226 26.63 27.26 -54.36
C ALA B 226 28.03 27.09 -53.81
N GLY B 227 28.98 26.82 -54.67
CA GLY B 227 30.36 26.61 -54.26
C GLY B 227 30.85 25.20 -54.00
N ASN B 228 30.16 24.47 -53.12
CA ASN B 228 30.68 23.18 -52.68
C ASN B 228 30.51 22.12 -53.77
N ILE B 229 31.59 21.43 -54.09
CA ILE B 229 31.57 20.32 -55.03
C ILE B 229 31.45 19.03 -54.23
N HIS B 230 30.30 18.37 -54.30
CA HIS B 230 30.09 17.12 -53.60
C HIS B 230 28.97 16.36 -54.29
N VAL B 231 28.48 15.32 -53.64
CA VAL B 231 27.43 14.48 -54.23
C VAL B 231 26.29 14.31 -53.23
N PRO B 232 25.33 15.20 -53.24
CA PRO B 232 24.18 15.06 -52.34
C PRO B 232 23.31 13.88 -52.73
N TYR B 233 23.27 12.86 -51.88
CA TYR B 233 22.54 11.63 -52.16
C TYR B 233 21.62 11.33 -50.99
N THR B 234 20.34 11.15 -51.27
CA THR B 234 19.32 10.85 -50.27
C THR B 234 19.07 9.34 -50.27
N GLN B 235 19.08 8.73 -49.09
CA GLN B 235 18.92 7.30 -49.03
C GLN B 235 18.22 6.91 -47.74
N THR B 236 17.36 5.91 -47.82
CA THR B 236 16.88 5.26 -46.61
C THR B 236 18.06 4.60 -45.91
N PRO B 237 18.21 4.75 -44.61
CA PRO B 237 19.31 4.08 -43.92
C PRO B 237 19.16 2.57 -43.93
N SER B 238 20.12 1.86 -43.34
CA SER B 238 20.16 0.41 -43.47
C SER B 238 18.98 -0.25 -42.75
N GLY B 239 18.49 -1.32 -43.35
CA GLY B 239 17.49 -2.14 -42.70
C GLY B 239 18.13 -3.25 -41.89
N PHE B 240 19.26 -3.76 -42.37
CA PHE B 240 19.95 -4.83 -41.67
C PHE B 240 20.50 -4.35 -40.34
N LYS B 241 21.25 -3.24 -40.37
CA LYS B 241 21.71 -2.61 -39.14
C LYS B 241 20.56 -2.18 -38.24
N THR B 242 19.36 -1.96 -38.80
CA THR B 242 18.20 -1.71 -37.98
C THR B 242 17.76 -2.98 -37.27
N TRP B 243 17.73 -4.11 -38.00
CA TRP B 243 17.25 -5.36 -37.44
C TRP B 243 18.10 -5.84 -36.28
N GLN B 244 19.38 -5.46 -36.26
CA GLN B 244 20.25 -5.86 -35.17
C GLN B 244 19.83 -5.26 -33.84
N LYS B 245 19.22 -4.07 -33.88
CA LYS B 245 18.77 -3.43 -32.65
C LYS B 245 17.30 -3.63 -32.36
N ASP B 246 16.45 -3.69 -33.39
CA ASP B 246 15.01 -3.70 -33.22
C ASP B 246 14.42 -5.11 -33.25
N ARG B 247 15.15 -6.11 -32.77
CA ARG B 247 14.57 -7.45 -32.68
C ARG B 247 15.21 -8.20 -31.52
N ASP B 248 14.48 -8.31 -30.42
CA ASP B 248 14.83 -9.18 -29.32
C ASP B 248 14.13 -10.54 -29.49
N SER B 249 14.15 -11.34 -28.44
CA SER B 249 13.36 -12.56 -28.28
C SER B 249 13.60 -13.60 -29.37
N PRO B 250 14.76 -14.24 -29.41
CA PRO B 250 14.99 -15.33 -30.35
C PRO B 250 14.33 -16.62 -29.87
N LEU B 251 14.42 -17.66 -30.72
CA LEU B 251 13.84 -18.94 -30.36
C LEU B 251 14.66 -19.67 -29.30
N ASN B 252 15.94 -19.30 -29.12
CA ASN B 252 16.74 -19.86 -28.03
C ASN B 252 16.11 -19.66 -26.66
N ALA B 253 15.22 -18.69 -26.49
CA ALA B 253 14.55 -18.47 -25.22
C ALA B 253 13.08 -18.83 -25.25
N LYS B 254 12.39 -18.58 -26.35
CA LYS B 254 10.97 -18.88 -26.49
C LYS B 254 10.69 -20.34 -26.78
N ALA B 255 11.67 -21.21 -26.62
CA ALA B 255 11.54 -22.57 -27.13
C ALA B 255 10.55 -23.37 -26.31
N PRO B 256 9.61 -24.06 -26.95
CA PRO B 256 8.68 -24.90 -26.20
C PRO B 256 9.36 -26.15 -25.67
N PHE B 257 8.68 -26.78 -24.71
CA PHE B 257 9.04 -28.07 -24.13
C PHE B 257 10.45 -28.10 -23.55
N GLY B 258 10.98 -26.94 -23.18
CA GLY B 258 12.25 -26.88 -22.49
C GLY B 258 13.44 -27.37 -23.28
N CYS B 259 13.32 -27.49 -24.59
CA CYS B 259 14.43 -27.98 -25.37
C CYS B 259 15.47 -26.89 -25.53
N THR B 260 16.65 -27.26 -26.02
CA THR B 260 17.79 -26.36 -26.07
C THR B 260 18.30 -26.26 -27.49
N ILE B 261 18.44 -25.05 -27.99
CA ILE B 261 18.80 -24.82 -29.37
C ILE B 261 20.25 -24.41 -29.46
N GLN B 262 20.96 -24.99 -30.43
CA GLN B 262 22.37 -24.69 -30.64
C GLN B 262 22.64 -24.60 -32.13
N THR B 263 23.36 -23.56 -32.54
CA THR B 263 23.72 -23.35 -33.93
C THR B 263 24.95 -24.16 -34.32
N ASN B 264 25.25 -24.12 -35.62
CA ASN B 264 26.43 -24.73 -36.23
C ASN B 264 26.58 -26.21 -35.89
N PRO B 265 25.77 -27.10 -36.45
CA PRO B 265 24.65 -26.83 -37.36
C PRO B 265 23.38 -26.56 -36.58
N VAL B 266 22.33 -26.11 -37.26
CA VAL B 266 21.07 -25.82 -36.58
C VAL B 266 20.51 -27.12 -36.04
N ARG B 267 20.45 -27.24 -34.71
CA ARG B 267 19.97 -28.45 -34.07
C ARG B 267 19.35 -28.09 -32.73
N ALA B 268 18.38 -28.90 -32.30
CA ALA B 268 17.73 -28.74 -31.01
C ALA B 268 17.88 -30.05 -30.24
N MET B 269 18.51 -29.98 -29.08
CA MET B 269 18.93 -31.15 -28.33
C MET B 269 18.26 -31.20 -26.96
N ASN B 270 18.09 -32.42 -26.45
CA ASN B 270 17.48 -32.69 -25.15
C ASN B 270 16.07 -32.13 -25.06
N CYS B 271 15.29 -32.37 -26.10
CA CYS B 271 13.88 -32.09 -25.99
C CYS B 271 13.22 -33.14 -25.11
N ALA B 272 12.03 -32.81 -24.60
CA ALA B 272 11.31 -33.67 -23.67
C ALA B 272 9.86 -33.78 -24.11
N VAL B 273 9.55 -34.73 -24.98
CA VAL B 273 8.19 -34.93 -25.45
C VAL B 273 8.07 -36.36 -25.97
N GLY B 274 6.90 -36.95 -25.74
CA GLY B 274 6.60 -38.28 -26.23
C GLY B 274 7.47 -39.38 -25.69
N ASN B 275 7.18 -40.61 -26.10
CA ASN B 275 8.00 -41.78 -25.78
C ASN B 275 8.69 -42.26 -27.05
N ILE B 276 9.53 -43.29 -26.90
CA ILE B 276 10.12 -43.93 -28.07
C ILE B 276 9.95 -45.43 -27.95
N PRO B 277 9.53 -46.12 -29.00
CA PRO B 277 9.41 -47.57 -28.94
C PRO B 277 10.75 -48.23 -29.24
N VAL B 278 10.89 -49.46 -28.74
CA VAL B 278 12.14 -50.18 -28.98
C VAL B 278 11.82 -51.67 -29.07
N SER B 279 12.34 -52.31 -30.12
CA SER B 279 12.29 -53.75 -30.28
C SER B 279 13.70 -54.29 -30.16
N MET B 280 13.86 -55.27 -29.27
CA MET B 280 15.17 -55.82 -28.92
C MET B 280 15.18 -57.31 -29.16
N ASP B 281 16.29 -57.83 -29.69
CA ASP B 281 16.43 -59.24 -29.98
C ASP B 281 17.65 -59.77 -29.24
N ILE B 282 17.41 -60.68 -28.30
CA ILE B 282 18.41 -61.11 -27.32
C ILE B 282 19.40 -62.08 -27.97
N ALA B 283 20.53 -62.31 -27.28
CA ALA B 283 21.46 -63.39 -27.58
C ALA B 283 21.67 -64.24 -26.33
N ASP B 284 22.37 -65.35 -26.51
CA ASP B 284 22.44 -66.40 -25.48
C ASP B 284 23.73 -66.33 -24.66
N SER B 285 24.22 -65.13 -24.38
CA SER B 285 25.40 -64.98 -23.53
C SER B 285 25.07 -64.64 -22.08
N ALA B 286 23.93 -64.01 -21.84
CA ALA B 286 23.46 -63.72 -20.48
C ALA B 286 22.04 -64.24 -20.27
N PHE B 287 21.49 -64.97 -21.22
CA PHE B 287 20.13 -65.46 -21.11
C PHE B 287 20.20 -66.79 -20.38
N THR B 288 20.33 -66.70 -19.04
CA THR B 288 20.75 -67.81 -18.19
C THR B 288 19.58 -68.69 -17.77
N ARG B 289 19.88 -69.98 -17.57
CA ARG B 289 18.88 -71.00 -17.29
C ARG B 289 18.24 -70.81 -15.93
N LEU B 290 17.29 -71.69 -15.63
CA LEU B 290 16.54 -71.66 -14.37
C LEU B 290 17.24 -72.44 -13.27
N THR B 291 17.79 -73.61 -13.60
CA THR B 291 18.33 -74.52 -12.60
C THR B 291 19.77 -74.18 -12.23
N ASP B 292 20.18 -72.94 -12.48
CA ASP B 292 21.47 -72.45 -12.04
C ASP B 292 21.38 -71.35 -11.00
N ALA B 293 20.34 -70.53 -11.03
CA ALA B 293 20.21 -69.39 -10.15
C ALA B 293 19.63 -69.79 -8.81
N PRO B 294 19.77 -68.93 -7.79
CA PRO B 294 19.10 -69.18 -6.50
C PRO B 294 17.61 -69.45 -6.64
N ILE B 295 17.17 -70.52 -5.97
CA ILE B 295 15.79 -70.95 -5.96
C ILE B 295 15.30 -70.82 -4.51
N ILE B 296 14.66 -69.70 -4.20
CA ILE B 296 14.27 -69.39 -2.84
C ILE B 296 12.75 -69.43 -2.74
N SER B 297 12.26 -69.40 -1.50
CA SER B 297 10.83 -69.39 -1.22
C SER B 297 10.62 -68.62 0.09
N GLU B 298 9.41 -68.73 0.63
CA GLU B 298 8.94 -68.08 1.85
C GLU B 298 9.46 -66.65 1.99
N LEU B 299 9.14 -65.83 0.97
CA LEU B 299 9.73 -64.51 0.84
C LEU B 299 9.15 -63.53 1.86
N LEU B 300 9.58 -63.67 3.11
CA LEU B 300 9.05 -62.85 4.20
C LEU B 300 9.69 -61.46 4.13
N CYS B 301 9.15 -60.65 3.22
CA CYS B 301 9.59 -59.27 3.05
C CYS B 301 8.77 -58.31 3.92
N THR B 302 9.05 -57.00 3.79
CA THR B 302 8.31 -55.94 4.50
C THR B 302 8.68 -54.57 3.94
N VAL B 303 8.25 -53.50 4.63
CA VAL B 303 8.62 -52.13 4.28
C VAL B 303 9.27 -51.48 5.50
N SER B 304 9.90 -50.32 5.32
CA SER B 304 10.47 -49.59 6.46
C SER B 304 9.86 -48.22 6.67
N THR B 305 9.87 -47.35 5.66
CA THR B 305 9.40 -45.97 5.77
C THR B 305 9.41 -45.35 4.37
N CYS B 306 8.62 -44.29 4.21
CA CYS B 306 8.33 -43.78 2.88
C CYS B 306 8.08 -42.28 2.92
N THR B 307 8.58 -41.58 1.90
CA THR B 307 8.42 -40.14 1.79
C THR B 307 7.89 -39.77 0.40
N HIS B 308 7.38 -38.55 0.30
CA HIS B 308 6.96 -38.00 -0.99
C HIS B 308 8.09 -37.19 -1.62
N SER B 309 9.21 -37.85 -1.87
CA SER B 309 10.33 -37.16 -2.50
C SER B 309 10.13 -37.08 -4.00
N SER B 310 11.16 -36.64 -4.70
CA SER B 310 11.30 -36.88 -6.12
C SER B 310 12.48 -37.77 -6.44
N ASP B 311 13.33 -38.05 -5.47
CA ASP B 311 14.45 -38.98 -5.60
C ASP B 311 14.25 -40.09 -4.58
N PHE B 312 15.29 -40.91 -4.41
CA PHE B 312 15.14 -42.17 -3.70
C PHE B 312 14.97 -41.93 -2.21
N GLY B 313 13.70 -41.86 -1.79
CA GLY B 313 13.36 -41.60 -0.41
C GLY B 313 12.27 -42.54 0.07
N GLY B 314 12.19 -43.70 -0.57
CA GLY B 314 11.40 -44.79 -0.05
C GLY B 314 12.26 -46.02 0.14
N VAL B 315 12.48 -46.41 1.39
CA VAL B 315 13.34 -47.53 1.72
C VAL B 315 12.49 -48.69 2.20
N ALA B 316 12.74 -49.87 1.65
CA ALA B 316 11.98 -51.06 1.97
C ALA B 316 12.96 -52.21 2.16
N VAL B 317 13.15 -52.63 3.41
CA VAL B 317 13.95 -53.82 3.67
C VAL B 317 13.11 -55.06 3.45
N LEU B 318 13.74 -56.12 2.96
CA LEU B 318 13.01 -57.33 2.60
C LEU B 318 13.86 -58.54 2.91
N SER B 319 13.28 -59.51 3.60
CA SER B 319 13.97 -60.73 4.02
C SER B 319 13.43 -61.94 3.26
N TYR B 320 14.14 -63.04 3.43
CA TYR B 320 14.06 -64.20 2.55
C TYR B 320 14.99 -65.26 3.12
N LYS B 321 14.93 -66.46 2.54
CA LYS B 321 15.80 -67.56 2.92
C LYS B 321 16.77 -67.88 1.79
N VAL B 322 18.05 -67.92 2.12
CA VAL B 322 19.09 -68.24 1.13
C VAL B 322 19.18 -69.75 0.99
N GLU B 323 18.98 -70.24 -0.23
CA GLU B 323 19.26 -71.65 -0.52
C GLU B 323 20.66 -71.86 -1.08
N LYS B 324 21.10 -70.99 -1.99
CA LYS B 324 22.50 -70.97 -2.42
C LYS B 324 22.86 -69.56 -2.82
N ALA B 325 24.05 -69.11 -2.41
CA ALA B 325 24.44 -67.72 -2.61
C ALA B 325 24.68 -67.40 -4.07
N GLY B 326 24.21 -66.23 -4.50
CA GLY B 326 24.38 -65.75 -5.85
C GLY B 326 23.91 -64.33 -6.02
N ARG B 327 23.31 -64.01 -7.16
CA ARG B 327 22.70 -62.70 -7.38
C ARG B 327 21.35 -62.91 -8.05
N CYS B 328 20.35 -62.15 -7.62
CA CYS B 328 19.06 -62.15 -8.30
C CYS B 328 18.58 -60.73 -8.52
N ASP B 329 17.92 -60.54 -9.66
CA ASP B 329 17.42 -59.25 -10.09
C ASP B 329 15.95 -59.06 -9.73
N VAL B 330 15.61 -57.84 -9.32
CA VAL B 330 14.27 -57.50 -8.87
C VAL B 330 13.63 -56.53 -9.86
N HIS B 331 12.30 -56.49 -9.83
CA HIS B 331 11.54 -55.69 -10.78
C HIS B 331 10.12 -55.54 -10.27
N SER B 332 9.55 -54.36 -10.45
CA SER B 332 8.15 -54.16 -10.12
C SER B 332 7.24 -54.88 -11.12
N HIS B 333 5.94 -54.88 -10.82
CA HIS B 333 4.97 -55.40 -11.77
C HIS B 333 3.73 -54.53 -11.83
N SER B 334 3.82 -53.27 -11.43
CA SER B 334 2.78 -52.29 -11.65
C SER B 334 3.47 -50.96 -11.93
N ASN B 335 2.67 -49.96 -12.28
CA ASN B 335 3.22 -48.69 -12.72
C ASN B 335 3.39 -47.69 -11.60
N VAL B 336 2.98 -48.04 -10.38
CA VAL B 336 3.03 -47.07 -9.29
C VAL B 336 4.46 -46.90 -8.78
N ALA B 337 5.18 -47.99 -8.56
CA ALA B 337 6.47 -47.94 -7.89
C ALA B 337 7.59 -48.35 -8.81
N VAL B 338 8.56 -47.46 -8.98
CA VAL B 338 9.80 -47.80 -9.65
C VAL B 338 10.81 -48.29 -8.60
N LEU B 339 11.85 -48.96 -9.07
CA LEU B 339 12.96 -49.36 -8.23
C LEU B 339 14.26 -48.79 -8.80
N GLN B 340 15.24 -48.63 -7.91
CA GLN B 340 16.57 -48.20 -8.33
C GLN B 340 17.52 -49.38 -8.44
N GLU B 341 17.66 -50.14 -7.37
CA GLU B 341 18.60 -51.25 -7.33
C GLU B 341 18.09 -52.37 -8.21
N VAL B 342 18.75 -52.58 -9.35
CA VAL B 342 18.30 -53.58 -10.30
C VAL B 342 18.60 -54.98 -9.77
N SER B 343 19.84 -55.23 -9.36
CA SER B 343 20.27 -56.56 -8.95
C SER B 343 20.85 -56.52 -7.55
N ILE B 344 20.25 -57.27 -6.64
CA ILE B 344 20.71 -57.39 -5.26
C ILE B 344 21.21 -58.80 -5.02
N GLU B 345 22.36 -58.90 -4.35
CA GLU B 345 22.97 -60.20 -4.09
C GLU B 345 22.27 -60.85 -2.90
N ALA B 346 21.69 -62.01 -3.13
CA ALA B 346 20.89 -62.69 -2.12
C ALA B 346 21.82 -63.25 -1.05
N GLU B 347 21.91 -62.55 0.08
CA GLU B 347 22.72 -63.03 1.21
C GLU B 347 22.15 -62.43 2.49
N GLY B 348 21.41 -63.25 3.24
CA GLY B 348 20.95 -62.87 4.56
C GLY B 348 19.73 -61.97 4.58
N ARG B 349 19.95 -60.70 4.25
CA ARG B 349 18.91 -59.69 4.17
C ARG B 349 19.04 -58.99 2.83
N SER B 350 18.18 -57.99 2.62
CA SER B 350 18.27 -57.10 1.46
C SER B 350 17.50 -55.83 1.77
N VAL B 351 17.80 -54.79 1.01
CA VAL B 351 17.15 -53.50 1.15
C VAL B 351 17.09 -52.83 -0.21
N ILE B 352 15.89 -52.39 -0.60
CA ILE B 352 15.69 -51.75 -1.88
C ILE B 352 15.26 -50.31 -1.65
N HIS B 353 15.37 -49.51 -2.71
CA HIS B 353 15.09 -48.08 -2.66
C HIS B 353 14.01 -47.75 -3.68
N PHE B 354 12.75 -47.85 -3.28
CA PHE B 354 11.67 -47.54 -4.20
C PHE B 354 11.37 -46.05 -4.15
N SER B 355 10.78 -45.53 -5.22
CA SER B 355 10.46 -44.12 -5.31
C SER B 355 9.08 -43.96 -5.93
N THR B 356 8.12 -43.50 -5.13
CA THR B 356 6.80 -43.13 -5.62
C THR B 356 6.14 -42.24 -4.59
N ALA B 357 5.74 -41.06 -5.02
CA ALA B 357 5.27 -40.03 -4.12
C ALA B 357 3.79 -39.73 -4.28
N SER B 358 2.98 -40.67 -4.77
CA SER B 358 1.63 -40.23 -5.09
C SER B 358 0.74 -40.15 -3.86
N ALA B 359 0.36 -41.30 -3.27
CA ALA B 359 -0.05 -41.23 -1.87
C ALA B 359 0.68 -42.20 -0.95
N ALA B 360 0.54 -43.48 -1.28
CA ALA B 360 0.79 -44.60 -0.36
C ALA B 360 0.87 -45.88 -1.16
N PRO B 361 2.01 -46.18 -1.79
CA PRO B 361 2.03 -47.15 -2.89
C PRO B 361 1.95 -48.59 -2.39
N SER B 362 0.89 -49.29 -2.81
CA SER B 362 0.77 -50.72 -2.57
C SER B 362 1.24 -51.42 -3.83
N PHE B 363 2.48 -51.89 -3.83
CA PHE B 363 3.11 -52.38 -5.04
C PHE B 363 3.65 -53.79 -4.82
N ILE B 364 3.65 -54.56 -5.90
CA ILE B 364 4.13 -55.94 -5.91
C ILE B 364 5.57 -55.94 -6.45
N VAL B 365 6.48 -56.53 -5.69
CA VAL B 365 7.85 -56.72 -6.13
C VAL B 365 8.15 -58.20 -6.22
N SER B 366 9.18 -58.52 -7.01
CA SER B 366 9.46 -59.91 -7.34
C SER B 366 10.95 -60.15 -7.40
N VAL B 367 11.35 -61.36 -6.99
CA VAL B 367 12.75 -61.77 -7.03
C VAL B 367 12.83 -63.27 -7.36
N CYS B 368 13.33 -63.58 -8.55
CA CYS B 368 13.59 -64.96 -9.00
C CYS B 368 12.34 -65.84 -8.90
N SER B 369 11.33 -65.47 -9.69
CA SER B 369 10.11 -66.27 -9.86
C SER B 369 9.37 -66.42 -8.53
N SER B 370 9.08 -65.29 -7.90
CA SER B 370 8.44 -65.28 -6.59
C SER B 370 7.70 -63.97 -6.44
N ARG B 371 6.49 -64.04 -5.88
CA ARG B 371 5.58 -62.91 -5.88
C ARG B 371 5.22 -62.54 -4.45
N ALA B 372 5.32 -61.24 -4.14
CA ALA B 372 4.94 -60.72 -2.84
C ALA B 372 4.36 -59.32 -3.03
N THR B 373 3.89 -58.74 -1.93
CA THR B 373 3.35 -57.39 -1.95
C THR B 373 3.84 -56.62 -0.73
N CYS B 374 3.82 -55.30 -0.85
CA CYS B 374 4.22 -54.42 0.24
C CYS B 374 3.34 -53.17 0.23
N THR B 375 3.15 -52.59 1.41
CA THR B 375 2.32 -51.39 1.54
C THR B 375 2.77 -50.62 2.77
N ALA B 376 2.58 -49.31 2.72
CA ALA B 376 3.07 -48.45 3.79
C ALA B 376 2.28 -47.14 3.78
N LYS B 377 2.72 -46.21 4.62
CA LYS B 377 2.23 -44.84 4.60
C LYS B 377 3.40 -43.91 4.31
N CYS B 378 3.10 -42.75 3.74
CA CYS B 378 4.12 -41.83 3.31
C CYS B 378 3.75 -40.41 3.74
N GLU B 379 4.72 -39.69 4.18
CA GLU B 379 4.46 -38.30 4.51
C GLU B 379 4.99 -37.40 3.40
N PRO B 380 4.35 -36.26 3.20
CA PRO B 380 4.86 -35.27 2.26
C PRO B 380 6.20 -34.72 2.74
N PRO B 381 6.98 -34.12 1.85
CA PRO B 381 8.27 -33.56 2.27
C PRO B 381 8.09 -32.18 2.85
N LYS B 382 9.20 -31.50 3.14
CA LYS B 382 9.14 -30.18 3.74
C LYS B 382 9.61 -29.06 2.81
N ASP B 383 10.31 -29.37 1.73
CA ASP B 383 10.89 -28.35 0.87
C ASP B 383 9.83 -27.81 -0.10
N HIS B 384 10.26 -26.99 -1.02
CA HIS B 384 9.36 -26.54 -2.07
C HIS B 384 9.91 -26.74 -3.47
N VAL B 385 11.21 -26.52 -3.68
CA VAL B 385 11.80 -26.67 -5.00
C VAL B 385 13.15 -27.33 -4.86
N VAL B 386 13.47 -28.22 -5.80
CA VAL B 386 14.72 -28.97 -5.79
C VAL B 386 15.35 -28.86 -7.17
N THR B 387 16.56 -29.42 -7.29
CA THR B 387 17.43 -29.16 -8.43
C THR B 387 17.66 -30.42 -9.27
N TYR B 388 16.59 -31.17 -9.52
CA TYR B 388 16.64 -32.38 -10.33
C TYR B 388 15.22 -32.71 -10.76
N PRO B 389 15.03 -33.36 -11.91
CA PRO B 389 13.66 -33.64 -12.36
C PRO B 389 13.02 -34.75 -11.56
N ALA B 390 11.83 -35.15 -11.96
CA ALA B 390 11.10 -36.17 -11.23
C ALA B 390 11.75 -37.55 -11.44
N ASN B 391 11.28 -38.52 -10.67
CA ASN B 391 11.61 -39.91 -10.93
C ASN B 391 10.42 -40.84 -10.87
N HIS B 392 9.30 -40.40 -10.32
CA HIS B 392 8.07 -41.18 -10.37
C HIS B 392 7.30 -40.75 -11.61
N ASN B 393 7.07 -41.69 -12.52
CA ASN B 393 6.28 -41.38 -13.71
C ASN B 393 4.79 -41.35 -13.41
N GLY B 394 4.40 -41.56 -12.17
CA GLY B 394 3.02 -41.83 -11.85
C GLY B 394 2.12 -40.63 -11.89
N ILE B 395 1.25 -40.58 -12.92
CA ILE B 395 0.03 -39.80 -12.83
C ILE B 395 -1.01 -40.56 -12.03
N THR B 396 -0.69 -41.77 -11.57
CA THR B 396 -1.58 -42.57 -10.72
C THR B 396 -1.48 -42.03 -9.29
N LEU B 397 -2.07 -40.87 -9.10
CA LEU B 397 -2.19 -40.21 -7.80
C LEU B 397 -3.18 -40.90 -6.85
N PRO B 398 -4.26 -41.53 -7.33
CA PRO B 398 -5.03 -42.43 -6.46
C PRO B 398 -4.17 -43.43 -5.71
N ASP B 399 -4.56 -43.71 -4.48
CA ASP B 399 -3.79 -44.50 -3.54
C ASP B 399 -3.98 -46.02 -3.71
N LEU B 400 -4.81 -46.44 -4.67
CA LEU B 400 -5.14 -47.84 -4.91
C LEU B 400 -5.77 -48.49 -3.67
N SER B 401 -6.96 -47.99 -3.33
CA SER B 401 -7.96 -48.74 -2.57
C SER B 401 -7.50 -49.18 -1.19
N SER B 402 -6.66 -48.38 -0.52
CA SER B 402 -6.14 -48.82 0.77
C SER B 402 -5.71 -47.61 1.59
N THR B 403 -6.12 -47.62 2.86
CA THR B 403 -5.60 -46.79 3.96
C THR B 403 -6.07 -45.33 3.87
N ALA B 404 -6.73 -44.98 2.77
CA ALA B 404 -7.53 -43.76 2.75
C ALA B 404 -8.90 -43.95 2.12
N MET B 405 -9.08 -44.99 1.31
CA MET B 405 -10.38 -45.33 0.75
C MET B 405 -11.11 -46.38 1.56
N THR B 406 -10.67 -46.64 2.78
CA THR B 406 -11.39 -47.54 3.67
C THR B 406 -12.74 -46.96 4.05
N TRP B 407 -12.83 -45.63 4.08
CA TRP B 407 -14.09 -44.97 4.39
C TRP B 407 -15.16 -45.21 3.34
N ALA B 408 -14.81 -45.69 2.15
CA ALA B 408 -15.85 -46.08 1.21
C ALA B 408 -16.58 -47.32 1.70
N GLN B 409 -15.82 -48.35 2.11
CA GLN B 409 -16.40 -49.52 2.74
C GLN B 409 -17.11 -49.16 4.04
N HIS B 410 -16.63 -48.12 4.73
CA HIS B 410 -17.35 -47.64 5.91
C HIS B 410 -18.71 -47.05 5.52
N LEU B 411 -18.69 -46.01 4.69
CA LEU B 411 -19.91 -45.35 4.24
C LEU B 411 -20.34 -45.92 2.89
N ALA B 412 -20.53 -47.23 2.89
CA ALA B 412 -21.26 -47.87 1.80
C ALA B 412 -22.69 -47.34 1.75
N GLY B 413 -23.42 -47.47 2.85
CA GLY B 413 -24.74 -46.91 2.97
C GLY B 413 -25.79 -47.87 3.49
N GLY B 414 -25.75 -49.12 3.03
CA GLY B 414 -26.55 -50.19 3.64
C GLY B 414 -28.05 -50.38 3.40
N VAL B 415 -28.84 -49.31 3.48
CA VAL B 415 -30.23 -49.37 3.91
C VAL B 415 -31.16 -49.95 2.84
N GLY B 416 -30.60 -50.32 1.67
CA GLY B 416 -31.43 -50.89 0.63
C GLY B 416 -32.13 -52.18 1.02
N LEU B 417 -31.52 -52.95 1.94
CA LEU B 417 -32.18 -54.16 2.41
C LEU B 417 -33.40 -53.83 3.24
N LEU B 418 -33.43 -52.67 3.89
CA LEU B 418 -34.65 -52.25 4.57
C LEU B 418 -35.77 -52.01 3.57
N ILE B 419 -35.45 -51.58 2.36
CA ILE B 419 -36.52 -51.43 1.38
C ILE B 419 -36.88 -52.78 0.77
N ALA B 420 -35.96 -53.74 0.80
CA ALA B 420 -36.36 -55.12 0.52
C ALA B 420 -37.36 -55.61 1.57
N LEU B 421 -37.14 -55.24 2.83
CA LEU B 421 -38.12 -55.58 3.84
C LEU B 421 -39.46 -54.87 3.62
N ALA B 422 -39.44 -53.64 3.11
CA ALA B 422 -40.69 -52.97 2.80
C ALA B 422 -41.43 -53.66 1.65
N VAL B 423 -40.71 -54.09 0.61
CA VAL B 423 -41.43 -54.82 -0.43
C VAL B 423 -41.86 -56.20 0.07
N LEU B 424 -41.23 -56.71 1.12
CA LEU B 424 -41.78 -57.90 1.77
C LEU B 424 -43.07 -57.58 2.51
N ILE B 425 -43.18 -56.36 3.04
CA ILE B 425 -44.48 -55.93 3.57
C ILE B 425 -45.49 -55.82 2.43
N LEU B 426 -45.03 -55.49 1.23
CA LEU B 426 -45.95 -55.50 0.08
C LEU B 426 -46.39 -56.94 -0.24
N VAL B 427 -45.47 -57.89 -0.16
CA VAL B 427 -45.82 -59.30 -0.35
C VAL B 427 -46.84 -59.74 0.70
N ILE B 428 -46.71 -59.26 1.94
CA ILE B 428 -47.65 -59.67 2.97
C ILE B 428 -48.96 -58.88 2.94
N VAL B 429 -48.99 -57.75 2.24
CA VAL B 429 -50.29 -57.10 2.05
C VAL B 429 -51.02 -57.69 0.84
N THR B 430 -50.31 -58.30 -0.10
CA THR B 430 -51.08 -58.89 -1.20
C THR B 430 -51.59 -60.29 -0.88
N CYS B 431 -51.23 -60.86 0.27
CA CYS B 431 -51.67 -62.22 0.59
C CYS B 431 -53.15 -62.29 0.90
N ILE B 432 -53.75 -61.17 1.34
CA ILE B 432 -55.17 -61.17 1.69
C ILE B 432 -56.02 -61.29 0.42
N THR B 433 -55.67 -60.51 -0.60
CA THR B 433 -56.37 -60.55 -1.88
C THR B 433 -55.73 -61.56 -2.84
N ASN C 4 58.86 -4.00 -43.22
CA ASN C 4 60.12 -3.36 -43.53
C ASN C 4 60.08 -2.71 -44.91
N HIS C 5 59.88 -3.53 -45.95
CA HIS C 5 59.78 -2.98 -47.29
C HIS C 5 58.36 -2.47 -47.58
N PHE C 6 57.38 -3.38 -47.63
CA PHE C 6 55.93 -3.12 -47.68
C PHE C 6 55.52 -2.05 -48.70
N ASN C 7 56.33 -1.79 -49.74
CA ASN C 7 56.47 -0.43 -50.28
C ASN C 7 55.15 0.18 -50.76
N ALA C 8 54.57 -0.35 -51.84
CA ALA C 8 53.14 -0.26 -52.12
C ALA C 8 52.58 1.16 -52.27
N TYR C 9 53.42 2.19 -52.16
CA TYR C 9 52.95 3.55 -51.95
C TYR C 9 53.68 4.57 -52.81
N LYS C 10 54.63 4.16 -53.65
CA LYS C 10 55.67 5.03 -54.20
C LYS C 10 55.13 6.22 -54.98
N LEU C 11 53.83 6.24 -55.30
CA LEU C 11 53.25 7.25 -56.16
C LEU C 11 52.00 7.84 -55.53
N THR C 12 52.09 8.20 -54.26
CA THR C 12 50.91 8.56 -53.48
C THR C 12 51.12 9.93 -52.85
N ARG C 13 50.09 10.78 -52.95
CA ARG C 13 50.18 12.17 -52.58
C ARG C 13 48.89 12.60 -51.87
N PRO C 14 48.99 13.33 -50.77
CA PRO C 14 47.78 13.80 -50.08
C PRO C 14 47.05 14.83 -50.90
N TYR C 15 45.86 15.20 -50.40
CA TYR C 15 45.01 16.18 -51.05
C TYR C 15 44.44 17.12 -50.00
N VAL C 16 43.79 18.17 -50.47
CA VAL C 16 42.98 19.03 -49.62
C VAL C 16 41.54 18.98 -50.12
N ALA C 17 40.61 18.70 -49.23
CA ALA C 17 39.20 18.60 -49.57
C ALA C 17 38.40 19.59 -48.75
N TYR C 18 37.08 19.54 -48.92
CA TYR C 18 36.15 20.40 -48.22
C TYR C 18 35.64 19.70 -46.97
N CYS C 19 35.24 20.49 -45.97
CA CYS C 19 34.70 19.93 -44.73
C CYS C 19 33.54 20.79 -44.27
N ALA C 20 32.94 20.41 -43.15
CA ALA C 20 31.75 21.10 -42.66
C ALA C 20 32.02 22.01 -41.47
N ASP C 21 33.14 21.83 -40.77
CA ASP C 21 33.48 22.76 -39.70
C ASP C 21 34.99 22.84 -39.57
N CYS C 22 35.48 24.03 -39.23
CA CYS C 22 36.89 24.36 -39.11
C CYS C 22 37.14 25.11 -37.81
N GLY C 23 36.63 24.58 -36.71
CA GLY C 23 36.52 25.35 -35.48
C GLY C 23 35.13 25.93 -35.30
N MET C 24 34.69 26.81 -36.20
CA MET C 24 33.27 27.16 -36.25
C MET C 24 32.93 27.77 -37.60
N GLY C 25 31.80 27.34 -38.15
CA GLY C 25 31.08 28.10 -39.14
C GLY C 25 31.69 28.13 -40.53
N HIS C 26 32.82 28.81 -40.66
CA HIS C 26 33.47 28.90 -41.95
C HIS C 26 34.07 27.56 -42.30
N SER C 27 33.58 26.98 -43.39
CA SER C 27 33.98 25.63 -43.81
C SER C 27 35.05 25.77 -44.88
N CYS C 28 36.28 25.98 -44.42
CA CYS C 28 37.40 26.09 -45.33
C CYS C 28 37.70 24.74 -45.94
N HIS C 29 38.12 24.75 -47.20
CA HIS C 29 38.66 23.55 -47.81
C HIS C 29 39.95 23.20 -47.09
N SER C 30 39.91 22.15 -46.28
CA SER C 30 40.91 21.92 -45.27
C SER C 30 41.70 20.64 -45.57
N PRO C 31 42.92 20.52 -45.02
CA PRO C 31 43.70 19.31 -45.25
C PRO C 31 43.31 18.17 -44.33
N ALA C 32 42.15 18.26 -43.70
CA ALA C 32 41.71 17.32 -42.68
C ALA C 32 40.37 16.71 -43.04
N MET C 33 40.24 16.24 -44.28
CA MET C 33 39.07 15.49 -44.71
C MET C 33 38.96 14.19 -43.92
N ILE C 34 37.74 13.77 -43.65
CA ILE C 34 37.45 12.44 -43.12
C ILE C 34 36.46 11.78 -44.07
N GLU C 35 36.91 10.69 -44.70
CA GLU C 35 36.07 10.04 -45.70
C GLU C 35 34.87 9.34 -45.05
N ASN C 36 35.12 8.51 -44.05
CA ASN C 36 34.07 7.86 -43.28
C ASN C 36 34.67 7.36 -41.98
N VAL C 37 33.85 6.64 -41.22
CA VAL C 37 34.33 5.94 -40.04
C VAL C 37 33.72 4.54 -40.02
N GLN C 38 34.50 3.54 -40.42
CA GLN C 38 34.02 2.18 -40.38
C GLN C 38 33.98 1.68 -38.94
N ALA C 39 32.84 1.13 -38.53
CA ALA C 39 32.67 0.60 -37.18
C ALA C 39 32.08 -0.80 -37.23
N ASP C 40 32.43 -1.55 -38.27
CA ASP C 40 31.92 -2.89 -38.53
C ASP C 40 32.71 -3.97 -37.81
N ALA C 41 33.45 -3.61 -36.76
CA ALA C 41 34.02 -4.58 -35.85
C ALA C 41 32.99 -4.89 -34.76
N THR C 42 33.41 -5.52 -33.67
CA THR C 42 32.51 -5.75 -32.55
C THR C 42 32.99 -5.26 -31.19
N ASP C 43 34.28 -4.96 -31.01
CA ASP C 43 34.73 -4.58 -29.67
C ASP C 43 34.31 -3.16 -29.32
N GLY C 44 34.33 -2.27 -30.30
CA GLY C 44 34.03 -0.88 -30.07
C GLY C 44 34.97 0.08 -30.78
N THR C 45 36.02 -0.45 -31.40
CA THR C 45 37.01 0.41 -32.01
C THR C 45 36.47 1.06 -33.28
N LEU C 46 37.17 2.09 -33.73
CA LEU C 46 36.80 2.81 -34.95
C LEU C 46 37.99 2.83 -35.88
N LYS C 47 37.74 2.60 -37.16
CA LYS C 47 38.77 2.59 -38.19
C LYS C 47 38.54 3.82 -39.06
N ILE C 48 39.22 4.91 -38.74
CA ILE C 48 38.97 6.22 -39.34
C ILE C 48 39.99 6.45 -40.44
N GLN C 49 39.50 6.82 -41.62
CA GLN C 49 40.34 7.10 -42.78
C GLN C 49 40.23 8.58 -43.11
N PHE C 50 41.35 9.29 -43.06
CA PHE C 50 41.35 10.74 -43.23
C PHE C 50 42.37 11.18 -44.28
N ALA C 51 42.37 12.49 -44.54
CA ALA C 51 43.01 13.05 -45.73
C ALA C 51 44.52 12.82 -45.75
N SER C 52 45.23 13.39 -44.78
CA SER C 52 46.68 13.24 -44.77
C SER C 52 47.05 11.82 -44.38
N GLN C 53 48.26 11.41 -44.75
CA GLN C 53 48.73 10.07 -44.45
C GLN C 53 49.97 10.15 -43.57
N ILE C 54 50.15 9.10 -42.76
CA ILE C 54 51.07 9.12 -41.65
C ILE C 54 51.94 7.88 -41.69
N GLY C 55 53.22 8.04 -41.37
CA GLY C 55 54.18 6.95 -41.34
C GLY C 55 55.27 7.06 -42.38
N LEU C 56 55.01 7.76 -43.48
CA LEU C 56 55.97 7.86 -44.58
C LEU C 56 56.44 9.29 -44.73
N THR C 57 57.75 9.47 -44.90
CA THR C 57 58.33 10.80 -45.02
C THR C 57 58.04 11.35 -46.42
N LYS C 58 58.68 12.46 -46.75
CA LYS C 58 58.43 13.12 -48.03
C LYS C 58 58.72 12.19 -49.20
N THR C 59 59.96 11.75 -49.34
CA THR C 59 60.33 10.88 -50.45
C THR C 59 60.37 9.40 -50.04
N ASP C 60 59.21 8.89 -49.65
CA ASP C 60 58.88 7.46 -49.67
C ASP C 60 59.86 6.61 -48.86
N THR C 61 59.86 6.83 -47.55
CA THR C 61 60.62 5.97 -46.66
C THR C 61 59.85 5.79 -45.36
N HIS C 62 59.94 4.59 -44.80
CA HIS C 62 59.26 4.25 -43.56
C HIS C 62 59.75 5.11 -42.40
N ASP C 63 58.83 5.79 -41.74
CA ASP C 63 59.11 6.57 -40.54
C ASP C 63 58.18 6.10 -39.42
N HIS C 64 58.53 6.45 -38.19
CA HIS C 64 57.71 6.17 -37.02
C HIS C 64 56.94 7.39 -36.55
N THR C 65 57.60 8.53 -36.46
CA THR C 65 57.08 9.68 -35.76
C THR C 65 56.81 10.89 -36.64
N LYS C 66 57.23 10.86 -37.90
CA LYS C 66 56.95 11.96 -38.82
C LYS C 66 55.72 11.63 -39.65
N ILE C 67 54.95 12.66 -39.98
CA ILE C 67 53.73 12.52 -40.75
C ILE C 67 53.84 13.36 -42.01
N ARG C 68 52.98 13.07 -42.98
CA ARG C 68 52.96 13.80 -44.24
C ARG C 68 51.61 14.47 -44.42
N TYR C 69 51.63 15.60 -45.12
CA TYR C 69 50.41 16.36 -45.40
C TYR C 69 50.69 17.27 -46.58
N ALA C 70 49.68 18.05 -46.97
CA ALA C 70 49.77 18.94 -48.11
C ALA C 70 49.41 20.36 -47.69
N GLU C 71 49.95 21.33 -48.43
CA GLU C 71 49.65 22.74 -48.24
C GLU C 71 50.10 23.49 -49.49
N GLY C 72 49.17 24.22 -50.11
CA GLY C 72 49.50 24.97 -51.31
C GLY C 72 50.04 24.11 -52.45
N HIS C 73 49.44 22.94 -52.65
CA HIS C 73 49.83 21.92 -53.62
C HIS C 73 51.34 21.67 -53.65
N ASP C 74 51.98 21.74 -52.49
CA ASP C 74 53.34 21.26 -52.31
C ASP C 74 53.42 20.51 -50.99
N ILE C 75 54.45 19.69 -50.85
CA ILE C 75 54.51 18.66 -49.83
C ILE C 75 55.28 19.18 -48.62
N ALA C 76 54.77 18.89 -47.41
CA ALA C 76 55.45 19.24 -46.17
C ALA C 76 55.20 18.15 -45.15
N GLU C 77 55.79 18.30 -43.97
CA GLU C 77 55.80 17.25 -42.96
C GLU C 77 55.48 17.82 -41.58
N ALA C 78 55.21 16.91 -40.64
CA ALA C 78 54.96 17.25 -39.24
C ALA C 78 55.24 16.01 -38.38
N ALA C 79 54.78 16.03 -37.13
CA ALA C 79 55.05 14.96 -36.18
C ALA C 79 53.77 14.26 -35.76
N ARG C 80 53.90 12.98 -35.38
CA ARG C 80 52.77 12.19 -34.92
C ARG C 80 52.48 12.37 -33.44
N SER C 81 53.52 12.54 -32.63
CA SER C 81 53.33 12.69 -31.18
C SER C 81 52.52 13.92 -30.82
N THR C 82 52.27 14.80 -31.77
CA THR C 82 51.42 15.97 -31.58
C THR C 82 50.13 15.86 -32.39
N LEU C 83 49.59 14.65 -32.49
CA LEU C 83 48.28 14.41 -33.09
C LEU C 83 47.34 13.90 -32.02
N LYS C 84 46.05 14.21 -32.17
CA LYS C 84 45.04 13.85 -31.18
C LYS C 84 43.75 13.45 -31.89
N VAL C 85 43.02 12.53 -31.27
CA VAL C 85 41.70 12.11 -31.73
C VAL C 85 40.80 12.01 -30.52
N HIS C 86 39.57 12.52 -30.63
CA HIS C 86 38.63 12.45 -29.52
C HIS C 86 37.21 12.62 -30.03
N SER C 87 36.26 12.21 -29.20
CA SER C 87 34.84 12.36 -29.51
C SER C 87 34.13 13.33 -28.57
N SER C 88 34.14 13.05 -27.29
CA SER C 88 33.59 13.97 -26.30
C SER C 88 34.66 14.17 -25.24
N SER C 89 35.42 13.11 -24.99
CA SER C 89 36.58 13.16 -24.14
C SER C 89 37.77 12.66 -24.95
N GLU C 90 38.97 13.09 -24.54
CA GLU C 90 40.17 12.68 -25.24
C GLU C 90 40.38 11.18 -25.09
N CYS C 91 40.37 10.48 -26.22
CA CYS C 91 40.58 9.04 -26.26
C CYS C 91 41.89 8.73 -26.97
N ALA C 92 42.57 7.70 -26.50
CA ALA C 92 43.91 7.40 -26.97
C ALA C 92 43.87 6.66 -28.30
N VAL C 93 44.81 7.00 -29.17
CA VAL C 93 45.01 6.23 -30.39
C VAL C 93 45.63 4.89 -30.05
N THR C 94 45.30 3.88 -30.84
CA THR C 94 45.83 2.54 -30.63
C THR C 94 46.65 2.04 -31.80
N GLY C 95 46.67 2.74 -32.92
CA GLY C 95 47.45 2.32 -34.05
C GLY C 95 47.48 3.37 -35.14
N THR C 96 48.66 3.60 -35.70
CA THR C 96 48.84 4.59 -36.76
C THR C 96 49.63 3.93 -37.87
N MET C 97 49.04 3.86 -39.05
CA MET C 97 49.70 3.20 -40.17
C MET C 97 49.17 3.77 -41.47
N GLY C 98 50.09 4.18 -42.34
CA GLY C 98 49.76 4.57 -43.68
C GLY C 98 48.79 5.73 -43.77
N HIS C 99 47.58 5.42 -44.22
CA HIS C 99 46.57 6.44 -44.49
C HIS C 99 45.44 6.42 -43.48
N PHE C 100 45.44 5.48 -42.54
CA PHE C 100 44.27 5.18 -41.72
C PHE C 100 44.58 5.36 -40.24
N ILE C 101 43.61 5.93 -39.52
CA ILE C 101 43.67 6.11 -38.08
C ILE C 101 42.91 4.95 -37.42
N LEU C 102 43.40 4.50 -36.28
CA LEU C 102 42.78 3.40 -35.54
C LEU C 102 42.73 3.75 -34.06
N ALA C 103 41.55 3.67 -33.45
CA ALA C 103 41.41 4.08 -32.06
C ALA C 103 40.24 3.37 -31.41
N LYS C 104 40.21 3.49 -30.08
CA LYS C 104 39.07 3.11 -29.24
C LYS C 104 38.68 4.35 -28.45
N CYS C 105 37.38 4.58 -28.27
CA CYS C 105 36.96 5.90 -27.84
C CYS C 105 35.62 5.79 -27.13
N PRO C 106 35.37 6.64 -26.13
CA PRO C 106 34.09 6.59 -25.42
C PRO C 106 32.96 7.11 -26.27
N PRO C 107 31.70 6.99 -25.82
CA PRO C 107 30.57 7.43 -26.67
C PRO C 107 30.52 8.93 -26.90
N GLY C 108 29.52 9.35 -27.65
CA GLY C 108 29.40 10.72 -28.06
C GLY C 108 28.68 10.79 -29.40
N GLU C 109 28.62 11.99 -29.95
CA GLU C 109 27.94 12.19 -31.23
C GLU C 109 28.79 12.90 -32.27
N VAL C 110 30.09 13.07 -32.02
CA VAL C 110 31.00 13.70 -32.97
C VAL C 110 32.33 12.98 -32.90
N ILE C 111 33.04 12.90 -34.03
CA ILE C 111 34.40 12.41 -34.06
C ILE C 111 35.27 13.46 -34.76
N SER C 112 36.54 13.52 -34.37
CA SER C 112 37.40 14.61 -34.82
C SER C 112 38.86 14.19 -34.75
N VAL C 113 39.66 14.78 -35.64
CA VAL C 113 41.10 14.57 -35.64
C VAL C 113 41.80 15.90 -35.81
N SER C 114 42.98 16.02 -35.20
CA SER C 114 43.74 17.25 -35.29
C SER C 114 45.22 16.97 -35.05
N PHE C 115 46.03 17.95 -35.44
CA PHE C 115 47.49 17.90 -35.37
C PHE C 115 48.00 19.31 -35.64
N VAL C 116 49.23 19.57 -35.27
CA VAL C 116 49.75 20.93 -35.40
C VAL C 116 50.46 21.08 -36.73
N ASP C 117 50.43 22.29 -37.26
CA ASP C 117 50.97 22.62 -38.57
C ASP C 117 52.44 23.00 -38.46
N SER C 118 53.14 22.89 -39.59
CA SER C 118 54.51 23.37 -39.67
C SER C 118 54.61 24.88 -39.61
N LYS C 119 53.49 25.59 -39.63
CA LYS C 119 53.44 27.01 -39.28
C LYS C 119 52.97 27.21 -37.85
N ASN C 120 53.04 26.15 -37.03
CA ASN C 120 52.68 26.20 -35.61
C ASN C 120 51.22 26.64 -35.41
N GLU C 121 50.31 25.82 -35.92
CA GLU C 121 48.88 26.08 -35.75
C GLU C 121 48.16 24.87 -35.17
N GLN C 122 46.83 24.92 -35.13
CA GLN C 122 46.01 23.92 -34.43
C GLN C 122 44.82 23.48 -35.28
N ARG C 123 45.07 23.12 -36.54
CA ARG C 123 43.99 22.78 -37.44
C ARG C 123 43.25 21.52 -36.98
N THR C 124 41.93 21.65 -36.84
CA THR C 124 41.04 20.57 -36.43
C THR C 124 40.03 20.31 -37.53
N CYS C 125 39.18 19.30 -37.31
CA CYS C 125 38.04 19.05 -38.18
C CYS C 125 37.06 18.12 -37.47
N ARG C 126 35.78 18.48 -37.48
CA ARG C 126 34.73 17.69 -36.88
C ARG C 126 33.72 17.27 -37.94
N ILE C 127 33.06 16.15 -37.67
CA ILE C 127 32.12 15.56 -38.61
C ILE C 127 31.07 14.78 -37.82
N ALA C 128 29.82 14.90 -38.24
CA ALA C 128 28.75 14.24 -37.52
C ALA C 128 28.83 12.73 -37.71
N TYR C 129 28.73 12.00 -36.61
CA TYR C 129 28.69 10.55 -36.62
C TYR C 129 28.25 10.08 -35.25
N HIS C 130 27.38 9.08 -35.22
CA HIS C 130 26.87 8.55 -33.95
C HIS C 130 27.62 7.28 -33.59
N HIS C 131 28.25 7.27 -32.42
CA HIS C 131 28.96 6.10 -31.92
C HIS C 131 28.39 5.78 -30.55
N GLU C 132 27.58 4.73 -30.49
CA GLU C 132 26.97 4.27 -29.25
C GLU C 132 27.67 2.98 -28.83
N GLN C 133 27.85 2.80 -27.54
CA GLN C 133 28.56 1.63 -27.01
C GLN C 133 27.83 0.34 -27.36
N ARG C 134 28.40 -0.45 -28.25
CA ARG C 134 27.81 -1.73 -28.64
C ARG C 134 28.26 -2.79 -27.66
N LEU C 135 27.31 -3.55 -27.16
CA LEU C 135 27.52 -4.44 -26.02
C LEU C 135 27.64 -5.88 -26.44
N ILE C 136 28.40 -6.64 -25.66
CA ILE C 136 28.67 -8.04 -25.89
C ILE C 136 28.42 -8.79 -24.59
N GLY C 137 27.79 -9.95 -24.68
CA GLY C 137 27.33 -10.63 -23.50
C GLY C 137 26.11 -9.93 -22.91
N ARG C 138 25.65 -10.48 -21.80
CA ARG C 138 24.40 -10.02 -21.18
C ARG C 138 24.64 -9.01 -20.08
N GLU C 139 25.71 -8.22 -20.18
CA GLU C 139 26.02 -7.20 -19.18
C GLU C 139 26.09 -5.84 -19.86
N ARG C 140 26.37 -4.81 -19.05
CA ARG C 140 26.40 -3.43 -19.52
C ARG C 140 27.66 -2.70 -19.03
N PHE C 141 28.80 -3.37 -19.07
CA PHE C 141 30.01 -2.80 -18.49
C PHE C 141 30.59 -1.70 -19.38
N THR C 142 31.68 -1.11 -18.90
CA THR C 142 32.49 -0.20 -19.71
C THR C 142 33.98 -0.49 -19.65
N VAL C 143 34.47 -1.23 -18.67
CA VAL C 143 35.90 -1.50 -18.50
C VAL C 143 36.11 -2.98 -18.26
N ARG C 144 37.14 -3.53 -18.89
CA ARG C 144 37.48 -4.94 -18.77
C ARG C 144 37.84 -5.30 -17.33
N PRO C 145 37.05 -6.12 -16.66
CA PRO C 145 37.32 -6.45 -15.26
C PRO C 145 38.45 -7.46 -15.15
N HIS C 146 38.78 -7.83 -13.92
CA HIS C 146 39.89 -8.73 -13.65
C HIS C 146 39.46 -10.17 -13.37
N HIS C 147 38.32 -10.38 -12.74
CA HIS C 147 37.79 -11.72 -12.50
C HIS C 147 36.56 -11.94 -13.37
N GLY C 148 36.43 -13.13 -13.93
CA GLY C 148 35.19 -13.51 -14.57
C GLY C 148 35.44 -14.37 -15.79
N ILE C 149 34.45 -14.39 -16.66
CA ILE C 149 34.45 -15.28 -17.82
C ILE C 149 34.64 -14.43 -19.06
N GLU C 150 34.81 -15.08 -20.21
CA GLU C 150 35.07 -14.40 -21.47
C GLU C 150 34.13 -14.95 -22.54
N LEU C 151 34.05 -14.24 -23.66
CA LEU C 151 33.08 -14.54 -24.70
C LEU C 151 33.69 -14.21 -26.06
N PRO C 152 33.21 -14.84 -27.13
CA PRO C 152 33.80 -14.59 -28.45
C PRO C 152 33.46 -13.21 -28.98
N CYS C 153 34.42 -12.61 -29.69
CA CYS C 153 34.28 -11.26 -30.22
C CYS C 153 35.34 -11.01 -31.27
N THR C 154 35.01 -10.13 -32.21
CA THR C 154 35.90 -9.78 -33.32
C THR C 154 36.55 -8.42 -33.07
N THR C 155 37.80 -8.29 -33.53
CA THR C 155 38.55 -7.05 -33.37
C THR C 155 39.59 -6.94 -34.48
N TYR C 156 40.31 -5.81 -34.48
CA TYR C 156 41.30 -5.53 -35.51
C TYR C 156 42.69 -5.93 -35.03
N GLN C 157 43.52 -6.40 -35.97
CA GLN C 157 44.87 -6.85 -35.68
C GLN C 157 45.87 -5.86 -36.23
N LEU C 158 46.96 -5.66 -35.51
CA LEU C 158 47.97 -4.66 -35.85
C LEU C 158 48.94 -5.11 -36.92
N THR C 159 48.64 -6.19 -37.65
CA THR C 159 49.50 -6.63 -38.75
C THR C 159 49.43 -5.59 -39.87
N THR C 160 50.52 -4.86 -40.07
CA THR C 160 50.53 -3.71 -40.96
C THR C 160 50.92 -4.08 -42.39
N ALA C 161 50.79 -5.35 -42.78
CA ALA C 161 51.00 -5.75 -44.17
C ALA C 161 50.17 -7.00 -44.42
N GLU C 162 48.99 -6.82 -45.01
CA GLU C 162 48.10 -7.93 -45.29
C GLU C 162 47.13 -7.53 -46.39
N THR C 163 46.72 -8.51 -47.17
CA THR C 163 46.07 -8.35 -48.46
C THR C 163 44.55 -8.44 -48.37
N SER C 164 43.91 -8.54 -49.54
CA SER C 164 42.50 -8.90 -49.78
C SER C 164 41.51 -7.80 -49.46
N GLU C 165 41.92 -6.53 -49.48
CA GLU C 165 40.99 -5.42 -49.41
C GLU C 165 41.69 -4.16 -49.90
N GLU C 166 40.93 -3.29 -50.56
CA GLU C 166 41.57 -2.20 -51.31
C GLU C 166 40.57 -1.10 -51.64
N ILE C 167 41.13 0.08 -51.91
CA ILE C 167 40.44 1.17 -52.59
C ILE C 167 41.22 1.47 -53.87
N ASP C 168 40.60 2.23 -54.75
CA ASP C 168 41.25 2.56 -56.02
C ASP C 168 41.96 3.91 -55.93
N MET C 169 42.78 4.18 -56.94
CA MET C 169 43.56 5.40 -57.01
C MET C 169 43.46 6.02 -58.40
N HIS C 170 43.42 7.34 -58.44
CA HIS C 170 43.43 8.10 -59.69
C HIS C 170 44.47 9.20 -59.62
N MET C 171 44.49 10.07 -60.63
CA MET C 171 45.43 11.17 -60.67
C MET C 171 44.69 12.49 -60.60
N PRO C 172 45.30 13.52 -60.01
CA PRO C 172 44.63 14.83 -59.92
C PRO C 172 44.35 15.38 -61.30
N PRO C 173 43.12 15.83 -61.54
CA PRO C 173 42.73 16.22 -62.90
C PRO C 173 43.50 17.40 -63.47
N ASP C 174 43.43 18.52 -62.76
CA ASP C 174 44.10 19.77 -63.05
C ASP C 174 43.78 20.69 -61.90
N ILE C 175 44.64 21.65 -61.60
CA ILE C 175 44.48 22.46 -60.40
C ILE C 175 44.30 23.91 -60.82
N PRO C 176 43.12 24.48 -60.60
CA PRO C 176 42.88 25.87 -61.01
C PRO C 176 43.67 26.85 -60.16
N ASP C 177 44.09 27.93 -60.79
CA ASP C 177 44.64 29.09 -60.10
C ASP C 177 44.45 30.31 -60.97
N ARG C 178 44.34 31.45 -60.31
CA ARG C 178 44.53 32.75 -60.93
C ARG C 178 45.82 33.40 -60.47
N THR C 179 46.49 32.79 -59.48
CA THR C 179 47.66 33.38 -58.82
C THR C 179 48.96 32.94 -59.51
N ILE C 180 49.01 33.26 -60.79
CA ILE C 180 50.20 33.07 -61.61
C ILE C 180 50.79 34.44 -61.90
N LEU C 181 52.12 34.52 -62.02
CA LEU C 181 52.80 35.82 -62.14
C LEU C 181 52.55 36.39 -63.53
N SER C 182 51.32 36.90 -63.72
CA SER C 182 50.80 37.35 -65.01
C SER C 182 50.24 38.76 -64.87
N GLN C 183 51.08 39.77 -65.08
CA GLN C 183 50.62 41.14 -64.91
C GLN C 183 51.46 42.08 -65.75
N GLN C 184 50.80 42.83 -66.64
CA GLN C 184 51.36 44.01 -67.28
C GLN C 184 50.23 45.01 -67.48
N SER C 185 50.61 46.20 -67.97
CA SER C 185 49.65 47.31 -68.06
C SER C 185 48.50 47.01 -69.00
N GLY C 186 48.76 46.28 -70.09
CA GLY C 186 47.70 45.84 -70.97
C GLY C 186 47.99 44.44 -71.45
N ASN C 187 48.90 43.77 -70.73
CA ASN C 187 49.45 42.50 -71.16
C ASN C 187 49.55 41.58 -69.95
N VAL C 188 49.89 40.32 -70.22
CA VAL C 188 50.10 39.33 -69.18
C VAL C 188 51.40 38.58 -69.46
N LYS C 189 52.07 38.16 -68.40
CA LYS C 189 53.37 37.51 -68.45
C LYS C 189 53.20 36.06 -67.99
N ILE C 190 53.67 35.10 -68.78
CA ILE C 190 52.99 33.82 -68.82
C ILE C 190 53.85 32.65 -68.33
N THR C 191 54.70 32.89 -67.32
CA THR C 191 54.85 31.92 -66.21
C THR C 191 55.82 32.46 -65.16
N VAL C 192 55.66 31.94 -63.95
CA VAL C 192 56.73 31.64 -62.99
C VAL C 192 56.33 30.33 -62.32
N ASN C 193 57.13 29.29 -62.55
CA ASN C 193 56.78 27.96 -62.06
C ASN C 193 58.00 27.06 -62.19
N GLY C 194 57.88 25.86 -61.63
CA GLY C 194 58.90 24.85 -61.78
C GLY C 194 58.36 23.60 -62.45
N ARG C 195 57.07 23.55 -62.71
CA ARG C 195 56.41 22.36 -63.23
C ARG C 195 55.71 22.66 -64.55
N THR C 196 55.05 21.64 -65.09
CA THR C 196 54.29 21.77 -66.33
C THR C 196 52.99 22.52 -66.05
N VAL C 197 52.54 23.31 -67.04
CA VAL C 197 51.34 24.13 -66.90
C VAL C 197 50.57 24.10 -68.22
N LYS C 198 49.24 24.06 -68.12
CA LYS C 198 48.33 24.29 -69.24
C LYS C 198 47.57 25.60 -69.03
N TYR C 199 47.70 26.52 -69.98
CA TYR C 199 47.01 27.79 -69.96
C TYR C 199 45.83 27.76 -70.93
N SER C 200 44.82 28.58 -70.64
CA SER C 200 43.66 28.72 -71.50
C SER C 200 43.04 30.09 -71.27
N CYS C 201 42.40 30.61 -72.30
CA CYS C 201 41.76 31.93 -72.29
C CYS C 201 40.59 31.95 -73.25
N SER C 202 40.02 33.15 -73.45
CA SER C 202 38.94 33.35 -74.41
C SER C 202 39.15 34.57 -75.30
N CYS C 203 40.25 35.31 -75.12
CA CYS C 203 40.64 36.31 -76.11
C CYS C 203 41.18 35.55 -77.33
N GLY C 204 40.33 35.34 -78.33
CA GLY C 204 40.62 34.28 -79.26
C GLY C 204 41.56 34.66 -80.38
N SER C 205 42.85 34.38 -80.14
CA SER C 205 43.90 34.41 -81.16
C SER C 205 44.82 33.21 -81.09
N LYS C 206 44.91 32.53 -79.96
CA LYS C 206 45.75 31.36 -79.74
C LYS C 206 45.07 30.39 -78.81
N PRO C 207 45.01 29.10 -79.16
CA PRO C 207 44.32 28.14 -78.30
C PRO C 207 45.11 27.78 -77.05
N SER C 208 44.60 26.81 -76.30
CA SER C 208 45.33 26.32 -75.14
C SER C 208 46.58 25.56 -75.57
N GLY C 209 47.52 25.45 -74.64
CA GLY C 209 48.79 24.80 -74.90
C GLY C 209 49.42 24.35 -73.60
N THR C 210 50.60 23.77 -73.73
CA THR C 210 51.25 23.09 -72.62
C THR C 210 52.61 23.69 -72.37
N THR C 211 52.66 25.02 -72.30
CA THR C 211 53.91 25.76 -72.18
C THR C 211 54.50 25.58 -70.79
N THR C 212 55.82 25.73 -70.72
CA THR C 212 56.55 25.75 -69.46
C THR C 212 57.42 26.98 -69.27
N THR C 213 57.77 27.70 -70.34
CA THR C 213 58.49 28.96 -70.24
C THR C 213 57.50 30.11 -70.33
N ASP C 214 58.00 31.30 -70.02
CA ASP C 214 57.16 32.48 -69.99
C ASP C 214 56.72 32.86 -71.39
N LYS C 215 55.58 33.57 -71.46
CA LYS C 215 55.08 34.11 -72.70
C LYS C 215 54.47 35.47 -72.41
N THR C 216 53.90 36.09 -73.45
CA THR C 216 53.12 37.31 -73.32
C THR C 216 51.93 37.19 -74.24
N ILE C 217 50.75 37.62 -73.78
CA ILE C 217 49.57 37.49 -74.60
C ILE C 217 49.05 38.87 -75.00
N ASN C 218 49.68 39.91 -74.47
CA ASN C 218 49.78 41.24 -75.08
C ASN C 218 48.43 41.95 -75.24
N SER C 219 47.33 41.34 -74.80
CA SER C 219 46.05 41.84 -75.28
C SER C 219 45.08 42.32 -74.20
N CYS C 220 44.85 41.52 -73.17
CA CYS C 220 43.63 41.62 -72.40
C CYS C 220 43.94 41.79 -70.92
N THR C 221 42.95 42.33 -70.19
CA THR C 221 43.05 42.40 -68.74
C THR C 221 43.00 41.00 -68.15
N VAL C 222 43.44 40.89 -66.89
CA VAL C 222 43.71 39.59 -66.29
C VAL C 222 42.47 38.80 -65.95
N ASP C 223 41.29 39.42 -65.90
CA ASP C 223 40.07 38.65 -65.64
C ASP C 223 39.49 38.08 -66.93
N LYS C 224 40.35 37.44 -67.72
CA LYS C 224 39.96 36.66 -68.89
C LYS C 224 40.62 35.28 -68.92
N CYS C 225 41.87 35.18 -68.51
CA CYS C 225 42.63 33.94 -68.58
C CYS C 225 42.65 33.29 -67.20
N GLN C 226 42.57 31.96 -67.18
CA GLN C 226 42.77 31.19 -65.97
C GLN C 226 43.73 30.05 -66.28
N ALA C 227 44.62 29.77 -65.33
CA ALA C 227 45.69 28.81 -65.54
C ALA C 227 45.41 27.53 -64.77
N TYR C 228 46.20 26.50 -65.10
CA TYR C 228 46.04 25.18 -64.51
C TYR C 228 47.38 24.48 -64.39
N VAL C 229 47.59 23.81 -63.25
CA VAL C 229 48.60 22.77 -63.16
C VAL C 229 48.10 21.55 -63.93
N THR C 230 49.02 20.77 -64.49
CA THR C 230 48.69 19.74 -65.46
C THR C 230 49.52 18.50 -65.14
N SER C 231 49.61 17.60 -66.13
CA SER C 231 49.67 16.15 -65.95
C SER C 231 50.66 15.70 -64.87
N HIS C 232 50.33 14.55 -64.30
CA HIS C 232 50.65 14.18 -62.93
C HIS C 232 52.10 13.76 -62.77
N THR C 233 52.50 13.66 -61.50
CA THR C 233 53.69 12.95 -61.08
C THR C 233 53.38 11.73 -60.23
N LYS C 234 52.22 11.70 -59.56
CA LYS C 234 51.87 10.67 -58.60
C LYS C 234 50.38 10.37 -58.78
N TRP C 235 49.80 9.71 -57.80
CA TRP C 235 48.39 9.38 -57.81
C TRP C 235 47.68 9.96 -56.59
N GLN C 236 46.34 9.94 -56.62
CA GLN C 236 45.51 10.40 -55.53
C GLN C 236 44.39 9.39 -55.32
N PHE C 237 43.53 9.68 -54.35
CA PHE C 237 42.38 8.85 -54.01
C PHE C 237 41.11 9.46 -54.61
N ASN C 238 40.24 8.60 -55.13
CA ASN C 238 39.01 9.04 -55.77
C ASN C 238 37.98 9.48 -54.74
N SER C 239 38.36 10.49 -53.96
CA SER C 239 37.44 11.04 -52.98
C SER C 239 36.32 11.78 -53.70
N PRO C 240 35.09 11.69 -53.19
CA PRO C 240 33.95 12.28 -53.89
C PRO C 240 33.87 13.79 -53.82
N PHE C 241 34.92 14.47 -53.34
CA PHE C 241 34.88 15.91 -53.15
C PHE C 241 35.77 16.68 -54.11
N VAL C 242 36.56 16.00 -54.93
CA VAL C 242 37.36 16.67 -55.97
C VAL C 242 37.04 16.01 -57.30
N PRO C 243 36.83 16.78 -58.37
CA PRO C 243 36.48 16.18 -59.66
C PRO C 243 37.61 15.35 -60.29
N ARG C 244 37.35 14.77 -61.45
CA ARG C 244 38.32 13.94 -62.15
C ARG C 244 38.49 14.45 -63.57
N ALA C 245 39.60 14.06 -64.19
CA ALA C 245 39.86 14.37 -65.59
C ALA C 245 39.37 13.23 -66.47
N GLU C 246 39.45 13.44 -67.78
CA GLU C 246 39.01 12.44 -68.74
C GLU C 246 40.07 11.36 -68.95
N GLN C 247 40.38 10.69 -67.84
CA GLN C 247 41.21 9.48 -67.82
C GLN C 247 40.60 8.46 -66.88
N ALA C 248 39.28 8.27 -66.97
CA ALA C 248 38.53 7.60 -65.91
C ALA C 248 38.92 6.14 -65.89
N GLU C 249 39.82 5.79 -64.96
CA GLU C 249 40.45 4.48 -64.91
C GLU C 249 40.54 4.04 -63.46
N ARG C 250 41.29 2.98 -63.24
CA ARG C 250 41.54 2.40 -61.93
C ARG C 250 43.02 2.09 -61.77
N LYS C 251 43.86 3.10 -62.10
CA LYS C 251 45.29 2.89 -62.27
C LYS C 251 45.95 2.30 -61.03
N GLY C 252 45.72 2.91 -59.87
CA GLY C 252 46.33 2.42 -58.65
C GLY C 252 45.36 1.77 -57.68
N LYS C 253 45.89 0.94 -56.79
CA LYS C 253 45.10 0.35 -55.71
C LYS C 253 46.03 -0.02 -54.57
N VAL C 254 45.48 -0.03 -53.36
CA VAL C 254 46.27 0.03 -52.13
C VAL C 254 45.59 -0.78 -51.03
N HIS C 255 46.41 -1.48 -50.23
CA HIS C 255 45.95 -2.27 -49.08
C HIS C 255 44.94 -1.53 -48.22
N ILE C 256 43.98 -2.28 -47.70
CA ILE C 256 43.24 -1.89 -46.50
C ILE C 256 43.83 -2.72 -45.36
N PRO C 257 44.65 -2.15 -44.51
CA PRO C 257 45.26 -2.94 -43.45
C PRO C 257 44.30 -3.36 -42.35
N PHE C 258 44.82 -4.09 -41.36
CA PHE C 258 44.12 -4.55 -40.16
C PHE C 258 42.89 -5.39 -40.47
N PRO C 259 43.05 -6.59 -41.03
CA PRO C 259 41.87 -7.44 -41.25
C PRO C 259 41.36 -8.00 -39.92
N LEU C 260 40.05 -7.97 -39.74
CA LEU C 260 39.46 -8.38 -38.48
C LEU C 260 39.43 -9.91 -38.37
N ILE C 261 39.65 -10.42 -37.15
CA ILE C 261 39.77 -11.85 -36.90
C ILE C 261 39.09 -12.22 -35.58
N ASN C 262 38.71 -13.49 -35.47
CA ASN C 262 38.10 -14.01 -34.26
C ASN C 262 39.05 -13.90 -33.08
N THR C 263 38.52 -13.47 -31.93
CA THR C 263 39.27 -13.39 -30.69
C THR C 263 38.30 -13.65 -29.53
N THR C 264 38.81 -13.49 -28.32
CA THR C 264 38.02 -13.51 -27.10
C THR C 264 38.03 -12.13 -26.46
N CYS C 265 37.18 -11.96 -25.47
CA CYS C 265 37.06 -10.72 -24.72
C CYS C 265 36.43 -10.99 -23.37
N ARG C 266 36.98 -10.37 -22.33
CA ARG C 266 36.48 -10.60 -20.99
C ARG C 266 35.20 -9.82 -20.74
N VAL C 267 34.46 -10.27 -19.74
CA VAL C 267 33.13 -9.71 -19.42
C VAL C 267 32.85 -9.98 -17.94
N PRO C 268 32.30 -9.02 -17.19
CA PRO C 268 32.12 -9.23 -15.76
C PRO C 268 30.95 -10.15 -15.46
N LEU C 269 31.19 -11.10 -14.57
CA LEU C 269 30.14 -11.91 -14.02
C LEU C 269 29.34 -11.10 -13.00
N ALA C 270 28.12 -11.54 -12.74
CA ALA C 270 27.25 -10.81 -11.83
C ALA C 270 27.11 -11.56 -10.51
N PRO C 271 26.80 -10.85 -9.42
CA PRO C 271 26.64 -11.51 -8.12
C PRO C 271 25.48 -12.48 -8.13
N GLU C 272 25.43 -13.31 -7.09
CA GLU C 272 24.46 -14.39 -7.08
C GLU C 272 23.08 -13.90 -6.66
N ALA C 273 22.10 -14.77 -6.83
CA ALA C 273 20.72 -14.49 -6.47
C ALA C 273 20.23 -15.58 -5.54
N LEU C 274 19.88 -15.20 -4.31
CA LEU C 274 19.45 -16.17 -3.32
C LEU C 274 17.95 -16.40 -3.45
N VAL C 275 17.56 -17.62 -3.75
CA VAL C 275 16.16 -17.91 -3.99
C VAL C 275 15.45 -18.17 -2.67
N ARG C 276 14.15 -17.94 -2.65
CA ARG C 276 13.30 -18.25 -1.51
C ARG C 276 12.11 -19.03 -2.02
N SER C 277 11.81 -20.15 -1.36
CA SER C 277 11.08 -21.23 -2.01
C SER C 277 9.66 -21.30 -1.42
N GLY C 278 8.72 -20.62 -2.10
CA GLY C 278 7.33 -20.68 -1.69
C GLY C 278 6.55 -21.77 -2.42
N LYS C 279 5.30 -21.94 -2.01
CA LYS C 279 4.41 -22.92 -2.63
C LYS C 279 4.12 -22.55 -4.09
N ARG C 280 4.63 -23.35 -5.01
CA ARG C 280 4.47 -23.21 -6.46
C ARG C 280 5.02 -21.89 -7.00
N GLU C 281 5.71 -21.11 -6.20
CA GLU C 281 6.23 -19.81 -6.61
C GLU C 281 7.59 -19.61 -5.97
N ALA C 282 8.58 -19.27 -6.77
CA ALA C 282 9.94 -19.05 -6.29
C ALA C 282 10.33 -17.60 -6.51
N THR C 283 10.78 -16.94 -5.46
CA THR C 283 11.16 -15.53 -5.51
C THR C 283 12.67 -15.41 -5.40
N LEU C 284 13.27 -14.76 -6.39
CA LEU C 284 14.72 -14.54 -6.41
C LEU C 284 14.99 -13.05 -6.44
N SER C 285 15.85 -12.59 -5.52
CA SER C 285 16.08 -11.17 -5.28
C SER C 285 17.47 -10.80 -5.74
N LEU C 286 17.57 -9.81 -6.61
CA LEU C 286 18.81 -9.47 -7.30
C LEU C 286 19.48 -8.28 -6.65
N HIS C 287 20.80 -8.30 -6.62
CA HIS C 287 21.54 -7.08 -6.27
C HIS C 287 22.48 -6.74 -7.42
N PRO C 288 22.00 -6.03 -8.43
CA PRO C 288 22.85 -5.75 -9.60
C PRO C 288 23.81 -4.60 -9.35
N ILE C 289 25.05 -4.81 -9.76
CA ILE C 289 26.04 -3.74 -9.72
C ILE C 289 26.07 -2.96 -11.04
N HIS C 290 25.67 -3.60 -12.12
CA HIS C 290 25.48 -2.99 -13.42
C HIS C 290 24.08 -3.34 -13.89
N PRO C 291 23.50 -2.54 -14.78
CA PRO C 291 22.23 -2.96 -15.40
C PRO C 291 22.41 -4.24 -16.19
N THR C 292 21.57 -5.24 -15.89
CA THR C 292 21.72 -6.58 -16.48
C THR C 292 20.40 -7.10 -17.00
N LEU C 293 20.33 -8.39 -17.36
CA LEU C 293 19.12 -8.97 -17.95
C LEU C 293 18.73 -10.24 -17.23
N LEU C 294 17.42 -10.43 -17.08
CA LEU C 294 16.85 -11.66 -16.54
C LEU C 294 16.05 -12.34 -17.63
N SER C 295 16.17 -13.67 -17.71
CA SER C 295 15.43 -14.43 -18.70
C SER C 295 14.96 -15.73 -18.09
N TYR C 296 13.73 -16.12 -18.40
CA TYR C 296 13.19 -17.34 -17.84
C TYR C 296 12.07 -17.83 -18.75
N ARG C 297 11.76 -19.11 -18.62
CA ARG C 297 10.66 -19.71 -19.36
C ARG C 297 10.13 -20.88 -18.57
N THR C 298 8.88 -21.23 -18.80
CA THR C 298 8.36 -22.49 -18.28
C THR C 298 8.93 -23.64 -19.10
N LEU C 299 8.51 -24.86 -18.77
CA LEU C 299 9.05 -26.06 -19.41
C LEU C 299 8.02 -26.87 -20.18
N GLY C 300 6.74 -26.64 -19.96
CA GLY C 300 5.73 -27.52 -20.48
C GLY C 300 5.43 -27.30 -21.94
N ARG C 301 4.35 -27.94 -22.40
CA ARG C 301 3.85 -27.71 -23.75
C ARG C 301 3.46 -26.25 -23.93
N GLU C 302 2.92 -25.63 -22.89
CA GLU C 302 2.55 -24.23 -22.97
C GLU C 302 3.73 -23.36 -22.57
N PRO C 303 4.20 -22.51 -23.43
CA PRO C 303 5.56 -21.99 -23.31
C PRO C 303 5.77 -20.79 -22.42
N VAL C 304 4.83 -20.48 -21.51
CA VAL C 304 4.71 -19.18 -20.82
C VAL C 304 6.05 -18.65 -20.35
N PHE C 305 6.36 -17.41 -20.71
CA PHE C 305 7.73 -16.92 -20.70
C PHE C 305 7.74 -15.41 -20.64
N ASP C 306 8.87 -14.87 -20.21
CA ASP C 306 9.05 -13.43 -20.10
C ASP C 306 10.54 -13.15 -19.93
N GLU C 307 10.90 -11.87 -19.99
CA GLU C 307 12.25 -11.43 -19.70
C GLU C 307 12.22 -9.95 -19.35
N GLN C 308 13.19 -9.52 -18.55
CA GLN C 308 13.12 -8.21 -17.94
C GLN C 308 14.51 -7.61 -17.83
N TRP C 309 14.58 -6.29 -17.92
CA TRP C 309 15.78 -5.55 -17.61
C TRP C 309 15.75 -5.11 -16.16
N ILE C 310 16.89 -5.18 -15.50
CA ILE C 310 17.00 -4.95 -14.07
C ILE C 310 18.04 -3.86 -13.83
N THR C 311 17.69 -2.86 -13.03
CA THR C 311 18.57 -1.74 -12.77
C THR C 311 18.96 -1.63 -11.30
N THR C 312 18.00 -1.74 -10.40
CA THR C 312 18.24 -1.58 -8.97
C THR C 312 17.70 -2.77 -8.19
N GLN C 313 17.74 -2.65 -6.87
CA GLN C 313 17.28 -3.70 -5.98
C GLN C 313 15.79 -3.94 -6.15
N THR C 314 15.41 -5.14 -6.57
CA THR C 314 14.02 -5.47 -6.88
C THR C 314 13.84 -6.97 -6.78
N GLU C 315 12.65 -7.38 -6.35
CA GLU C 315 12.28 -8.80 -6.35
C GLU C 315 11.48 -9.15 -7.59
N VAL C 316 11.63 -10.39 -8.04
CA VAL C 316 10.86 -10.92 -9.16
C VAL C 316 10.30 -12.28 -8.75
N THR C 317 9.03 -12.51 -9.05
CA THR C 317 8.33 -13.71 -8.62
C THR C 317 7.96 -14.52 -9.86
N ILE C 318 8.70 -15.59 -10.12
CA ILE C 318 8.44 -16.43 -11.29
C ILE C 318 7.68 -17.68 -10.87
N PRO C 319 6.76 -18.18 -11.69
CA PRO C 319 6.02 -19.38 -11.32
C PRO C 319 6.89 -20.62 -11.45
N VAL C 320 6.46 -21.69 -10.78
CA VAL C 320 7.10 -22.99 -10.90
C VAL C 320 6.02 -24.08 -10.92
N PRO C 321 5.63 -24.59 -12.07
CA PRO C 321 4.72 -25.73 -12.13
C PRO C 321 5.48 -27.04 -11.96
N VAL C 322 4.76 -28.15 -12.09
CA VAL C 322 5.39 -29.45 -11.99
C VAL C 322 6.23 -29.77 -13.21
N GLU C 323 5.96 -29.12 -14.34
CA GLU C 323 6.72 -29.43 -15.54
C GLU C 323 8.14 -28.86 -15.49
N GLY C 324 8.40 -27.92 -14.61
CA GLY C 324 9.74 -27.37 -14.45
C GLY C 324 9.83 -25.94 -14.96
N VAL C 325 10.89 -25.26 -14.53
CA VAL C 325 11.17 -23.88 -14.91
C VAL C 325 12.68 -23.70 -15.02
N GLU C 326 13.13 -23.16 -16.16
CA GLU C 326 14.51 -22.78 -16.34
C GLU C 326 14.61 -21.26 -16.40
N TYR C 327 15.73 -20.73 -15.90
CA TYR C 327 15.98 -19.31 -15.91
C TYR C 327 17.48 -19.08 -15.98
N ARG C 328 17.87 -17.92 -16.50
CA ARG C 328 19.28 -17.56 -16.57
C ARG C 328 19.45 -16.08 -16.32
N TRP C 329 20.37 -15.74 -15.41
CA TRP C 329 20.61 -14.36 -15.02
C TRP C 329 22.07 -14.00 -15.27
N GLY C 330 22.29 -12.93 -16.01
CA GLY C 330 23.65 -12.53 -16.32
C GLY C 330 24.27 -13.47 -17.33
N ASN C 331 25.56 -13.72 -17.16
CA ASN C 331 26.30 -14.63 -18.03
C ASN C 331 26.54 -15.97 -17.36
N HIS C 332 25.59 -16.47 -16.60
CA HIS C 332 25.78 -17.72 -15.91
C HIS C 332 25.25 -18.89 -16.74
N LYS C 333 25.43 -20.09 -16.21
CA LYS C 333 24.76 -21.24 -16.76
C LYS C 333 23.25 -21.10 -16.50
N PRO C 334 22.42 -21.72 -17.34
CA PRO C 334 20.98 -21.72 -17.06
C PRO C 334 20.68 -22.67 -15.91
N GLN C 335 19.89 -22.21 -14.95
CA GLN C 335 19.56 -22.99 -13.77
C GLN C 335 18.12 -23.48 -13.85
N ARG C 336 17.88 -24.66 -13.32
CA ARG C 336 16.57 -25.29 -13.36
C ARG C 336 15.97 -25.37 -11.97
N LEU C 337 14.64 -25.36 -11.90
CA LEU C 337 13.92 -25.49 -10.65
C LEU C 337 12.65 -26.30 -10.89
N TRP C 338 12.25 -27.07 -9.88
CA TRP C 338 11.12 -27.97 -10.00
C TRP C 338 10.39 -28.02 -8.66
N SER C 339 9.08 -27.76 -8.66
CA SER C 339 8.29 -27.97 -7.46
C SER C 339 8.37 -29.43 -7.04
N GLN C 340 8.43 -29.68 -5.74
CA GLN C 340 8.94 -30.98 -5.31
C GLN C 340 7.91 -32.09 -5.49
N LEU C 341 6.83 -32.07 -4.72
CA LEU C 341 5.55 -32.49 -5.25
C LEU C 341 4.48 -31.43 -5.07
N THR C 342 4.23 -31.04 -3.83
CA THR C 342 3.23 -30.10 -3.32
C THR C 342 3.48 -30.12 -1.81
N THR C 343 2.80 -29.23 -1.09
CA THR C 343 2.87 -29.22 0.36
C THR C 343 1.47 -29.00 0.93
N GLU C 344 1.30 -29.39 2.19
CA GLU C 344 0.01 -29.36 2.88
C GLU C 344 0.29 -29.57 4.36
N GLY C 345 -0.75 -29.77 5.16
CA GLY C 345 -0.64 -30.10 6.57
C GLY C 345 -0.62 -31.59 6.84
N ARG C 346 -1.68 -32.15 7.43
CA ARG C 346 -1.69 -33.56 7.80
C ARG C 346 -2.49 -34.37 6.78
N ALA C 347 -1.82 -35.31 6.12
CA ALA C 347 -2.45 -36.19 5.14
C ALA C 347 -2.85 -37.48 5.82
N HIS C 348 -4.08 -37.93 5.55
CA HIS C 348 -4.67 -39.17 6.04
C HIS C 348 -4.81 -39.22 7.56
N GLY C 349 -4.48 -38.14 8.27
CA GLY C 349 -4.94 -37.96 9.63
C GLY C 349 -6.45 -37.89 9.60
N TRP C 350 -7.13 -38.73 10.40
CA TRP C 350 -8.45 -39.25 10.08
C TRP C 350 -9.52 -38.24 9.65
N PRO C 351 -9.89 -37.22 10.44
CA PRO C 351 -11.12 -36.50 10.11
C PRO C 351 -10.94 -35.45 9.01
N HIS C 352 -11.36 -35.75 7.78
CA HIS C 352 -11.52 -34.75 6.72
C HIS C 352 -10.20 -34.05 6.33
N GLU C 353 -9.11 -34.44 6.97
CA GLU C 353 -7.83 -33.95 6.50
C GLU C 353 -7.42 -34.64 5.22
N ILE C 354 -8.13 -35.69 4.82
CA ILE C 354 -7.90 -36.29 3.51
C ILE C 354 -8.41 -35.36 2.41
N ILE C 355 -9.62 -34.82 2.57
CA ILE C 355 -10.07 -33.85 1.58
C ILE C 355 -9.26 -32.57 1.67
N GLU C 356 -8.79 -32.19 2.87
CA GLU C 356 -7.91 -31.04 2.90
C GLU C 356 -6.58 -31.32 2.21
N TYR C 357 -6.08 -32.54 2.31
CA TYR C 357 -4.81 -32.87 1.67
C TYR C 357 -4.97 -32.96 0.17
N TYR C 358 -6.14 -33.35 -0.29
CA TYR C 358 -6.41 -33.28 -1.72
C TYR C 358 -6.93 -31.92 -2.15
N TYR C 359 -6.94 -30.92 -1.27
CA TYR C 359 -7.20 -29.57 -1.75
C TYR C 359 -5.99 -28.97 -2.46
N GLY C 360 -4.78 -29.46 -2.19
CA GLY C 360 -3.69 -29.29 -3.12
C GLY C 360 -3.82 -30.35 -4.19
N LEU C 361 -2.82 -30.40 -5.07
CA LEU C 361 -2.64 -31.54 -5.98
C LEU C 361 -3.87 -31.77 -6.85
N HIS C 362 -4.10 -30.81 -7.78
CA HIS C 362 -5.17 -30.75 -8.79
C HIS C 362 -6.54 -30.80 -8.13
N PRO C 363 -6.94 -29.72 -7.46
CA PRO C 363 -8.09 -29.81 -6.55
C PRO C 363 -9.46 -29.86 -7.21
N THR C 364 -9.59 -29.51 -8.49
CA THR C 364 -10.91 -29.34 -9.09
C THR C 364 -11.70 -30.64 -9.08
N THR C 365 -11.03 -31.73 -9.46
CA THR C 365 -11.64 -33.05 -9.38
C THR C 365 -12.11 -33.37 -7.98
N THR C 366 -11.36 -32.92 -6.97
CA THR C 366 -11.76 -33.19 -5.60
C THR C 366 -13.03 -32.45 -5.23
N ILE C 367 -13.19 -31.22 -5.73
CA ILE C 367 -14.40 -30.47 -5.41
C ILE C 367 -15.61 -31.10 -6.07
N VAL C 368 -15.48 -31.53 -7.33
CA VAL C 368 -16.65 -32.15 -7.93
C VAL C 368 -16.93 -33.51 -7.26
N VAL C 369 -15.90 -34.21 -6.80
CA VAL C 369 -16.13 -35.46 -6.08
C VAL C 369 -16.87 -35.22 -4.77
N VAL C 370 -16.47 -34.19 -4.01
CA VAL C 370 -17.11 -34.01 -2.71
C VAL C 370 -18.55 -33.53 -2.88
N VAL C 371 -18.81 -32.65 -3.84
CA VAL C 371 -20.20 -32.24 -4.01
C VAL C 371 -21.04 -33.39 -4.55
N ALA C 372 -20.44 -34.28 -5.36
CA ALA C 372 -21.18 -35.41 -5.89
C ALA C 372 -21.54 -36.40 -4.79
N VAL C 373 -20.60 -36.70 -3.90
CA VAL C 373 -20.95 -37.66 -2.86
C VAL C 373 -21.94 -37.05 -1.88
N SER C 374 -21.88 -35.73 -1.67
CA SER C 374 -22.86 -35.12 -0.78
C SER C 374 -24.28 -35.18 -1.38
N VAL C 375 -24.41 -34.90 -2.68
CA VAL C 375 -25.74 -34.93 -3.26
C VAL C 375 -26.25 -36.37 -3.36
N VAL C 376 -25.36 -37.35 -3.59
CA VAL C 376 -25.89 -38.71 -3.67
C VAL C 376 -26.26 -39.24 -2.29
N VAL C 377 -25.55 -38.81 -1.23
CA VAL C 377 -25.95 -39.19 0.12
C VAL C 377 -27.31 -38.60 0.45
N LEU C 378 -27.49 -37.31 0.13
CA LEU C 378 -28.77 -36.64 0.32
C LEU C 378 -29.90 -37.37 -0.40
N LEU C 379 -29.71 -37.68 -1.69
CA LEU C 379 -30.80 -38.27 -2.45
C LEU C 379 -31.07 -39.71 -2.02
N SER C 380 -30.03 -40.47 -1.66
CA SER C 380 -30.24 -41.84 -1.21
C SER C 380 -31.03 -41.86 0.09
N VAL C 381 -30.67 -41.02 1.05
CA VAL C 381 -31.44 -40.92 2.28
C VAL C 381 -32.87 -40.52 1.98
N ALA C 382 -33.07 -39.54 1.10
CA ALA C 382 -34.42 -39.06 0.81
C ALA C 382 -35.27 -40.14 0.16
N ALA C 383 -34.68 -40.91 -0.75
CA ALA C 383 -35.44 -41.98 -1.40
C ALA C 383 -35.78 -43.08 -0.42
N SER C 384 -34.85 -43.42 0.47
CA SER C 384 -35.13 -44.42 1.49
C SER C 384 -36.29 -43.99 2.39
N VAL C 385 -36.24 -42.75 2.87
CA VAL C 385 -37.29 -42.25 3.75
C VAL C 385 -38.62 -42.20 3.01
N TYR C 386 -38.61 -41.72 1.77
CA TYR C 386 -39.82 -41.63 0.97
C TYR C 386 -40.46 -42.99 0.77
N MET C 387 -39.65 -44.00 0.46
CA MET C 387 -40.19 -45.33 0.25
C MET C 387 -40.67 -45.96 1.55
N CYS C 388 -39.96 -45.70 2.66
CA CYS C 388 -40.40 -46.24 3.94
C CYS C 388 -41.74 -45.65 4.36
N VAL C 389 -41.91 -44.35 4.20
CA VAL C 389 -43.15 -43.73 4.62
C VAL C 389 -44.30 -44.12 3.68
N VAL C 390 -44.03 -44.33 2.39
CA VAL C 390 -45.15 -44.75 1.57
C VAL C 390 -45.50 -46.21 1.82
N ALA C 391 -44.52 -47.03 2.25
CA ALA C 391 -44.85 -48.38 2.68
C ALA C 391 -45.71 -48.36 3.94
N ARG C 392 -45.38 -47.52 4.91
CA ARG C 392 -46.22 -47.37 6.09
C ARG C 392 -47.61 -46.88 5.71
N ASN C 393 -47.69 -45.92 4.78
CA ASN C 393 -48.97 -45.36 4.40
C ASN C 393 -49.83 -46.42 3.73
N LYS C 394 -49.23 -47.26 2.89
CA LYS C 394 -49.97 -48.37 2.31
C LYS C 394 -50.42 -49.34 3.38
N CYS C 395 -49.58 -49.57 4.39
CA CYS C 395 -49.91 -50.52 5.44
C CYS C 395 -51.11 -50.06 6.26
N LEU C 396 -51.19 -48.76 6.53
CA LEU C 396 -52.23 -48.26 7.43
C LEU C 396 -53.58 -48.11 6.74
N THR C 397 -53.62 -48.09 5.41
CA THR C 397 -54.83 -47.71 4.68
C THR C 397 -56.05 -48.58 4.97
N PRO C 398 -56.01 -49.92 4.86
CA PRO C 398 -57.25 -50.69 5.04
C PRO C 398 -57.82 -50.67 6.45
N TYR C 399 -57.19 -49.96 7.38
CA TYR C 399 -57.76 -49.80 8.71
C TYR C 399 -58.55 -48.52 8.86
N ALA C 400 -58.21 -47.46 8.11
CA ALA C 400 -58.99 -46.24 8.15
C ALA C 400 -60.26 -46.32 7.32
N LEU C 401 -60.36 -47.31 6.44
CA LEU C 401 -61.48 -47.38 5.51
C LEU C 401 -62.69 -48.09 6.10
N THR C 402 -62.47 -49.16 6.79
CA THR C 402 -63.58 -50.02 7.15
C THR C 402 -64.38 -49.41 8.30
N PRO C 403 -65.70 -49.57 8.30
CA PRO C 403 -66.47 -49.31 9.53
C PRO C 403 -66.08 -50.30 10.61
N GLY C 404 -65.70 -49.78 11.78
CA GLY C 404 -65.27 -50.62 12.88
C GLY C 404 -63.77 -50.62 13.05
N ALA C 405 -63.27 -49.84 14.01
CA ALA C 405 -61.85 -49.67 14.22
C ALA C 405 -61.32 -50.74 15.16
N VAL C 406 -60.20 -51.36 14.78
CA VAL C 406 -59.57 -52.41 15.55
C VAL C 406 -58.13 -52.04 15.92
N VAL C 407 -57.36 -51.54 14.94
CA VAL C 407 -55.98 -51.03 15.02
C VAL C 407 -55.12 -51.85 15.99
N PRO C 408 -54.78 -53.10 15.62
CA PRO C 408 -54.22 -54.05 16.59
C PRO C 408 -52.82 -53.72 17.12
N VAL C 409 -52.24 -54.70 17.82
CA VAL C 409 -51.13 -54.57 18.76
C VAL C 409 -49.88 -53.92 18.19
N THR C 410 -49.88 -53.64 16.89
CA THR C 410 -48.78 -53.00 16.18
C THR C 410 -48.81 -51.48 16.28
N ILE C 411 -49.45 -50.93 17.31
CA ILE C 411 -49.72 -49.51 17.51
C ILE C 411 -48.44 -48.65 17.44
N GLY C 412 -47.27 -49.29 17.57
CA GLY C 412 -46.01 -48.58 17.58
C GLY C 412 -45.69 -47.64 16.43
N VAL C 413 -46.41 -47.74 15.31
CA VAL C 413 -46.14 -46.91 14.13
C VAL C 413 -47.39 -46.17 13.69
N LEU C 414 -48.33 -45.96 14.61
CA LEU C 414 -49.72 -45.69 14.28
C LEU C 414 -50.09 -44.22 14.52
N CYS C 415 -50.93 -43.70 13.64
CA CYS C 415 -51.53 -42.37 13.77
C CYS C 415 -53.00 -42.43 14.19
N CYS C 416 -53.63 -43.60 14.12
CA CYS C 416 -55.03 -43.72 14.50
C CYS C 416 -55.16 -43.68 16.02
N ALA C 417 -55.37 -42.48 16.56
CA ALA C 417 -55.42 -42.25 17.99
C ALA C 417 -56.73 -42.66 18.69
N PRO C 418 -57.90 -42.16 18.29
CA PRO C 418 -59.02 -42.08 19.26
C PRO C 418 -59.66 -43.41 19.60
N LYS C 419 -59.73 -44.35 18.65
CA LYS C 419 -60.41 -45.64 18.81
C LYS C 419 -61.85 -45.50 19.29
N GLU D 107 -98.69 -23.74 -24.82
CA GLU D 107 -99.14 -22.39 -24.53
C GLU D 107 -97.96 -21.41 -24.48
N HIS D 108 -97.45 -21.17 -23.27
CA HIS D 108 -96.34 -20.25 -23.07
C HIS D 108 -95.15 -20.98 -22.47
N ASP D 109 -93.98 -20.35 -22.55
CA ASP D 109 -92.74 -20.86 -21.98
C ASP D 109 -92.16 -19.85 -21.01
N CYS D 110 -91.37 -20.33 -20.06
CA CYS D 110 -90.84 -19.53 -18.96
C CYS D 110 -89.38 -19.86 -18.68
N ILE D 111 -88.56 -19.95 -19.73
CA ILE D 111 -87.24 -20.57 -19.62
C ILE D 111 -86.11 -19.54 -19.66
N PHE D 112 -85.04 -19.85 -18.91
CA PHE D 112 -83.69 -19.32 -19.09
C PHE D 112 -83.63 -17.79 -18.98
N GLU D 113 -83.89 -17.31 -17.76
CA GLU D 113 -83.77 -15.89 -17.47
C GLU D 113 -82.31 -15.49 -17.23
N VAL D 114 -82.10 -14.22 -16.84
CA VAL D 114 -80.78 -13.70 -16.51
C VAL D 114 -80.88 -12.89 -15.23
N LYS D 115 -79.91 -13.08 -14.34
CA LYS D 115 -79.76 -12.27 -13.13
C LYS D 115 -78.41 -11.56 -13.14
N HIS D 116 -78.38 -10.37 -12.55
CA HIS D 116 -77.14 -9.62 -12.42
C HIS D 116 -77.19 -8.72 -11.20
N GLU D 117 -76.11 -8.74 -10.41
CA GLU D 117 -75.98 -7.94 -9.19
C GLU D 117 -77.17 -8.17 -8.25
N GLY D 118 -77.51 -9.44 -8.06
CA GLY D 118 -78.66 -9.79 -7.25
C GLY D 118 -79.99 -9.60 -7.98
N LYS D 119 -80.18 -8.46 -8.64
CA LYS D 119 -81.41 -8.19 -9.36
C LYS D 119 -81.37 -8.90 -10.71
N VAL D 120 -82.35 -8.62 -11.58
CA VAL D 120 -82.35 -9.23 -12.89
C VAL D 120 -82.18 -8.14 -13.94
N THR D 121 -81.89 -8.55 -15.17
CA THR D 121 -81.76 -7.62 -16.29
C THR D 121 -82.56 -8.09 -17.49
N GLY D 122 -83.48 -9.04 -17.31
CA GLY D 122 -84.37 -9.48 -18.37
C GLY D 122 -84.35 -10.97 -18.60
N TYR D 123 -84.22 -11.38 -19.86
CA TYR D 123 -84.21 -12.78 -20.22
C TYR D 123 -83.32 -12.96 -21.44
N ALA D 124 -83.18 -14.21 -21.86
CA ALA D 124 -82.54 -14.55 -23.12
C ALA D 124 -83.12 -15.87 -23.58
N CYS D 125 -83.46 -15.96 -24.86
CA CYS D 125 -84.14 -17.12 -25.39
C CYS D 125 -83.25 -17.86 -26.36
N LEU D 126 -83.44 -19.18 -26.41
CA LEU D 126 -82.71 -20.05 -27.31
C LEU D 126 -83.60 -20.46 -28.48
N VAL D 127 -83.05 -20.38 -29.68
CA VAL D 127 -83.74 -20.78 -30.88
C VAL D 127 -83.11 -22.11 -31.31
N GLY D 128 -83.75 -22.77 -32.29
CA GLY D 128 -83.52 -24.16 -32.64
C GLY D 128 -82.10 -24.70 -32.59
N ASP D 129 -81.12 -23.87 -32.92
CA ASP D 129 -79.73 -24.26 -32.76
C ASP D 129 -78.95 -23.41 -31.79
N LYS D 130 -79.23 -22.11 -31.68
CA LYS D 130 -78.35 -21.21 -30.95
C LYS D 130 -79.07 -20.54 -29.78
N VAL D 131 -78.30 -19.82 -28.97
CA VAL D 131 -78.81 -19.04 -27.86
C VAL D 131 -78.62 -17.57 -28.19
N MET D 132 -79.70 -16.81 -28.20
CA MET D 132 -79.66 -15.38 -28.46
C MET D 132 -79.83 -14.60 -27.17
N LYS D 133 -79.32 -13.37 -27.20
CA LYS D 133 -79.47 -12.43 -26.11
C LYS D 133 -79.33 -11.04 -26.69
N PRO D 134 -80.19 -10.09 -26.32
CA PRO D 134 -79.99 -8.71 -26.74
C PRO D 134 -78.68 -8.16 -26.19
N ALA D 135 -77.90 -7.52 -27.06
CA ALA D 135 -76.50 -7.26 -26.76
C ALA D 135 -76.29 -6.07 -25.85
N HIS D 136 -77.16 -5.06 -25.94
CA HIS D 136 -76.87 -3.79 -25.28
C HIS D 136 -76.94 -3.87 -23.76
N VAL D 137 -77.53 -4.92 -23.20
CA VAL D 137 -77.70 -4.99 -21.75
C VAL D 137 -76.46 -5.58 -21.09
N PRO D 138 -76.07 -5.12 -19.91
CA PRO D 138 -74.91 -5.69 -19.23
C PRO D 138 -75.28 -6.87 -18.36
N GLY D 139 -74.29 -7.46 -17.70
CA GLY D 139 -74.52 -8.62 -16.84
C GLY D 139 -74.65 -9.92 -17.60
N VAL D 140 -74.28 -11.03 -16.96
CA VAL D 140 -74.22 -12.31 -17.64
C VAL D 140 -75.26 -13.27 -17.07
N ILE D 141 -75.42 -14.41 -17.70
CA ILE D 141 -76.51 -15.32 -17.36
C ILE D 141 -76.14 -16.10 -16.11
N ASP D 142 -77.17 -16.63 -15.43
CA ASP D 142 -76.97 -17.35 -14.18
C ASP D 142 -76.85 -18.86 -14.39
N ASN D 143 -77.44 -19.39 -15.45
CA ASN D 143 -77.45 -20.83 -15.72
C ASN D 143 -76.03 -21.24 -16.12
N ILE D 144 -75.30 -21.83 -15.16
CA ILE D 144 -73.86 -22.05 -15.32
C ILE D 144 -73.56 -22.98 -16.49
N ASP D 145 -74.48 -23.87 -16.85
CA ASP D 145 -74.26 -24.72 -18.02
C ASP D 145 -74.27 -23.96 -19.32
N LEU D 146 -74.83 -22.76 -19.34
CA LEU D 146 -74.84 -21.91 -20.53
C LEU D 146 -73.72 -20.88 -20.53
N ALA D 147 -73.37 -20.32 -19.38
CA ALA D 147 -72.40 -19.22 -19.32
C ALA D 147 -70.98 -19.68 -19.54
N ARG D 148 -70.75 -20.96 -19.83
CA ARG D 148 -69.42 -21.47 -20.10
C ARG D 148 -68.98 -21.20 -21.54
N LEU D 149 -69.82 -20.61 -22.36
CA LEU D 149 -69.61 -20.54 -23.80
C LEU D 149 -68.87 -19.25 -24.17
N SER D 150 -68.75 -19.01 -25.46
CA SER D 150 -68.11 -17.82 -26.01
C SER D 150 -69.10 -17.12 -26.93
N TYR D 151 -69.54 -15.93 -26.52
CA TYR D 151 -70.63 -15.22 -27.19
C TYR D 151 -70.09 -14.32 -28.30
N LYS D 152 -70.66 -14.47 -29.51
CA LYS D 152 -70.35 -13.58 -30.61
C LYS D 152 -71.15 -12.29 -30.47
N LYS D 153 -70.46 -11.16 -30.45
CA LYS D 153 -71.02 -9.87 -30.05
C LYS D 153 -70.97 -8.93 -31.24
N SER D 154 -72.12 -8.64 -31.83
CA SER D 154 -72.20 -7.75 -32.98
C SER D 154 -72.92 -6.48 -32.54
N SER D 155 -72.14 -5.46 -32.20
CA SER D 155 -72.73 -4.20 -31.73
C SER D 155 -73.54 -3.51 -32.81
N LYS D 156 -73.24 -3.81 -34.08
CA LYS D 156 -73.91 -3.13 -35.17
C LYS D 156 -75.35 -3.58 -35.31
N TYR D 157 -75.67 -4.79 -34.88
CA TYR D 157 -77.03 -5.30 -34.97
C TYR D 157 -77.65 -5.58 -33.60
N ASP D 158 -76.90 -5.42 -32.51
CA ASP D 158 -77.37 -5.59 -31.14
C ASP D 158 -77.90 -7.00 -30.89
N LEU D 159 -77.01 -7.99 -31.03
CA LEU D 159 -77.30 -9.38 -30.70
C LEU D 159 -76.10 -10.02 -30.03
N GLU D 160 -76.38 -10.96 -29.12
CA GLU D 160 -75.40 -11.88 -28.57
C GLU D 160 -75.72 -13.27 -29.07
N CYS D 161 -74.72 -13.95 -29.64
CA CYS D 161 -74.98 -15.06 -30.56
C CYS D 161 -74.10 -16.27 -30.26
N ALA D 162 -74.14 -16.76 -29.02
CA ALA D 162 -73.47 -18.02 -28.76
C ALA D 162 -74.25 -19.17 -29.37
N GLN D 163 -73.54 -20.25 -29.69
CA GLN D 163 -74.16 -21.48 -30.18
C GLN D 163 -74.12 -22.52 -29.08
N ILE D 164 -75.22 -23.25 -28.93
CA ILE D 164 -75.43 -24.05 -27.72
C ILE D 164 -74.69 -25.38 -27.84
N PRO D 165 -74.24 -25.96 -26.74
CA PRO D 165 -73.76 -27.34 -26.77
C PRO D 165 -74.92 -28.33 -26.82
N VAL D 166 -74.56 -29.60 -27.00
CA VAL D 166 -75.52 -30.65 -27.32
C VAL D 166 -76.18 -31.23 -26.07
N ALA D 167 -75.90 -30.65 -24.90
CA ALA D 167 -76.42 -31.24 -23.67
C ALA D 167 -77.92 -31.01 -23.52
N MET D 168 -78.34 -29.76 -23.45
CA MET D 168 -79.76 -29.43 -23.34
C MET D 168 -80.39 -29.17 -24.70
N LYS D 169 -79.70 -29.56 -25.78
CA LYS D 169 -80.20 -29.35 -27.13
C LYS D 169 -81.48 -30.14 -27.41
N SER D 170 -81.78 -31.14 -26.58
CA SER D 170 -83.04 -31.86 -26.70
C SER D 170 -84.23 -31.07 -26.15
N ASP D 171 -83.97 -30.13 -25.24
CA ASP D 171 -85.00 -29.29 -24.64
C ASP D 171 -85.11 -27.93 -25.30
N ALA D 172 -84.92 -27.90 -26.61
CA ALA D 172 -84.88 -26.66 -27.36
C ALA D 172 -86.31 -26.18 -27.66
N SER D 173 -86.42 -25.17 -28.51
CA SER D 173 -87.68 -24.56 -28.88
C SER D 173 -88.06 -24.92 -30.31
N LYS D 174 -89.13 -24.32 -30.81
CA LYS D 174 -89.57 -24.47 -32.18
C LYS D 174 -89.64 -23.10 -32.84
N TYR D 175 -89.21 -23.00 -34.09
CA TYR D 175 -89.14 -21.70 -34.75
C TYR D 175 -89.60 -21.81 -36.19
N THR D 176 -89.56 -20.68 -36.90
CA THR D 176 -90.01 -20.55 -38.29
C THR D 176 -89.54 -19.21 -38.82
N HIS D 177 -89.80 -18.98 -40.11
CA HIS D 177 -89.52 -17.67 -40.69
C HIS D 177 -90.59 -17.20 -41.66
N GLU D 178 -91.73 -17.88 -41.74
CA GLU D 178 -92.80 -17.50 -42.63
C GLU D 178 -93.94 -16.90 -41.81
N LYS D 179 -94.49 -15.80 -42.30
CA LYS D 179 -95.48 -15.10 -41.50
C LYS D 179 -96.51 -14.38 -42.36
N PRO D 180 -97.76 -14.80 -42.32
CA PRO D 180 -98.84 -13.99 -42.86
C PRO D 180 -99.22 -12.90 -41.87
N GLU D 181 -100.11 -12.02 -42.31
CA GLU D 181 -100.66 -11.04 -41.38
C GLU D 181 -101.61 -11.74 -40.41
N GLY D 182 -101.93 -11.06 -39.32
CA GLY D 182 -102.86 -11.63 -38.35
C GLY D 182 -102.57 -11.09 -36.96
N HIS D 183 -102.79 -11.95 -35.96
CA HIS D 183 -102.65 -11.58 -34.56
C HIS D 183 -101.98 -12.72 -33.79
N TYR D 184 -100.95 -12.39 -33.02
CA TYR D 184 -100.19 -13.38 -32.26
C TYR D 184 -100.32 -13.11 -30.76
N ASN D 185 -99.61 -13.90 -29.95
CA ASN D 185 -99.68 -13.77 -28.51
C ASN D 185 -98.31 -13.95 -27.88
N TRP D 186 -98.09 -13.29 -26.75
CA TRP D 186 -96.81 -13.31 -26.07
C TRP D 186 -97.03 -13.16 -24.57
N HIS D 187 -95.94 -12.98 -23.83
CA HIS D 187 -95.99 -13.09 -22.38
C HIS D 187 -96.81 -11.99 -21.71
N TYR D 188 -96.99 -10.85 -22.36
CA TYR D 188 -97.76 -9.76 -21.78
C TYR D 188 -99.09 -9.55 -22.47
N GLY D 189 -99.56 -10.51 -23.27
CA GLY D 189 -100.88 -10.40 -23.87
C GLY D 189 -100.93 -10.77 -25.34
N ALA D 190 -101.55 -9.92 -26.13
CA ALA D 190 -101.71 -10.12 -27.56
C ALA D 190 -100.84 -9.14 -28.34
N VAL D 191 -100.67 -9.44 -29.63
CA VAL D 191 -99.91 -8.62 -30.55
C VAL D 191 -100.50 -8.77 -31.94
N GLN D 192 -100.50 -7.67 -32.69
CA GLN D 192 -101.02 -7.65 -34.05
C GLN D 192 -99.88 -7.33 -35.01
N TYR D 193 -99.87 -7.98 -36.17
CA TYR D 193 -98.86 -7.78 -37.20
C TYR D 193 -99.51 -7.12 -38.41
N THR D 194 -99.22 -5.84 -38.62
CA THR D 194 -99.62 -5.14 -39.83
C THR D 194 -98.42 -4.39 -40.37
N GLY D 195 -98.18 -4.53 -41.67
CA GLY D 195 -97.06 -3.88 -42.33
C GLY D 195 -95.72 -4.21 -41.73
N GLY D 196 -95.62 -5.36 -41.08
CA GLY D 196 -94.42 -5.73 -40.38
C GLY D 196 -94.36 -5.35 -38.92
N ARG D 197 -94.68 -4.09 -38.61
CA ARG D 197 -94.51 -3.61 -37.25
C ARG D 197 -95.56 -4.22 -36.32
N PHE D 198 -95.17 -4.41 -35.07
CA PHE D 198 -95.95 -5.16 -34.08
C PHE D 198 -96.65 -4.18 -33.16
N THR D 199 -97.91 -3.88 -33.45
CA THR D 199 -98.70 -3.00 -32.60
C THR D 199 -99.39 -3.85 -31.55
N VAL D 200 -98.99 -3.66 -30.29
CA VAL D 200 -99.49 -4.46 -29.16
C VAL D 200 -100.63 -3.74 -28.43
N PRO D 201 -101.70 -4.46 -28.06
CA PRO D 201 -102.47 -4.05 -26.89
C PRO D 201 -101.51 -3.84 -25.74
N THR D 202 -101.55 -2.67 -25.13
CA THR D 202 -100.34 -2.08 -24.58
C THR D 202 -100.45 -1.89 -23.08
N GLY D 203 -99.40 -1.27 -22.54
CA GLY D 203 -99.31 -0.88 -21.16
C GLY D 203 -98.31 -1.73 -20.42
N VAL D 204 -98.33 -3.03 -20.69
CA VAL D 204 -97.61 -3.98 -19.85
C VAL D 204 -96.11 -3.96 -20.08
N GLY D 205 -95.66 -3.28 -21.13
CA GLY D 205 -94.24 -3.18 -21.38
C GLY D 205 -93.52 -2.43 -20.28
N LYS D 206 -92.22 -2.65 -20.21
CA LYS D 206 -91.39 -2.07 -19.16
C LYS D 206 -89.98 -1.93 -19.69
N PRO D 207 -89.12 -1.22 -18.99
CA PRO D 207 -87.68 -1.37 -19.22
C PRO D 207 -87.19 -2.68 -18.63
N GLY D 208 -85.95 -3.01 -18.98
CA GLY D 208 -85.29 -4.15 -18.38
C GLY D 208 -85.63 -5.50 -18.98
N ASP D 209 -86.86 -5.68 -19.47
CA ASP D 209 -87.34 -7.00 -19.86
C ASP D 209 -87.34 -7.20 -21.37
N SER D 210 -86.33 -6.70 -22.05
CA SER D 210 -86.11 -7.06 -23.45
C SER D 210 -85.49 -8.45 -23.54
N GLY D 211 -85.82 -9.15 -24.62
CA GLY D 211 -85.49 -10.55 -24.78
C GLY D 211 -86.68 -11.45 -24.81
N ARG D 212 -87.86 -10.95 -24.44
CA ARG D 212 -89.12 -11.67 -24.56
C ARG D 212 -89.35 -12.05 -26.02
N PRO D 213 -89.36 -13.34 -26.34
CA PRO D 213 -89.62 -13.75 -27.72
C PRO D 213 -91.09 -13.67 -28.05
N ILE D 214 -91.37 -13.60 -29.36
CA ILE D 214 -92.72 -13.45 -29.87
C ILE D 214 -93.20 -14.81 -30.37
N PHE D 215 -94.33 -15.26 -29.87
CA PHE D 215 -94.88 -16.55 -30.25
C PHE D 215 -96.09 -16.37 -31.16
N ASP D 216 -96.26 -17.31 -32.07
CA ASP D 216 -97.38 -17.33 -32.99
C ASP D 216 -98.51 -18.18 -32.42
N ASN D 217 -99.51 -18.48 -33.25
CA ASN D 217 -100.55 -19.41 -32.81
C ASN D 217 -100.01 -20.83 -32.69
N LYS D 218 -99.19 -21.26 -33.65
CA LYS D 218 -98.68 -22.62 -33.68
C LYS D 218 -97.38 -22.81 -32.89
N GLY D 219 -97.11 -21.94 -31.92
CA GLY D 219 -96.02 -22.14 -30.97
C GLY D 219 -94.63 -21.87 -31.48
N ARG D 220 -94.46 -21.81 -32.79
CA ARG D 220 -93.15 -21.62 -33.38
C ARG D 220 -92.65 -20.19 -33.19
N VAL D 221 -91.36 -20.06 -32.87
CA VAL D 221 -90.76 -18.75 -32.56
C VAL D 221 -90.65 -17.94 -33.85
N VAL D 222 -91.20 -16.73 -33.83
CA VAL D 222 -91.16 -15.88 -35.00
C VAL D 222 -90.26 -14.65 -34.83
N ALA D 223 -90.10 -14.13 -33.61
CA ALA D 223 -89.35 -12.89 -33.41
C ALA D 223 -89.08 -12.71 -31.92
N ILE D 224 -88.24 -11.72 -31.61
CA ILE D 224 -87.92 -11.31 -30.24
C ILE D 224 -88.12 -9.80 -30.18
N VAL D 225 -87.91 -9.18 -29.01
CA VAL D 225 -88.18 -7.75 -28.83
C VAL D 225 -86.90 -7.03 -28.44
N LEU D 226 -86.92 -5.71 -28.65
CA LEU D 226 -85.80 -4.86 -28.25
C LEU D 226 -86.19 -3.51 -27.66
N GLY D 227 -87.47 -3.24 -27.42
CA GLY D 227 -87.87 -1.96 -26.88
C GLY D 227 -89.29 -1.62 -27.29
N GLY D 228 -89.65 -0.35 -27.08
CA GLY D 228 -90.95 0.16 -27.47
C GLY D 228 -90.87 1.53 -28.11
N ALA D 229 -92.01 1.99 -28.61
CA ALA D 229 -92.18 3.36 -29.10
C ALA D 229 -93.67 3.63 -29.15
N ASN D 230 -94.08 4.81 -28.70
CA ASN D 230 -95.47 4.95 -28.27
C ASN D 230 -96.03 6.35 -28.58
N GLU D 231 -96.67 6.48 -29.74
CA GLU D 231 -97.53 7.64 -30.01
C GLU D 231 -98.99 7.31 -29.73
N GLY D 232 -99.29 7.09 -28.46
CA GLY D 232 -100.64 6.75 -28.07
C GLY D 232 -100.85 5.25 -27.93
N ALA D 233 -102.12 4.88 -27.83
CA ALA D 233 -102.50 3.51 -27.52
C ALA D 233 -102.14 2.57 -28.66
N ARG D 234 -102.21 1.27 -28.35
CA ARG D 234 -101.80 0.19 -29.25
C ARG D 234 -100.42 0.46 -29.85
N THR D 235 -99.43 0.51 -28.97
CA THR D 235 -98.11 0.99 -29.34
C THR D 235 -97.35 -0.02 -30.21
N ALA D 236 -96.43 0.50 -31.02
CA ALA D 236 -95.63 -0.27 -31.96
C ALA D 236 -94.21 -0.41 -31.43
N LEU D 237 -93.83 -1.62 -31.05
CA LEU D 237 -92.53 -1.89 -30.46
C LEU D 237 -91.49 -2.14 -31.53
N SER D 238 -90.25 -2.32 -31.09
CA SER D 238 -89.13 -2.68 -31.93
C SER D 238 -88.86 -4.17 -31.83
N VAL D 239 -88.30 -4.74 -32.89
CA VAL D 239 -88.24 -6.18 -33.03
C VAL D 239 -86.93 -6.58 -33.71
N VAL D 240 -86.26 -7.57 -33.16
CA VAL D 240 -85.27 -8.33 -33.91
C VAL D 240 -85.95 -9.56 -34.48
N THR D 241 -85.73 -9.79 -35.77
CA THR D 241 -86.37 -10.88 -36.48
C THR D 241 -85.49 -11.25 -37.67
N TRP D 242 -86.02 -12.11 -38.53
CA TRP D 242 -85.26 -12.58 -39.67
C TRP D 242 -86.23 -13.10 -40.73
N ASN D 243 -85.69 -13.26 -41.93
CA ASN D 243 -86.46 -13.79 -43.05
C ASN D 243 -85.46 -14.29 -44.07
N LYS D 244 -85.47 -15.61 -44.30
CA LYS D 244 -84.65 -16.26 -45.32
C LYS D 244 -83.18 -15.83 -45.22
N ASP D 245 -82.58 -16.21 -44.10
CA ASP D 245 -81.16 -16.08 -43.79
C ASP D 245 -80.72 -14.65 -43.52
N MET D 246 -81.62 -13.68 -43.58
CA MET D 246 -81.28 -12.27 -43.39
C MET D 246 -81.81 -11.80 -42.04
N VAL D 247 -80.89 -11.45 -41.15
CA VAL D 247 -81.24 -10.90 -39.85
C VAL D 247 -81.42 -9.39 -39.97
N THR D 248 -82.59 -8.90 -39.62
CA THR D 248 -82.95 -7.50 -39.78
C THR D 248 -83.25 -6.90 -38.41
N LYS D 249 -82.93 -5.61 -38.26
CA LYS D 249 -83.28 -4.86 -37.07
C LYS D 249 -84.26 -3.77 -37.48
N ILE D 250 -85.47 -3.83 -36.95
CA ILE D 250 -86.56 -2.95 -37.35
C ILE D 250 -87.00 -2.14 -36.15
N THR D 251 -86.51 -0.89 -36.05
CA THR D 251 -86.92 0.05 -35.02
C THR D 251 -87.68 1.17 -35.70
N PRO D 252 -88.98 1.33 -35.42
CA PRO D 252 -89.79 2.23 -36.25
C PRO D 252 -89.42 3.70 -36.19
N GLU D 253 -89.52 4.33 -35.02
CA GLU D 253 -89.30 5.76 -34.81
C GLU D 253 -89.23 6.02 -33.32
N GLY D 254 -88.26 6.83 -32.90
CA GLY D 254 -88.15 7.30 -31.53
C GLY D 254 -88.22 6.21 -30.49
N THR D 255 -87.45 5.15 -30.68
CA THR D 255 -87.66 3.91 -29.95
C THR D 255 -87.21 4.05 -28.50
N GLU D 256 -88.13 3.82 -27.57
CA GLU D 256 -87.81 3.76 -26.14
C GLU D 256 -86.83 2.62 -25.91
N GLU D 257 -85.61 2.94 -25.49
CA GLU D 257 -84.53 1.96 -25.44
C GLU D 257 -84.70 1.12 -24.19
N TRP D 258 -85.39 0.00 -24.32
CA TRP D 258 -85.51 -0.96 -23.25
C TRP D 258 -84.21 -1.74 -23.13
N TYR E 1 -22.99 44.02 -70.02
CA TYR E 1 -24.23 43.31 -69.74
C TYR E 1 -24.19 42.73 -68.33
N GLU E 2 -25.12 43.18 -67.50
CA GLU E 2 -25.12 42.79 -66.09
C GLU E 2 -25.42 41.31 -65.93
N HIS E 3 -24.81 40.69 -64.92
CA HIS E 3 -25.05 39.31 -64.54
C HIS E 3 -24.44 39.07 -63.17
N THR E 4 -25.09 38.21 -62.38
CA THR E 4 -24.72 37.96 -61.00
C THR E 4 -24.44 36.48 -60.79
N ALA E 5 -23.37 36.18 -60.05
CA ALA E 5 -22.92 34.81 -59.88
C ALA E 5 -22.29 34.64 -58.52
N VAL E 6 -22.09 33.37 -58.14
CA VAL E 6 -21.63 33.00 -56.81
C VAL E 6 -20.47 32.02 -56.94
N ILE E 7 -19.26 32.48 -56.70
CA ILE E 7 -18.08 31.62 -56.84
C ILE E 7 -17.88 30.85 -55.55
N PRO E 8 -17.79 29.52 -55.60
CA PRO E 8 -17.31 28.78 -54.44
C PRO E 8 -15.81 29.00 -54.27
N ASN E 9 -15.41 29.29 -53.04
CA ASN E 9 -14.05 29.79 -52.76
C ASN E 9 -13.18 28.65 -52.27
N GLN E 10 -12.25 28.22 -53.11
CA GLN E 10 -11.29 27.16 -52.80
C GLN E 10 -10.20 27.21 -53.84
N VAL E 11 -8.94 27.14 -53.39
CA VAL E 11 -7.80 27.33 -54.28
C VAL E 11 -7.76 26.23 -55.33
N GLY E 12 -7.37 26.60 -56.55
CA GLY E 12 -7.24 25.68 -57.65
C GLY E 12 -8.53 25.23 -58.29
N PHE E 13 -9.67 25.60 -57.73
CA PHE E 13 -10.94 25.06 -58.18
C PHE E 13 -11.43 25.82 -59.42
N PRO E 14 -11.78 25.13 -60.50
CA PRO E 14 -12.35 25.81 -61.66
C PRO E 14 -13.86 25.87 -61.58
N TYR E 15 -14.42 26.99 -62.00
CA TYR E 15 -15.86 27.20 -61.95
C TYR E 15 -16.32 27.89 -63.22
N LYS E 16 -17.38 27.37 -63.83
CA LYS E 16 -17.88 27.90 -65.08
C LYS E 16 -19.10 28.79 -64.84
N ALA E 17 -19.25 29.79 -65.70
CA ALA E 17 -20.39 30.69 -65.69
C ALA E 17 -20.80 30.94 -67.13
N HIS E 18 -22.09 31.15 -67.34
CA HIS E 18 -22.64 31.07 -68.70
C HIS E 18 -23.72 32.12 -68.90
N VAL E 19 -23.62 32.85 -70.01
CA VAL E 19 -24.54 33.94 -70.34
C VAL E 19 -25.22 33.61 -71.66
N ALA E 20 -26.49 33.98 -71.79
CA ALA E 20 -27.25 33.79 -73.03
C ALA E 20 -27.98 35.10 -73.34
N ARG E 21 -27.43 35.87 -74.27
CA ARG E 21 -27.94 37.20 -74.59
C ARG E 21 -28.79 37.18 -75.86
N GLU E 22 -29.54 38.26 -76.04
CA GLU E 22 -30.28 38.46 -77.28
C GLU E 22 -29.34 38.96 -78.37
N GLY E 23 -29.50 38.43 -79.57
CA GLY E 23 -28.79 38.95 -80.72
C GLY E 23 -27.30 38.71 -80.73
N TYR E 24 -26.82 37.71 -80.00
CA TYR E 24 -25.40 37.40 -79.98
C TYR E 24 -25.22 35.92 -79.68
N SER E 25 -24.05 35.40 -80.02
CA SER E 25 -23.68 34.06 -79.60
C SER E 25 -23.42 34.04 -78.10
N PRO E 26 -23.59 32.88 -77.46
CA PRO E 26 -23.32 32.80 -76.02
C PRO E 26 -21.85 32.92 -75.70
N LEU E 27 -21.55 33.04 -74.42
CA LEU E 27 -20.19 33.16 -73.93
C LEU E 27 -20.06 32.35 -72.65
N THR E 28 -18.91 31.69 -72.49
CA THR E 28 -18.59 30.97 -71.27
C THR E 28 -17.25 31.45 -70.73
N LEU E 29 -17.03 31.22 -69.44
CA LEU E 29 -15.84 31.75 -68.78
C LEU E 29 -15.62 31.07 -67.45
N GLN E 30 -14.35 30.80 -67.13
CA GLN E 30 -13.97 30.23 -65.83
C GLN E 30 -13.10 31.23 -65.09
N MET E 31 -13.61 31.75 -63.97
CA MET E 31 -12.85 32.63 -63.11
C MET E 31 -12.43 31.89 -61.84
N GLN E 32 -11.31 31.18 -61.94
CA GLN E 32 -10.78 30.42 -60.82
C GLN E 32 -9.87 31.28 -59.96
N VAL E 33 -10.00 31.13 -58.64
CA VAL E 33 -9.17 31.87 -57.69
C VAL E 33 -7.75 31.30 -57.74
N VAL E 34 -6.77 32.10 -57.30
CA VAL E 34 -5.38 31.66 -57.22
C VAL E 34 -4.85 31.80 -55.80
N GLU E 35 -5.04 32.96 -55.19
CA GLU E 35 -4.40 33.23 -53.91
C GLU E 35 -5.23 34.23 -53.11
N THR E 36 -5.74 33.80 -51.96
CA THR E 36 -6.51 34.66 -51.08
C THR E 36 -5.67 35.05 -49.87
N SER E 37 -6.17 36.00 -49.10
CA SER E 37 -5.45 36.51 -47.93
C SER E 37 -6.43 37.22 -47.01
N LEU E 38 -6.50 36.79 -45.76
CA LEU E 38 -7.45 37.36 -44.79
C LEU E 38 -6.65 38.22 -43.82
N GLU E 39 -6.58 39.52 -44.12
CA GLU E 39 -5.73 40.43 -43.37
C GLU E 39 -6.51 41.00 -42.19
N PRO E 40 -6.10 40.74 -40.95
CA PRO E 40 -6.78 41.36 -39.81
C PRO E 40 -6.16 42.70 -39.46
N THR E 41 -7.01 43.62 -39.02
CA THR E 41 -6.49 44.88 -38.49
C THR E 41 -6.00 44.63 -37.07
N LEU E 42 -5.52 45.67 -36.42
CA LEU E 42 -4.84 45.49 -35.16
C LEU E 42 -4.75 46.82 -34.43
N ASN E 43 -4.17 46.77 -33.25
CA ASN E 43 -3.76 47.92 -32.45
C ASN E 43 -2.50 47.46 -31.73
N LEU E 44 -2.07 48.22 -30.73
CA LEU E 44 -0.98 47.75 -29.91
C LEU E 44 -1.30 48.06 -28.46
N GLU E 45 -0.84 47.20 -27.57
CA GLU E 45 -1.02 47.44 -26.14
C GLU E 45 0.30 47.58 -25.43
N TYR E 46 1.23 46.65 -25.63
CA TYR E 46 2.56 46.73 -25.03
C TYR E 46 3.47 45.68 -25.65
N ILE E 47 4.72 45.68 -25.18
CA ILE E 47 5.74 44.71 -25.56
C ILE E 47 6.25 44.07 -24.29
N THR E 48 7.10 43.06 -24.45
CA THR E 48 7.76 42.42 -23.31
C THR E 48 9.01 41.71 -23.81
N CYS E 49 10.08 41.81 -23.04
CA CYS E 49 11.31 41.11 -23.37
C CYS E 49 12.07 40.83 -22.07
N ASP E 50 13.13 40.05 -22.20
CA ASP E 50 13.94 39.69 -21.06
C ASP E 50 14.69 40.93 -20.54
N TYR E 51 14.95 40.94 -19.24
CA TYR E 51 15.56 42.06 -18.56
C TYR E 51 16.97 41.72 -18.11
N LYS E 52 17.70 42.75 -17.72
CA LYS E 52 18.97 42.59 -17.03
C LYS E 52 18.95 43.53 -15.83
N THR E 53 19.40 43.02 -14.69
CA THR E 53 19.44 43.81 -13.47
C THR E 53 20.84 44.39 -13.29
N LYS E 54 20.90 45.68 -12.96
CA LYS E 54 22.16 46.36 -12.71
C LYS E 54 22.24 46.67 -11.24
N VAL E 55 23.40 46.38 -10.65
CA VAL E 55 23.70 46.76 -9.28
C VAL E 55 25.08 47.41 -9.24
N PRO E 56 25.20 48.64 -8.76
CA PRO E 56 26.49 49.32 -8.81
C PRO E 56 27.45 48.78 -7.76
N SER E 57 28.62 49.37 -7.66
CA SER E 57 29.54 48.99 -6.60
C SER E 57 28.92 49.39 -5.25
N PRO E 58 29.12 48.58 -4.22
CA PRO E 58 28.50 48.87 -2.93
C PRO E 58 29.14 50.08 -2.27
N TYR E 59 28.37 50.71 -1.39
CA TYR E 59 28.83 51.89 -0.67
C TYR E 59 29.04 51.50 0.78
N VAL E 60 30.24 51.00 1.07
CA VAL E 60 30.62 50.70 2.45
C VAL E 60 31.10 51.98 3.10
N LYS E 61 30.43 52.38 4.19
CA LYS E 61 30.85 53.54 4.97
C LYS E 61 31.17 53.04 6.38
N CYS E 62 32.45 53.10 6.73
CA CYS E 62 32.93 52.56 7.99
C CYS E 62 33.26 53.70 8.96
N CYS E 63 32.92 53.49 10.23
CA CYS E 63 33.26 54.40 11.32
C CYS E 63 32.67 55.78 11.07
N GLY E 64 31.34 55.84 11.04
CA GLY E 64 30.70 56.90 10.28
C GLY E 64 29.67 56.46 9.26
N THR E 65 28.99 55.35 9.56
CA THR E 65 27.90 54.81 8.74
C THR E 65 26.97 55.88 8.19
N ALA E 66 26.63 55.73 6.91
CA ALA E 66 25.77 56.62 6.16
C ALA E 66 24.39 56.01 5.95
N GLU E 67 23.57 56.69 5.16
CA GLU E 67 22.27 56.23 4.71
C GLU E 67 22.06 56.77 3.30
N CYS E 68 20.86 56.63 2.75
CA CYS E 68 20.66 56.92 1.33
C CYS E 68 19.35 57.64 1.08
N ARG E 69 19.28 58.27 -0.09
CA ARG E 69 18.06 58.81 -0.64
C ARG E 69 17.47 57.80 -1.63
N THR E 70 16.46 58.22 -2.37
CA THR E 70 15.86 57.43 -3.44
C THR E 70 16.14 58.09 -4.78
N GLN E 71 15.55 57.54 -5.83
CA GLN E 71 15.77 58.02 -7.20
C GLN E 71 14.58 57.59 -8.03
N ASP E 72 14.66 57.77 -9.34
CA ASP E 72 13.61 57.37 -10.27
C ASP E 72 14.20 56.40 -11.29
N LYS E 73 14.21 55.12 -10.93
CA LYS E 73 14.54 54.00 -11.79
C LYS E 73 13.51 52.93 -11.49
N PRO E 74 13.23 52.03 -12.45
CA PRO E 74 12.17 51.03 -12.22
C PRO E 74 12.42 50.14 -11.01
N GLU E 75 11.55 50.27 -10.01
CA GLU E 75 11.61 49.49 -8.77
C GLU E 75 12.97 49.58 -8.09
N TYR E 76 13.53 50.78 -8.11
CA TYR E 76 14.81 51.05 -7.48
C TYR E 76 14.67 50.98 -5.96
N LYS E 77 15.46 50.12 -5.33
CA LYS E 77 15.43 49.97 -3.89
C LYS E 77 16.84 50.09 -3.32
N CYS E 78 17.00 50.98 -2.34
CA CYS E 78 18.20 51.05 -1.53
C CYS E 78 17.91 50.48 -0.14
N ALA E 79 18.96 49.95 0.49
CA ALA E 79 18.83 49.42 1.84
C ALA E 79 20.18 49.50 2.53
N VAL E 80 20.19 49.19 3.83
CA VAL E 80 21.39 49.23 4.66
C VAL E 80 21.39 48.04 5.62
N PHE E 81 22.59 47.57 5.94
CA PHE E 81 22.77 46.48 6.89
C PHE E 81 23.95 46.82 7.77
N THR E 82 23.83 46.54 9.06
CA THR E 82 24.87 46.86 10.05
C THR E 82 25.55 45.59 10.52
N GLY E 83 26.45 45.75 11.50
CA GLY E 83 27.20 44.65 12.07
C GLY E 83 28.05 43.91 11.06
N VAL E 84 28.84 44.65 10.29
CA VAL E 84 29.58 44.10 9.17
C VAL E 84 31.07 44.14 9.47
N TYR E 85 31.82 43.25 8.81
CA TYR E 85 33.27 43.19 8.95
C TYR E 85 33.82 42.75 7.60
N PRO E 86 34.04 43.69 6.69
CA PRO E 86 34.46 43.33 5.33
C PRO E 86 35.89 42.82 5.23
N PHE E 87 36.34 42.57 4.00
CA PHE E 87 37.67 42.06 3.71
C PHE E 87 38.12 42.50 2.34
N MET E 88 39.43 42.42 2.12
CA MET E 88 40.04 42.63 0.82
C MET E 88 41.17 41.63 0.69
N TRP E 89 42.02 41.83 -0.32
CA TRP E 89 43.10 40.89 -0.62
C TRP E 89 44.37 41.15 0.17
N GLY E 90 44.55 42.38 0.66
CA GLY E 90 45.75 42.72 1.40
C GLY E 90 45.46 43.13 2.83
N GLY E 91 44.53 42.44 3.47
CA GLY E 91 44.20 42.74 4.85
C GLY E 91 42.72 42.92 5.06
N ALA E 92 42.35 43.99 5.75
CA ALA E 92 40.96 44.35 5.97
C ALA E 92 40.70 45.73 5.42
N TYR E 93 39.45 45.99 5.04
CA TYR E 93 39.13 47.29 4.48
C TYR E 93 39.01 48.38 5.53
N CYS E 94 38.52 48.04 6.72
CA CYS E 94 38.36 49.05 7.77
C CYS E 94 38.49 48.35 9.12
N PHE E 95 38.36 49.14 10.19
CA PHE E 95 38.80 48.68 11.50
C PHE E 95 37.86 49.11 12.63
N CYS E 96 36.56 49.20 12.37
CA CYS E 96 35.55 49.33 13.43
C CYS E 96 34.63 48.11 13.35
N ASP E 97 34.90 47.10 14.19
CA ASP E 97 34.10 45.89 14.19
C ASP E 97 32.69 46.09 14.81
N SER E 98 32.33 47.33 15.12
CA SER E 98 31.00 47.69 15.60
C SER E 98 30.21 48.51 14.59
N GLU E 99 30.75 49.64 14.16
CA GLU E 99 29.98 50.62 13.39
C GLU E 99 30.05 50.38 11.88
N ASN E 100 30.77 49.37 11.42
CA ASN E 100 30.90 49.13 9.99
C ASN E 100 29.59 48.57 9.43
N THR E 101 28.98 49.32 8.51
CA THR E 101 27.73 48.96 7.86
C THR E 101 27.94 48.99 6.35
N GLN E 102 27.04 48.34 5.63
CA GLN E 102 27.09 48.34 4.17
C GLN E 102 25.77 48.86 3.62
N MET E 103 25.86 49.89 2.79
CA MET E 103 24.73 50.42 2.05
C MET E 103 24.70 49.82 0.65
N SER E 104 23.51 49.46 0.20
CA SER E 104 23.34 48.80 -1.09
C SER E 104 22.22 49.48 -1.87
N GLU E 105 22.20 49.21 -3.17
CA GLU E 105 21.10 49.64 -4.03
C GLU E 105 21.05 48.75 -5.25
N ALA E 106 19.86 48.62 -5.82
CA ALA E 106 19.66 47.82 -7.01
C ALA E 106 18.49 48.38 -7.80
N TYR E 107 18.63 48.37 -9.12
CA TYR E 107 17.53 48.70 -10.01
C TYR E 107 17.52 47.70 -11.15
N VAL E 108 16.43 47.72 -11.91
CA VAL E 108 16.27 46.80 -13.03
C VAL E 108 15.97 47.63 -14.28
N GLU E 109 16.39 47.11 -15.42
CA GLU E 109 16.25 47.82 -16.69
C GLU E 109 16.15 46.77 -17.79
N ARG E 110 15.89 47.23 -19.01
CA ARG E 110 15.78 46.33 -20.15
C ARG E 110 17.14 45.74 -20.51
N ALA E 111 17.16 44.90 -21.53
CA ALA E 111 18.36 44.21 -21.94
C ALA E 111 18.88 44.76 -23.25
N ASP E 112 20.12 44.42 -23.55
CA ASP E 112 20.74 44.82 -24.81
C ASP E 112 20.34 43.91 -25.96
N VAL E 113 19.31 43.09 -25.80
CA VAL E 113 18.79 42.24 -26.85
C VAL E 113 17.35 42.54 -27.18
N CYS E 114 16.71 43.47 -26.45
CA CYS E 114 15.29 43.75 -26.68
C CYS E 114 15.05 44.41 -28.02
N LYS E 115 16.04 45.15 -28.54
CA LYS E 115 15.86 45.88 -29.78
C LYS E 115 15.71 44.94 -30.98
N HIS E 116 16.06 43.67 -30.84
CA HIS E 116 15.99 42.72 -31.94
C HIS E 116 15.01 41.60 -31.68
N ASP E 117 15.06 40.97 -30.50
CA ASP E 117 14.22 39.84 -30.16
C ASP E 117 13.19 40.27 -29.13
N TYR E 118 11.92 40.25 -29.51
CA TYR E 118 10.88 40.84 -28.67
C TYR E 118 9.51 40.32 -29.10
N ALA E 119 8.57 40.37 -28.18
CA ALA E 119 7.18 39.99 -28.44
C ALA E 119 6.26 41.16 -28.14
N ALA E 120 5.12 41.20 -28.82
CA ALA E 120 4.15 42.28 -28.65
C ALA E 120 2.75 41.72 -28.69
N ALA E 121 1.96 42.02 -27.66
CA ALA E 121 0.55 41.63 -27.62
C ALA E 121 -0.28 42.74 -28.26
N TYR E 122 -1.01 42.39 -29.32
CA TYR E 122 -1.79 43.34 -30.09
C TYR E 122 -3.27 43.18 -29.76
N ARG E 123 -3.97 44.31 -29.64
CA ARG E 123 -5.42 44.28 -29.71
C ARG E 123 -5.83 43.97 -31.14
N ALA E 124 -6.89 43.19 -31.31
CA ALA E 124 -7.20 42.65 -32.63
C ALA E 124 -8.66 42.95 -32.97
N HIS E 125 -8.85 43.90 -33.85
CA HIS E 125 -10.16 44.34 -34.30
C HIS E 125 -10.57 43.50 -35.50
N THR E 126 -11.65 43.92 -36.19
CA THR E 126 -12.15 43.19 -37.34
C THR E 126 -11.09 43.08 -38.45
N ALA E 127 -11.34 42.17 -39.37
CA ALA E 127 -10.39 41.83 -40.42
C ALA E 127 -10.78 42.47 -41.76
N SER E 128 -10.05 42.11 -42.81
CA SER E 128 -10.42 42.40 -44.19
C SER E 128 -9.76 41.33 -45.06
N LEU E 129 -10.02 41.39 -46.37
CA LEU E 129 -9.61 40.30 -47.25
C LEU E 129 -9.09 40.85 -48.57
N ARG E 130 -8.12 40.13 -49.14
CA ARG E 130 -7.64 40.35 -50.49
C ARG E 130 -7.60 39.01 -51.22
N ALA E 131 -7.67 39.06 -52.55
CA ALA E 131 -7.74 37.83 -53.33
C ALA E 131 -7.34 38.09 -54.78
N LYS E 132 -6.47 37.23 -55.30
CA LYS E 132 -6.10 37.25 -56.71
C LYS E 132 -6.92 36.22 -57.47
N ILE E 133 -7.60 36.65 -58.52
CA ILE E 133 -8.31 35.74 -59.41
C ILE E 133 -7.55 35.67 -60.73
N LYS E 134 -7.48 34.47 -61.31
CA LYS E 134 -7.22 34.33 -62.73
C LYS E 134 -8.58 34.25 -63.42
N VAL E 135 -8.78 35.11 -64.41
CA VAL E 135 -10.12 35.50 -64.81
C VAL E 135 -10.34 35.22 -66.30
N THR E 136 -9.81 34.10 -66.78
CA THR E 136 -9.88 33.79 -68.21
C THR E 136 -11.32 33.73 -68.71
N TYR E 137 -11.56 34.42 -69.84
CA TYR E 137 -12.87 34.49 -70.46
C TYR E 137 -12.68 34.81 -71.93
N GLY E 138 -13.49 34.17 -72.77
CA GLY E 138 -13.53 34.49 -74.18
C GLY E 138 -12.20 34.32 -74.88
N THR E 139 -11.58 35.46 -75.23
CA THR E 139 -10.31 35.45 -75.92
C THR E 139 -9.21 36.12 -75.10
N VAL E 140 -9.43 36.39 -73.81
CA VAL E 140 -8.42 37.05 -72.99
C VAL E 140 -8.21 36.28 -71.70
N ASN E 141 -7.02 36.47 -71.12
CA ASN E 141 -6.49 35.58 -70.10
C ASN E 141 -5.50 36.39 -69.27
N GLN E 142 -5.90 36.79 -68.08
CA GLN E 142 -5.03 37.57 -67.21
C GLN E 142 -5.28 37.17 -65.76
N THR E 143 -4.72 37.94 -64.85
CA THR E 143 -4.97 37.81 -63.42
C THR E 143 -5.29 39.18 -62.84
N VAL E 144 -6.15 39.19 -61.83
CA VAL E 144 -6.63 40.44 -61.25
C VAL E 144 -6.45 40.39 -59.75
N GLU E 145 -5.90 41.45 -59.18
CA GLU E 145 -5.87 41.61 -57.73
C GLU E 145 -7.01 42.53 -57.32
N ALA E 146 -7.71 42.14 -56.26
CA ALA E 146 -8.89 42.90 -55.86
C ALA E 146 -9.03 42.88 -54.35
N TYR E 147 -9.78 43.85 -53.84
CA TYR E 147 -10.29 43.82 -52.48
C TYR E 147 -11.54 42.93 -52.48
N VAL E 148 -12.32 42.96 -51.40
CA VAL E 148 -13.39 41.99 -51.21
C VAL E 148 -14.76 42.65 -51.11
N ASN E 149 -14.89 43.74 -50.36
CA ASN E 149 -16.21 44.07 -49.84
C ASN E 149 -17.08 44.82 -50.85
N GLY E 150 -16.66 46.02 -51.24
CA GLY E 150 -17.57 46.92 -51.93
C GLY E 150 -16.94 47.60 -53.13
N ASP E 151 -16.97 48.92 -53.14
CA ASP E 151 -16.54 49.67 -54.32
C ASP E 151 -15.03 49.65 -54.48
N HIS E 152 -14.48 48.47 -54.73
CA HIS E 152 -13.16 48.32 -55.35
C HIS E 152 -13.37 47.49 -56.59
N ALA E 153 -13.67 48.15 -57.69
CA ALA E 153 -13.82 47.46 -58.95
C ALA E 153 -12.46 47.10 -59.52
N VAL E 154 -12.47 46.26 -60.54
CA VAL E 154 -11.30 45.99 -61.37
C VAL E 154 -11.74 46.02 -62.82
N THR E 155 -10.94 46.65 -63.67
CA THR E 155 -11.24 46.74 -65.08
C THR E 155 -10.12 46.12 -65.91
N ILE E 156 -10.52 45.39 -66.96
CA ILE E 156 -9.57 44.87 -67.93
C ILE E 156 -10.32 44.62 -69.23
N ALA E 157 -9.72 45.08 -70.34
CA ALA E 157 -10.24 44.89 -71.69
C ALA E 157 -11.66 45.41 -71.84
N GLY E 158 -11.94 46.53 -71.19
CA GLY E 158 -13.24 47.16 -71.24
C GLY E 158 -14.25 46.61 -70.25
N THR E 159 -14.11 45.35 -69.86
CA THR E 159 -15.00 44.78 -68.87
C THR E 159 -14.67 45.29 -67.48
N LYS E 160 -15.68 45.32 -66.62
CA LYS E 160 -15.50 45.68 -65.22
C LYS E 160 -16.42 44.82 -64.37
N PHE E 161 -15.93 44.41 -63.20
CA PHE E 161 -16.74 43.68 -62.23
C PHE E 161 -16.19 43.84 -60.84
N ILE E 162 -17.05 43.59 -59.86
CA ILE E 162 -16.72 43.74 -58.46
C ILE E 162 -16.99 42.43 -57.74
N PHE E 163 -16.28 42.22 -56.66
CA PHE E 163 -16.37 40.99 -55.88
C PHE E 163 -17.07 41.27 -54.56
N GLY E 164 -17.54 40.20 -53.93
CA GLY E 164 -18.03 40.26 -52.58
C GLY E 164 -19.24 41.14 -52.38
N PRO E 165 -19.55 41.49 -51.13
CA PRO E 165 -18.81 41.21 -49.89
C PRO E 165 -19.05 39.80 -49.36
N VAL E 166 -18.30 39.39 -48.34
CA VAL E 166 -18.26 37.99 -47.93
C VAL E 166 -19.62 37.58 -47.36
N SER E 167 -19.89 36.28 -47.39
CA SER E 167 -21.14 35.76 -46.86
C SER E 167 -21.13 35.68 -45.34
N THR E 168 -19.94 35.54 -44.73
CA THR E 168 -19.84 35.45 -43.28
C THR E 168 -18.45 35.91 -42.86
N ALA E 169 -18.39 36.83 -41.89
CA ALA E 169 -17.12 37.25 -41.32
C ALA E 169 -16.58 36.15 -40.40
N TRP E 170 -15.85 35.21 -40.98
CA TRP E 170 -15.26 34.10 -40.24
C TRP E 170 -13.79 34.39 -40.00
N THR E 171 -13.36 34.24 -38.75
CA THR E 171 -12.00 34.58 -38.40
C THR E 171 -11.40 33.45 -37.58
N PRO E 172 -10.20 32.98 -37.93
CA PRO E 172 -9.50 32.02 -37.06
C PRO E 172 -8.78 32.67 -35.89
N PHE E 173 -8.82 33.99 -35.80
CA PHE E 173 -8.10 34.73 -34.78
C PHE E 173 -8.99 34.89 -33.55
N ASP E 174 -8.58 35.75 -32.63
CA ASP E 174 -9.42 36.06 -31.48
C ASP E 174 -9.15 37.50 -31.07
N THR E 175 -9.83 37.94 -30.01
CA THR E 175 -9.72 39.32 -29.58
C THR E 175 -8.40 39.64 -28.90
N LYS E 176 -7.56 38.64 -28.64
CA LYS E 176 -6.23 38.86 -28.07
C LYS E 176 -5.23 38.03 -28.85
N ILE E 177 -4.11 38.64 -29.23
CA ILE E 177 -3.10 37.94 -30.02
C ILE E 177 -1.72 38.36 -29.54
N VAL E 178 -0.76 37.44 -29.68
CA VAL E 178 0.65 37.71 -29.38
C VAL E 178 1.48 37.31 -30.58
N VAL E 179 2.49 38.10 -30.90
CA VAL E 179 3.37 37.85 -32.04
C VAL E 179 4.80 37.68 -31.54
N TYR E 180 5.45 36.62 -32.00
CA TYR E 180 6.85 36.34 -31.74
C TYR E 180 7.58 36.34 -33.08
N LYS E 181 8.85 35.90 -33.06
CA LYS E 181 9.79 36.08 -34.17
C LYS E 181 9.24 35.64 -35.52
N GLY E 182 8.37 34.64 -35.55
CA GLY E 182 7.74 34.29 -36.80
C GLY E 182 6.28 33.84 -36.74
N GLU E 183 5.67 33.83 -35.55
CA GLU E 183 4.41 33.13 -35.38
C GLU E 183 3.37 34.00 -34.68
N VAL E 184 2.22 33.41 -34.35
CA VAL E 184 1.19 34.06 -33.55
C VAL E 184 0.70 33.08 -32.51
N TYR E 185 -0.19 33.54 -31.63
CA TYR E 185 -0.67 32.70 -30.53
C TYR E 185 -2.06 33.14 -30.12
N ASN E 186 -2.57 32.51 -29.07
CA ASN E 186 -3.89 32.80 -28.48
C ASN E 186 -3.74 32.75 -26.97
N GLN E 187 -3.45 33.90 -26.35
CA GLN E 187 -3.21 33.96 -24.92
C GLN E 187 -3.89 35.18 -24.32
N ASP E 188 -4.72 34.94 -23.31
CA ASP E 188 -5.37 36.05 -22.63
C ASP E 188 -4.35 36.78 -21.76
N PHE E 189 -3.64 37.73 -22.35
CA PHE E 189 -2.62 38.46 -21.62
C PHE E 189 -3.26 39.42 -20.62
N PRO E 190 -2.62 39.66 -19.49
CA PRO E 190 -3.10 40.67 -18.54
C PRO E 190 -2.81 42.07 -19.05
N PRO E 191 -3.56 43.07 -18.60
CA PRO E 191 -3.46 44.41 -19.21
C PRO E 191 -2.21 45.19 -18.81
N TYR E 192 -2.17 46.45 -19.23
CA TYR E 192 -1.07 47.33 -18.89
C TYR E 192 -1.04 47.57 -17.38
N GLY E 193 0.16 47.44 -16.81
CA GLY E 193 0.33 47.72 -15.40
C GLY E 193 0.00 46.57 -14.47
N ALA E 194 -0.92 45.70 -14.89
CA ALA E 194 -1.38 44.61 -14.02
C ALA E 194 -0.60 43.33 -14.28
N GLY E 195 0.71 43.44 -14.12
CA GLY E 195 1.55 42.26 -14.22
C GLY E 195 1.58 41.48 -12.92
N GLN E 196 2.22 40.31 -12.98
CA GLN E 196 2.50 39.54 -11.79
C GLN E 196 3.90 38.97 -11.96
N PRO E 197 4.72 39.02 -10.91
CA PRO E 197 6.02 38.34 -10.98
C PRO E 197 5.81 36.85 -11.13
N GLY E 198 6.44 36.26 -12.13
CA GLY E 198 5.98 34.96 -12.55
C GLY E 198 5.59 34.90 -14.01
N ARG E 199 4.30 34.82 -14.27
CA ARG E 199 3.78 34.41 -15.57
C ARG E 199 4.08 35.45 -16.65
N PHE E 200 3.62 35.15 -17.86
CA PHE E 200 4.09 35.83 -19.07
C PHE E 200 3.74 37.30 -19.07
N GLY E 201 4.76 38.14 -19.20
CA GLY E 201 4.55 39.56 -19.37
C GLY E 201 4.78 40.34 -18.11
N ASP E 202 5.83 40.00 -17.37
CA ASP E 202 6.17 40.77 -16.17
C ASP E 202 7.15 41.90 -16.50
N ILE E 203 6.80 42.61 -17.57
CA ILE E 203 7.44 43.82 -18.07
C ILE E 203 6.36 44.50 -18.89
N GLN E 204 6.17 45.79 -18.73
CA GLN E 204 5.25 46.52 -19.58
C GLN E 204 5.96 47.76 -20.09
N SER E 205 5.97 47.92 -21.41
CA SER E 205 6.53 49.11 -22.05
C SER E 205 5.66 49.43 -23.24
N ARG E 206 5.11 50.65 -23.25
CA ARG E 206 4.12 51.00 -24.27
C ARG E 206 4.74 50.99 -25.66
N THR E 207 6.01 51.37 -25.78
CA THR E 207 6.72 51.31 -27.06
C THR E 207 8.17 50.92 -26.75
N LEU E 208 9.05 51.02 -27.74
CA LEU E 208 10.40 50.50 -27.64
C LEU E 208 11.40 51.56 -27.20
N ASP E 209 11.50 52.65 -27.95
CA ASP E 209 12.39 53.75 -27.63
C ASP E 209 11.85 54.65 -26.52
N SER E 210 10.79 54.24 -25.84
CA SER E 210 10.24 55.03 -24.74
C SER E 210 11.20 55.06 -23.55
N LYS E 211 11.16 56.17 -22.82
CA LYS E 211 12.14 56.43 -21.78
C LYS E 211 11.75 55.86 -20.42
N ASP E 212 10.53 55.39 -20.26
CA ASP E 212 10.07 54.80 -19.01
C ASP E 212 9.42 53.45 -19.27
N LEU E 213 9.27 52.67 -18.20
CA LEU E 213 8.65 51.36 -18.28
C LEU E 213 8.36 50.87 -16.87
N TYR E 214 7.35 50.03 -16.76
CA TYR E 214 6.91 49.45 -15.49
C TYR E 214 7.38 48.01 -15.41
N ALA E 215 8.18 47.70 -14.40
CA ALA E 215 8.70 46.36 -14.18
C ALA E 215 8.29 45.90 -12.79
N ASN E 216 7.80 44.67 -12.71
CA ASN E 216 7.37 44.10 -11.44
C ASN E 216 8.06 42.79 -11.21
N THR E 217 9.38 42.80 -11.38
CA THR E 217 10.20 41.62 -11.10
C THR E 217 10.08 41.15 -9.66
N GLY E 218 9.63 42.01 -8.75
CA GLY E 218 9.22 41.60 -7.43
C GLY E 218 10.34 41.04 -6.58
N LEU E 219 11.29 41.89 -6.20
CA LEU E 219 12.46 41.46 -5.45
C LEU E 219 12.52 42.18 -4.12
N LYS E 220 13.42 41.70 -3.27
CA LYS E 220 13.84 42.41 -2.07
C LYS E 220 15.36 42.40 -2.09
N LEU E 221 16.00 42.81 -1.01
CA LEU E 221 17.42 42.58 -0.84
C LEU E 221 17.65 41.64 0.32
N ALA E 222 18.90 41.20 0.46
CA ALA E 222 19.27 40.29 1.54
C ALA E 222 20.47 40.85 2.29
N ARG E 223 20.50 40.60 3.59
CA ARG E 223 21.65 40.97 4.40
C ARG E 223 22.85 40.14 3.95
N PRO E 224 24.01 40.74 3.74
CA PRO E 224 25.14 40.00 3.21
C PRO E 224 25.75 39.07 4.24
N ALA E 225 26.62 38.19 3.76
CA ALA E 225 27.31 37.25 4.61
C ALA E 225 28.62 37.84 5.09
N ALA E 226 28.97 37.55 6.33
CA ALA E 226 30.23 38.02 6.88
C ALA E 226 31.40 37.42 6.10
N GLY E 227 32.46 38.22 5.96
CA GLY E 227 33.62 37.80 5.20
C GLY E 227 33.56 38.18 3.74
N ASN E 228 32.71 37.52 2.97
CA ASN E 228 32.59 37.83 1.55
C ASN E 228 31.77 39.10 1.41
N ILE E 229 32.44 40.18 1.04
CA ILE E 229 31.79 41.47 0.85
C ILE E 229 31.32 41.56 -0.60
N HIS E 230 30.00 41.59 -0.78
CA HIS E 230 29.38 41.63 -2.10
C HIS E 230 27.97 42.19 -1.92
N VAL E 231 27.15 42.03 -2.95
CA VAL E 231 25.75 42.43 -2.89
C VAL E 231 24.88 41.22 -3.25
N PRO E 232 24.29 40.57 -2.28
CA PRO E 232 23.34 39.49 -2.58
C PRO E 232 21.96 40.05 -2.84
N TYR E 233 21.51 39.98 -4.09
CA TYR E 233 20.16 40.40 -4.42
C TYR E 233 19.24 39.20 -4.49
N THR E 234 18.01 39.39 -3.99
CA THR E 234 17.07 38.30 -3.86
C THR E 234 16.73 37.71 -5.21
N GLN E 235 16.25 36.48 -5.18
CA GLN E 235 16.05 35.71 -6.41
C GLN E 235 14.83 36.24 -7.14
N THR E 236 15.04 36.69 -8.38
CA THR E 236 13.97 37.17 -9.23
C THR E 236 13.58 36.08 -10.21
N PRO E 237 12.36 35.60 -10.19
CA PRO E 237 11.98 34.52 -11.10
C PRO E 237 11.73 35.02 -12.53
N SER E 238 12.81 35.12 -13.33
CA SER E 238 12.71 35.64 -14.69
C SER E 238 11.67 34.88 -15.50
N GLY E 239 10.78 35.62 -16.16
CA GLY E 239 9.55 35.04 -16.67
C GLY E 239 9.46 34.91 -18.17
N PHE E 240 10.09 35.82 -18.91
CA PHE E 240 10.06 35.71 -20.36
C PHE E 240 10.75 34.45 -20.83
N LYS E 241 11.87 34.08 -20.19
CA LYS E 241 12.58 32.89 -20.62
C LYS E 241 11.95 31.60 -20.12
N THR E 242 10.92 31.67 -19.27
CA THR E 242 10.14 30.48 -18.99
C THR E 242 8.86 30.41 -19.81
N TRP E 243 8.43 31.54 -20.37
CA TRP E 243 7.44 31.47 -21.45
C TRP E 243 8.07 31.13 -22.78
N GLN E 244 9.38 31.31 -22.89
CA GLN E 244 10.15 30.90 -24.06
C GLN E 244 10.17 29.38 -24.22
N LYS E 245 9.97 28.63 -23.14
CA LYS E 245 10.13 27.19 -23.17
C LYS E 245 8.83 26.42 -23.37
N ASP E 246 7.73 26.89 -22.78
CA ASP E 246 6.51 26.09 -22.68
C ASP E 246 5.44 26.58 -23.64
N ARG E 247 5.86 26.98 -24.84
CA ARG E 247 4.93 27.43 -25.87
C ARG E 247 4.16 26.23 -26.42
N ASP E 248 2.84 26.23 -26.22
CA ASP E 248 2.01 25.22 -26.86
C ASP E 248 1.88 25.53 -28.34
N SER E 249 1.16 24.66 -29.05
CA SER E 249 0.98 24.66 -30.50
C SER E 249 0.56 26.03 -31.03
N PRO E 250 1.43 26.70 -31.78
CA PRO E 250 1.04 27.97 -32.40
C PRO E 250 0.04 27.75 -33.51
N LEU E 251 -0.54 28.85 -33.98
CA LEU E 251 -1.55 28.75 -35.03
C LEU E 251 -0.96 28.30 -36.36
N ASN E 252 0.35 28.45 -36.55
CA ASN E 252 0.99 27.97 -37.78
C ASN E 252 0.88 26.47 -37.94
N ALA E 253 0.53 25.75 -36.87
CA ALA E 253 0.27 24.32 -36.99
C ALA E 253 -1.00 23.92 -36.25
N LYS E 254 -1.90 24.86 -35.97
CA LYS E 254 -3.14 24.53 -35.30
C LYS E 254 -4.37 25.18 -35.92
N ALA E 255 -4.22 26.14 -36.82
CA ALA E 255 -5.30 26.91 -37.42
C ALA E 255 -6.38 26.02 -38.03
N PRO E 256 -7.63 26.46 -38.01
CA PRO E 256 -8.69 25.69 -38.65
C PRO E 256 -8.84 26.04 -40.12
N PHE E 257 -9.58 25.18 -40.82
CA PHE E 257 -9.88 25.30 -42.25
C PHE E 257 -8.63 25.28 -43.11
N GLY E 258 -7.54 24.72 -42.61
CA GLY E 258 -6.34 24.56 -43.39
C GLY E 258 -5.67 25.85 -43.80
N CYS E 259 -6.05 26.96 -43.20
CA CYS E 259 -5.48 28.23 -43.57
C CYS E 259 -4.07 28.32 -43.00
N THR E 260 -3.21 29.11 -43.62
CA THR E 260 -1.80 29.11 -43.24
C THR E 260 -1.35 30.50 -42.83
N ILE E 261 -0.59 30.55 -41.76
CA ILE E 261 -0.20 31.81 -41.12
C ILE E 261 1.11 32.31 -41.72
N GLN E 262 1.17 33.61 -41.99
CA GLN E 262 2.41 34.29 -42.30
C GLN E 262 2.47 35.57 -41.49
N THR E 263 3.64 36.21 -41.49
CA THR E 263 3.93 37.28 -40.55
C THR E 263 4.47 38.49 -41.30
N ASN E 264 4.40 39.66 -40.65
CA ASN E 264 4.91 40.95 -41.13
C ASN E 264 4.33 41.34 -42.49
N PRO E 265 3.03 41.69 -42.57
CA PRO E 265 2.08 41.77 -41.47
C PRO E 265 1.47 40.43 -41.15
N VAL E 266 0.86 40.31 -39.97
CA VAL E 266 0.12 39.10 -39.62
C VAL E 266 -1.03 38.93 -40.60
N ARG E 267 -1.13 37.75 -41.19
CA ARG E 267 -2.15 37.52 -42.20
C ARG E 267 -2.47 36.04 -42.28
N ALA E 268 -3.71 35.74 -42.66
CA ALA E 268 -4.13 34.40 -42.98
C ALA E 268 -4.01 34.19 -44.49
N MET E 269 -3.85 32.94 -44.92
CA MET E 269 -3.69 32.66 -46.34
C MET E 269 -4.38 31.38 -46.77
N ASN E 270 -5.08 31.45 -47.90
CA ASN E 270 -5.55 30.29 -48.66
C ASN E 270 -6.47 29.38 -47.85
N CYS E 271 -7.23 29.95 -46.93
CA CYS E 271 -8.28 29.17 -46.28
C CYS E 271 -9.51 29.05 -47.16
N ALA E 272 -10.18 27.90 -47.07
CA ALA E 272 -11.23 27.49 -47.98
C ALA E 272 -12.54 27.34 -47.21
N VAL E 273 -13.29 28.42 -47.14
CA VAL E 273 -14.54 28.45 -46.41
C VAL E 273 -15.39 29.60 -46.94
N GLY E 274 -16.68 29.37 -47.07
CA GLY E 274 -17.56 30.37 -47.61
C GLY E 274 -17.42 30.55 -49.11
N ASN E 275 -18.36 31.30 -49.69
CA ASN E 275 -18.36 31.58 -51.12
C ASN E 275 -18.32 33.09 -51.33
N ILE E 276 -17.87 33.49 -52.52
CA ILE E 276 -17.65 34.89 -52.85
C ILE E 276 -18.58 35.28 -53.98
N PRO E 277 -19.53 36.18 -53.76
CA PRO E 277 -20.42 36.60 -54.84
C PRO E 277 -19.81 37.70 -55.70
N VAL E 278 -20.14 37.67 -56.98
CA VAL E 278 -19.68 38.68 -57.93
C VAL E 278 -20.87 39.26 -58.66
N SER E 279 -20.71 40.50 -59.12
CA SER E 279 -21.66 41.11 -60.04
C SER E 279 -20.85 41.70 -61.18
N MET E 280 -21.16 41.29 -62.41
CA MET E 280 -20.28 41.56 -63.53
C MET E 280 -21.04 42.15 -64.70
N ASP E 281 -20.34 43.02 -65.45
CA ASP E 281 -20.89 43.72 -66.59
C ASP E 281 -19.85 43.74 -67.70
N ILE E 282 -20.22 43.24 -68.88
CA ILE E 282 -19.25 42.90 -69.92
C ILE E 282 -19.29 43.94 -71.02
N ALA E 283 -18.11 44.34 -71.49
CA ALA E 283 -18.01 45.19 -72.67
C ALA E 283 -18.23 44.36 -73.93
N ASP E 284 -19.01 44.91 -74.87
CA ASP E 284 -19.56 44.14 -75.98
C ASP E 284 -18.52 43.51 -76.88
N SER E 285 -17.24 43.85 -76.74
CA SER E 285 -16.21 43.24 -77.58
C SER E 285 -16.07 41.74 -77.33
N ALA E 286 -16.65 41.21 -76.27
CA ALA E 286 -16.51 39.82 -75.90
C ALA E 286 -17.59 38.93 -76.47
N PHE E 287 -18.47 39.45 -77.32
CA PHE E 287 -19.57 38.66 -77.87
C PHE E 287 -19.48 38.63 -79.38
N THR E 288 -19.36 37.43 -79.95
CA THR E 288 -19.48 37.24 -81.39
C THR E 288 -20.95 37.28 -81.77
N ARG E 289 -21.24 37.97 -82.87
CA ARG E 289 -22.63 38.12 -83.33
C ARG E 289 -23.17 36.78 -83.83
N LEU E 290 -24.49 36.62 -83.72
CA LEU E 290 -25.13 35.37 -84.14
C LEU E 290 -24.95 35.07 -85.62
N THR E 291 -24.60 36.07 -86.43
CA THR E 291 -24.37 35.86 -87.84
C THR E 291 -22.92 35.55 -88.15
N ASP E 292 -22.12 35.25 -87.13
CA ASP E 292 -20.74 34.81 -87.33
C ASP E 292 -20.36 33.63 -86.46
N ALA E 293 -21.24 33.17 -85.59
CA ALA E 293 -20.88 31.94 -84.90
C ALA E 293 -21.47 30.75 -85.61
N PRO E 294 -20.72 29.66 -85.72
CA PRO E 294 -21.22 28.47 -86.41
C PRO E 294 -22.42 27.87 -85.69
N ILE E 295 -23.38 27.40 -86.47
CA ILE E 295 -24.68 26.97 -85.97
C ILE E 295 -24.74 25.46 -86.01
N ILE E 296 -25.23 24.85 -84.92
CA ILE E 296 -25.36 23.41 -84.86
C ILE E 296 -26.83 23.06 -84.73
N SER E 297 -27.15 21.80 -85.04
CA SER E 297 -28.52 21.35 -85.02
C SER E 297 -28.58 19.84 -84.83
N GLU E 298 -29.71 19.38 -84.28
CA GLU E 298 -29.93 18.00 -83.88
C GLU E 298 -28.74 17.46 -83.08
N LEU E 299 -28.49 18.12 -81.96
CA LEU E 299 -27.46 17.68 -81.03
C LEU E 299 -27.74 16.27 -80.55
N LEU E 300 -26.69 15.56 -80.15
CA LEU E 300 -26.85 14.24 -79.57
C LEU E 300 -25.79 14.10 -78.48
N CYS E 301 -25.78 12.95 -77.80
CA CYS E 301 -24.77 12.67 -76.79
C CYS E 301 -24.66 11.17 -76.60
N THR E 302 -23.60 10.78 -75.90
CA THR E 302 -23.16 9.40 -75.68
C THR E 302 -22.25 9.44 -74.47
N VAL E 303 -21.59 8.32 -74.17
CA VAL E 303 -20.62 8.26 -73.09
C VAL E 303 -19.59 7.20 -73.47
N SER E 304 -18.46 7.24 -72.79
CA SER E 304 -17.41 6.27 -73.05
C SER E 304 -17.01 5.51 -71.81
N THR E 305 -16.96 6.18 -70.66
CA THR E 305 -16.71 5.59 -69.35
C THR E 305 -16.96 6.66 -68.32
N CYS E 306 -17.19 6.22 -67.08
CA CYS E 306 -17.44 7.17 -66.02
C CYS E 306 -17.10 6.53 -64.69
N THR E 307 -16.25 7.21 -63.93
CA THR E 307 -15.95 6.85 -62.55
C THR E 307 -16.09 8.11 -61.73
N HIS E 308 -16.75 8.00 -60.57
CA HIS E 308 -16.92 9.19 -59.76
C HIS E 308 -15.66 9.46 -58.94
N SER E 309 -14.51 9.46 -59.61
CA SER E 309 -13.27 9.83 -58.97
C SER E 309 -13.27 11.31 -58.65
N SER E 310 -12.46 11.68 -57.68
CA SER E 310 -12.28 13.11 -57.40
C SER E 310 -11.20 13.70 -58.27
N ASP E 311 -11.34 13.46 -59.57
CA ASP E 311 -10.41 13.93 -60.57
C ASP E 311 -11.20 14.09 -61.88
N PHE E 312 -10.56 14.61 -62.91
CA PHE E 312 -11.21 14.74 -64.21
C PHE E 312 -11.29 13.37 -64.85
N GLY E 313 -12.25 12.59 -64.39
CA GLY E 313 -12.40 11.23 -64.84
C GLY E 313 -13.78 10.95 -65.38
N GLY E 314 -13.84 10.65 -66.67
CA GLY E 314 -15.09 10.45 -67.37
C GLY E 314 -15.07 11.21 -68.67
N VAL E 315 -15.28 10.51 -69.77
CA VAL E 315 -15.12 11.09 -71.10
C VAL E 315 -16.40 10.87 -71.86
N ALA E 316 -16.94 11.94 -72.42
CA ALA E 316 -18.19 11.90 -73.16
C ALA E 316 -17.92 12.40 -74.56
N VAL E 317 -18.08 11.55 -75.53
CA VAL E 317 -18.08 12.03 -76.90
C VAL E 317 -19.51 12.40 -77.27
N LEU E 318 -19.64 13.44 -78.08
CA LEU E 318 -20.96 13.91 -78.47
C LEU E 318 -20.89 14.37 -79.91
N SER E 319 -21.88 13.96 -80.70
CA SER E 319 -21.89 14.15 -82.13
C SER E 319 -23.07 15.02 -82.55
N TYR E 320 -22.92 15.69 -83.68
CA TYR E 320 -23.91 16.61 -84.18
C TYR E 320 -23.63 16.87 -85.64
N LYS E 321 -24.50 17.65 -86.27
CA LYS E 321 -24.26 18.15 -87.61
C LYS E 321 -24.05 19.65 -87.53
N VAL E 322 -23.11 20.15 -88.34
CA VAL E 322 -22.65 21.52 -88.24
C VAL E 322 -23.06 22.25 -89.51
N GLU E 323 -22.96 23.58 -89.48
CA GLU E 323 -23.17 24.38 -90.67
C GLU E 323 -21.86 24.87 -91.28
N LYS E 324 -20.99 25.51 -90.51
CA LYS E 324 -19.70 25.93 -91.03
C LYS E 324 -18.67 25.90 -89.91
N ALA E 325 -17.44 26.30 -90.24
CA ALA E 325 -16.31 26.22 -89.31
C ALA E 325 -16.45 27.25 -88.20
N GLY E 326 -15.48 27.24 -87.28
CA GLY E 326 -15.41 28.21 -86.21
C GLY E 326 -15.22 27.56 -84.86
N ARG E 327 -15.20 28.39 -83.83
CA ARG E 327 -14.98 27.96 -82.46
C ARG E 327 -16.22 28.29 -81.63
N CYS E 328 -16.76 27.29 -80.96
CA CYS E 328 -17.99 27.43 -80.19
C CYS E 328 -17.72 27.23 -78.70
N ASP E 329 -18.71 27.57 -77.88
CA ASP E 329 -18.62 27.48 -76.43
C ASP E 329 -19.57 26.40 -75.91
N VAL E 330 -19.29 25.95 -74.69
CA VAL E 330 -19.96 24.78 -74.13
C VAL E 330 -20.06 24.95 -72.62
N HIS E 331 -21.12 24.40 -72.04
CA HIS E 331 -21.40 24.56 -70.61
C HIS E 331 -22.37 23.49 -70.15
N SER E 332 -22.24 23.08 -68.90
CA SER E 332 -23.14 22.10 -68.29
C SER E 332 -24.11 22.79 -67.34
N HIS E 333 -25.40 22.61 -67.57
CA HIS E 333 -26.43 23.42 -66.94
C HIS E 333 -26.80 22.98 -65.53
N SER E 334 -26.09 22.03 -64.94
CA SER E 334 -26.51 21.53 -63.64
C SER E 334 -25.30 21.42 -62.72
N ASN E 335 -25.58 21.49 -61.42
CA ASN E 335 -24.55 21.56 -60.41
C ASN E 335 -23.79 20.25 -60.23
N VAL E 336 -24.31 19.15 -60.77
CA VAL E 336 -23.70 17.85 -60.51
C VAL E 336 -22.33 17.75 -61.15
N ALA E 337 -22.25 17.98 -62.46
CA ALA E 337 -20.99 17.83 -63.16
C ALA E 337 -20.46 19.18 -63.59
N VAL E 338 -19.14 19.27 -63.71
CA VAL E 338 -18.46 20.45 -64.20
C VAL E 338 -17.50 20.04 -65.29
N LEU E 339 -17.24 20.95 -66.21
CA LEU E 339 -16.44 20.64 -67.38
C LEU E 339 -14.98 21.01 -67.17
N GLN E 340 -14.10 20.30 -67.87
CA GLN E 340 -12.70 20.68 -67.90
C GLN E 340 -12.43 21.70 -69.00
N GLU E 341 -12.91 21.42 -70.20
CA GLU E 341 -12.66 22.32 -71.31
C GLU E 341 -13.54 23.56 -71.19
N VAL E 342 -12.95 24.72 -71.49
CA VAL E 342 -13.75 25.94 -71.56
C VAL E 342 -14.66 25.91 -72.76
N SER E 343 -14.11 25.62 -73.94
CA SER E 343 -14.84 25.79 -75.17
C SER E 343 -14.26 24.88 -76.24
N ILE E 344 -15.10 24.45 -77.14
CA ILE E 344 -14.75 23.43 -78.11
C ILE E 344 -14.32 24.09 -79.40
N GLU E 345 -13.35 23.49 -80.09
CA GLU E 345 -13.13 23.81 -81.49
C GLU E 345 -14.07 22.91 -82.27
N ALA E 346 -15.25 23.44 -82.56
CA ALA E 346 -16.38 22.65 -83.05
C ALA E 346 -16.15 22.28 -84.51
N GLU E 347 -15.76 21.03 -84.76
CA GLU E 347 -15.76 20.48 -86.11
C GLU E 347 -16.14 19.00 -86.02
N GLY E 348 -17.44 18.73 -86.11
CA GLY E 348 -17.96 17.38 -86.23
C GLY E 348 -18.07 16.57 -84.95
N ARG E 349 -16.96 16.04 -84.46
CA ARG E 349 -16.94 15.20 -83.27
C ARG E 349 -16.03 15.81 -82.23
N SER E 350 -16.48 15.78 -80.97
CA SER E 350 -15.82 16.53 -79.92
C SER E 350 -15.66 15.67 -78.67
N VAL E 351 -14.69 16.06 -77.85
CA VAL E 351 -14.39 15.42 -76.58
C VAL E 351 -14.65 16.42 -75.47
N ILE E 352 -15.35 15.99 -74.43
CA ILE E 352 -15.48 16.78 -73.22
C ILE E 352 -15.24 15.87 -72.02
N HIS E 353 -14.23 16.20 -71.23
CA HIS E 353 -14.04 15.50 -69.96
C HIS E 353 -14.92 16.14 -68.90
N PHE E 354 -15.29 15.34 -67.90
CA PHE E 354 -16.21 15.82 -66.87
C PHE E 354 -16.02 14.98 -65.63
N SER E 355 -16.57 15.46 -64.51
CA SER E 355 -16.40 14.80 -63.23
C SER E 355 -17.69 14.89 -62.42
N THR E 356 -17.87 13.94 -61.52
CA THR E 356 -19.04 13.91 -60.64
C THR E 356 -18.77 13.01 -59.45
N ALA E 357 -19.77 12.89 -58.59
CA ALA E 357 -19.72 12.03 -57.42
C ALA E 357 -21.04 11.32 -57.19
N SER E 358 -21.77 11.00 -58.25
CA SER E 358 -23.13 10.48 -58.13
C SER E 358 -23.28 9.02 -58.53
N ALA E 359 -22.37 8.51 -59.36
CA ALA E 359 -22.34 7.15 -59.91
C ALA E 359 -23.42 6.94 -60.96
N ALA E 360 -24.32 7.92 -61.12
CA ALA E 360 -25.34 7.92 -62.16
C ALA E 360 -25.89 9.33 -62.31
N PRO E 361 -25.17 10.22 -62.97
CA PRO E 361 -25.58 11.63 -62.99
C PRO E 361 -26.51 11.99 -64.13
N SER E 362 -27.63 12.64 -63.81
CA SER E 362 -28.35 13.39 -64.81
C SER E 362 -27.53 14.61 -65.21
N PHE E 363 -27.76 15.10 -66.42
CA PHE E 363 -26.73 15.92 -67.03
C PHE E 363 -27.30 16.59 -68.27
N ILE E 364 -26.98 17.87 -68.46
CA ILE E 364 -27.46 18.65 -69.60
C ILE E 364 -26.29 19.42 -70.20
N VAL E 365 -26.12 19.28 -71.51
CA VAL E 365 -25.02 19.94 -72.22
C VAL E 365 -25.61 20.98 -73.14
N SER E 366 -24.90 22.10 -73.28
CA SER E 366 -25.32 23.21 -74.13
C SER E 366 -24.14 23.58 -75.01
N VAL E 367 -24.37 23.69 -76.31
CA VAL E 367 -23.34 24.07 -77.26
C VAL E 367 -23.94 25.05 -78.24
N CYS E 368 -23.53 26.31 -78.17
CA CYS E 368 -23.98 27.38 -79.08
C CYS E 368 -25.49 27.46 -79.15
N SER E 369 -26.12 27.60 -77.99
CA SER E 369 -27.57 27.69 -77.86
C SER E 369 -28.27 26.47 -78.44
N SER E 370 -27.80 25.30 -78.04
CA SER E 370 -28.44 24.05 -78.41
C SER E 370 -28.40 23.11 -77.22
N ARG E 371 -29.48 22.37 -77.02
CA ARG E 371 -29.74 21.70 -75.75
C ARG E 371 -29.92 20.21 -75.97
N ALA E 372 -29.17 19.40 -75.21
CA ALA E 372 -29.32 17.95 -75.25
C ALA E 372 -29.20 17.41 -73.84
N THR E 373 -29.87 16.28 -73.58
CA THR E 373 -29.95 15.71 -72.24
C THR E 373 -29.26 14.36 -72.26
N CYS E 374 -28.08 14.29 -71.66
CA CYS E 374 -27.20 13.15 -71.78
C CYS E 374 -27.04 12.46 -70.44
N THR E 375 -26.72 11.17 -70.48
CA THR E 375 -26.68 10.40 -69.23
C THR E 375 -25.43 9.52 -69.11
N ALA E 376 -25.38 8.69 -68.06
CA ALA E 376 -24.19 7.89 -67.78
C ALA E 376 -24.53 6.75 -66.83
N LYS E 377 -23.59 5.80 -66.73
CA LYS E 377 -23.67 4.65 -65.81
C LYS E 377 -22.28 4.52 -65.19
N CYS E 378 -22.04 5.17 -64.06
CA CYS E 378 -20.67 5.26 -63.56
C CYS E 378 -20.35 4.12 -62.60
N GLU E 379 -19.04 3.90 -62.42
CA GLU E 379 -18.42 2.86 -61.64
C GLU E 379 -17.60 3.47 -60.50
N PRO E 380 -17.61 2.88 -59.31
CA PRO E 380 -16.85 3.46 -58.21
C PRO E 380 -15.36 3.21 -58.39
N PRO E 381 -14.51 4.07 -57.84
CA PRO E 381 -13.06 3.89 -57.95
C PRO E 381 -12.57 2.88 -56.94
N LYS E 382 -11.25 2.69 -56.91
CA LYS E 382 -10.61 1.79 -55.96
C LYS E 382 -9.43 2.39 -55.22
N ASP E 383 -8.80 3.43 -55.73
CA ASP E 383 -7.70 4.06 -55.03
C ASP E 383 -8.21 4.78 -53.78
N HIS E 384 -7.32 4.97 -52.81
CA HIS E 384 -7.72 5.51 -51.52
C HIS E 384 -7.26 6.93 -51.25
N VAL E 385 -6.06 7.31 -51.69
CA VAL E 385 -5.54 8.65 -51.42
C VAL E 385 -5.06 9.28 -52.72
N VAL E 386 -5.03 10.61 -52.73
CA VAL E 386 -4.59 11.39 -53.88
C VAL E 386 -3.62 12.46 -53.38
N THR E 387 -3.16 13.30 -54.30
CA THR E 387 -2.27 14.39 -53.95
C THR E 387 -2.76 15.70 -54.55
N TYR E 388 -4.06 15.94 -54.49
CA TYR E 388 -4.69 17.09 -55.11
C TYR E 388 -6.13 17.20 -54.60
N PRO E 389 -6.70 18.39 -54.61
CA PRO E 389 -8.06 18.55 -54.05
C PRO E 389 -9.15 17.97 -54.92
N ALA E 390 -10.39 18.21 -54.52
CA ALA E 390 -11.53 17.79 -55.32
C ALA E 390 -11.80 18.79 -56.43
N ASN E 391 -12.48 18.31 -57.47
CA ASN E 391 -12.89 19.16 -58.58
C ASN E 391 -14.40 19.17 -58.76
N HIS E 392 -15.15 18.63 -57.83
CA HIS E 392 -16.56 18.27 -58.03
C HIS E 392 -17.43 18.88 -56.95
N ASN E 393 -17.31 20.20 -56.73
CA ASN E 393 -17.90 20.94 -55.62
C ASN E 393 -19.35 20.56 -55.32
N GLY E 394 -20.07 20.16 -56.34
CA GLY E 394 -21.38 19.59 -56.10
C GLY E 394 -21.28 18.21 -55.51
N ILE E 395 -20.81 18.11 -54.27
CA ILE E 395 -20.81 16.83 -53.56
C ILE E 395 -22.26 16.42 -53.38
N THR E 396 -22.68 15.42 -54.15
CA THR E 396 -24.10 15.17 -54.36
C THR E 396 -24.35 13.66 -54.41
N LEU E 397 -25.10 13.16 -53.45
CA LEU E 397 -25.48 11.75 -53.38
C LEU E 397 -26.60 11.34 -54.34
N PRO E 398 -27.77 11.97 -54.37
CA PRO E 398 -28.93 11.33 -54.98
C PRO E 398 -28.92 11.47 -56.50
N ASP E 399 -29.94 10.87 -57.09
CA ASP E 399 -30.31 10.91 -58.51
C ASP E 399 -31.60 10.13 -58.62
N LEU E 400 -32.23 10.18 -59.80
CA LEU E 400 -33.54 9.55 -59.96
C LEU E 400 -33.53 8.38 -60.95
N SER E 401 -33.10 8.61 -62.18
CA SER E 401 -33.56 7.79 -63.29
C SER E 401 -32.77 6.52 -63.51
N SER E 402 -31.72 6.25 -62.73
CA SER E 402 -30.85 5.10 -62.98
C SER E 402 -30.81 4.18 -61.77
N THR E 403 -31.75 3.23 -61.73
CA THR E 403 -31.70 1.99 -60.95
C THR E 403 -31.74 2.18 -59.45
N ALA E 404 -31.74 3.41 -58.94
CA ALA E 404 -31.82 3.63 -57.51
C ALA E 404 -33.25 3.88 -57.07
N MET E 405 -33.88 4.92 -57.61
CA MET E 405 -35.26 5.20 -57.28
C MET E 405 -36.23 4.21 -57.91
N THR E 406 -35.80 3.53 -58.98
CA THR E 406 -36.67 2.60 -59.69
C THR E 406 -37.15 1.48 -58.77
N TRP E 407 -36.31 1.05 -57.84
CA TRP E 407 -36.75 0.06 -56.88
C TRP E 407 -37.71 0.69 -55.87
N ALA E 408 -37.49 1.95 -55.49
CA ALA E 408 -38.50 2.65 -54.70
C ALA E 408 -39.75 2.90 -55.52
N GLN E 409 -39.57 3.22 -56.81
CA GLN E 409 -40.70 3.39 -57.72
C GLN E 409 -41.59 2.16 -57.71
N HIS E 410 -40.99 0.98 -57.80
CA HIS E 410 -41.80 -0.23 -57.77
C HIS E 410 -42.28 -0.53 -56.36
N LEU E 411 -41.54 -0.11 -55.34
CA LEU E 411 -41.95 -0.28 -53.96
C LEU E 411 -43.19 0.56 -53.61
N ALA E 412 -43.53 1.54 -54.44
CA ALA E 412 -44.83 2.19 -54.30
C ALA E 412 -45.94 1.14 -54.22
N GLY E 413 -46.62 1.11 -53.09
CA GLY E 413 -47.45 -0.01 -52.71
C GLY E 413 -48.77 -0.09 -53.45
N GLY E 414 -48.95 -1.15 -54.23
CA GLY E 414 -50.17 -1.34 -54.97
C GLY E 414 -51.20 -2.17 -54.20
N VAL E 415 -51.53 -1.73 -52.99
CA VAL E 415 -52.51 -2.43 -52.17
C VAL E 415 -53.67 -1.53 -51.83
N GLY E 416 -53.99 -0.58 -52.70
CA GLY E 416 -55.19 0.19 -52.50
C GLY E 416 -56.45 -0.56 -52.82
N LEU E 417 -56.33 -1.66 -53.57
CA LEU E 417 -57.50 -2.39 -54.04
C LEU E 417 -58.27 -2.99 -52.88
N LEU E 418 -57.59 -3.31 -51.78
CA LEU E 418 -58.33 -3.81 -50.63
C LEU E 418 -59.07 -2.69 -49.91
N ILE E 419 -58.54 -1.46 -49.91
CA ILE E 419 -59.31 -0.34 -49.40
C ILE E 419 -60.56 -0.13 -50.24
N ALA E 420 -60.40 -0.21 -51.57
CA ALA E 420 -61.56 -0.13 -52.46
C ALA E 420 -62.57 -1.21 -52.14
N LEU E 421 -62.10 -2.44 -51.92
CA LEU E 421 -62.99 -3.55 -51.61
C LEU E 421 -63.69 -3.35 -50.27
N ALA E 422 -62.97 -2.79 -49.29
CA ALA E 422 -63.57 -2.61 -47.97
C ALA E 422 -64.67 -1.57 -48.01
N VAL E 423 -64.40 -0.42 -48.62
CA VAL E 423 -65.45 0.60 -48.72
C VAL E 423 -66.58 0.11 -49.60
N LEU E 424 -66.28 -0.74 -50.58
CA LEU E 424 -67.32 -1.33 -51.41
C LEU E 424 -68.24 -2.23 -50.57
N ILE E 425 -67.66 -3.16 -49.83
CA ILE E 425 -68.48 -4.09 -49.06
C ILE E 425 -69.25 -3.35 -47.97
N LEU E 426 -68.71 -2.25 -47.46
CA LEU E 426 -69.49 -1.43 -46.53
C LEU E 426 -70.69 -0.80 -47.25
N VAL E 427 -70.45 -0.20 -48.42
CA VAL E 427 -71.52 0.55 -49.07
C VAL E 427 -72.50 -0.35 -49.80
N ILE E 428 -72.16 -1.63 -49.98
CA ILE E 428 -73.02 -2.52 -50.78
C ILE E 428 -73.94 -3.38 -49.94
N VAL E 429 -73.67 -3.57 -48.65
CA VAL E 429 -74.53 -4.38 -47.81
C VAL E 429 -75.25 -3.57 -46.75
N THR E 430 -74.72 -2.41 -46.37
CA THR E 430 -75.32 -1.59 -45.32
C THR E 430 -76.26 -0.54 -45.89
N CYS E 431 -76.86 -0.83 -47.04
CA CYS E 431 -78.06 -0.12 -47.47
C CYS E 431 -79.31 -0.88 -47.07
N ILE E 432 -79.17 -2.14 -46.65
CA ILE E 432 -80.20 -2.80 -45.87
C ILE E 432 -80.48 -2.01 -44.60
N THR E 433 -79.42 -1.46 -44.00
CA THR E 433 -79.53 -0.47 -42.93
C THR E 433 -78.28 0.39 -42.90
N ASN F 4 40.87 48.54 -36.07
CA ASN F 4 42.00 47.79 -35.55
C ASN F 4 42.86 48.68 -34.66
N HIS F 5 42.25 49.79 -34.21
CA HIS F 5 42.90 50.77 -33.32
C HIS F 5 41.83 51.21 -32.31
N PHE F 6 41.77 50.51 -31.17
CA PHE F 6 40.79 50.82 -30.15
C PHE F 6 41.48 51.62 -29.05
N ASN F 7 41.62 52.92 -29.30
CA ASN F 7 42.30 53.79 -28.35
C ASN F 7 41.35 54.31 -27.27
N ALA F 8 40.66 53.37 -26.62
CA ALA F 8 39.79 53.69 -25.50
C ALA F 8 40.18 52.82 -24.32
N TYR F 9 40.74 51.65 -24.61
CA TYR F 9 41.20 50.73 -23.57
C TYR F 9 42.62 51.07 -23.12
N LYS F 10 42.83 52.31 -22.74
CA LYS F 10 44.08 52.75 -22.16
C LYS F 10 43.91 53.33 -20.76
N LEU F 11 42.81 54.03 -20.50
CA LEU F 11 42.64 54.73 -19.23
C LEU F 11 42.34 53.79 -18.07
N THR F 12 42.14 52.50 -18.31
CA THR F 12 41.77 51.58 -17.24
C THR F 12 42.75 50.43 -17.13
N ARG F 13 42.77 49.83 -15.94
CA ARG F 13 43.59 48.67 -15.60
C ARG F 13 42.69 47.48 -15.25
N PRO F 14 43.22 46.27 -15.26
CA PRO F 14 42.45 45.13 -14.77
C PRO F 14 42.36 45.13 -13.25
N TYR F 15 41.33 44.46 -12.75
CA TYR F 15 41.07 44.37 -11.33
C TYR F 15 41.11 42.92 -10.88
N VAL F 16 40.84 42.72 -9.59
CA VAL F 16 40.74 41.41 -8.99
C VAL F 16 39.55 41.42 -8.03
N ALA F 17 38.77 40.35 -8.05
CA ALA F 17 37.60 40.23 -7.20
C ALA F 17 37.46 38.79 -6.76
N TYR F 18 36.47 38.54 -5.91
CA TYR F 18 36.25 37.23 -5.34
C TYR F 18 35.54 36.31 -6.32
N CYS F 19 35.92 35.03 -6.32
CA CYS F 19 35.26 33.99 -7.08
C CYS F 19 34.85 32.89 -6.11
N ALA F 20 33.64 32.36 -6.29
CA ALA F 20 33.09 31.44 -5.31
C ALA F 20 33.83 30.11 -5.26
N ASP F 21 34.60 29.77 -6.28
CA ASP F 21 35.42 28.56 -6.24
C ASP F 21 36.54 28.73 -7.26
N CYS F 22 37.78 28.85 -6.78
CA CYS F 22 38.95 28.95 -7.64
C CYS F 22 39.52 27.59 -8.00
N GLY F 23 38.71 26.56 -7.95
CA GLY F 23 39.18 25.20 -8.12
C GLY F 23 39.46 24.55 -6.78
N MET F 24 39.76 23.26 -6.86
CA MET F 24 40.19 22.45 -5.71
C MET F 24 39.18 22.43 -4.57
N GLY F 25 37.93 22.86 -4.82
CA GLY F 25 36.90 22.91 -3.81
C GLY F 25 37.21 23.81 -2.63
N HIS F 26 37.64 25.04 -2.94
CA HIS F 26 38.00 26.01 -1.91
C HIS F 26 37.95 27.39 -2.55
N SER F 27 37.42 28.36 -1.82
CA SER F 27 37.28 29.71 -2.34
C SER F 27 38.50 30.56 -2.02
N CYS F 28 38.69 31.60 -2.82
CA CYS F 28 39.69 32.63 -2.57
C CYS F 28 39.43 33.78 -3.54
N HIS F 29 40.26 34.82 -3.45
CA HIS F 29 40.31 35.85 -4.46
C HIS F 29 40.94 35.29 -5.73
N SER F 30 40.81 36.04 -6.82
CA SER F 30 41.10 35.42 -8.10
C SER F 30 41.37 36.48 -9.15
N PRO F 31 42.39 36.29 -10.00
CA PRO F 31 42.63 37.23 -11.09
C PRO F 31 41.82 36.94 -12.34
N ALA F 32 41.20 35.77 -12.42
CA ALA F 32 40.47 35.34 -13.60
C ALA F 32 38.99 35.15 -13.29
N MET F 33 38.43 36.09 -12.54
CA MET F 33 37.04 35.97 -12.08
C MET F 33 36.08 36.04 -13.25
N ILE F 34 35.02 35.25 -13.17
CA ILE F 34 33.94 35.26 -14.14
C ILE F 34 32.87 36.21 -13.61
N GLU F 35 32.27 37.01 -14.49
CA GLU F 35 31.19 37.89 -14.06
C GLU F 35 29.84 37.52 -14.66
N ASN F 36 29.74 37.42 -15.97
CA ASN F 36 28.46 37.12 -16.61
C ASN F 36 28.70 36.37 -17.91
N VAL F 37 27.71 35.56 -18.28
CA VAL F 37 27.66 34.92 -19.59
C VAL F 37 26.32 35.25 -20.22
N GLN F 38 26.32 35.48 -21.52
CA GLN F 38 25.11 35.81 -22.27
C GLN F 38 25.03 34.89 -23.47
N ALA F 39 23.85 34.32 -23.70
CA ALA F 39 23.64 33.33 -24.76
C ALA F 39 22.40 33.66 -25.56
N ASP F 40 22.31 34.92 -25.97
CA ASP F 40 21.23 35.39 -26.84
C ASP F 40 21.37 34.92 -28.28
N ALA F 41 22.48 34.29 -28.63
CA ALA F 41 22.77 33.94 -30.02
C ALA F 41 22.13 32.61 -30.36
N THR F 42 21.16 32.63 -31.27
CA THR F 42 20.43 31.43 -31.65
C THR F 42 21.29 30.44 -32.42
N ASP F 43 22.44 30.89 -32.95
CA ASP F 43 23.43 29.94 -33.43
C ASP F 43 23.90 29.02 -32.33
N GLY F 44 23.86 29.47 -31.08
CA GLY F 44 24.23 28.64 -29.96
C GLY F 44 25.60 28.98 -29.41
N THR F 45 25.90 30.27 -29.34
CA THR F 45 27.24 30.74 -28.99
C THR F 45 27.11 31.80 -27.90
N LEU F 46 28.05 31.80 -26.96
CA LEU F 46 27.96 32.65 -25.79
C LEU F 46 29.25 33.45 -25.59
N LYS F 47 29.11 34.63 -24.99
CA LYS F 47 30.23 35.53 -24.74
C LYS F 47 30.37 35.75 -23.24
N ILE F 48 31.61 35.88 -22.80
CA ILE F 48 31.93 35.93 -21.37
C ILE F 48 32.75 37.18 -21.10
N GLN F 49 32.41 37.89 -20.03
CA GLN F 49 33.25 38.95 -19.51
C GLN F 49 34.00 38.42 -18.30
N PHE F 50 35.30 38.68 -18.24
CA PHE F 50 36.08 38.26 -17.09
C PHE F 50 36.99 39.38 -16.61
N ALA F 51 37.82 39.08 -15.61
CA ALA F 51 38.48 40.14 -14.85
C ALA F 51 39.60 40.80 -15.64
N SER F 52 40.45 40.01 -16.27
CA SER F 52 41.55 40.59 -17.01
C SER F 52 41.08 41.15 -18.36
N GLN F 53 41.99 41.81 -19.04
CA GLN F 53 41.77 42.28 -20.40
C GLN F 53 42.95 41.80 -21.24
N ILE F 54 42.73 41.67 -22.54
CA ILE F 54 43.66 40.94 -23.39
C ILE F 54 44.17 41.82 -24.52
N GLY F 55 45.33 41.44 -25.04
CA GLY F 55 45.89 42.03 -26.24
C GLY F 55 46.80 43.22 -26.02
N LEU F 56 46.89 43.73 -24.81
CA LEU F 56 47.51 45.03 -24.55
C LEU F 56 48.62 44.90 -23.53
N THR F 57 49.87 44.97 -24.00
CA THR F 57 51.01 45.12 -23.10
C THR F 57 50.97 46.50 -22.45
N LYS F 58 51.70 46.64 -21.33
CA LYS F 58 51.72 47.86 -20.52
C LYS F 58 51.86 49.13 -21.36
N THR F 59 52.89 49.17 -22.22
CA THR F 59 52.95 50.20 -23.24
C THR F 59 51.98 49.85 -24.36
N ASP F 60 51.20 50.85 -24.80
CA ASP F 60 50.12 50.63 -25.74
C ASP F 60 50.58 50.00 -27.05
N THR F 61 50.15 48.77 -27.28
CA THR F 61 50.44 48.06 -28.51
C THR F 61 49.30 47.08 -28.76
N HIS F 62 49.34 46.43 -29.91
CA HIS F 62 48.36 45.41 -30.25
C HIS F 62 49.10 44.09 -30.42
N ASP F 63 49.22 43.36 -29.33
CA ASP F 63 49.76 42.01 -29.36
C ASP F 63 48.59 41.05 -29.51
N HIS F 64 48.74 40.08 -30.39
CA HIS F 64 47.72 39.07 -30.61
C HIS F 64 47.87 37.88 -29.67
N THR F 65 48.89 37.89 -28.82
CA THR F 65 49.20 36.73 -28.00
C THR F 65 49.13 37.00 -26.50
N LYS F 66 49.53 38.19 -26.05
CA LYS F 66 49.74 38.40 -24.62
C LYS F 66 48.52 39.05 -23.95
N ILE F 67 48.46 38.94 -22.63
CA ILE F 67 47.29 39.32 -21.83
C ILE F 67 47.76 40.00 -20.55
N ARG F 68 47.08 41.08 -20.18
CA ARG F 68 47.40 41.88 -19.00
C ARG F 68 46.46 41.56 -17.84
N TYR F 69 47.04 41.42 -16.64
CA TYR F 69 46.27 41.02 -15.46
C TYR F 69 46.81 41.74 -14.23
N ALA F 70 46.14 41.53 -13.10
CA ALA F 70 46.45 42.22 -11.86
C ALA F 70 46.97 41.26 -10.81
N GLU F 71 48.19 41.50 -10.33
CA GLU F 71 48.71 40.84 -9.13
C GLU F 71 49.68 41.79 -8.46
N GLY F 72 49.43 42.08 -7.18
CA GLY F 72 50.23 43.08 -6.51
C GLY F 72 49.99 44.48 -7.01
N HIS F 73 48.83 44.71 -7.64
CA HIS F 73 48.44 45.90 -8.39
C HIS F 73 49.58 46.45 -9.24
N ASP F 74 50.35 45.55 -9.84
CA ASP F 74 51.22 45.88 -10.97
C ASP F 74 50.54 45.39 -12.25
N ILE F 75 51.24 45.51 -13.37
CA ILE F 75 50.67 45.24 -14.68
C ILE F 75 51.56 44.18 -15.34
N ALA F 76 51.17 42.92 -15.22
CA ALA F 76 51.99 41.81 -15.67
C ALA F 76 51.43 41.18 -16.94
N GLU F 77 52.33 40.71 -17.79
CA GLU F 77 51.98 40.14 -19.08
C GLU F 77 51.97 38.61 -19.02
N ALA F 78 51.17 38.00 -19.90
CA ALA F 78 51.14 36.55 -20.08
C ALA F 78 50.46 36.24 -21.40
N ALA F 79 50.99 35.25 -22.11
CA ALA F 79 50.58 34.95 -23.48
C ALA F 79 49.34 34.05 -23.53
N ARG F 80 48.71 34.01 -24.71
CA ARG F 80 47.51 33.21 -24.92
C ARG F 80 47.81 31.75 -25.24
N SER F 81 49.07 31.40 -25.47
CA SER F 81 49.44 30.03 -25.80
C SER F 81 49.34 29.09 -24.61
N THR F 82 48.77 29.54 -23.49
CA THR F 82 48.47 28.65 -22.37
C THR F 82 47.11 28.98 -21.75
N LEU F 83 46.18 29.48 -22.56
CA LEU F 83 44.82 29.75 -22.11
C LEU F 83 43.89 28.70 -22.68
N LYS F 84 43.19 28.00 -21.81
CA LYS F 84 42.17 27.04 -22.22
C LYS F 84 40.86 27.36 -21.50
N VAL F 85 39.77 27.08 -22.20
CA VAL F 85 38.42 27.12 -21.64
C VAL F 85 37.84 25.72 -21.78
N HIS F 86 37.13 25.25 -20.76
CA HIS F 86 36.52 23.93 -20.84
C HIS F 86 35.38 23.81 -19.84
N SER F 87 34.24 23.30 -20.31
CA SER F 87 33.06 23.11 -19.47
C SER F 87 32.70 21.64 -19.28
N SER F 88 32.48 20.92 -20.37
CA SER F 88 32.19 19.49 -20.31
C SER F 88 33.19 18.67 -21.13
N SER F 89 33.62 19.21 -22.25
CA SER F 89 34.83 18.82 -22.92
C SER F 89 35.80 19.99 -22.82
N GLU F 90 36.96 19.85 -23.44
CA GLU F 90 37.86 20.97 -23.62
C GLU F 90 37.24 21.92 -24.64
N CYS F 91 36.73 23.06 -24.19
CA CYS F 91 36.03 23.97 -25.08
C CYS F 91 36.99 24.53 -26.13
N ALA F 92 36.42 25.21 -27.13
CA ALA F 92 37.23 25.76 -28.22
C ALA F 92 36.86 27.23 -28.40
N VAL F 93 37.85 28.10 -28.20
CA VAL F 93 37.63 29.54 -28.35
C VAL F 93 37.59 29.85 -29.84
N THR F 94 36.97 30.98 -30.21
CA THR F 94 36.93 31.41 -31.60
C THR F 94 37.27 32.87 -31.84
N GLY F 95 37.15 33.75 -30.85
CA GLY F 95 37.42 35.17 -31.06
C GLY F 95 37.63 35.90 -29.76
N THR F 96 38.69 36.70 -29.71
CA THR F 96 39.29 37.16 -28.45
C THR F 96 39.56 38.65 -28.58
N MET F 97 38.81 39.48 -27.84
CA MET F 97 38.99 40.92 -27.95
C MET F 97 38.70 41.58 -26.62
N GLY F 98 39.62 42.46 -26.22
CA GLY F 98 39.37 43.40 -25.15
C GLY F 98 39.01 42.74 -23.83
N HIS F 99 37.86 43.13 -23.29
CA HIS F 99 37.43 42.71 -21.96
C HIS F 99 36.26 41.74 -22.02
N PHE F 100 36.17 40.99 -23.12
CA PHE F 100 35.11 40.03 -23.34
C PHE F 100 35.67 38.86 -24.13
N ILE F 101 35.07 37.67 -23.94
CA ILE F 101 35.53 36.49 -24.65
C ILE F 101 34.34 35.64 -25.06
N LEU F 102 34.16 35.42 -26.36
CA LEU F 102 33.08 34.59 -26.88
C LEU F 102 33.64 33.30 -27.46
N ALA F 103 32.90 32.20 -27.27
CA ALA F 103 33.34 30.90 -27.74
C ALA F 103 32.17 29.93 -27.85
N LYS F 104 32.23 29.09 -28.86
CA LYS F 104 31.40 27.90 -28.97
C LYS F 104 32.02 26.75 -28.18
N CYS F 105 31.19 26.01 -27.43
CA CYS F 105 31.61 24.73 -26.85
C CYS F 105 30.43 23.97 -26.27
N PRO F 106 30.51 22.63 -26.22
CA PRO F 106 29.33 21.78 -25.94
C PRO F 106 28.63 22.14 -24.65
N PRO F 107 27.35 21.77 -24.52
CA PRO F 107 26.57 22.18 -23.35
C PRO F 107 26.98 21.42 -22.11
N GLY F 108 26.50 21.92 -20.98
CA GLY F 108 26.78 21.33 -19.69
C GLY F 108 26.15 22.11 -18.56
N GLU F 109 26.90 22.28 -17.47
CA GLU F 109 26.42 23.01 -16.31
C GLU F 109 27.39 24.03 -15.77
N VAL F 110 28.67 23.98 -16.17
CA VAL F 110 29.70 24.83 -15.61
C VAL F 110 30.44 25.51 -16.75
N ILE F 111 31.45 26.30 -16.40
CA ILE F 111 32.28 26.99 -17.38
C ILE F 111 33.55 27.41 -16.68
N SER F 112 34.62 27.65 -17.45
CA SER F 112 35.92 27.77 -16.82
C SER F 112 36.84 28.62 -17.67
N VAL F 113 37.74 29.34 -16.99
CA VAL F 113 38.85 30.03 -17.61
C VAL F 113 40.09 29.70 -16.82
N SER F 114 41.16 29.29 -17.51
CA SER F 114 42.43 29.00 -16.84
C SER F 114 43.57 29.38 -17.78
N PHE F 115 44.42 30.31 -17.34
CA PHE F 115 45.67 30.58 -18.01
C PHE F 115 46.77 30.68 -16.97
N VAL F 116 48.01 30.58 -17.43
CA VAL F 116 49.16 30.30 -16.58
C VAL F 116 50.03 31.54 -16.48
N ASP F 117 50.56 31.78 -15.28
CA ASP F 117 51.35 32.95 -14.97
C ASP F 117 52.84 32.64 -15.07
N SER F 118 53.66 33.68 -14.90
CA SER F 118 55.10 33.56 -15.05
C SER F 118 55.74 32.67 -13.99
N LYS F 119 55.09 32.51 -12.84
CA LYS F 119 55.55 31.59 -11.82
C LYS F 119 55.10 30.16 -12.09
N ASN F 120 54.40 29.94 -13.21
CA ASN F 120 53.96 28.62 -13.67
C ASN F 120 52.99 27.95 -12.69
N GLU F 121 51.90 28.66 -12.42
CA GLU F 121 50.71 28.08 -11.80
C GLU F 121 49.49 28.32 -12.69
N GLN F 122 48.43 27.57 -12.43
CA GLN F 122 47.34 27.44 -13.39
C GLN F 122 46.04 28.03 -12.85
N ARG F 123 46.11 29.25 -12.30
CA ARG F 123 44.98 29.93 -11.67
C ARG F 123 43.73 29.88 -12.55
N THR F 124 42.59 29.59 -11.92
CA THR F 124 41.34 29.36 -12.62
C THR F 124 40.17 29.71 -11.72
N CYS F 125 39.01 29.91 -12.33
CA CYS F 125 37.76 30.14 -11.60
C CYS F 125 36.59 29.58 -12.40
N ARG F 126 35.63 28.99 -11.69
CA ARG F 126 34.50 28.30 -12.29
C ARG F 126 33.20 28.85 -11.72
N ILE F 127 32.13 28.74 -12.51
CA ILE F 127 30.82 29.22 -12.09
C ILE F 127 29.75 28.33 -12.74
N ALA F 128 28.56 28.38 -12.19
CA ALA F 128 27.45 27.55 -12.65
C ALA F 128 26.63 28.29 -13.69
N TYR F 129 26.24 27.57 -14.74
CA TYR F 129 25.48 28.17 -15.84
C TYR F 129 24.80 27.07 -16.61
N HIS F 130 23.47 27.14 -16.74
CA HIS F 130 22.68 26.07 -17.32
C HIS F 130 22.60 26.26 -18.84
N HIS F 131 23.74 26.05 -19.49
CA HIS F 131 23.82 26.10 -20.94
C HIS F 131 23.34 24.78 -21.54
N GLU F 132 22.56 24.88 -22.61
CA GLU F 132 22.08 23.68 -23.29
C GLU F 132 21.86 23.98 -24.77
N GLN F 133 21.79 22.92 -25.56
CA GLN F 133 21.77 23.06 -27.01
C GLN F 133 20.43 23.57 -27.50
N ARG F 134 20.46 24.62 -28.32
CA ARG F 134 19.25 25.20 -28.86
C ARG F 134 18.68 24.31 -29.98
N LEU F 135 17.43 24.57 -30.34
CA LEU F 135 16.71 23.77 -31.33
C LEU F 135 16.26 24.69 -32.47
N ILE F 136 17.07 24.81 -33.51
CA ILE F 136 16.69 25.51 -34.72
C ILE F 136 16.14 24.50 -35.70
N GLY F 137 15.01 24.84 -36.33
CA GLY F 137 14.36 23.89 -37.20
C GLY F 137 13.65 22.80 -36.39
N ARG F 138 13.57 21.62 -36.98
CA ARG F 138 12.79 20.55 -36.38
C ARG F 138 13.56 19.24 -36.20
N GLU F 139 14.87 19.23 -36.41
CA GLU F 139 15.67 18.02 -36.23
C GLU F 139 16.85 18.36 -35.31
N ARG F 140 16.85 17.81 -34.10
CA ARG F 140 17.84 18.14 -33.09
C ARG F 140 19.16 17.46 -33.43
N PHE F 141 20.05 18.18 -34.07
CA PHE F 141 21.37 17.64 -34.40
C PHE F 141 22.35 17.97 -33.30
N THR F 142 23.63 17.73 -33.56
CA THR F 142 24.70 18.30 -32.77
C THR F 142 25.84 18.84 -33.60
N VAL F 143 25.91 18.53 -34.90
CA VAL F 143 27.02 18.93 -35.74
C VAL F 143 26.46 19.33 -37.11
N ARG F 144 26.93 20.45 -37.63
CA ARG F 144 26.52 20.94 -38.93
C ARG F 144 26.84 19.93 -40.02
N PRO F 145 25.85 19.48 -40.80
CA PRO F 145 26.13 18.55 -41.90
C PRO F 145 26.51 19.30 -43.17
N HIS F 146 26.83 18.57 -44.24
CA HIS F 146 27.38 19.21 -45.42
C HIS F 146 26.34 19.53 -46.49
N HIS F 147 25.05 19.37 -46.21
CA HIS F 147 24.02 19.86 -47.11
C HIS F 147 22.69 19.92 -46.37
N GLY F 148 21.93 20.99 -46.59
CA GLY F 148 20.63 21.10 -45.97
C GLY F 148 19.81 22.30 -46.43
N ILE F 149 19.13 22.95 -45.49
CA ILE F 149 18.28 24.10 -45.79
C ILE F 149 18.79 25.29 -45.00
N GLU F 150 18.81 26.46 -45.64
CA GLU F 150 19.32 27.67 -45.04
C GLU F 150 18.21 28.39 -44.27
N LEU F 151 18.49 28.77 -43.04
CA LEU F 151 17.49 29.21 -42.08
C LEU F 151 17.93 30.48 -41.38
N PRO F 152 16.98 31.27 -40.87
CA PRO F 152 17.35 32.48 -40.12
C PRO F 152 17.81 32.14 -38.71
N CYS F 153 19.04 32.55 -38.40
CA CYS F 153 19.57 32.47 -37.04
C CYS F 153 20.36 33.74 -36.77
N THR F 154 20.86 33.86 -35.55
CA THR F 154 21.56 35.07 -35.12
C THR F 154 22.93 34.68 -34.56
N THR F 155 23.98 35.20 -35.18
CA THR F 155 25.36 34.90 -34.81
C THR F 155 26.11 36.21 -34.56
N TYR F 156 27.38 36.09 -34.19
CA TYR F 156 28.20 37.24 -33.85
C TYR F 156 29.21 37.53 -34.96
N GLN F 157 29.64 38.79 -35.02
CA GLN F 157 30.57 39.26 -36.04
C GLN F 157 31.94 39.47 -35.42
N LEU F 158 32.99 39.11 -36.17
CA LEU F 158 34.35 39.10 -35.64
C LEU F 158 35.10 40.41 -35.90
N THR F 159 34.40 41.53 -35.98
CA THR F 159 35.03 42.83 -36.18
C THR F 159 35.02 43.60 -34.87
N THR F 160 36.20 44.04 -34.44
CA THR F 160 36.29 44.74 -33.16
C THR F 160 35.79 46.18 -33.25
N ALA F 161 36.06 46.88 -34.36
CA ALA F 161 35.74 48.29 -34.45
C ALA F 161 34.24 48.49 -34.61
N GLU F 162 33.55 48.71 -33.50
CA GLU F 162 32.10 48.77 -33.46
C GLU F 162 31.68 50.10 -32.83
N THR F 163 30.37 50.32 -32.79
CA THR F 163 29.76 51.50 -32.18
C THR F 163 28.40 51.14 -31.60
N SER F 164 27.88 52.06 -30.79
CA SER F 164 26.49 52.05 -30.32
C SER F 164 26.17 50.86 -29.41
N GLU F 165 27.14 50.41 -28.62
CA GLU F 165 26.84 49.53 -27.49
C GLU F 165 27.91 49.70 -26.44
N GLU F 166 27.52 50.18 -25.26
CA GLU F 166 28.46 50.77 -24.32
C GLU F 166 28.18 50.31 -22.90
N ILE F 167 29.19 50.44 -22.04
CA ILE F 167 29.14 50.08 -20.63
C ILE F 167 29.82 51.17 -19.83
N ASP F 168 29.63 51.14 -18.52
CA ASP F 168 30.10 52.19 -17.62
C ASP F 168 31.45 51.81 -16.99
N MET F 169 32.24 52.84 -16.67
CA MET F 169 33.51 52.67 -15.97
C MET F 169 33.73 53.86 -15.06
N HIS F 170 34.48 53.66 -13.98
CA HIS F 170 34.84 54.75 -13.08
C HIS F 170 36.20 54.44 -12.45
N MET F 171 36.52 55.11 -11.33
CA MET F 171 37.84 55.03 -10.70
C MET F 171 37.84 54.09 -9.52
N PRO F 172 38.95 53.40 -9.27
CA PRO F 172 39.01 52.49 -8.12
C PRO F 172 39.06 53.27 -6.82
N PRO F 173 38.39 52.80 -5.78
CA PRO F 173 38.39 53.55 -4.52
C PRO F 173 39.75 53.65 -3.84
N ASP F 174 40.38 52.52 -3.53
CA ASP F 174 41.65 52.48 -2.83
C ASP F 174 42.09 51.03 -2.74
N ILE F 175 43.27 50.82 -2.13
CA ILE F 175 43.78 49.50 -1.80
C ILE F 175 44.13 49.51 -0.32
N PRO F 176 43.41 48.77 0.51
CA PRO F 176 43.80 48.67 1.92
C PRO F 176 44.89 47.64 2.13
N ASP F 177 46.11 48.02 1.79
CA ASP F 177 47.25 47.15 1.96
C ASP F 177 47.78 47.24 3.38
N ARG F 178 48.28 46.11 3.87
CA ARG F 178 48.83 46.04 5.22
C ARG F 178 50.25 45.50 5.27
N THR F 179 50.73 44.86 4.20
CA THR F 179 52.02 44.18 4.24
C THR F 179 53.17 45.15 4.48
N ILE F 180 53.00 46.43 4.19
CA ILE F 180 54.06 47.43 4.36
C ILE F 180 53.87 48.10 5.72
N LEU F 181 54.48 47.49 6.74
CA LEU F 181 54.63 48.10 8.07
C LEU F 181 55.70 47.33 8.81
N SER F 182 56.77 48.01 9.24
CA SER F 182 57.91 47.33 9.86
C SER F 182 58.16 47.97 11.23
N GLN F 183 57.84 47.24 12.28
CA GLN F 183 58.06 47.67 13.67
C GLN F 183 59.18 46.82 14.27
N GLN F 184 60.41 47.34 14.30
CA GLN F 184 61.42 46.80 15.20
C GLN F 184 62.08 47.94 15.97
N SER F 185 61.36 48.42 16.97
CA SER F 185 61.78 49.48 17.88
C SER F 185 60.69 49.71 18.91
N GLY F 186 60.82 50.74 19.75
CA GLY F 186 59.63 51.43 20.22
C GLY F 186 59.05 52.35 19.16
N ASN F 187 59.65 52.31 17.98
CA ASN F 187 59.37 53.11 16.79
C ASN F 187 58.83 52.20 15.69
N VAL F 188 58.44 52.79 14.57
CA VAL F 188 57.96 52.02 13.43
C VAL F 188 58.31 52.73 12.13
N LYS F 189 58.45 51.96 11.05
CA LYS F 189 58.82 52.46 9.72
C LYS F 189 57.79 52.05 8.68
N ILE F 190 57.52 52.94 7.73
CA ILE F 190 56.57 52.71 6.65
C ILE F 190 57.21 53.09 5.32
N THR F 191 56.98 52.26 4.30
CA THR F 191 57.53 52.49 2.97
C THR F 191 56.51 53.19 2.08
N VAL F 192 57.00 53.70 0.95
CA VAL F 192 56.15 54.42 -0.01
C VAL F 192 56.41 53.87 -1.43
N ASN F 193 56.73 52.58 -1.52
CA ASN F 193 57.33 52.03 -2.75
C ASN F 193 56.50 52.29 -4.00
N GLY F 194 57.02 53.16 -4.87
CA GLY F 194 56.43 53.49 -6.16
C GLY F 194 55.02 54.03 -6.14
N ARG F 195 54.51 54.47 -4.98
CA ARG F 195 53.09 54.78 -4.86
C ARG F 195 52.91 56.03 -4.02
N THR F 196 51.66 56.29 -3.65
CA THR F 196 51.31 57.29 -2.66
C THR F 196 50.36 56.66 -1.64
N VAL F 197 50.50 57.04 -0.38
CA VAL F 197 49.84 56.39 0.74
C VAL F 197 48.89 57.38 1.39
N LYS F 198 47.78 56.86 1.93
CA LYS F 198 46.91 57.60 2.85
C LYS F 198 46.97 56.91 4.20
N TYR F 199 47.47 57.62 5.22
CA TYR F 199 47.66 57.05 6.55
C TYR F 199 46.34 56.91 7.29
N SER F 200 46.26 55.88 8.11
CA SER F 200 45.16 55.52 8.98
C SER F 200 45.37 56.01 10.40
N CYS F 201 44.57 55.48 11.31
CA CYS F 201 44.05 56.19 12.48
C CYS F 201 44.12 55.22 13.67
N SER F 202 43.31 55.51 14.71
CA SER F 202 43.54 55.22 16.12
C SER F 202 44.64 56.12 16.65
N CYS F 203 44.44 57.42 16.41
CA CYS F 203 45.18 58.52 16.99
C CYS F 203 45.36 58.35 18.48
N GLY F 204 46.61 58.18 18.91
CA GLY F 204 46.99 58.08 20.29
C GLY F 204 47.49 59.43 20.75
N SER F 205 46.74 60.48 20.38
CA SER F 205 47.20 61.87 20.27
C SER F 205 48.29 61.99 19.20
N LYS F 206 47.90 61.65 17.97
CA LYS F 206 48.79 61.72 16.80
C LYS F 206 48.00 62.06 15.54
N PRO F 207 48.45 63.05 14.76
CA PRO F 207 47.82 63.31 13.45
C PRO F 207 48.16 62.21 12.46
N SER F 208 47.15 61.76 11.70
CA SER F 208 47.35 60.62 10.81
C SER F 208 48.00 61.04 9.49
N GLY F 209 47.30 61.85 8.71
CA GLY F 209 47.85 62.48 7.52
C GLY F 209 47.64 61.66 6.27
N THR F 210 48.13 62.21 5.15
CA THR F 210 48.30 61.43 3.92
C THR F 210 49.74 60.91 3.83
N THR F 211 50.71 61.81 3.92
CA THR F 211 52.15 61.47 3.90
C THR F 211 52.57 60.78 2.61
N THR F 212 52.57 61.58 1.55
CA THR F 212 53.03 61.23 0.20
C THR F 212 54.36 60.45 0.16
N THR F 213 55.17 60.51 1.21
CA THR F 213 56.57 60.06 1.17
C THR F 213 56.84 58.88 2.10
N ASP F 214 58.13 58.53 2.20
CA ASP F 214 58.63 57.48 3.06
C ASP F 214 58.86 58.04 4.46
N LYS F 215 58.10 57.55 5.43
CA LYS F 215 58.05 58.13 6.76
C LYS F 215 58.39 57.07 7.80
N THR F 216 58.72 57.53 9.00
CA THR F 216 58.75 56.74 10.21
C THR F 216 58.25 57.63 11.35
N ILE F 217 57.61 57.01 12.33
CA ILE F 217 56.99 57.75 13.44
C ILE F 217 56.91 56.82 14.65
N ASN F 218 56.99 57.39 15.84
CA ASN F 218 56.91 56.62 17.08
C ASN F 218 56.04 57.32 18.13
N SER F 219 54.73 57.05 18.08
CA SER F 219 53.86 57.39 19.20
C SER F 219 52.82 56.30 19.45
N CYS F 220 53.06 55.08 18.96
CA CYS F 220 51.98 54.11 18.84
C CYS F 220 52.56 52.70 18.82
N THR F 221 51.72 51.74 18.45
CA THR F 221 52.09 50.33 18.35
C THR F 221 51.64 49.82 16.99
N VAL F 222 52.21 48.67 16.58
CA VAL F 222 52.06 48.13 15.23
C VAL F 222 50.61 47.91 14.84
N ASP F 223 49.75 47.56 15.79
CA ASP F 223 48.37 47.15 15.50
C ASP F 223 47.41 48.30 15.28
N LYS F 224 47.90 49.52 15.04
CA LYS F 224 47.00 50.66 14.85
C LYS F 224 47.14 51.29 13.47
N CYS F 225 48.32 51.30 12.88
CA CYS F 225 48.52 51.97 11.60
C CYS F 225 48.14 51.07 10.43
N GLN F 226 47.48 51.67 9.43
CA GLN F 226 47.17 51.02 8.16
C GLN F 226 47.37 52.02 7.04
N ALA F 227 47.31 51.51 5.80
CA ALA F 227 47.60 52.33 4.62
C ALA F 227 46.49 52.20 3.59
N TYR F 228 46.16 53.32 2.95
CA TYR F 228 45.24 53.35 1.82
C TYR F 228 45.93 54.03 0.65
N VAL F 229 45.73 53.49 -0.56
CA VAL F 229 46.46 53.92 -1.75
C VAL F 229 45.49 54.60 -2.69
N THR F 230 45.74 55.88 -2.96
CA THR F 230 44.93 56.61 -3.91
C THR F 230 45.35 56.24 -5.33
N SER F 231 44.38 55.82 -6.14
CA SER F 231 44.68 55.15 -7.40
C SER F 231 44.03 55.87 -8.57
N HIS F 232 44.20 57.19 -8.62
CA HIS F 232 43.52 58.02 -9.60
C HIS F 232 44.27 58.10 -10.93
N THR F 233 45.13 57.12 -11.22
CA THR F 233 45.92 57.16 -12.45
C THR F 233 45.35 56.27 -13.54
N LYS F 234 44.72 55.14 -13.20
CA LYS F 234 44.13 54.24 -14.19
C LYS F 234 42.81 53.68 -13.67
N TRP F 235 41.83 53.58 -14.58
CA TRP F 235 40.43 53.51 -14.22
C TRP F 235 40.00 52.07 -13.88
N GLN F 236 38.69 51.85 -13.78
CA GLN F 236 38.15 50.65 -13.15
C GLN F 236 36.71 50.42 -13.60
N PHE F 237 36.30 49.16 -13.62
CA PHE F 237 34.94 48.77 -14.00
C PHE F 237 34.07 48.60 -12.76
N ASN F 238 32.79 48.92 -12.90
CA ASN F 238 31.86 48.83 -11.79
C ASN F 238 31.55 47.39 -11.43
N SER F 239 32.25 46.85 -10.50
CA SER F 239 31.98 45.46 -10.16
C SER F 239 31.09 45.35 -8.94
N PRO F 240 30.24 44.33 -8.91
CA PRO F 240 29.48 44.02 -7.70
C PRO F 240 30.27 43.32 -6.61
N PHE F 241 31.60 43.33 -6.72
CA PHE F 241 32.45 42.71 -5.72
C PHE F 241 33.51 43.67 -5.17
N VAL F 242 33.49 44.93 -5.58
CA VAL F 242 34.53 45.92 -5.26
C VAL F 242 33.83 47.21 -4.85
N PRO F 243 34.28 47.91 -3.82
CA PRO F 243 33.57 49.09 -3.34
C PRO F 243 33.82 50.30 -4.23
N ARG F 244 33.22 51.42 -3.85
CA ARG F 244 33.35 52.69 -4.57
C ARG F 244 33.95 53.74 -3.65
N ALA F 245 34.45 54.82 -4.25
CA ALA F 245 35.00 55.94 -3.50
C ALA F 245 33.97 57.03 -3.25
N GLU F 246 32.81 56.66 -2.73
CA GLU F 246 31.80 57.54 -2.11
C GLU F 246 31.29 58.65 -3.04
N GLN F 247 31.60 58.61 -4.33
CA GLN F 247 31.34 59.74 -5.21
C GLN F 247 30.02 59.64 -5.97
N ALA F 248 29.57 58.42 -6.26
CA ALA F 248 28.47 58.17 -7.20
C ALA F 248 28.72 58.89 -8.52
N GLU F 249 29.97 58.84 -8.97
CA GLU F 249 30.41 59.61 -10.11
C GLU F 249 30.32 58.75 -11.37
N ARG F 250 29.54 59.23 -12.36
CA ARG F 250 29.38 58.54 -13.63
C ARG F 250 30.54 58.94 -14.52
N LYS F 251 31.62 58.19 -14.45
CA LYS F 251 32.84 58.46 -15.21
C LYS F 251 32.69 57.84 -16.60
N GLY F 252 33.78 57.78 -17.37
CA GLY F 252 33.68 57.53 -18.79
C GLY F 252 33.20 56.14 -19.16
N LYS F 253 32.96 55.97 -20.47
CA LYS F 253 32.44 54.74 -21.05
C LYS F 253 33.49 54.03 -21.90
N VAL F 254 33.20 52.79 -22.26
CA VAL F 254 33.91 52.05 -23.30
C VAL F 254 32.89 51.40 -24.22
N HIS F 255 33.39 50.73 -25.27
CA HIS F 255 32.54 50.17 -26.33
C HIS F 255 32.42 48.66 -26.21
N ILE F 256 31.22 48.18 -25.92
CA ILE F 256 30.95 46.75 -25.83
C ILE F 256 30.97 46.12 -27.23
N PRO F 257 31.90 45.25 -27.52
CA PRO F 257 32.05 44.73 -28.88
C PRO F 257 30.98 43.71 -29.25
N PHE F 258 31.10 43.16 -30.46
CA PHE F 258 30.33 42.03 -30.95
C PHE F 258 28.81 42.23 -30.98
N PRO F 259 28.30 43.05 -31.89
CA PRO F 259 26.85 43.02 -32.15
C PRO F 259 26.43 41.73 -32.84
N LEU F 260 25.15 41.59 -33.14
CA LEU F 260 24.61 40.36 -33.68
C LEU F 260 23.75 40.65 -34.91
N ILE F 261 23.89 39.82 -35.94
CA ILE F 261 23.30 40.05 -37.25
C ILE F 261 22.59 38.80 -37.72
N ASN F 262 21.41 38.98 -38.33
CA ASN F 262 20.73 37.89 -39.00
C ASN F 262 21.59 37.31 -40.11
N THR F 263 22.01 36.06 -39.97
CA THR F 263 22.79 35.37 -40.99
C THR F 263 22.21 33.98 -41.18
N THR F 264 22.86 33.19 -42.03
CA THR F 264 22.39 31.88 -42.40
C THR F 264 23.09 30.79 -41.61
N CYS F 265 22.38 29.68 -41.40
CA CYS F 265 22.92 28.50 -40.75
C CYS F 265 22.27 27.27 -41.34
N ARG F 266 23.03 26.18 -41.39
CA ARG F 266 22.59 24.96 -42.06
C ARG F 266 21.93 24.01 -41.07
N VAL F 267 20.98 23.23 -41.58
CA VAL F 267 20.26 22.24 -40.80
C VAL F 267 20.15 20.98 -41.64
N PRO F 268 20.20 19.79 -41.06
CA PRO F 268 20.09 18.57 -41.88
C PRO F 268 18.71 18.39 -42.52
N LEU F 269 18.60 17.35 -43.36
CA LEU F 269 17.35 17.02 -44.04
C LEU F 269 17.14 15.52 -43.93
N ALA F 270 16.02 15.12 -43.33
CA ALA F 270 15.79 13.73 -42.98
C ALA F 270 15.44 12.90 -44.21
N PRO F 271 15.76 11.60 -44.20
CA PRO F 271 15.40 10.74 -45.33
C PRO F 271 13.88 10.61 -45.48
N GLU F 272 13.45 10.42 -46.73
CA GLU F 272 12.08 10.69 -47.12
C GLU F 272 11.12 9.69 -46.49
N ALA F 273 9.85 10.08 -46.46
CA ALA F 273 8.80 9.36 -45.74
C ALA F 273 8.02 8.48 -46.72
N LEU F 274 8.25 7.18 -46.65
CA LEU F 274 7.46 6.25 -47.45
C LEU F 274 6.07 6.13 -46.86
N VAL F 275 5.05 6.20 -47.71
CA VAL F 275 3.66 6.21 -47.27
C VAL F 275 2.95 4.99 -47.84
N ARG F 276 2.10 4.39 -47.03
CA ARG F 276 1.22 3.31 -47.44
C ARG F 276 -0.22 3.73 -47.19
N SER F 277 -1.07 3.55 -48.19
CA SER F 277 -2.44 4.01 -48.10
C SER F 277 -3.34 2.96 -47.44
N GLY F 278 -4.49 3.44 -46.96
CA GLY F 278 -5.50 2.57 -46.38
C GLY F 278 -6.82 3.29 -46.42
N LYS F 279 -7.89 2.54 -46.12
CA LYS F 279 -9.22 3.10 -46.21
C LYS F 279 -9.46 4.15 -45.11
N ARG F 280 -9.50 5.42 -45.51
CA ARG F 280 -9.65 6.55 -44.60
C ARG F 280 -8.61 6.51 -43.49
N GLU F 281 -7.39 6.17 -43.88
CA GLU F 281 -6.29 6.00 -42.94
C GLU F 281 -5.01 5.95 -43.75
N ALA F 282 -3.95 6.53 -43.22
CA ALA F 282 -2.70 6.64 -43.94
C ALA F 282 -1.56 6.30 -42.99
N THR F 283 -0.95 5.13 -43.19
CA THR F 283 0.25 4.78 -42.44
C THR F 283 1.45 5.34 -43.16
N LEU F 284 2.51 5.61 -42.40
CA LEU F 284 3.78 5.99 -42.98
C LEU F 284 4.87 5.65 -41.99
N SER F 285 5.93 5.01 -42.48
CA SER F 285 6.97 4.44 -41.65
C SER F 285 8.18 5.36 -41.68
N LEU F 286 8.57 5.86 -40.52
CA LEU F 286 9.66 6.82 -40.41
C LEU F 286 10.94 6.14 -39.97
N HIS F 287 12.05 6.53 -40.61
CA HIS F 287 13.37 5.98 -40.33
C HIS F 287 14.28 7.12 -39.89
N PRO F 288 14.17 7.57 -38.65
CA PRO F 288 14.94 8.72 -38.21
C PRO F 288 16.39 8.37 -37.95
N ILE F 289 17.27 9.29 -38.28
CA ILE F 289 18.67 9.18 -37.90
C ILE F 289 18.99 10.08 -36.72
N HIS F 290 18.13 11.05 -36.42
CA HIS F 290 18.18 11.90 -35.25
C HIS F 290 16.75 12.13 -34.81
N PRO F 291 16.53 12.57 -33.58
CA PRO F 291 15.19 12.98 -33.18
C PRO F 291 14.69 14.16 -34.01
N THR F 292 13.47 14.03 -34.53
CA THR F 292 12.85 15.04 -35.38
C THR F 292 11.39 15.25 -34.97
N LEU F 293 10.79 16.33 -35.48
CA LEU F 293 9.38 16.58 -35.24
C LEU F 293 8.50 15.68 -36.09
N LEU F 294 7.22 15.71 -35.76
CA LEU F 294 6.18 15.20 -36.62
C LEU F 294 4.89 15.86 -36.19
N SER F 295 4.14 16.40 -37.14
CA SER F 295 2.89 17.05 -36.82
C SER F 295 1.89 16.86 -37.95
N TYR F 296 0.64 16.62 -37.58
CA TYR F 296 -0.42 16.46 -38.58
C TYR F 296 -1.67 17.18 -38.11
N ARG F 297 -2.36 17.81 -39.05
CA ARG F 297 -3.57 18.55 -38.77
C ARG F 297 -4.64 18.17 -39.79
N THR F 298 -5.89 18.18 -39.36
CA THR F 298 -6.98 17.99 -40.29
C THR F 298 -7.24 19.30 -41.05
N LEU F 299 -8.22 19.27 -41.95
CA LEU F 299 -8.47 20.41 -42.82
C LEU F 299 -9.83 21.05 -42.66
N GLY F 300 -10.78 20.40 -41.97
CA GLY F 300 -12.11 20.92 -41.84
C GLY F 300 -12.22 22.08 -40.89
N ARG F 301 -13.41 22.29 -40.34
CA ARG F 301 -13.59 23.34 -39.33
C ARG F 301 -12.93 22.96 -38.01
N GLU F 302 -12.96 21.67 -37.66
CA GLU F 302 -12.57 21.22 -36.34
C GLU F 302 -11.21 20.56 -36.42
N PRO F 303 -10.16 21.22 -36.00
CA PRO F 303 -8.81 20.74 -36.27
C PRO F 303 -8.32 19.66 -35.32
N VAL F 304 -8.62 18.38 -35.61
CA VAL F 304 -7.94 17.30 -34.92
C VAL F 304 -6.44 17.44 -35.18
N PHE F 305 -5.67 17.66 -34.10
CA PHE F 305 -4.28 18.05 -34.23
C PHE F 305 -3.46 17.39 -33.12
N ASP F 306 -2.23 17.00 -33.46
CA ASP F 306 -1.40 16.31 -32.49
C ASP F 306 0.06 16.47 -32.86
N GLU F 307 0.92 16.39 -31.83
CA GLU F 307 2.36 16.33 -32.00
C GLU F 307 2.87 14.96 -31.56
N GLN F 308 3.89 14.49 -32.27
CA GLN F 308 4.54 13.23 -31.92
C GLN F 308 6.03 13.40 -32.14
N TRP F 309 6.79 13.35 -31.06
CA TRP F 309 8.23 13.62 -31.10
C TRP F 309 8.92 12.29 -31.33
N ILE F 310 8.98 11.87 -32.59
CA ILE F 310 9.33 10.50 -32.92
C ILE F 310 10.85 10.34 -32.91
N THR F 311 11.31 9.16 -32.47
CA THR F 311 12.74 8.97 -32.27
C THR F 311 13.31 7.67 -32.83
N THR F 312 12.51 6.63 -32.95
CA THR F 312 13.04 5.31 -33.29
C THR F 312 12.11 4.69 -34.33
N GLN F 313 12.51 3.54 -34.89
CA GLN F 313 11.76 2.91 -35.96
C GLN F 313 10.35 2.55 -35.54
N THR F 314 9.36 3.24 -36.09
CA THR F 314 8.03 3.21 -35.51
C THR F 314 7.01 3.57 -36.58
N GLU F 315 5.95 2.78 -36.67
CA GLU F 315 4.82 3.13 -37.51
C GLU F 315 3.91 4.10 -36.78
N VAL F 316 3.31 5.02 -37.53
CA VAL F 316 2.37 5.97 -36.95
C VAL F 316 1.28 6.25 -37.98
N THR F 317 0.03 6.26 -37.52
CA THR F 317 -1.11 6.43 -38.40
C THR F 317 -1.76 7.78 -38.16
N ILE F 318 -2.29 8.35 -39.23
CA ILE F 318 -2.96 9.65 -39.17
C ILE F 318 -4.32 9.51 -39.83
N PRO F 319 -5.41 9.93 -39.17
CA PRO F 319 -6.73 9.72 -39.77
C PRO F 319 -6.99 10.78 -40.83
N VAL F 320 -7.21 10.32 -42.06
CA VAL F 320 -7.32 11.22 -43.20
C VAL F 320 -8.75 11.20 -43.72
N PRO F 321 -9.57 12.17 -43.35
CA PRO F 321 -10.95 12.23 -43.81
C PRO F 321 -11.04 12.83 -45.19
N VAL F 322 -12.28 13.05 -45.66
CA VAL F 322 -12.49 13.58 -46.99
C VAL F 322 -12.04 15.04 -47.09
N GLU F 323 -12.07 15.78 -45.98
CA GLU F 323 -11.73 17.20 -46.04
C GLU F 323 -10.24 17.42 -46.26
N GLY F 324 -9.40 16.48 -45.85
CA GLY F 324 -7.96 16.59 -46.06
C GLY F 324 -7.15 16.63 -44.79
N VAL F 325 -5.88 16.25 -44.87
CA VAL F 325 -4.94 16.38 -43.77
C VAL F 325 -3.63 16.91 -44.32
N GLU F 326 -2.91 17.63 -43.48
CA GLU F 326 -1.59 18.16 -43.81
C GLU F 326 -0.60 17.64 -42.78
N TYR F 327 0.35 16.85 -43.24
CA TYR F 327 1.35 16.29 -42.35
C TYR F 327 2.70 16.89 -42.69
N ARG F 328 3.50 17.12 -41.66
CA ARG F 328 4.80 17.74 -41.80
C ARG F 328 5.78 16.99 -40.94
N TRP F 329 6.95 16.68 -41.49
CA TRP F 329 7.88 15.79 -40.82
C TRP F 329 9.27 16.07 -41.34
N GLY F 330 10.22 16.26 -40.43
CA GLY F 330 11.54 16.69 -40.84
C GLY F 330 11.56 18.18 -41.03
N ASN F 331 12.13 18.64 -42.15
CA ASN F 331 12.09 20.04 -42.48
C ASN F 331 11.55 20.29 -43.88
N HIS F 332 11.06 19.25 -44.56
CA HIS F 332 10.55 19.41 -45.91
C HIS F 332 9.34 20.33 -45.92
N LYS F 333 9.03 20.86 -47.09
CA LYS F 333 7.78 21.56 -47.26
C LYS F 333 6.63 20.58 -47.03
N PRO F 334 5.55 21.00 -46.40
CA PRO F 334 4.49 20.05 -46.06
C PRO F 334 3.75 19.57 -47.30
N GLN F 335 3.32 18.31 -47.25
CA GLN F 335 2.47 17.75 -48.28
C GLN F 335 1.10 17.45 -47.70
N ARG F 336 0.12 17.42 -48.58
CA ARG F 336 -1.26 17.22 -48.18
C ARG F 336 -1.77 15.89 -48.73
N LEU F 337 -2.85 15.40 -48.12
CA LEU F 337 -3.48 14.16 -48.55
C LEU F 337 -4.98 14.34 -48.49
N TRP F 338 -5.68 13.76 -49.46
CA TRP F 338 -7.13 13.76 -49.46
C TRP F 338 -7.61 12.33 -49.61
N SER F 339 -8.90 12.11 -49.81
CA SER F 339 -9.40 10.76 -49.93
C SER F 339 -10.63 10.75 -50.82
N GLN F 340 -10.70 9.76 -51.69
CA GLN F 340 -11.84 9.63 -52.58
C GLN F 340 -12.97 8.96 -51.83
N LEU F 341 -14.05 8.60 -52.52
CA LEU F 341 -15.16 7.98 -51.82
C LEU F 341 -14.92 6.50 -51.59
N THR F 342 -14.57 5.78 -52.66
CA THR F 342 -13.93 4.45 -52.67
C THR F 342 -14.48 3.47 -51.63
N THR F 343 -15.78 3.20 -51.73
CA THR F 343 -16.36 2.15 -50.93
C THR F 343 -16.25 0.81 -51.64
N GLU F 344 -16.95 -0.21 -51.13
CA GLU F 344 -16.74 -1.59 -51.54
C GLU F 344 -18.01 -2.28 -52.02
N GLY F 345 -19.04 -1.53 -52.41
CA GLY F 345 -20.28 -2.12 -52.85
C GLY F 345 -20.19 -2.70 -54.25
N ARG F 346 -21.36 -2.98 -54.81
CA ARG F 346 -21.55 -3.49 -56.16
C ARG F 346 -22.53 -2.60 -56.90
N ALA F 347 -22.27 -1.29 -56.81
CA ALA F 347 -23.23 -0.21 -56.98
C ALA F 347 -24.16 -0.39 -58.17
N HIS F 348 -25.46 -0.48 -57.86
CA HIS F 348 -26.57 -0.23 -58.76
C HIS F 348 -26.86 -1.31 -59.81
N GLY F 349 -26.01 -2.32 -59.97
CA GLY F 349 -26.34 -3.19 -61.08
C GLY F 349 -27.51 -4.16 -60.96
N TRP F 350 -27.36 -5.29 -60.25
CA TRP F 350 -28.46 -6.08 -59.73
C TRP F 350 -28.98 -5.74 -58.33
N PRO F 351 -28.07 -5.61 -57.36
CA PRO F 351 -28.13 -6.53 -56.20
C PRO F 351 -28.98 -6.17 -54.99
N HIS F 352 -29.28 -4.89 -54.77
CA HIS F 352 -29.71 -4.33 -53.48
C HIS F 352 -28.64 -4.46 -52.40
N GLU F 353 -27.40 -4.70 -52.81
CA GLU F 353 -26.23 -4.25 -52.08
C GLU F 353 -25.83 -2.84 -52.50
N ILE F 354 -26.73 -2.15 -53.19
CA ILE F 354 -26.68 -0.69 -53.25
C ILE F 354 -26.76 -0.12 -51.84
N ILE F 355 -27.40 -0.82 -50.91
CA ILE F 355 -27.41 -0.36 -49.53
C ILE F 355 -26.01 -0.49 -48.94
N GLU F 356 -25.27 -1.51 -49.35
CA GLU F 356 -23.85 -1.57 -48.97
C GLU F 356 -23.06 -0.42 -49.61
N TYR F 357 -23.30 -0.18 -50.91
CA TYR F 357 -22.60 0.89 -51.60
C TYR F 357 -22.87 2.25 -50.99
N TYR F 358 -24.09 2.47 -50.53
CA TYR F 358 -24.46 3.70 -49.83
C TYR F 358 -24.10 3.66 -48.36
N TYR F 359 -23.78 2.49 -47.83
CA TYR F 359 -23.30 2.41 -46.46
C TYR F 359 -21.85 2.83 -46.36
N GLY F 360 -21.07 2.53 -47.40
CA GLY F 360 -19.66 2.88 -47.42
C GLY F 360 -19.42 4.36 -47.18
N LEU F 361 -19.82 5.20 -48.12
CA LEU F 361 -19.90 6.61 -47.80
C LEU F 361 -21.11 6.86 -46.92
N HIS F 362 -21.13 8.02 -46.28
CA HIS F 362 -22.21 8.47 -45.41
C HIS F 362 -22.65 7.43 -44.39
N PRO F 363 -21.81 7.04 -43.43
CA PRO F 363 -22.24 6.12 -42.38
C PRO F 363 -23.02 6.88 -41.32
N THR F 364 -23.55 6.14 -40.36
CA THR F 364 -24.36 6.64 -39.24
C THR F 364 -25.64 7.33 -39.71
N THR F 365 -25.90 7.31 -41.02
CA THR F 365 -27.03 7.98 -41.64
C THR F 365 -27.47 7.11 -42.80
N THR F 366 -28.77 7.17 -43.11
CA THR F 366 -29.46 6.44 -44.17
C THR F 366 -29.57 4.95 -43.91
N ILE F 367 -28.97 4.44 -42.85
CA ILE F 367 -29.49 3.20 -42.30
C ILE F 367 -30.78 3.49 -41.56
N VAL F 368 -30.91 4.71 -41.03
CA VAL F 368 -32.16 5.13 -40.42
C VAL F 368 -33.25 5.20 -41.48
N VAL F 369 -32.89 5.56 -42.72
CA VAL F 369 -33.85 5.54 -43.81
C VAL F 369 -34.39 4.14 -44.03
N VAL F 370 -33.52 3.13 -44.03
CA VAL F 370 -34.03 1.81 -44.37
C VAL F 370 -34.75 1.17 -43.19
N VAL F 371 -34.39 1.51 -41.95
CA VAL F 371 -35.21 1.01 -40.85
C VAL F 371 -36.58 1.71 -40.88
N ALA F 372 -36.62 2.96 -41.36
CA ALA F 372 -37.91 3.62 -41.56
C ALA F 372 -38.72 2.94 -42.64
N VAL F 373 -38.07 2.54 -43.74
CA VAL F 373 -38.85 1.93 -44.81
C VAL F 373 -39.33 0.56 -44.38
N SER F 374 -38.56 -0.13 -43.53
CA SER F 374 -39.01 -1.42 -43.02
C SER F 374 -40.22 -1.25 -42.12
N VAL F 375 -40.17 -0.28 -41.19
CA VAL F 375 -41.32 -0.14 -40.31
C VAL F 375 -42.55 0.34 -41.07
N VAL F 376 -42.40 1.18 -42.09
CA VAL F 376 -43.58 1.61 -42.84
C VAL F 376 -44.16 0.49 -43.68
N VAL F 377 -43.32 -0.36 -44.28
CA VAL F 377 -43.91 -1.41 -45.10
C VAL F 377 -44.58 -2.48 -44.23
N LEU F 378 -44.02 -2.73 -43.04
CA LEU F 378 -44.72 -3.63 -42.12
C LEU F 378 -46.03 -3.01 -41.66
N LEU F 379 -46.03 -1.70 -41.38
CA LEU F 379 -47.24 -1.00 -40.99
C LEU F 379 -48.32 -1.12 -42.07
N SER F 380 -47.93 -0.91 -43.33
CA SER F 380 -48.89 -0.92 -44.42
C SER F 380 -49.44 -2.32 -44.66
N VAL F 381 -48.59 -3.34 -44.62
CA VAL F 381 -49.14 -4.69 -44.81
C VAL F 381 -50.00 -5.10 -43.62
N ALA F 382 -49.72 -4.56 -42.43
CA ALA F 382 -50.56 -4.88 -41.28
C ALA F 382 -51.94 -4.27 -41.44
N ALA F 383 -51.99 -2.99 -41.84
CA ALA F 383 -53.28 -2.36 -42.14
C ALA F 383 -54.01 -3.08 -43.26
N SER F 384 -53.26 -3.60 -44.23
CA SER F 384 -53.85 -4.34 -45.35
C SER F 384 -54.57 -5.60 -44.87
N VAL F 385 -53.85 -6.43 -44.12
CA VAL F 385 -54.45 -7.69 -43.67
C VAL F 385 -55.56 -7.42 -42.67
N TYR F 386 -55.49 -6.31 -41.91
CA TYR F 386 -56.60 -6.01 -41.04
C TYR F 386 -57.84 -5.60 -41.82
N MET F 387 -57.66 -4.87 -42.93
CA MET F 387 -58.79 -4.60 -43.81
C MET F 387 -59.41 -5.88 -44.32
N CYS F 388 -58.57 -6.84 -44.73
CA CYS F 388 -59.12 -8.09 -45.26
C CYS F 388 -59.88 -8.86 -44.18
N VAL F 389 -59.33 -8.92 -42.97
CA VAL F 389 -60.00 -9.71 -41.94
C VAL F 389 -61.24 -9.00 -41.44
N VAL F 390 -61.32 -7.67 -41.50
CA VAL F 390 -62.57 -7.04 -41.09
C VAL F 390 -63.62 -7.19 -42.19
N ALA F 391 -63.19 -7.32 -43.45
CA ALA F 391 -64.12 -7.70 -44.50
C ALA F 391 -64.72 -9.08 -44.23
N ARG F 392 -63.88 -10.06 -43.90
CA ARG F 392 -64.41 -11.38 -43.58
C ARG F 392 -65.23 -11.36 -42.30
N ASN F 393 -64.87 -10.49 -41.35
CA ASN F 393 -65.63 -10.35 -40.12
C ASN F 393 -67.03 -9.82 -40.38
N LYS F 394 -67.17 -8.94 -41.37
CA LYS F 394 -68.51 -8.53 -41.78
C LYS F 394 -69.20 -9.59 -42.63
N CYS F 395 -68.45 -10.48 -43.28
CA CYS F 395 -69.06 -11.59 -43.98
C CYS F 395 -69.73 -12.56 -43.01
N LEU F 396 -69.05 -12.89 -41.92
CA LEU F 396 -69.45 -14.06 -41.14
C LEU F 396 -70.76 -13.83 -40.39
N THR F 397 -70.95 -12.64 -39.83
CA THR F 397 -72.05 -12.44 -38.89
C THR F 397 -73.45 -12.67 -39.47
N PRO F 398 -73.88 -11.99 -40.54
CA PRO F 398 -75.30 -12.06 -40.91
C PRO F 398 -75.72 -13.41 -41.44
N TYR F 399 -74.79 -14.35 -41.60
CA TYR F 399 -75.12 -15.75 -41.82
C TYR F 399 -74.90 -16.61 -40.60
N ALA F 400 -74.09 -16.15 -39.65
CA ALA F 400 -73.96 -16.77 -38.33
C ALA F 400 -74.86 -16.11 -37.29
N LEU F 401 -76.00 -15.57 -37.72
CA LEU F 401 -76.90 -14.84 -36.86
C LEU F 401 -78.32 -15.39 -36.79
N THR F 402 -78.59 -16.52 -37.43
CA THR F 402 -79.91 -17.13 -37.38
C THR F 402 -79.78 -18.58 -37.83
N PRO F 403 -80.68 -19.45 -37.43
CA PRO F 403 -80.60 -20.84 -37.90
C PRO F 403 -80.99 -21.03 -39.35
N GLY F 404 -80.30 -20.33 -40.25
CA GLY F 404 -80.48 -20.51 -41.68
C GLY F 404 -79.43 -21.45 -42.22
N ALA F 405 -78.19 -21.23 -41.79
CA ALA F 405 -77.06 -22.16 -41.84
C ALA F 405 -76.50 -22.38 -43.23
N VAL F 406 -77.09 -21.84 -44.27
CA VAL F 406 -76.62 -22.09 -45.63
C VAL F 406 -75.98 -20.82 -46.18
N VAL F 407 -74.88 -20.99 -46.90
CA VAL F 407 -74.32 -19.98 -47.78
C VAL F 407 -74.23 -20.61 -49.17
N PRO F 408 -74.87 -20.05 -50.19
CA PRO F 408 -74.88 -20.71 -51.50
C PRO F 408 -73.51 -20.81 -52.16
N VAL F 409 -72.89 -19.67 -52.42
CA VAL F 409 -71.49 -19.65 -52.88
C VAL F 409 -70.75 -18.49 -52.24
N THR F 410 -70.01 -18.78 -51.17
CA THR F 410 -69.07 -17.83 -50.59
C THR F 410 -67.73 -18.47 -50.25
N ILE F 411 -67.68 -19.81 -50.13
CA ILE F 411 -66.50 -20.53 -49.68
C ILE F 411 -65.31 -20.26 -50.59
N GLY F 412 -65.56 -19.86 -51.84
CA GLY F 412 -64.48 -19.59 -52.75
C GLY F 412 -63.83 -18.24 -52.58
N VAL F 413 -64.60 -17.22 -52.21
CA VAL F 413 -64.12 -15.85 -52.27
C VAL F 413 -63.93 -15.21 -50.89
N LEU F 414 -64.70 -15.62 -49.88
CA LEU F 414 -64.47 -15.13 -48.53
C LEU F 414 -64.28 -16.24 -47.50
N CYS F 415 -64.95 -17.37 -47.71
CA CYS F 415 -64.80 -18.71 -47.13
C CYS F 415 -65.27 -18.84 -45.70
N CYS F 416 -65.54 -17.72 -45.03
CA CYS F 416 -66.73 -17.42 -44.24
C CYS F 416 -67.35 -18.64 -43.54
N ALA F 417 -66.55 -19.49 -42.90
CA ALA F 417 -67.12 -20.72 -42.38
C ALA F 417 -66.28 -21.38 -41.29
N PRO F 418 -66.46 -21.00 -40.02
CA PRO F 418 -66.00 -21.86 -38.92
C PRO F 418 -66.92 -23.08 -38.73
N LYS F 419 -66.98 -23.91 -39.76
CA LYS F 419 -67.95 -24.99 -39.82
C LYS F 419 -67.26 -26.33 -40.03
N GLU G 107 -99.00 -8.84 15.72
CA GLU G 107 -99.52 -9.11 14.39
C GLU G 107 -98.37 -9.19 13.37
N HIS G 108 -98.58 -9.96 12.30
CA HIS G 108 -97.51 -10.28 11.38
C HIS G 108 -97.28 -9.17 10.35
N ASP G 109 -96.02 -8.95 10.02
CA ASP G 109 -95.60 -7.92 9.08
C ASP G 109 -94.31 -8.40 8.41
N CYS G 110 -93.57 -7.48 7.79
CA CYS G 110 -92.35 -7.79 7.05
C CYS G 110 -91.13 -7.23 7.76
N ILE G 111 -90.17 -8.11 8.09
CA ILE G 111 -88.85 -7.72 8.61
C ILE G 111 -87.82 -8.66 7.99
N PHE G 112 -86.84 -8.09 7.31
CA PHE G 112 -85.83 -8.89 6.62
C PHE G 112 -84.93 -9.64 7.61
N GLU G 113 -84.16 -10.58 7.08
CA GLU G 113 -83.38 -11.50 7.91
C GLU G 113 -82.07 -11.85 7.23
N VAL G 114 -80.99 -11.88 8.01
CA VAL G 114 -79.67 -12.22 7.52
C VAL G 114 -79.46 -13.72 7.72
N LYS G 115 -78.98 -14.38 6.67
CA LYS G 115 -78.70 -15.81 6.71
C LYS G 115 -77.22 -16.04 6.44
N HIS G 116 -76.76 -17.23 6.83
CA HIS G 116 -75.37 -17.63 6.60
C HIS G 116 -75.32 -19.11 6.29
N GLU G 117 -75.03 -19.44 5.03
CA GLU G 117 -74.63 -20.77 4.59
C GLU G 117 -75.64 -21.84 5.00
N GLY G 118 -76.85 -21.69 4.44
CA GLY G 118 -77.88 -22.67 4.68
C GLY G 118 -78.47 -22.68 6.07
N LYS G 119 -78.28 -21.61 6.84
CA LYS G 119 -78.80 -21.54 8.19
C LYS G 119 -79.24 -20.08 8.42
N VAL G 120 -79.67 -19.78 9.64
CA VAL G 120 -80.13 -18.45 9.99
C VAL G 120 -79.26 -17.92 11.11
N THR G 121 -79.08 -16.60 11.17
CA THR G 121 -78.22 -16.00 12.16
C THR G 121 -78.85 -14.82 12.87
N GLY G 122 -80.09 -14.47 12.55
CA GLY G 122 -80.73 -13.34 13.19
C GLY G 122 -81.54 -12.50 12.24
N TYR G 123 -81.78 -11.24 12.60
CA TYR G 123 -82.69 -10.41 11.84
C TYR G 123 -82.13 -9.00 11.72
N ALA G 124 -82.81 -8.18 10.92
CA ALA G 124 -82.45 -6.79 10.71
C ALA G 124 -83.71 -6.04 10.32
N CYS G 125 -83.90 -4.84 10.87
CA CYS G 125 -85.20 -4.19 10.81
C CYS G 125 -85.16 -2.93 9.95
N LEU G 126 -86.35 -2.36 9.75
CA LEU G 126 -86.57 -1.14 8.99
C LEU G 126 -87.31 -0.18 9.91
N VAL G 127 -86.57 0.56 10.73
CA VAL G 127 -87.19 1.38 11.79
C VAL G 127 -87.48 2.75 11.17
N GLY G 128 -88.59 2.82 10.45
CA GLY G 128 -89.23 4.10 10.17
C GLY G 128 -88.49 4.98 9.19
N ASP G 129 -87.34 5.51 9.63
CA ASP G 129 -86.60 6.49 8.86
C ASP G 129 -85.27 5.98 8.34
N LYS G 130 -84.69 4.98 9.00
CA LYS G 130 -83.46 4.37 8.56
C LYS G 130 -83.62 2.85 8.54
N VAL G 131 -82.63 2.16 7.99
CA VAL G 131 -82.50 0.72 8.10
C VAL G 131 -81.30 0.43 9.00
N MET G 132 -81.43 -0.61 9.81
CA MET G 132 -80.43 -0.83 10.85
C MET G 132 -80.44 -2.30 11.27
N LYS G 133 -79.38 -2.69 11.96
CA LYS G 133 -79.19 -4.07 12.39
C LYS G 133 -78.18 -4.10 13.51
N PRO G 134 -78.18 -5.17 14.31
CA PRO G 134 -77.05 -5.38 15.21
C PRO G 134 -75.79 -5.69 14.42
N ALA G 135 -74.66 -5.57 15.10
CA ALA G 135 -73.36 -5.82 14.47
C ALA G 135 -72.57 -6.92 15.16
N HIS G 136 -73.18 -7.63 16.10
CA HIS G 136 -72.46 -8.68 16.80
C HIS G 136 -72.61 -10.04 16.12
N VAL G 137 -73.37 -10.11 15.04
CA VAL G 137 -73.53 -11.35 14.30
C VAL G 137 -73.20 -11.11 12.82
N PRO G 138 -72.31 -11.89 12.23
CA PRO G 138 -71.86 -11.61 10.87
C PRO G 138 -72.87 -12.08 9.83
N GLY G 139 -72.71 -11.54 8.63
CA GLY G 139 -73.58 -11.90 7.53
C GLY G 139 -74.07 -10.71 6.73
N VAL G 140 -74.77 -10.98 5.63
CA VAL G 140 -75.29 -9.95 4.75
C VAL G 140 -76.80 -10.18 4.61
N ILE G 141 -77.57 -9.09 4.56
CA ILE G 141 -79.01 -9.16 4.42
C ILE G 141 -79.38 -9.90 3.15
N ASP G 142 -80.51 -10.62 3.20
CA ASP G 142 -80.95 -11.43 2.06
C ASP G 142 -81.28 -10.56 0.85
N ASN G 143 -81.88 -9.41 1.07
CA ASN G 143 -82.37 -8.58 -0.02
C ASN G 143 -81.23 -7.76 -0.60
N ILE G 144 -81.03 -7.84 -1.92
CA ILE G 144 -79.82 -7.27 -2.51
C ILE G 144 -79.87 -5.75 -2.54
N ASP G 145 -81.05 -5.16 -2.65
CA ASP G 145 -81.19 -3.72 -2.66
C ASP G 145 -81.38 -3.10 -1.29
N LEU G 146 -81.21 -3.89 -0.23
CA LEU G 146 -81.14 -3.36 1.13
C LEU G 146 -79.79 -3.66 1.78
N ALA G 147 -78.84 -4.23 1.03
CA ALA G 147 -77.57 -4.63 1.62
C ALA G 147 -76.38 -4.13 0.81
N ARG G 148 -76.57 -3.91 -0.48
CA ARG G 148 -75.46 -3.56 -1.34
C ARG G 148 -74.94 -2.15 -1.09
N LEU G 149 -75.70 -1.32 -0.39
CA LEU G 149 -75.25 0.02 -0.10
C LEU G 149 -74.23 0.01 1.03
N SER G 150 -73.63 1.16 1.27
CA SER G 150 -72.63 1.33 2.32
C SER G 150 -73.29 1.98 3.53
N TYR G 151 -73.29 1.28 4.65
CA TYR G 151 -73.83 1.76 5.90
C TYR G 151 -72.73 2.46 6.72
N LYS G 152 -73.03 2.75 7.98
CA LYS G 152 -72.05 3.24 8.94
C LYS G 152 -72.15 2.43 10.22
N LYS G 153 -70.99 2.13 10.80
CA LYS G 153 -70.88 1.19 11.91
C LYS G 153 -70.27 1.85 13.13
N SER G 154 -70.79 1.51 14.31
CA SER G 154 -70.20 1.89 15.59
C SER G 154 -70.18 0.66 16.47
N SER G 155 -68.98 0.20 16.83
CA SER G 155 -68.86 -1.02 17.60
C SER G 155 -69.18 -0.83 19.08
N LYS G 156 -69.11 0.39 19.59
CA LYS G 156 -69.35 0.58 21.01
C LYS G 156 -70.82 0.38 21.37
N TYR G 157 -71.73 0.57 20.42
CA TYR G 157 -73.14 0.29 20.63
C TYR G 157 -73.65 -0.82 19.74
N ASP G 158 -72.83 -1.28 18.78
CA ASP G 158 -73.12 -2.43 17.93
C ASP G 158 -74.36 -2.21 17.09
N LEU G 159 -74.38 -1.10 16.35
CA LEU G 159 -75.45 -0.78 15.42
C LEU G 159 -74.86 -0.43 14.07
N GLU G 160 -75.39 -1.03 13.01
CA GLU G 160 -74.98 -0.75 11.64
C GLU G 160 -76.18 -0.14 10.92
N CYS G 161 -76.02 1.07 10.41
CA CYS G 161 -77.16 1.88 10.02
C CYS G 161 -76.86 2.72 8.79
N ALA G 162 -77.89 2.93 7.98
CA ALA G 162 -77.86 3.84 6.84
C ALA G 162 -79.30 4.19 6.47
N GLN G 163 -79.46 4.94 5.39
CA GLN G 163 -80.77 5.38 4.95
C GLN G 163 -81.37 4.39 3.94
N ILE G 164 -82.66 4.56 3.67
CA ILE G 164 -83.44 3.54 2.94
C ILE G 164 -83.68 3.97 1.49
N PRO G 165 -83.77 3.00 0.56
CA PRO G 165 -84.32 3.31 -0.77
C PRO G 165 -85.78 3.77 -0.71
N VAL G 166 -86.30 4.13 -1.88
CA VAL G 166 -87.50 4.96 -1.95
C VAL G 166 -88.77 4.13 -1.72
N ALA G 167 -88.95 3.02 -2.47
CA ALA G 167 -90.15 2.21 -2.26
C ALA G 167 -90.08 1.47 -0.93
N MET G 168 -88.87 1.03 -0.56
CA MET G 168 -88.66 0.48 0.76
C MET G 168 -88.85 1.54 1.84
N LYS G 169 -88.76 2.82 1.50
CA LYS G 169 -89.23 3.86 2.41
C LYS G 169 -90.75 3.87 2.45
N SER G 170 -91.38 3.72 1.28
CA SER G 170 -92.84 3.78 1.18
C SER G 170 -93.50 2.71 2.03
N ASP G 171 -92.85 1.56 2.20
CA ASP G 171 -93.30 0.57 3.18
C ASP G 171 -92.36 0.62 4.38
N ALA G 172 -92.82 1.22 5.48
CA ALA G 172 -91.96 1.39 6.64
C ALA G 172 -92.64 0.96 7.92
N SER G 173 -92.00 1.23 9.06
CA SER G 173 -92.52 1.00 10.39
C SER G 173 -92.68 2.33 11.12
N LYS G 174 -93.18 2.29 12.35
CA LYS G 174 -93.46 3.50 13.09
C LYS G 174 -93.07 3.31 14.55
N TYR G 175 -92.36 4.28 15.11
CA TYR G 175 -91.66 4.13 16.38
C TYR G 175 -92.21 5.11 17.42
N THR G 176 -91.61 5.09 18.61
CA THR G 176 -92.00 5.97 19.68
C THR G 176 -90.75 6.29 20.48
N HIS G 177 -90.75 7.43 21.21
CA HIS G 177 -89.55 7.89 21.88
C HIS G 177 -89.67 7.83 23.40
N GLU G 178 -90.41 6.85 23.92
CA GLU G 178 -90.54 6.67 25.36
C GLU G 178 -90.93 5.21 25.63
N LYS G 179 -90.96 4.87 26.90
CA LYS G 179 -91.39 3.54 27.30
C LYS G 179 -92.04 3.61 28.68
N PRO G 180 -93.37 3.47 28.76
CA PRO G 180 -94.04 3.41 30.06
C PRO G 180 -94.09 1.99 30.59
N GLU G 181 -94.24 1.89 31.90
CA GLU G 181 -94.27 0.60 32.56
C GLU G 181 -95.59 -0.12 32.26
N GLY G 182 -95.49 -1.36 31.81
CA GLY G 182 -96.67 -2.13 31.45
C GLY G 182 -96.28 -3.35 30.64
N HIS G 183 -97.30 -3.94 30.02
CA HIS G 183 -97.17 -5.23 29.36
C HIS G 183 -97.03 -5.03 27.86
N TYR G 184 -96.12 -5.79 27.24
CA TYR G 184 -95.87 -5.70 25.82
C TYR G 184 -95.88 -7.09 25.21
N ASN G 185 -95.81 -7.15 23.89
CA ASN G 185 -95.80 -8.41 23.17
C ASN G 185 -94.78 -8.38 22.04
N TRP G 186 -94.21 -9.54 21.77
CA TRP G 186 -93.21 -9.71 20.73
C TRP G 186 -93.46 -11.04 20.04
N HIS G 187 -92.65 -11.35 19.03
CA HIS G 187 -92.95 -12.45 18.12
C HIS G 187 -92.96 -13.81 18.80
N TYR G 188 -92.49 -13.92 20.03
CA TYR G 188 -92.58 -15.15 20.79
C TYR G 188 -93.67 -15.13 21.85
N GLY G 189 -94.07 -13.96 22.34
CA GLY G 189 -95.06 -13.92 23.40
C GLY G 189 -95.18 -12.59 24.10
N ALA G 190 -95.23 -12.61 25.43
CA ALA G 190 -95.44 -11.40 26.21
C ALA G 190 -94.18 -11.04 26.97
N VAL G 191 -94.06 -9.76 27.30
CA VAL G 191 -92.89 -9.25 28.01
C VAL G 191 -93.31 -8.13 28.95
N GLN G 192 -92.85 -8.22 30.20
CA GLN G 192 -93.14 -7.22 31.22
C GLN G 192 -91.98 -6.26 31.32
N TYR G 193 -92.27 -4.96 31.33
CA TYR G 193 -91.24 -3.94 31.51
C TYR G 193 -91.52 -3.18 32.80
N THR G 194 -90.63 -3.33 33.76
CA THR G 194 -90.67 -2.50 34.96
C THR G 194 -89.26 -2.39 35.53
N GLY G 195 -89.02 -1.31 36.26
CA GLY G 195 -87.71 -1.05 36.83
C GLY G 195 -86.59 -1.00 35.81
N GLY G 196 -86.87 -0.49 34.61
CA GLY G 196 -85.87 -0.51 33.56
C GLY G 196 -85.47 -1.90 33.12
N ARG G 197 -86.46 -2.81 32.98
CA ARG G 197 -86.17 -4.20 32.67
C ARG G 197 -87.31 -4.80 31.85
N PHE G 198 -87.06 -5.06 30.57
CA PHE G 198 -87.92 -5.95 29.80
C PHE G 198 -87.55 -7.39 30.16
N THR G 199 -88.56 -8.23 30.38
CA THR G 199 -88.24 -9.56 30.88
C THR G 199 -89.23 -10.59 30.37
N VAL G 200 -88.73 -11.80 30.12
CA VAL G 200 -89.46 -12.89 29.49
C VAL G 200 -89.11 -14.19 30.20
N PRO G 201 -89.93 -15.26 30.02
CA PRO G 201 -89.62 -16.52 30.73
C PRO G 201 -88.37 -17.20 30.21
N THR G 202 -88.05 -18.37 30.76
CA THR G 202 -86.92 -19.14 30.28
C THR G 202 -87.37 -20.10 29.19
N GLY G 203 -86.45 -20.40 28.27
CA GLY G 203 -86.78 -21.27 27.16
C GLY G 203 -87.78 -20.68 26.18
N VAL G 204 -87.57 -19.44 25.76
CA VAL G 204 -88.42 -18.81 24.76
C VAL G 204 -87.57 -18.20 23.66
N GLY G 205 -86.36 -18.71 23.48
CA GLY G 205 -85.54 -18.25 22.38
C GLY G 205 -84.44 -19.23 22.07
N LYS G 206 -83.71 -18.91 21.00
CA LYS G 206 -82.56 -19.67 20.51
C LYS G 206 -81.48 -18.68 20.12
N PRO G 207 -80.21 -19.09 20.18
CA PRO G 207 -79.13 -18.16 19.82
C PRO G 207 -79.14 -17.87 18.33
N GLY G 208 -79.38 -16.61 17.99
CA GLY G 208 -79.58 -16.26 16.60
C GLY G 208 -80.94 -15.67 16.33
N ASP G 209 -81.53 -14.99 17.32
CA ASP G 209 -82.74 -14.21 17.13
C ASP G 209 -82.55 -12.75 17.52
N SER G 210 -81.33 -12.26 17.45
CA SER G 210 -81.01 -10.90 17.87
C SER G 210 -81.45 -9.94 16.78
N GLY G 211 -82.55 -9.22 17.01
CA GLY G 211 -82.98 -8.22 16.06
C GLY G 211 -84.46 -8.22 15.79
N ARG G 212 -85.20 -9.05 16.46
CA ARG G 212 -86.64 -8.99 16.31
C ARG G 212 -87.18 -7.78 17.09
N PRO G 213 -88.06 -6.99 16.50
CA PRO G 213 -88.50 -5.76 17.16
C PRO G 213 -89.49 -6.08 18.27
N ILE G 214 -89.65 -5.10 19.16
CA ILE G 214 -90.57 -5.20 20.28
C ILE G 214 -91.61 -4.10 20.16
N PHE G 215 -92.88 -4.47 20.29
CA PHE G 215 -93.97 -3.54 20.12
C PHE G 215 -94.61 -3.21 21.46
N ASP G 216 -95.19 -2.02 21.53
CA ASP G 216 -95.93 -1.57 22.70
C ASP G 216 -97.36 -2.09 22.62
N ASN G 217 -98.23 -1.56 23.48
CA ASN G 217 -99.64 -1.93 23.40
C ASN G 217 -100.30 -1.27 22.20
N LYS G 218 -99.96 -0.01 21.92
CA LYS G 218 -100.55 0.72 20.81
C LYS G 218 -100.08 0.20 19.44
N GLY G 219 -98.99 -0.56 19.40
CA GLY G 219 -98.54 -1.12 18.14
C GLY G 219 -97.46 -0.30 17.46
N ARG G 220 -96.43 0.10 18.22
CA ARG G 220 -95.27 0.81 17.69
C ARG G 220 -94.02 0.24 18.32
N VAL G 221 -92.90 0.35 17.61
CA VAL G 221 -91.65 -0.25 18.07
C VAL G 221 -90.98 0.64 19.12
N VAL G 222 -90.68 0.05 20.27
CA VAL G 222 -90.07 0.79 21.37
C VAL G 222 -88.55 0.67 21.37
N ALA G 223 -87.99 -0.51 21.09
CA ALA G 223 -86.55 -0.71 21.18
C ALA G 223 -86.18 -1.92 20.35
N ILE G 224 -84.91 -2.33 20.44
CA ILE G 224 -84.43 -3.54 19.80
C ILE G 224 -83.81 -4.42 20.86
N VAL G 225 -83.45 -5.63 20.45
CA VAL G 225 -83.01 -6.67 21.36
C VAL G 225 -81.58 -7.06 21.02
N LEU G 226 -80.80 -7.40 22.05
CA LEU G 226 -79.47 -7.97 21.85
C LEU G 226 -79.32 -9.30 22.58
N GLY G 227 -80.44 -9.93 22.93
CA GLY G 227 -80.47 -11.18 23.65
C GLY G 227 -79.85 -11.07 25.03
N GLY G 228 -79.21 -12.16 25.45
CA GLY G 228 -78.30 -12.09 26.57
C GLY G 228 -78.90 -11.88 27.95
N ALA G 229 -79.56 -12.90 28.51
CA ALA G 229 -79.86 -12.96 29.93
C ALA G 229 -80.29 -14.39 30.28
N ASN G 230 -79.97 -14.80 31.51
CA ASN G 230 -80.31 -16.13 31.97
C ASN G 230 -80.82 -16.08 33.40
N GLU G 231 -81.70 -17.03 33.73
CA GLU G 231 -82.06 -17.35 35.10
C GLU G 231 -82.70 -18.73 35.09
N GLY G 232 -82.85 -19.33 36.27
CA GLY G 232 -83.55 -20.58 36.45
C GLY G 232 -85.04 -20.37 36.58
N ALA G 233 -85.47 -19.24 36.04
CA ALA G 233 -86.84 -18.73 36.01
C ALA G 233 -86.83 -17.62 34.98
N ARG G 234 -87.92 -16.85 34.92
CA ARG G 234 -88.09 -15.72 34.01
C ARG G 234 -86.82 -14.89 33.88
N THR G 235 -86.41 -14.66 32.64
CA THR G 235 -85.12 -14.03 32.36
C THR G 235 -85.29 -12.57 31.92
N ALA G 236 -84.17 -11.86 31.92
CA ALA G 236 -84.15 -10.44 31.62
C ALA G 236 -83.87 -10.23 30.13
N LEU G 237 -83.58 -8.98 29.75
CA LEU G 237 -83.20 -8.63 28.39
C LEU G 237 -81.96 -7.75 28.41
N SER G 238 -81.35 -7.61 27.23
CA SER G 238 -80.35 -6.60 26.97
C SER G 238 -80.75 -5.89 25.69
N VAL G 239 -80.97 -4.58 25.78
CA VAL G 239 -81.63 -3.83 24.71
C VAL G 239 -80.78 -2.65 24.30
N VAL G 240 -81.19 -2.03 23.19
CA VAL G 240 -80.66 -0.76 22.72
C VAL G 240 -81.87 0.09 22.36
N THR G 241 -81.96 1.28 22.95
CA THR G 241 -83.20 2.04 22.91
C THR G 241 -82.92 3.49 22.60
N TRP G 242 -84.01 4.26 22.51
CA TRP G 242 -83.97 5.68 22.16
C TRP G 242 -84.44 6.48 23.36
N ASN G 243 -83.52 7.25 23.95
CA ASN G 243 -83.85 8.07 25.10
C ASN G 243 -84.04 9.50 24.58
N LYS G 244 -85.26 9.82 24.17
CA LYS G 244 -85.68 11.16 23.74
C LYS G 244 -84.75 11.71 22.66
N ASP G 245 -84.75 11.05 21.51
CA ASP G 245 -84.03 11.39 20.27
C ASP G 245 -82.54 11.05 20.34
N MET G 246 -82.08 10.37 21.37
CA MET G 246 -80.68 9.98 21.47
C MET G 246 -80.59 8.54 21.95
N VAL G 247 -79.55 7.83 21.52
CA VAL G 247 -79.44 6.39 21.77
C VAL G 247 -78.82 6.14 23.13
N THR G 248 -79.17 5.02 23.74
CA THR G 248 -78.44 4.50 24.90
C THR G 248 -78.54 2.99 24.88
N LYS G 249 -77.79 2.35 25.78
CA LYS G 249 -77.66 0.91 25.86
C LYS G 249 -78.12 0.43 27.23
N ILE G 250 -78.53 -0.83 27.30
CA ILE G 250 -78.85 -1.49 28.55
C ILE G 250 -78.33 -2.92 28.47
N THR G 251 -77.45 -3.29 29.39
CA THR G 251 -76.79 -4.60 29.35
C THR G 251 -76.53 -5.12 30.77
N PRO G 252 -77.41 -5.97 31.29
CA PRO G 252 -77.18 -6.54 32.61
C PRO G 252 -76.01 -7.51 32.60
N GLU G 253 -75.28 -7.53 33.71
CA GLU G 253 -74.11 -8.38 33.82
C GLU G 253 -74.52 -9.83 34.06
N GLY G 254 -73.55 -10.72 33.91
CA GLY G 254 -73.74 -12.15 34.08
C GLY G 254 -73.82 -12.92 32.79
N THR G 255 -74.06 -12.25 31.67
CA THR G 255 -74.45 -12.90 30.43
C THR G 255 -73.65 -12.39 29.24
N GLU G 256 -73.61 -13.21 28.20
CA GLU G 256 -72.95 -12.93 26.94
C GLU G 256 -73.98 -12.74 25.84
N GLU G 257 -73.48 -12.49 24.62
CA GLU G 257 -74.30 -12.00 23.52
C GLU G 257 -75.09 -13.15 22.91
N TRP G 258 -76.17 -13.52 23.58
CA TRP G 258 -77.07 -14.55 23.09
C TRP G 258 -77.84 -14.04 21.87
N TYR H 1 -3.57 29.45 49.52
CA TYR H 1 -4.70 28.97 48.75
C TYR H 1 -4.25 27.95 47.72
N GLU H 2 -5.14 27.02 47.38
CA GLU H 2 -4.87 26.01 46.37
C GLU H 2 -5.98 26.02 45.32
N HIS H 3 -5.60 25.82 44.07
CA HIS H 3 -6.57 25.77 42.99
C HIS H 3 -6.05 24.83 41.92
N THR H 4 -6.97 24.35 41.08
CA THR H 4 -6.64 23.43 40.01
C THR H 4 -7.26 23.91 38.70
N ALA H 5 -6.51 23.75 37.62
CA ALA H 5 -6.96 24.21 36.31
C ALA H 5 -6.50 23.24 35.24
N VAL H 6 -6.97 23.47 34.02
CA VAL H 6 -6.51 22.76 32.85
C VAL H 6 -6.01 23.78 31.84
N ILE H 7 -5.24 23.30 30.87
CA ILE H 7 -4.67 24.17 29.84
C ILE H 7 -4.57 23.39 28.54
N PRO H 8 -4.93 23.96 27.39
CA PRO H 8 -4.75 23.24 26.13
C PRO H 8 -3.29 23.25 25.72
N ASN H 9 -2.82 22.08 25.27
CA ASN H 9 -1.40 21.84 25.03
C ASN H 9 -1.07 22.16 23.57
N GLN H 10 -0.88 23.46 23.30
CA GLN H 10 -0.27 23.90 22.05
C GLN H 10 0.60 25.10 22.36
N VAL H 11 1.03 25.78 21.31
CA VAL H 11 1.84 26.98 21.43
C VAL H 11 0.97 28.16 21.05
N GLY H 12 1.17 29.29 21.72
CA GLY H 12 0.51 30.50 21.33
C GLY H 12 -0.75 30.84 22.08
N PHE H 13 -1.58 29.83 22.39
CA PHE H 13 -2.84 30.04 23.06
C PHE H 13 -2.61 30.63 24.45
N PRO H 14 -3.02 31.87 24.69
CA PRO H 14 -2.92 32.40 26.05
C PRO H 14 -4.08 31.86 26.88
N TYR H 15 -3.75 31.38 28.08
CA TYR H 15 -4.76 30.82 28.96
C TYR H 15 -4.90 31.70 30.20
N LYS H 16 -6.13 31.82 30.67
CA LYS H 16 -6.46 32.67 31.79
C LYS H 16 -7.00 31.82 32.92
N ALA H 17 -6.55 32.11 34.14
CA ALA H 17 -6.99 31.40 35.34
C ALA H 17 -7.50 32.44 36.34
N HIS H 18 -8.82 32.53 36.47
CA HIS H 18 -9.48 33.57 37.25
C HIS H 18 -10.03 32.95 38.53
N VAL H 19 -9.20 32.93 39.59
CA VAL H 19 -9.62 32.36 40.85
C VAL H 19 -10.62 33.27 41.53
N ALA H 20 -11.73 32.70 41.98
CA ALA H 20 -12.75 33.43 42.72
C ALA H 20 -12.51 33.21 44.21
N ARG H 21 -11.59 34.01 44.77
CA ARG H 21 -11.25 33.92 46.19
C ARG H 21 -11.88 35.10 46.90
N GLU H 22 -13.04 34.84 47.52
CA GLU H 22 -13.83 35.87 48.18
C GLU H 22 -13.04 36.51 49.33
N GLY H 23 -13.50 37.69 49.75
CA GLY H 23 -12.83 38.44 50.79
C GLY H 23 -11.56 39.14 50.34
N TYR H 24 -11.28 39.13 49.05
CA TYR H 24 -10.06 39.72 48.51
C TYR H 24 -10.38 40.32 47.15
N SER H 25 -9.46 41.12 46.65
CA SER H 25 -9.54 41.57 45.27
C SER H 25 -9.38 40.37 44.34
N PRO H 26 -10.27 40.19 43.37
CA PRO H 26 -10.20 39.00 42.51
C PRO H 26 -8.91 38.97 41.70
N LEU H 27 -8.62 37.82 41.12
CA LEU H 27 -7.33 37.64 40.48
C LEU H 27 -7.43 36.70 39.30
N THR H 28 -6.85 37.12 38.17
CA THR H 28 -6.62 36.25 37.03
C THR H 28 -5.13 36.20 36.73
N LEU H 29 -4.71 35.14 36.06
CA LEU H 29 -3.29 34.96 35.75
C LEU H 29 -3.16 34.29 34.39
N GLN H 30 -1.99 34.46 33.78
CA GLN H 30 -1.74 34.03 32.41
C GLN H 30 -0.56 33.07 32.36
N MET H 31 -0.72 31.97 31.63
CA MET H 31 0.34 31.03 31.35
C MET H 31 0.40 30.76 29.85
N GLN H 32 1.61 30.71 29.31
CA GLN H 32 1.80 30.52 27.88
C GLN H 32 2.95 29.56 27.66
N VAL H 33 2.75 28.63 26.72
CA VAL H 33 3.62 27.48 26.54
C VAL H 33 4.56 27.74 25.37
N VAL H 34 5.86 27.56 25.58
CA VAL H 34 6.82 27.97 24.57
C VAL H 34 7.69 26.80 24.11
N GLU H 35 7.37 25.58 24.57
CA GLU H 35 8.03 24.35 24.15
C GLU H 35 7.29 23.14 24.71
N THR H 36 7.38 22.01 23.99
CA THR H 36 7.02 20.67 24.51
C THR H 36 7.96 19.61 23.92
N SER H 37 9.05 19.31 24.63
CA SER H 37 9.97 18.26 24.20
C SER H 37 9.50 16.92 24.75
N LEU H 38 9.22 15.96 23.85
CA LEU H 38 8.70 14.64 24.22
C LEU H 38 9.76 13.58 23.88
N GLU H 39 10.54 13.19 24.90
CA GLU H 39 11.63 12.24 24.70
C GLU H 39 11.26 10.84 25.19
N PRO H 40 11.49 9.81 24.38
CA PRO H 40 11.44 8.43 24.87
C PRO H 40 12.81 7.94 25.31
N THR H 41 12.81 6.78 25.98
CA THR H 41 14.01 6.23 26.62
C THR H 41 14.63 5.16 25.72
N LEU H 42 15.84 5.45 25.25
CA LEU H 42 16.50 4.60 24.26
C LEU H 42 17.00 3.29 24.87
N ASN H 43 16.99 2.24 24.05
CA ASN H 43 17.59 0.95 24.42
C ASN H 43 18.02 0.25 23.13
N LEU H 44 19.31 0.32 22.81
CA LEU H 44 19.82 -0.14 21.52
C LEU H 44 20.24 -1.60 21.58
N GLU H 45 20.27 -2.22 20.39
CA GLU H 45 20.90 -3.53 20.30
C GLU H 45 22.12 -3.53 19.37
N TYR H 46 22.02 -3.10 18.10
CA TYR H 46 23.21 -3.11 17.25
C TYR H 46 23.31 -1.85 16.40
N ILE H 47 24.38 -1.78 15.60
CA ILE H 47 24.63 -0.71 14.65
C ILE H 47 24.93 -1.33 13.29
N THR H 48 25.26 -0.48 12.31
CA THR H 48 25.62 -0.94 10.98
C THR H 48 26.72 -0.03 10.43
N CYS H 49 27.35 -0.49 9.35
CA CYS H 49 28.31 0.27 8.56
C CYS H 49 28.71 -0.62 7.39
N ASP H 50 29.26 0.00 6.36
CA ASP H 50 29.83 -0.78 5.26
C ASP H 50 31.09 -1.48 5.74
N TYR H 51 31.26 -2.73 5.31
CA TYR H 51 32.45 -3.47 5.68
C TYR H 51 33.58 -3.17 4.69
N LYS H 52 34.67 -3.91 4.81
CA LYS H 52 35.76 -3.86 3.85
C LYS H 52 36.25 -5.28 3.65
N THR H 53 36.18 -5.78 2.42
CA THR H 53 36.70 -7.11 2.17
C THR H 53 38.22 -7.03 2.19
N LYS H 54 38.79 -7.29 3.37
CA LYS H 54 40.22 -7.22 3.57
C LYS H 54 40.83 -8.56 3.24
N VAL H 55 41.77 -8.56 2.30
CA VAL H 55 42.38 -9.81 1.83
C VAL H 55 43.89 -9.64 1.81
N PRO H 56 44.64 -10.56 2.40
CA PRO H 56 46.10 -10.50 2.35
C PRO H 56 46.60 -11.07 1.03
N SER H 57 47.92 -11.02 0.87
CA SER H 57 48.51 -11.53 -0.37
C SER H 57 48.48 -13.05 -0.37
N PRO H 58 48.24 -13.67 -1.52
CA PRO H 58 48.00 -15.10 -1.55
C PRO H 58 49.28 -15.90 -1.42
N TYR H 59 49.15 -17.04 -0.74
CA TYR H 59 50.26 -17.95 -0.53
C TYR H 59 50.43 -18.82 -1.77
N VAL H 60 51.64 -18.83 -2.32
CA VAL H 60 51.90 -19.58 -3.54
C VAL H 60 53.05 -20.55 -3.28
N LYS H 61 52.98 -21.67 -3.98
CA LYS H 61 54.06 -22.65 -3.99
C LYS H 61 53.79 -23.60 -5.14
N CYS H 62 54.82 -24.33 -5.52
CA CYS H 62 54.71 -25.51 -6.35
C CYS H 62 55.25 -26.68 -5.54
N CYS H 63 55.39 -27.81 -6.23
CA CYS H 63 56.41 -28.77 -5.86
C CYS H 63 56.13 -29.35 -4.47
N GLY H 64 54.86 -29.47 -4.15
CA GLY H 64 54.36 -29.76 -2.81
C GLY H 64 53.09 -29.00 -2.53
N THR H 65 52.36 -29.40 -1.49
CA THR H 65 51.08 -28.78 -1.13
C THR H 65 51.16 -28.22 0.29
N ALA H 66 50.03 -27.73 0.78
CA ALA H 66 49.93 -27.17 2.13
C ALA H 66 48.51 -27.37 2.64
N GLU H 67 48.21 -26.76 3.80
CA GLU H 67 46.87 -26.75 4.38
C GLU H 67 46.61 -25.36 4.94
N CYS H 68 45.55 -25.25 5.76
CA CYS H 68 45.09 -23.96 6.25
C CYS H 68 44.68 -24.07 7.71
N ARG H 69 44.55 -22.90 8.36
CA ARG H 69 44.42 -22.77 9.81
C ARG H 69 42.98 -22.65 10.29
N THR H 70 42.23 -21.67 9.78
CA THR H 70 40.88 -21.28 10.22
C THR H 70 40.89 -20.87 11.70
N GLN H 71 41.58 -19.77 11.99
CA GLN H 71 41.57 -19.22 13.32
C GLN H 71 40.27 -18.47 13.61
N ASP H 72 40.12 -18.00 14.85
CA ASP H 72 38.92 -17.30 15.28
C ASP H 72 38.87 -15.91 14.69
N LYS H 73 38.17 -15.77 13.55
CA LYS H 73 38.03 -14.50 12.85
C LYS H 73 36.65 -14.47 12.21
N PRO H 74 36.16 -13.28 11.82
CA PRO H 74 34.88 -13.21 11.12
C PRO H 74 34.91 -13.81 9.73
N GLU H 75 34.20 -14.91 9.53
CA GLU H 75 34.00 -15.54 8.22
C GLU H 75 35.32 -15.86 7.55
N TYR H 76 36.09 -16.74 8.20
CA TYR H 76 37.37 -17.16 7.65
C TYR H 76 37.12 -18.13 6.51
N LYS H 77 37.32 -17.68 5.28
CA LYS H 77 37.18 -18.53 4.11
C LYS H 77 38.56 -18.73 3.49
N CYS H 78 38.83 -19.96 3.07
CA CYS H 78 40.11 -20.32 2.49
C CYS H 78 40.02 -21.71 1.87
N ALA H 79 40.77 -21.90 0.79
CA ALA H 79 40.84 -23.18 0.11
C ALA H 79 42.08 -23.21 -0.77
N VAL H 80 42.59 -24.40 -1.00
CA VAL H 80 43.75 -24.59 -1.87
C VAL H 80 43.25 -24.98 -3.26
N PHE H 81 44.10 -24.83 -4.26
CA PHE H 81 43.74 -25.14 -5.63
C PHE H 81 44.85 -25.92 -6.31
N THR H 82 44.47 -26.91 -7.11
CA THR H 82 45.40 -27.88 -7.70
C THR H 82 45.61 -27.53 -9.17
N GLY H 83 46.74 -26.91 -9.46
CA GLY H 83 47.12 -26.52 -10.80
C GLY H 83 46.86 -25.04 -11.00
N VAL H 84 47.91 -24.24 -10.82
CA VAL H 84 47.76 -22.80 -10.74
C VAL H 84 48.78 -22.09 -11.62
N TYR H 85 49.53 -22.85 -12.43
CA TYR H 85 50.80 -22.45 -13.03
C TYR H 85 50.72 -21.07 -13.67
N PRO H 86 51.33 -20.07 -13.04
CA PRO H 86 51.21 -18.70 -13.54
C PRO H 86 52.38 -18.24 -14.39
N PHE H 87 52.22 -17.06 -14.98
CA PHE H 87 53.35 -16.27 -15.42
C PHE H 87 53.71 -15.30 -14.30
N MET H 88 54.57 -14.33 -14.58
CA MET H 88 55.04 -13.39 -13.58
C MET H 88 55.52 -12.13 -14.31
N TRP H 89 56.23 -11.26 -13.58
CA TRP H 89 56.84 -10.09 -14.19
C TRP H 89 57.81 -10.49 -15.30
N GLY H 90 58.54 -11.57 -15.10
CA GLY H 90 59.42 -12.11 -16.12
C GLY H 90 59.46 -13.62 -16.07
N GLY H 91 59.20 -14.27 -17.20
CA GLY H 91 59.28 -15.72 -17.24
C GLY H 91 58.19 -16.42 -16.46
N ALA H 92 58.57 -17.18 -15.44
CA ALA H 92 57.63 -18.05 -14.75
C ALA H 92 57.99 -18.09 -13.26
N TYR H 93 57.36 -19.01 -12.53
CA TYR H 93 57.54 -19.09 -11.09
C TYR H 93 57.97 -20.47 -10.60
N CYS H 94 57.42 -21.54 -11.16
CA CYS H 94 57.85 -22.90 -10.84
C CYS H 94 57.89 -23.75 -12.11
N PHE H 95 58.36 -24.98 -11.95
CA PHE H 95 58.46 -25.94 -13.03
C PHE H 95 57.97 -27.30 -12.57
N CYS H 96 56.86 -27.30 -11.84
CA CYS H 96 56.24 -28.47 -11.24
C CYS H 96 54.79 -28.55 -11.68
N ASP H 97 54.58 -28.42 -12.99
CA ASP H 97 53.32 -28.11 -13.66
C ASP H 97 52.10 -28.83 -13.09
N SER H 98 52.24 -30.09 -12.70
CA SER H 98 51.16 -30.82 -12.07
C SER H 98 51.15 -30.68 -10.55
N GLU H 99 52.00 -29.81 -9.98
CA GLU H 99 52.05 -29.64 -8.52
C GLU H 99 51.96 -28.18 -8.10
N ASN H 100 51.77 -27.25 -9.02
CA ASN H 100 51.61 -25.83 -8.70
C ASN H 100 50.31 -25.66 -7.91
N THR H 101 50.41 -25.42 -6.61
CA THR H 101 49.23 -25.28 -5.77
C THR H 101 49.24 -23.96 -5.02
N GLN H 102 48.12 -23.24 -5.07
CA GLN H 102 48.00 -21.91 -4.49
C GLN H 102 46.88 -21.91 -3.46
N MET H 103 47.18 -21.36 -2.28
CA MET H 103 46.20 -21.11 -1.25
C MET H 103 45.81 -19.64 -1.27
N SER H 104 44.57 -19.36 -0.89
CA SER H 104 44.09 -17.99 -0.72
C SER H 104 43.15 -17.93 0.47
N GLU H 105 42.99 -16.73 1.01
CA GLU H 105 42.12 -16.55 2.16
C GLU H 105 41.72 -15.08 2.25
N ALA H 106 40.55 -14.84 2.83
CA ALA H 106 40.07 -13.49 3.05
C ALA H 106 39.02 -13.52 4.16
N TYR H 107 38.84 -12.37 4.81
CA TYR H 107 37.80 -12.27 5.84
C TYR H 107 37.23 -10.86 5.85
N VAL H 108 36.38 -10.60 6.84
CA VAL H 108 35.57 -9.40 6.91
C VAL H 108 35.91 -8.65 8.19
N GLU H 109 36.23 -7.37 8.06
CA GLU H 109 36.45 -6.51 9.21
C GLU H 109 35.82 -5.16 8.90
N ARG H 110 35.27 -4.54 9.95
CA ARG H 110 34.57 -3.27 9.79
C ARG H 110 35.49 -2.21 9.21
N ALA H 111 34.93 -1.38 8.34
CA ALA H 111 35.72 -0.40 7.60
C ALA H 111 36.27 0.67 8.54
N ASP H 112 37.09 1.56 7.97
CA ASP H 112 37.65 2.65 8.76
C ASP H 112 36.55 3.59 9.23
N VAL H 113 35.60 3.90 8.36
CA VAL H 113 34.61 4.93 8.64
C VAL H 113 33.51 4.42 9.57
N CYS H 114 33.52 3.12 9.89
CA CYS H 114 32.57 2.56 10.85
C CYS H 114 32.68 3.21 12.22
N LYS H 115 33.75 3.94 12.48
CA LYS H 115 33.89 4.77 13.66
C LYS H 115 33.16 6.10 13.54
N HIS H 116 32.45 6.35 12.43
CA HIS H 116 31.91 7.68 12.19
C HIS H 116 30.46 7.74 11.75
N ASP H 117 29.86 6.66 11.24
CA ASP H 117 28.47 6.70 10.88
C ASP H 117 27.87 5.31 10.98
N TYR H 118 26.60 5.25 11.37
CA TYR H 118 25.96 3.97 11.65
C TYR H 118 24.45 4.16 11.59
N ALA H 119 23.72 3.12 11.99
CA ALA H 119 22.28 3.18 12.21
C ALA H 119 21.98 2.39 13.47
N ALA H 120 21.70 3.08 14.57
CA ALA H 120 21.39 2.41 15.82
C ALA H 120 19.94 1.92 15.81
N ALA H 121 19.75 0.63 16.05
CA ALA H 121 18.41 0.05 16.15
C ALA H 121 17.91 0.26 17.58
N TYR H 122 17.26 1.40 17.80
CA TYR H 122 16.80 1.76 19.13
C TYR H 122 15.46 1.10 19.42
N ARG H 123 15.40 0.35 20.52
CA ARG H 123 14.13 -0.20 21.01
C ARG H 123 13.54 0.72 22.07
N ALA H 124 13.28 1.96 21.69
CA ALA H 124 12.89 2.99 22.64
C ALA H 124 11.45 2.80 23.09
N HIS H 125 11.10 3.46 24.20
CA HIS H 125 9.83 3.21 24.86
C HIS H 125 9.62 4.26 25.95
N THR H 126 8.35 4.40 26.36
CA THR H 126 7.94 5.15 27.56
C THR H 126 8.36 6.63 27.50
N ALA H 127 7.76 7.35 26.57
CA ALA H 127 8.05 8.76 26.41
C ALA H 127 7.63 9.56 27.64
N SER H 128 8.21 10.76 27.76
CA SER H 128 7.97 11.63 28.92
C SER H 128 8.10 13.08 28.50
N LEU H 129 7.02 13.84 28.66
CA LEU H 129 6.91 15.19 28.13
C LEU H 129 7.62 16.20 29.03
N ARG H 130 7.98 17.35 28.45
CA ARG H 130 8.59 18.46 29.16
C ARG H 130 7.92 19.75 28.68
N ALA H 131 8.20 20.85 29.38
CA ALA H 131 7.64 22.13 28.97
C ALA H 131 8.54 23.27 29.43
N LYS H 132 8.54 24.35 28.65
CA LYS H 132 9.15 25.62 29.04
C LYS H 132 8.08 26.69 28.89
N ILE H 133 7.40 27.02 29.98
CA ILE H 133 6.31 27.99 29.93
C ILE H 133 6.68 29.23 30.76
N LYS H 134 5.85 30.26 30.63
CA LYS H 134 6.03 31.49 31.39
C LYS H 134 4.70 31.89 32.01
N VAL H 135 4.76 32.34 33.26
CA VAL H 135 3.57 32.67 34.03
C VAL H 135 3.66 34.14 34.42
N THR H 136 2.53 34.84 34.32
CA THR H 136 2.51 36.22 34.78
C THR H 136 1.24 36.44 35.63
N TYR H 137 1.44 36.58 36.92
CA TYR H 137 0.46 37.13 37.85
C TYR H 137 1.05 38.43 38.39
N GLY H 138 0.39 39.01 39.38
CA GLY H 138 0.34 40.46 39.54
C GLY H 138 1.64 41.24 39.41
N THR H 139 2.56 41.10 40.35
CA THR H 139 3.92 41.60 40.15
C THR H 139 4.87 40.49 39.71
N VAL H 140 4.53 39.75 38.64
CA VAL H 140 5.37 38.69 38.10
C VAL H 140 5.27 38.69 36.59
N ASN H 141 6.42 38.50 35.92
CA ASN H 141 6.47 38.35 34.47
C ASN H 141 7.48 37.27 34.09
N GLN H 142 7.83 36.36 35.00
CA GLN H 142 8.96 35.47 34.83
C GLN H 142 8.54 34.10 34.31
N THR H 143 9.50 33.43 33.67
CA THR H 143 9.31 32.14 33.02
C THR H 143 9.75 31.01 33.95
N VAL H 144 9.51 29.78 33.52
CA VAL H 144 9.79 28.60 34.34
C VAL H 144 10.01 27.40 33.44
N GLU H 145 10.76 26.41 33.92
CA GLU H 145 11.00 25.17 33.21
C GLU H 145 10.46 24.01 34.03
N ALA H 146 9.59 23.20 33.43
CA ALA H 146 8.83 22.22 34.19
C ALA H 146 8.80 20.88 33.48
N TYR H 147 9.10 19.81 34.21
CA TYR H 147 8.64 18.49 33.81
C TYR H 147 7.15 18.38 34.10
N VAL H 148 6.48 17.48 33.39
CA VAL H 148 5.02 17.42 33.46
C VAL H 148 4.52 16.10 33.99
N ASN H 149 5.37 15.10 34.19
CA ASN H 149 4.94 13.98 35.01
C ASN H 149 4.74 14.47 36.43
N GLY H 150 3.82 13.85 37.16
CA GLY H 150 3.35 14.34 38.44
C GLY H 150 4.37 14.66 39.51
N ASP H 151 5.63 14.29 39.30
CA ASP H 151 6.64 14.41 40.35
C ASP H 151 7.23 15.81 40.45
N HIS H 152 7.93 16.26 39.42
CA HIS H 152 8.80 17.43 39.57
C HIS H 152 7.99 18.71 39.56
N ALA H 153 8.09 19.47 40.64
CA ALA H 153 7.30 20.68 40.80
C ALA H 153 7.98 21.51 41.88
N VAL H 154 8.49 22.69 41.55
CA VAL H 154 9.17 23.39 42.63
C VAL H 154 8.57 24.75 42.98
N THR H 155 8.68 25.73 42.09
CA THR H 155 8.50 27.10 42.59
C THR H 155 8.64 28.11 41.46
N ILE H 156 8.15 29.30 41.73
CA ILE H 156 8.61 30.55 41.15
C ILE H 156 8.20 31.68 42.07
N ALA H 157 9.13 32.60 42.37
CA ALA H 157 8.84 33.85 43.08
C ALA H 157 8.21 33.61 44.44
N GLY H 158 8.47 32.45 45.04
CA GLY H 158 7.94 32.14 46.35
C GLY H 158 6.58 31.49 46.37
N THR H 159 6.12 30.94 45.25
CA THR H 159 4.87 30.20 45.17
C THR H 159 5.14 28.86 44.51
N LYS H 160 4.32 27.86 44.83
CA LYS H 160 4.55 26.48 44.41
C LYS H 160 3.63 26.09 43.26
N PHE H 161 4.22 25.53 42.19
CA PHE H 161 3.52 25.17 40.96
C PHE H 161 3.73 23.70 40.65
N ILE H 162 2.67 22.99 40.27
CA ILE H 162 2.74 21.58 39.92
C ILE H 162 2.07 21.35 38.57
N PHE H 163 2.72 20.58 37.70
CA PHE H 163 2.20 20.32 36.36
C PHE H 163 2.04 18.82 36.13
N GLY H 164 0.87 18.43 35.63
CA GLY H 164 0.63 17.07 35.22
C GLY H 164 0.35 16.14 36.37
N PRO H 165 0.32 14.81 36.10
CA PRO H 165 0.66 14.09 34.87
C PRO H 165 -0.38 14.15 33.75
N VAL H 166 -0.05 13.53 32.61
CA VAL H 166 -0.69 13.81 31.32
C VAL H 166 -2.12 13.30 31.31
N SER H 167 -2.90 13.75 30.32
CA SER H 167 -4.25 13.27 30.12
C SER H 167 -4.27 11.94 29.38
N THR H 168 -3.60 11.87 28.24
CA THR H 168 -3.55 10.66 27.44
C THR H 168 -2.10 10.36 27.09
N ALA H 169 -1.61 9.22 27.56
CA ALA H 169 -0.22 8.82 27.33
C ALA H 169 -0.11 8.33 25.89
N TRP H 170 0.10 9.26 24.98
CA TRP H 170 0.21 8.98 23.56
C TRP H 170 1.60 9.34 23.10
N THR H 171 2.14 8.53 22.19
CA THR H 171 3.41 8.85 21.56
C THR H 171 3.24 8.95 20.06
N PRO H 172 3.95 9.86 19.42
CA PRO H 172 4.09 9.86 17.96
C PRO H 172 5.31 9.08 17.51
N PHE H 173 5.43 7.85 17.97
CA PHE H 173 6.58 7.01 17.67
C PHE H 173 6.09 5.60 17.42
N ASP H 174 7.05 4.68 17.31
CA ASP H 174 6.73 3.27 17.35
C ASP H 174 7.64 2.62 18.37
N THR H 175 7.70 1.30 18.40
CA THR H 175 8.47 0.58 19.39
C THR H 175 9.91 0.33 18.97
N LYS H 176 10.17 0.24 17.67
CA LYS H 176 11.40 -0.37 17.13
C LYS H 176 12.06 0.52 16.10
N ILE H 177 12.24 1.81 16.39
CA ILE H 177 12.68 2.75 15.36
C ILE H 177 14.19 2.69 15.13
N VAL H 178 14.65 3.32 14.06
CA VAL H 178 16.05 3.39 13.65
C VAL H 178 16.45 4.85 13.54
N VAL H 179 17.72 5.14 13.82
CA VAL H 179 18.22 6.51 13.70
C VAL H 179 19.32 6.52 12.65
N TYR H 180 19.65 7.73 12.22
CA TYR H 180 20.75 7.98 11.28
C TYR H 180 21.39 9.30 11.71
N LYS H 181 22.18 9.87 10.80
CA LYS H 181 22.98 11.06 11.08
C LYS H 181 22.17 12.17 11.74
N GLY H 182 20.96 12.40 11.27
CA GLY H 182 20.13 13.36 11.96
C GLY H 182 18.65 13.02 11.97
N GLU H 183 18.30 11.82 11.55
CA GLU H 183 16.91 11.51 11.21
C GLU H 183 16.39 10.34 12.02
N VAL H 184 15.14 9.97 11.75
CA VAL H 184 14.44 8.88 12.42
C VAL H 184 13.61 8.15 11.37
N TYR H 185 13.69 6.83 11.36
CA TYR H 185 12.95 6.02 10.40
C TYR H 185 12.14 4.97 11.14
N ASN H 186 10.83 4.98 10.92
CA ASN H 186 9.91 4.08 11.61
C ASN H 186 9.77 2.83 10.76
N GLN H 187 10.67 1.87 10.97
CA GLN H 187 10.67 0.66 10.18
C GLN H 187 11.10 -0.52 11.04
N ASP H 188 11.09 -1.70 10.44
CA ASP H 188 11.56 -2.91 11.09
C ASP H 188 13.06 -3.04 10.94
N PHE H 189 13.61 -4.08 11.54
CA PHE H 189 15.03 -4.38 11.40
C PHE H 189 15.21 -5.88 11.50
N PRO H 190 16.32 -6.41 11.00
CA PRO H 190 16.58 -7.84 11.14
C PRO H 190 16.82 -8.20 12.60
N PRO H 191 16.61 -9.46 12.94
CA PRO H 191 16.62 -9.86 14.35
C PRO H 191 17.98 -10.12 14.99
N TYR H 192 19.08 -9.61 14.44
CA TYR H 192 20.44 -9.82 14.97
C TYR H 192 20.82 -11.31 14.95
N GLY H 193 20.94 -11.83 13.75
CA GLY H 193 21.29 -13.22 13.57
C GLY H 193 20.54 -13.81 12.41
N ALA H 194 19.67 -13.00 11.81
CA ALA H 194 19.00 -13.33 10.56
C ALA H 194 19.41 -12.33 9.49
N GLY H 195 20.69 -11.98 9.47
CA GLY H 195 21.16 -10.96 8.56
C GLY H 195 21.29 -11.49 7.15
N GLN H 196 20.16 -11.68 6.49
CA GLN H 196 20.18 -12.15 5.12
C GLN H 196 20.89 -11.12 4.25
N PRO H 197 21.85 -11.54 3.43
CA PRO H 197 22.80 -10.58 2.84
C PRO H 197 22.14 -9.73 1.77
N GLY H 198 22.55 -8.46 1.73
CA GLY H 198 22.09 -7.53 0.75
C GLY H 198 21.08 -6.54 1.27
N ARG H 199 20.22 -6.97 2.17
CA ARG H 199 19.23 -6.08 2.77
C ARG H 199 19.88 -5.34 3.94
N PHE H 200 19.06 -4.66 4.75
CA PHE H 200 19.57 -4.01 5.95
C PHE H 200 20.10 -5.05 6.91
N GLY H 201 21.04 -4.63 7.76
CA GLY H 201 21.53 -5.46 8.83
C GLY H 201 22.29 -6.68 8.36
N ASP H 202 23.20 -6.49 7.41
CA ASP H 202 24.01 -7.59 6.91
C ASP H 202 25.22 -7.85 7.79
N ILE H 203 25.66 -6.85 8.55
CA ILE H 203 26.64 -7.04 9.61
C ILE H 203 26.22 -6.19 10.79
N GLN H 204 26.61 -6.61 11.99
CA GLN H 204 26.15 -5.95 13.20
C GLN H 204 27.05 -6.32 14.37
N SER H 205 26.90 -5.56 15.44
CA SER H 205 27.66 -5.74 16.67
C SER H 205 26.95 -4.98 17.77
N ARG H 206 27.12 -5.45 19.00
CA ARG H 206 26.36 -4.87 20.12
C ARG H 206 26.76 -3.41 20.37
N THR H 207 28.03 -3.09 20.18
CA THR H 207 28.48 -1.72 20.31
C THR H 207 29.65 -1.52 19.36
N LEU H 208 30.39 -0.43 19.56
CA LEU H 208 31.54 -0.11 18.74
C LEU H 208 32.74 -1.00 19.01
N ASP H 209 32.71 -1.84 20.05
CA ASP H 209 33.91 -2.54 20.47
C ASP H 209 33.68 -4.01 20.76
N SER H 210 32.51 -4.55 20.44
CA SER H 210 32.24 -5.97 20.66
C SER H 210 33.09 -6.76 19.67
N LYS H 211 34.21 -7.27 20.15
CA LYS H 211 35.31 -7.76 19.32
C LYS H 211 34.99 -9.03 18.57
N ASP H 212 33.75 -9.52 18.62
CA ASP H 212 33.28 -10.55 17.70
C ASP H 212 32.00 -10.02 17.07
N LEU H 213 31.78 -10.37 15.80
CA LEU H 213 30.68 -9.73 15.10
C LEU H 213 30.03 -10.70 14.12
N TYR H 214 28.73 -10.54 13.95
CA TYR H 214 27.94 -11.40 13.08
C TYR H 214 28.04 -10.95 11.63
N ALA H 215 28.04 -11.90 10.72
CA ALA H 215 28.10 -11.62 9.29
C ALA H 215 27.58 -12.83 8.53
N ASN H 216 26.75 -12.57 7.53
CA ASN H 216 26.22 -13.62 6.67
C ASN H 216 26.27 -13.14 5.22
N THR H 217 27.41 -12.56 4.84
CA THR H 217 27.54 -11.81 3.60
C THR H 217 27.70 -12.70 2.38
N GLY H 218 27.42 -13.99 2.47
CA GLY H 218 27.44 -14.86 1.31
C GLY H 218 28.76 -14.93 0.59
N LEU H 219 29.86 -14.64 1.30
CA LEU H 219 31.17 -14.56 0.65
C LEU H 219 31.65 -15.95 0.25
N LYS H 220 32.14 -16.06 -0.97
CA LYS H 220 32.80 -17.26 -1.45
C LYS H 220 33.82 -16.86 -2.49
N LEU H 221 34.92 -17.59 -2.55
CA LEU H 221 36.02 -17.30 -3.46
C LEU H 221 36.21 -18.46 -4.43
N ALA H 222 36.58 -18.12 -5.66
CA ALA H 222 36.77 -19.07 -6.75
C ALA H 222 38.25 -19.15 -7.11
N ARG H 223 38.55 -19.89 -8.17
CA ARG H 223 39.93 -20.07 -8.57
C ARG H 223 40.30 -19.12 -9.70
N PRO H 224 41.52 -18.61 -9.71
CA PRO H 224 41.88 -17.65 -10.75
C PRO H 224 42.12 -18.33 -12.09
N ALA H 225 42.09 -17.53 -13.14
CA ALA H 225 42.46 -17.99 -14.45
C ALA H 225 43.98 -17.96 -14.59
N ALA H 226 44.47 -18.64 -15.63
CA ALA H 226 45.90 -18.87 -15.76
C ALA H 226 46.66 -17.57 -16.07
N GLY H 227 47.93 -17.56 -15.70
CA GLY H 227 48.84 -16.50 -16.05
C GLY H 227 48.96 -15.40 -15.01
N ASN H 228 47.88 -14.68 -14.75
CA ASN H 228 47.93 -13.56 -13.82
C ASN H 228 47.74 -14.04 -12.39
N ILE H 229 48.50 -13.45 -11.48
CA ILE H 229 48.38 -13.76 -10.06
C ILE H 229 47.45 -12.75 -9.41
N HIS H 230 46.35 -13.24 -8.86
CA HIS H 230 45.34 -12.44 -8.21
C HIS H 230 44.50 -13.38 -7.35
N VAL H 231 43.37 -12.89 -6.86
CA VAL H 231 42.42 -13.75 -6.17
C VAL H 231 40.99 -13.30 -6.46
N PRO H 232 40.15 -14.18 -6.97
CA PRO H 232 38.73 -13.86 -7.16
C PRO H 232 37.89 -14.28 -5.97
N TYR H 233 36.76 -13.57 -5.82
CA TYR H 233 35.83 -13.80 -4.72
C TYR H 233 34.54 -13.09 -5.03
N THR H 234 33.42 -13.68 -4.63
CA THR H 234 32.11 -13.15 -4.96
C THR H 234 31.26 -13.03 -3.72
N GLN H 235 30.54 -11.91 -3.61
CA GLN H 235 29.55 -11.71 -2.56
C GLN H 235 28.71 -10.50 -2.94
N THR H 236 27.51 -10.42 -2.37
CA THR H 236 26.67 -9.27 -2.61
C THR H 236 27.31 -8.02 -1.99
N PRO H 237 27.22 -6.88 -2.64
CA PRO H 237 27.90 -5.68 -2.14
C PRO H 237 27.30 -5.22 -0.82
N SER H 238 27.96 -4.21 -0.24
CA SER H 238 27.68 -3.79 1.13
C SER H 238 26.30 -3.15 1.16
N GLY H 239 25.31 -3.91 1.64
CA GLY H 239 23.92 -3.52 1.53
C GLY H 239 23.56 -2.25 2.28
N PHE H 240 24.42 -1.81 3.19
CA PHE H 240 24.18 -0.56 3.91
C PHE H 240 24.05 0.61 2.94
N LYS H 241 24.98 0.70 1.99
CA LYS H 241 24.93 1.79 1.02
C LYS H 241 23.73 1.64 0.10
N THR H 242 23.28 0.42 -0.15
CA THR H 242 22.05 0.23 -0.92
C THR H 242 20.85 0.75 -0.16
N TRP H 243 20.80 0.51 1.15
CA TRP H 243 19.75 1.05 2.00
C TRP H 243 19.84 2.56 2.13
N GLN H 244 21.02 3.13 1.92
CA GLN H 244 21.16 4.58 1.98
C GLN H 244 20.31 5.26 0.91
N LYS H 245 20.27 4.70 -0.30
CA LYS H 245 19.68 5.41 -1.41
C LYS H 245 18.21 5.11 -1.62
N ASP H 246 17.59 4.32 -0.75
CA ASP H 246 16.18 3.98 -0.90
C ASP H 246 15.43 4.20 0.40
N ARG H 247 15.79 5.25 1.14
CA ARG H 247 15.22 5.46 2.46
C ARG H 247 13.75 5.85 2.37
N ASP H 248 13.46 6.89 1.59
CA ASP H 248 12.19 7.23 0.96
C ASP H 248 11.10 7.68 1.94
N SER H 249 11.34 7.57 3.24
CA SER H 249 10.34 8.03 4.19
C SER H 249 10.98 8.41 5.51
N PRO H 250 11.32 9.66 5.74
CA PRO H 250 11.74 10.10 7.07
C PRO H 250 10.51 10.41 7.94
N LEU H 251 10.77 10.61 9.22
CA LEU H 251 9.70 11.00 10.12
C LEU H 251 9.38 12.48 10.05
N ASN H 252 10.34 13.32 9.70
CA ASN H 252 10.10 14.75 9.67
C ASN H 252 9.17 15.16 8.53
N ALA H 253 8.80 14.25 7.65
CA ALA H 253 7.83 14.53 6.61
C ALA H 253 6.53 13.77 6.79
N LYS H 254 6.41 12.94 7.84
CA LYS H 254 5.25 12.08 8.00
C LYS H 254 4.66 12.07 9.39
N ALA H 255 5.36 12.58 10.41
CA ALA H 255 4.88 12.50 11.78
C ALA H 255 3.59 13.28 11.94
N PRO H 256 2.69 12.84 12.81
CA PRO H 256 1.39 13.49 12.94
C PRO H 256 1.45 14.70 13.87
N PHE H 257 0.39 15.49 13.82
CA PHE H 257 0.18 16.69 14.63
C PHE H 257 1.27 17.73 14.44
N GLY H 258 2.07 17.60 13.38
CA GLY H 258 3.12 18.55 13.09
C GLY H 258 4.20 18.62 14.13
N CYS H 259 4.23 17.62 15.01
CA CYS H 259 5.18 17.60 16.12
C CYS H 259 6.53 17.21 15.53
N THR H 260 7.40 18.19 15.34
CA THR H 260 8.64 17.97 14.60
C THR H 260 9.65 17.17 15.42
N ILE H 261 10.51 16.46 14.71
CA ILE H 261 11.49 15.55 15.29
C ILE H 261 12.86 16.21 15.28
N GLN H 262 13.59 16.08 16.39
CA GLN H 262 14.99 16.45 16.49
C GLN H 262 15.74 15.28 17.11
N THR H 263 17.07 15.37 17.15
CA THR H 263 17.87 14.28 17.67
C THR H 263 18.95 14.82 18.60
N ASN H 264 19.74 13.90 19.15
CA ASN H 264 20.82 14.13 20.11
C ASN H 264 20.37 14.99 21.29
N PRO H 265 19.48 14.48 22.16
CA PRO H 265 18.83 13.17 22.15
C PRO H 265 17.56 13.15 21.32
N VAL H 266 17.08 11.95 21.01
CA VAL H 266 15.93 11.76 20.13
C VAL H 266 14.68 12.26 20.83
N ARG H 267 14.06 13.32 20.29
CA ARG H 267 12.88 13.89 20.90
C ARG H 267 11.91 14.39 19.83
N ALA H 268 10.70 14.71 20.27
CA ALA H 268 9.69 15.36 19.44
C ALA H 268 9.35 16.71 20.06
N MET H 269 8.85 17.63 19.24
CA MET H 269 8.66 19.00 19.70
C MET H 269 7.36 19.59 19.17
N ASN H 270 6.66 20.29 20.05
CA ASN H 270 5.41 21.01 19.76
C ASN H 270 4.30 20.05 19.32
N CYS H 271 3.97 19.12 20.20
CA CYS H 271 2.88 18.19 19.95
C CYS H 271 1.55 18.84 20.28
N ALA H 272 0.66 18.93 19.29
CA ALA H 272 -0.60 19.64 19.45
C ALA H 272 -1.74 18.71 19.88
N VAL H 273 -1.54 17.95 20.95
CA VAL H 273 -2.57 17.03 21.41
C VAL H 273 -2.86 17.27 22.88
N GLY H 274 -4.12 17.03 23.23
CA GLY H 274 -4.51 16.92 24.61
C GLY H 274 -4.38 18.20 25.41
N ASN H 275 -4.58 18.03 26.71
CA ASN H 275 -4.54 19.10 27.68
C ASN H 275 -3.65 18.68 28.85
N ILE H 276 -3.38 19.61 29.75
CA ILE H 276 -2.53 19.37 30.91
C ILE H 276 -3.27 19.73 32.19
N PRO H 277 -3.32 18.84 33.17
CA PRO H 277 -3.73 19.26 34.51
C PRO H 277 -2.66 20.13 35.14
N VAL H 278 -3.10 21.01 36.03
CA VAL H 278 -2.19 21.91 36.73
C VAL H 278 -2.80 22.26 38.08
N SER H 279 -1.94 22.30 39.10
CA SER H 279 -2.35 22.65 40.45
C SER H 279 -1.40 23.69 40.99
N MET H 280 -1.95 24.70 41.66
CA MET H 280 -1.19 25.83 42.15
C MET H 280 -1.31 25.91 43.66
N ASP H 281 -0.19 26.15 44.33
CA ASP H 281 -0.17 26.49 45.75
C ASP H 281 0.30 27.95 45.81
N ILE H 282 -0.67 28.85 45.67
CA ILE H 282 -0.37 30.26 45.49
C ILE H 282 -0.30 30.95 46.84
N ALA H 283 0.74 31.77 47.02
CA ALA H 283 0.93 32.47 48.28
C ALA H 283 0.08 33.74 48.32
N ASP H 284 -0.09 34.28 49.53
CA ASP H 284 -0.92 35.46 49.72
C ASP H 284 -0.30 36.70 49.10
N SER H 285 1.04 36.80 49.13
CA SER H 285 1.73 38.06 48.86
C SER H 285 1.40 38.63 47.48
N ALA H 286 0.95 37.81 46.54
CA ALA H 286 0.55 38.31 45.25
C ALA H 286 -0.77 39.08 45.31
N PHE H 287 -1.61 38.79 46.29
CA PHE H 287 -2.93 39.37 46.33
C PHE H 287 -2.87 40.83 46.77
N THR H 288 -4.04 41.47 46.88
CA THR H 288 -4.19 42.83 47.36
C THR H 288 -5.46 42.92 48.20
N ARG H 289 -5.36 43.68 49.30
CA ARG H 289 -6.46 43.73 50.27
C ARG H 289 -7.65 44.48 49.71
N LEU H 290 -8.85 43.88 49.87
CA LEU H 290 -10.06 44.43 49.28
C LEU H 290 -10.43 45.79 49.86
N THR H 291 -9.86 46.17 51.00
CA THR H 291 -9.96 47.54 51.46
C THR H 291 -9.38 48.50 50.42
N ASP H 292 -8.16 48.22 49.97
CA ASP H 292 -7.48 49.05 48.99
C ASP H 292 -7.94 48.78 47.55
N ALA H 293 -9.03 48.06 47.37
CA ALA H 293 -9.46 47.67 46.04
C ALA H 293 -10.20 48.81 45.34
N PRO H 294 -10.19 48.83 44.02
CA PRO H 294 -11.00 49.82 43.28
C PRO H 294 -12.48 49.53 43.43
N ILE H 295 -13.21 50.49 43.97
CA ILE H 295 -14.65 50.35 44.14
C ILE H 295 -15.36 50.89 42.89
N ILE H 296 -16.22 50.07 42.30
CA ILE H 296 -16.84 50.33 41.01
C ILE H 296 -18.32 50.02 41.11
N SER H 297 -19.16 51.00 40.84
CA SER H 297 -20.60 50.81 40.85
C SER H 297 -21.17 50.98 39.45
N GLU H 298 -22.33 50.37 39.24
CA GLU H 298 -23.13 50.54 38.02
C GLU H 298 -22.31 50.19 36.78
N LEU H 299 -21.88 48.94 36.73
CA LEU H 299 -21.10 48.47 35.59
C LEU H 299 -22.05 48.12 34.44
N LEU H 300 -21.64 48.48 33.24
CA LEU H 300 -22.39 48.15 32.03
C LEU H 300 -21.39 47.66 31.00
N CYS H 301 -21.86 47.42 29.78
CA CYS H 301 -20.97 47.07 28.68
C CYS H 301 -21.67 47.50 27.39
N THR H 302 -20.94 47.34 26.28
CA THR H 302 -21.44 47.61 24.94
C THR H 302 -20.41 47.04 23.97
N VAL H 303 -20.65 47.15 22.67
CA VAL H 303 -19.64 46.73 21.71
C VAL H 303 -19.56 47.76 20.61
N SER H 304 -18.50 47.72 19.81
CA SER H 304 -18.38 48.63 18.67
C SER H 304 -18.45 47.87 17.36
N THR H 305 -17.54 46.94 17.11
CA THR H 305 -17.53 46.13 15.91
C THR H 305 -16.98 44.77 16.29
N CYS H 306 -17.40 43.75 15.56
CA CYS H 306 -16.83 42.42 15.70
C CYS H 306 -16.25 41.96 14.37
N THR H 307 -15.11 41.31 14.45
CA THR H 307 -14.50 40.66 13.29
C THR H 307 -14.27 39.20 13.64
N HIS H 308 -14.89 38.31 12.87
CA HIS H 308 -14.93 36.89 13.14
C HIS H 308 -13.65 36.23 12.65
N SER H 309 -12.51 36.74 13.11
CA SER H 309 -11.22 36.49 12.49
C SER H 309 -10.45 35.39 13.21
N SER H 310 -9.19 35.24 12.84
CA SER H 310 -8.21 34.51 13.62
C SER H 310 -7.56 35.40 14.67
N ASP H 311 -7.16 36.61 14.27
CA ASP H 311 -6.54 37.55 15.18
C ASP H 311 -7.57 38.10 16.16
N PHE H 312 -7.13 38.96 17.08
CA PHE H 312 -8.01 39.57 18.07
C PHE H 312 -8.86 40.61 17.35
N GLY H 313 -9.90 40.14 16.68
CA GLY H 313 -10.66 40.98 15.79
C GLY H 313 -11.69 41.87 16.47
N GLY H 314 -12.34 41.34 17.51
CA GLY H 314 -13.39 42.07 18.19
C GLY H 314 -12.88 43.18 19.11
N VAL H 315 -13.38 44.39 18.90
CA VAL H 315 -13.14 45.52 19.79
C VAL H 315 -14.43 45.89 20.50
N ALA H 316 -14.37 45.91 21.82
CA ALA H 316 -15.54 46.23 22.65
C ALA H 316 -15.14 47.25 23.70
N VAL H 317 -15.58 48.49 23.52
CA VAL H 317 -15.41 49.49 24.56
C VAL H 317 -16.38 49.18 25.69
N LEU H 318 -16.12 49.76 26.86
CA LEU H 318 -16.74 49.30 28.09
C LEU H 318 -17.13 50.50 28.94
N SER H 319 -18.43 50.70 29.14
CA SER H 319 -18.93 51.77 29.99
C SER H 319 -19.03 51.28 31.42
N TYR H 320 -18.37 52.00 32.33
CA TYR H 320 -18.44 51.69 33.75
C TYR H 320 -18.23 52.97 34.54
N LYS H 321 -18.99 53.13 35.62
CA LYS H 321 -18.92 54.33 36.43
C LYS H 321 -17.71 54.20 37.36
N VAL H 322 -17.49 55.18 38.24
CA VAL H 322 -16.33 55.15 39.14
C VAL H 322 -16.71 55.84 40.44
N GLU H 323 -16.08 55.40 41.52
CA GLU H 323 -16.08 56.12 42.79
C GLU H 323 -14.70 56.23 43.43
N LYS H 324 -13.78 55.34 43.09
CA LYS H 324 -12.37 55.38 43.48
C LYS H 324 -11.64 54.38 42.58
N ALA H 325 -10.52 54.81 42.01
CA ALA H 325 -9.87 54.04 40.96
C ALA H 325 -8.61 53.34 41.45
N GLY H 326 -8.20 52.33 40.69
CA GLY H 326 -7.00 51.57 40.99
C GLY H 326 -6.55 50.66 39.86
N ARG H 327 -6.12 49.45 40.20
CA ARG H 327 -5.67 48.45 39.24
C ARG H 327 -6.66 47.30 39.23
N CYS H 328 -7.47 47.22 38.19
CA CYS H 328 -8.55 46.25 38.13
C CYS H 328 -8.23 45.15 37.11
N ASP H 329 -9.02 44.08 37.17
CA ASP H 329 -8.79 42.89 36.37
C ASP H 329 -10.06 42.53 35.61
N VAL H 330 -9.91 41.63 34.64
CA VAL H 330 -11.00 41.34 33.71
C VAL H 330 -10.85 39.90 33.22
N HIS H 331 -12.00 39.21 33.09
CA HIS H 331 -11.97 37.82 32.67
C HIS H 331 -13.33 37.42 32.09
N SER H 332 -13.32 36.50 31.14
CA SER H 332 -14.55 35.98 30.53
C SER H 332 -15.02 34.73 31.27
N HIS H 333 -16.31 34.69 31.58
CA HIS H 333 -16.88 33.60 32.37
C HIS H 333 -17.58 32.56 31.52
N SER H 334 -17.06 32.26 30.34
CA SER H 334 -17.45 31.05 29.63
C SER H 334 -16.20 30.49 28.98
N ASN H 335 -16.40 29.54 28.07
CA ASN H 335 -15.32 29.04 27.23
C ASN H 335 -15.34 29.67 25.85
N VAL H 336 -16.33 30.52 25.56
CA VAL H 336 -16.58 30.96 24.20
C VAL H 336 -15.53 31.97 23.75
N ALA H 337 -15.31 33.01 24.54
CA ALA H 337 -14.42 34.08 24.15
C ALA H 337 -13.17 34.05 24.99
N VAL H 338 -12.17 34.84 24.58
CA VAL H 338 -10.96 35.05 25.36
C VAL H 338 -10.64 36.54 25.30
N LEU H 339 -9.86 36.99 26.27
CA LEU H 339 -9.56 38.40 26.41
C LEU H 339 -8.06 38.62 26.22
N GLN H 340 -7.70 39.87 25.88
CA GLN H 340 -6.38 40.16 25.35
C GLN H 340 -5.35 40.39 26.44
N GLU H 341 -5.56 41.37 27.30
CA GLU H 341 -4.70 41.61 28.44
C GLU H 341 -5.43 41.23 29.71
N VAL H 342 -4.67 41.06 30.79
CA VAL H 342 -5.24 40.57 32.04
C VAL H 342 -5.77 41.67 32.93
N SER H 343 -5.55 42.94 32.59
CA SER H 343 -5.94 44.04 33.44
C SER H 343 -6.36 45.22 32.60
N ILE H 344 -6.80 46.27 33.27
CA ILE H 344 -7.07 47.57 32.68
C ILE H 344 -6.30 48.62 33.46
N GLU H 345 -6.46 49.87 33.06
CA GLU H 345 -6.10 51.02 33.88
C GLU H 345 -7.39 51.78 34.14
N ALA H 346 -7.88 51.72 35.37
CA ALA H 346 -9.24 52.14 35.68
C ALA H 346 -9.35 53.66 35.60
N GLU H 347 -9.88 54.16 34.48
CA GLU H 347 -10.07 55.60 34.29
C GLU H 347 -11.30 55.79 33.41
N GLY H 348 -12.47 55.94 34.03
CA GLY H 348 -13.63 56.37 33.29
C GLY H 348 -14.22 55.31 32.37
N ARG H 349 -13.49 54.95 31.31
CA ARG H 349 -13.93 53.93 30.37
C ARG H 349 -12.72 53.21 29.82
N SER H 350 -12.93 51.96 29.41
CA SER H 350 -11.86 51.11 28.93
C SER H 350 -12.19 50.54 27.56
N VAL H 351 -11.15 50.08 26.88
CA VAL H 351 -11.27 49.34 25.64
C VAL H 351 -10.60 47.98 25.84
N ILE H 352 -11.27 46.92 25.38
CA ILE H 352 -10.70 45.58 25.45
C ILE H 352 -10.84 44.94 24.08
N HIS H 353 -10.01 43.93 23.83
CA HIS H 353 -10.00 43.20 22.58
C HIS H 353 -10.30 41.74 22.86
N PHE H 354 -11.42 41.24 22.33
CA PHE H 354 -11.87 39.89 22.60
C PHE H 354 -11.97 39.11 21.29
N SER H 355 -11.91 37.79 21.41
CA SER H 355 -11.77 36.93 20.26
C SER H 355 -12.71 35.74 20.38
N THR H 356 -13.34 35.38 19.26
CA THR H 356 -14.37 34.36 19.27
C THR H 356 -14.39 33.63 17.93
N ALA H 357 -15.26 32.63 17.83
CA ALA H 357 -15.34 31.83 16.61
C ALA H 357 -16.76 31.46 16.21
N SER H 358 -17.77 32.13 16.75
CA SER H 358 -19.14 31.67 16.56
C SER H 358 -20.14 32.73 16.14
N ALA H 359 -19.72 33.98 15.97
CA ALA H 359 -20.47 35.08 15.37
C ALA H 359 -21.65 35.55 16.21
N ALA H 360 -21.96 34.90 17.33
CA ALA H 360 -22.97 35.40 18.27
C ALA H 360 -22.59 35.01 19.69
N PRO H 361 -21.55 35.64 20.25
CA PRO H 361 -21.13 35.28 21.61
C PRO H 361 -21.84 36.08 22.68
N SER H 362 -21.94 35.47 23.86
CA SER H 362 -22.50 36.13 25.04
C SER H 362 -21.59 35.95 26.24
N PHE H 363 -20.28 36.11 26.03
CA PHE H 363 -19.35 36.19 27.15
C PHE H 363 -19.76 37.37 28.03
N ILE H 364 -19.82 37.16 29.34
CA ILE H 364 -20.73 38.05 30.04
C ILE H 364 -20.07 39.37 30.39
N VAL H 365 -19.23 39.42 31.44
CA VAL H 365 -17.95 40.11 31.65
C VAL H 365 -17.59 39.65 33.06
N SER H 366 -16.32 39.65 33.45
CA SER H 366 -16.02 39.75 34.87
C SER H 366 -15.05 40.89 35.12
N VAL H 367 -15.43 41.83 35.98
CA VAL H 367 -14.58 42.98 36.31
C VAL H 367 -14.74 43.27 37.80
N CYS H 368 -13.68 43.01 38.57
CA CYS H 368 -13.49 43.43 39.97
C CYS H 368 -14.74 43.28 40.82
N SER H 369 -15.21 42.02 40.92
CA SER H 369 -16.39 41.65 41.69
C SER H 369 -17.65 42.38 41.23
N SER H 370 -17.77 42.58 39.92
CA SER H 370 -18.99 43.10 39.32
C SER H 370 -19.17 42.45 37.96
N ARG H 371 -20.24 41.68 37.81
CA ARG H 371 -20.49 40.90 36.61
C ARG H 371 -21.72 41.45 35.91
N ALA H 372 -21.61 41.69 34.60
CA ALA H 372 -22.73 42.19 33.81
C ALA H 372 -22.50 41.80 32.36
N THR H 373 -23.60 41.59 31.65
CA THR H 373 -23.57 40.99 30.32
C THR H 373 -23.52 42.04 29.21
N CYS H 374 -23.07 41.58 28.04
CA CYS H 374 -23.22 42.32 26.79
C CYS H 374 -22.98 41.35 25.63
N THR H 375 -23.89 41.36 24.66
CA THR H 375 -23.86 40.43 23.53
C THR H 375 -23.70 41.20 22.24
N ALA H 376 -23.15 40.54 21.22
CA ALA H 376 -22.90 41.20 19.96
C ALA H 376 -22.98 40.21 18.80
N LYS H 377 -23.51 40.69 17.68
CA LYS H 377 -23.42 39.96 16.43
C LYS H 377 -22.10 40.26 15.74
N CYS H 378 -21.74 39.42 14.78
CA CYS H 378 -20.43 39.53 14.15
C CYS H 378 -20.59 39.33 12.64
N GLU H 379 -19.46 39.18 11.95
CA GLU H 379 -19.45 39.12 10.50
C GLU H 379 -18.16 38.46 10.05
N PRO H 380 -18.20 37.54 9.10
CA PRO H 380 -17.00 36.81 8.67
C PRO H 380 -15.97 37.76 8.06
N PRO H 381 -14.70 37.38 8.05
CA PRO H 381 -13.67 38.26 7.50
C PRO H 381 -13.54 38.12 6.00
N LYS H 382 -12.99 39.17 5.38
CA LYS H 382 -12.83 39.17 3.93
C LYS H 382 -11.75 38.20 3.47
N ASP H 383 -10.88 37.75 4.37
CA ASP H 383 -9.72 36.95 3.96
C ASP H 383 -10.03 35.47 4.02
N HIS H 384 -9.18 34.69 3.35
CA HIS H 384 -9.32 33.24 3.30
C HIS H 384 -8.27 32.52 4.12
N VAL H 385 -7.00 32.80 3.89
CA VAL H 385 -5.90 32.07 4.50
C VAL H 385 -5.05 33.06 5.30
N VAL H 386 -4.35 32.56 6.30
CA VAL H 386 -3.60 33.37 7.24
C VAL H 386 -2.23 32.74 7.46
N THR H 387 -1.45 33.35 8.36
CA THR H 387 -0.08 32.95 8.63
C THR H 387 0.19 32.94 10.13
N TYR H 388 -0.80 32.53 10.92
CA TYR H 388 -0.64 32.24 12.33
C TYR H 388 -1.81 31.39 12.78
N PRO H 389 -1.63 30.51 13.76
CA PRO H 389 -2.74 29.64 14.17
C PRO H 389 -3.80 30.38 14.94
N ALA H 390 -4.86 29.66 15.32
CA ALA H 390 -6.00 30.24 16.00
C ALA H 390 -5.60 30.75 17.39
N ASN H 391 -6.37 31.73 17.88
CA ASN H 391 -6.27 32.21 19.25
C ASN H 391 -7.60 32.07 19.97
N HIS H 392 -8.45 31.16 19.52
CA HIS H 392 -9.85 31.06 19.95
C HIS H 392 -10.22 29.62 20.24
N ASN H 393 -9.38 28.95 21.06
CA ASN H 393 -9.48 27.52 21.35
C ASN H 393 -10.87 27.07 21.76
N GLY H 394 -11.71 27.97 22.23
CA GLY H 394 -13.11 27.65 22.35
C GLY H 394 -13.80 27.81 21.01
N ILE H 395 -13.58 26.89 20.08
CA ILE H 395 -14.27 26.94 18.78
C ILE H 395 -15.58 26.19 18.99
N THR H 396 -16.57 26.90 19.50
CA THR H 396 -17.84 26.29 19.88
C THR H 396 -18.94 27.01 19.11
N LEU H 397 -19.43 26.36 18.07
CA LEU H 397 -20.31 27.03 17.12
C LEU H 397 -21.65 27.44 17.72
N PRO H 398 -22.53 26.52 18.15
CA PRO H 398 -23.93 26.92 18.36
C PRO H 398 -24.12 27.66 19.68
N ASP H 399 -24.32 28.96 19.60
CA ASP H 399 -24.84 29.71 20.73
C ASP H 399 -26.31 30.00 20.47
N LEU H 400 -27.06 30.23 21.55
CA LEU H 400 -28.48 30.50 21.40
C LEU H 400 -28.70 31.93 20.91
N SER H 401 -28.36 32.89 21.76
CA SER H 401 -28.24 34.31 21.42
C SER H 401 -29.55 34.95 20.98
N SER H 402 -30.63 34.16 20.91
CA SER H 402 -31.96 34.60 20.52
C SER H 402 -31.96 35.37 19.19
N THR H 403 -31.06 35.02 18.28
CA THR H 403 -30.98 35.69 16.98
C THR H 403 -31.39 34.78 15.83
N ALA H 404 -30.77 33.61 15.71
CA ALA H 404 -31.24 32.58 14.81
C ALA H 404 -32.06 31.51 15.52
N MET H 405 -31.81 31.33 16.82
CA MET H 405 -32.59 30.41 17.62
C MET H 405 -34.03 30.89 17.81
N THR H 406 -34.26 32.20 17.71
CA THR H 406 -35.58 32.76 17.96
C THR H 406 -36.62 32.25 16.97
N TRP H 407 -36.21 31.78 15.79
CA TRP H 407 -37.16 31.13 14.90
C TRP H 407 -37.62 29.79 15.48
N ALA H 408 -36.67 28.99 15.98
CA ALA H 408 -37.03 27.76 16.67
C ALA H 408 -37.89 28.05 17.90
N GLN H 409 -37.67 29.20 18.54
CA GLN H 409 -38.59 29.66 19.57
C GLN H 409 -39.97 29.96 18.99
N HIS H 410 -40.02 30.43 17.75
CA HIS H 410 -41.27 30.63 17.04
C HIS H 410 -41.77 29.38 16.35
N LEU H 411 -41.24 28.22 16.73
CA LEU H 411 -41.81 26.91 16.38
C LEU H 411 -42.67 26.34 17.52
N ALA H 412 -43.44 27.20 18.20
CA ALA H 412 -44.09 26.82 19.46
C ALA H 412 -45.06 25.65 19.30
N GLY H 413 -46.13 25.82 18.52
CA GLY H 413 -46.97 24.66 18.27
C GLY H 413 -48.17 24.40 19.17
N GLY H 414 -49.10 25.35 19.30
CA GLY H 414 -50.32 25.15 20.09
C GLY H 414 -51.28 24.07 19.58
N VAL H 415 -50.84 23.33 18.57
CA VAL H 415 -51.66 22.21 18.13
C VAL H 415 -51.75 21.14 19.21
N GLY H 416 -50.90 21.22 20.24
CA GLY H 416 -51.14 20.48 21.46
C GLY H 416 -52.41 20.92 22.17
N LEU H 417 -52.69 22.23 22.16
CA LEU H 417 -54.00 22.71 22.59
C LEU H 417 -55.11 22.09 21.75
N LEU H 418 -54.85 21.92 20.45
CA LEU H 418 -55.87 21.26 19.62
C LEU H 418 -56.06 19.80 20.02
N ILE H 419 -54.98 19.10 20.35
CA ILE H 419 -55.09 17.72 20.84
C ILE H 419 -55.89 17.70 22.14
N ALA H 420 -55.66 18.68 23.01
CA ALA H 420 -56.40 18.75 24.26
C ALA H 420 -57.90 18.95 24.00
N LEU H 421 -58.23 19.75 22.98
CA LEU H 421 -59.64 19.89 22.61
C LEU H 421 -60.23 18.57 22.12
N ALA H 422 -59.41 17.78 21.41
CA ALA H 422 -59.89 16.46 20.97
C ALA H 422 -60.19 15.56 22.17
N VAL H 423 -59.32 15.56 23.17
CA VAL H 423 -59.58 14.73 24.34
C VAL H 423 -60.82 15.25 25.09
N LEU H 424 -61.00 16.57 25.12
CA LEU H 424 -62.13 17.10 25.88
C LEU H 424 -63.45 16.81 25.17
N ILE H 425 -63.47 16.85 23.84
CA ILE H 425 -64.72 16.52 23.16
C ILE H 425 -64.98 15.02 23.29
N LEU H 426 -63.92 14.20 23.40
CA LEU H 426 -64.12 12.80 23.77
C LEU H 426 -64.78 12.69 25.15
N VAL H 427 -64.36 13.52 26.10
CA VAL H 427 -64.91 13.45 27.44
C VAL H 427 -66.38 13.83 27.43
N ILE H 428 -66.74 14.90 26.71
CA ILE H 428 -68.15 15.27 26.70
C ILE H 428 -68.96 14.31 25.82
N VAL H 429 -68.30 13.53 24.97
CA VAL H 429 -68.99 12.36 24.41
C VAL H 429 -69.28 11.36 25.50
N THR H 430 -68.33 11.19 26.43
CA THR H 430 -68.49 10.16 27.44
C THR H 430 -69.43 10.57 28.56
N CYS H 431 -69.73 11.87 28.69
CA CYS H 431 -70.54 12.34 29.80
C CYS H 431 -72.02 12.01 29.67
N ILE H 432 -72.44 11.41 28.56
CA ILE H 432 -73.83 11.01 28.40
C ILE H 432 -73.92 9.49 28.54
N THR H 433 -72.99 8.91 29.28
CA THR H 433 -73.09 7.50 29.68
C THR H 433 -74.01 7.34 30.87
N ASN I 4 56.05 16.78 9.26
CA ASN I 4 56.72 17.29 8.07
C ASN I 4 58.07 16.59 7.90
N HIS I 5 58.12 15.34 8.29
CA HIS I 5 59.39 14.63 8.16
C HIS I 5 59.26 13.34 7.36
N PHE I 6 58.18 12.58 7.52
CA PHE I 6 57.82 11.48 6.63
C PHE I 6 58.85 10.36 6.63
N ASN I 7 59.47 10.10 7.79
CA ASN I 7 60.57 9.15 7.85
C ASN I 7 60.14 7.71 7.66
N ALA I 8 58.88 7.39 7.95
CA ALA I 8 58.43 6.00 7.92
C ALA I 8 58.50 5.41 6.52
N TYR I 9 58.32 6.24 5.50
CA TYR I 9 58.34 5.75 4.12
C TYR I 9 59.72 5.28 3.69
N LYS I 10 60.78 5.85 4.29
CA LYS I 10 62.13 5.69 3.76
C LYS I 10 62.62 4.25 3.79
N LEU I 11 61.95 3.37 4.55
CA LEU I 11 62.34 1.98 4.54
C LEU I 11 61.91 1.28 3.25
N THR I 12 60.86 1.77 2.61
CA THR I 12 60.16 1.03 1.58
C THR I 12 60.32 1.67 0.21
N ARG I 13 59.88 0.95 -0.81
CA ARG I 13 60.02 1.32 -2.20
C ARG I 13 58.67 1.13 -2.90
N PRO I 14 58.55 1.57 -4.15
CA PRO I 14 57.37 1.21 -4.94
C PRO I 14 57.48 -0.22 -5.45
N TYR I 15 56.50 -0.61 -6.25
CA TYR I 15 56.43 -1.97 -6.76
C TYR I 15 55.44 -2.03 -7.91
N VAL I 16 55.54 -3.08 -8.69
CA VAL I 16 54.76 -3.25 -9.91
C VAL I 16 53.62 -4.20 -9.61
N ALA I 17 52.59 -4.17 -10.47
CA ALA I 17 51.44 -5.05 -10.32
C ALA I 17 50.89 -5.40 -11.69
N TYR I 18 49.88 -6.27 -11.69
CA TYR I 18 49.19 -6.72 -12.89
C TYR I 18 47.96 -5.84 -13.08
N CYS I 19 48.04 -4.94 -14.04
CA CYS I 19 46.93 -4.04 -14.33
C CYS I 19 45.98 -4.69 -15.32
N ALA I 20 44.69 -4.42 -15.14
CA ALA I 20 43.67 -5.01 -15.98
C ALA I 20 43.31 -4.15 -17.18
N ASP I 21 43.66 -2.86 -17.17
CA ASP I 21 43.42 -1.99 -18.32
C ASP I 21 44.61 -1.03 -18.43
N CYS I 22 45.54 -1.36 -19.32
CA CYS I 22 46.73 -0.55 -19.52
C CYS I 22 46.53 0.46 -20.63
N GLY I 23 45.31 0.92 -20.82
CA GLY I 23 44.92 1.60 -22.04
C GLY I 23 44.67 0.59 -23.14
N MET I 24 43.85 0.98 -24.10
CA MET I 24 43.57 0.22 -25.32
C MET I 24 42.93 -1.14 -25.04
N GLY I 25 42.61 -1.45 -23.78
CA GLY I 25 41.99 -2.71 -23.44
C GLY I 25 42.88 -3.92 -23.55
N HIS I 26 44.19 -3.74 -23.39
CA HIS I 26 45.13 -4.83 -23.45
C HIS I 26 45.89 -4.92 -22.14
N SER I 27 45.88 -6.12 -21.53
CA SER I 27 46.44 -6.29 -20.21
C SER I 27 47.97 -6.30 -20.25
N CYS I 28 48.57 -5.80 -19.19
CA CYS I 28 50.03 -5.67 -19.09
C CYS I 28 50.41 -5.68 -17.61
N HIS I 29 51.69 -5.49 -17.36
CA HIS I 29 52.18 -5.13 -16.03
C HIS I 29 52.52 -3.66 -16.01
N SER I 30 52.24 -2.99 -14.91
CA SER I 30 52.41 -1.55 -14.90
C SER I 30 52.87 -1.08 -13.52
N PRO I 31 53.67 -0.05 -13.48
CA PRO I 31 53.99 0.59 -12.19
C PRO I 31 52.98 1.65 -11.83
N ALA I 32 51.82 1.65 -12.49
CA ALA I 32 50.84 2.70 -12.31
C ALA I 32 49.44 2.12 -12.22
N MET I 33 49.26 1.03 -11.48
CA MET I 33 47.92 0.50 -11.31
C MET I 33 47.19 1.34 -10.28
N ILE I 34 46.00 0.91 -9.90
CA ILE I 34 45.18 1.62 -8.95
C ILE I 34 44.36 0.62 -8.14
N GLU I 35 44.56 0.59 -6.82
CA GLU I 35 43.62 -0.17 -5.99
C GLU I 35 43.22 0.61 -4.75
N ASN I 36 42.22 1.48 -4.89
CA ASN I 36 41.09 1.68 -3.97
C ASN I 36 40.25 2.84 -4.48
N VAL I 37 39.08 3.05 -3.87
CA VAL I 37 38.35 4.28 -4.13
C VAL I 37 37.99 4.98 -2.82
N GLN I 38 37.27 4.29 -1.93
CA GLN I 38 36.98 4.72 -0.56
C GLN I 38 36.58 6.19 -0.47
N ALA I 39 35.48 6.55 -1.15
CA ALA I 39 35.05 7.94 -1.16
C ALA I 39 34.74 8.45 0.24
N ASP I 40 33.68 7.91 0.86
CA ASP I 40 33.43 7.99 2.30
C ASP I 40 33.30 9.41 2.84
N ALA I 41 33.35 10.41 1.99
CA ALA I 41 33.19 11.80 2.39
C ALA I 41 31.75 12.22 2.18
N THR I 42 31.47 13.50 2.33
CA THR I 42 30.17 14.01 2.00
C THR I 42 30.19 15.05 0.90
N ASP I 43 31.26 15.85 0.81
CA ASP I 43 31.37 16.82 -0.27
C ASP I 43 31.64 16.15 -1.62
N GLY I 44 32.24 14.96 -1.61
CA GLY I 44 32.49 14.24 -2.84
C GLY I 44 33.93 14.24 -3.30
N THR I 45 34.88 14.16 -2.38
CA THR I 45 36.26 13.95 -2.77
C THR I 45 36.55 12.45 -2.85
N LEU I 46 37.77 12.12 -3.27
CA LEU I 46 38.16 10.74 -3.49
C LEU I 46 39.62 10.55 -3.07
N LYS I 47 39.91 9.41 -2.48
CA LYS I 47 41.28 9.01 -2.17
C LYS I 47 41.66 7.84 -3.08
N ILE I 48 42.87 7.87 -3.61
CA ILE I 48 43.33 6.81 -4.50
C ILE I 48 44.65 6.28 -3.97
N GLN I 49 44.74 4.96 -3.83
CA GLN I 49 45.93 4.28 -3.32
C GLN I 49 46.57 3.55 -4.49
N PHE I 50 47.44 4.24 -5.21
CA PHE I 50 48.08 3.68 -6.39
C PHE I 50 49.54 3.35 -6.09
N ALA I 51 50.05 2.35 -6.78
CA ALA I 51 51.15 1.51 -6.30
C ALA I 51 52.53 2.14 -6.44
N SER I 52 52.64 3.41 -6.79
CA SER I 52 53.93 4.09 -6.76
C SER I 52 54.00 5.02 -5.57
N GLN I 53 55.10 5.76 -5.48
CA GLN I 53 55.32 6.73 -4.42
C GLN I 53 55.59 8.08 -5.04
N ILE I 54 55.09 9.13 -4.40
CA ILE I 54 55.24 10.48 -4.91
C ILE I 54 55.80 11.36 -3.82
N GLY I 55 56.64 12.32 -4.22
CA GLY I 55 57.28 13.21 -3.29
C GLY I 55 58.72 12.84 -3.00
N LEU I 56 59.00 11.55 -2.87
CA LEU I 56 60.29 11.12 -2.39
C LEU I 56 61.20 10.82 -3.58
N THR I 57 62.43 10.38 -3.30
CA THR I 57 63.36 9.97 -4.34
C THR I 57 64.13 8.77 -3.82
N LYS I 58 65.21 8.41 -4.54
CA LYS I 58 66.03 7.30 -4.10
C LYS I 58 66.80 7.64 -2.82
N THR I 59 67.37 8.83 -2.73
CA THR I 59 68.16 9.19 -1.56
C THR I 59 67.34 9.93 -0.50
N ASP I 60 66.19 9.39 -0.15
CA ASP I 60 65.45 9.71 1.09
C ASP I 60 65.22 11.22 1.27
N THR I 61 64.42 11.79 0.38
CA THR I 61 64.13 13.22 0.43
C THR I 61 62.62 13.43 0.57
N HIS I 62 62.25 14.35 1.45
CA HIS I 62 60.86 14.77 1.62
C HIS I 62 60.52 15.92 0.67
N ASP I 63 60.80 15.73 -0.61
CA ASP I 63 60.56 16.77 -1.59
C ASP I 63 59.07 16.89 -1.90
N HIS I 64 58.66 18.08 -2.33
CA HIS I 64 57.28 18.34 -2.72
C HIS I 64 57.13 18.66 -4.20
N THR I 65 58.03 18.13 -5.05
CA THR I 65 57.85 18.26 -6.48
C THR I 65 58.21 17.01 -7.30
N LYS I 66 58.60 15.91 -6.67
CA LYS I 66 59.09 14.75 -7.41
C LYS I 66 58.16 13.55 -7.21
N ILE I 67 58.47 12.49 -7.96
CA ILE I 67 57.76 11.21 -7.92
C ILE I 67 58.74 10.09 -8.22
N ARG I 68 58.51 8.91 -7.64
CA ARG I 68 59.38 7.76 -7.84
C ARG I 68 58.55 6.53 -8.14
N TYR I 69 58.96 5.77 -9.15
CA TYR I 69 58.26 4.58 -9.57
C TYR I 69 59.25 3.43 -9.70
N ALA I 70 58.72 2.22 -9.86
CA ALA I 70 59.52 1.00 -9.91
C ALA I 70 59.55 0.47 -11.33
N GLU I 71 60.74 0.15 -11.82
CA GLU I 71 60.86 -0.49 -13.14
C GLU I 71 62.19 -1.22 -13.19
N GLY I 72 62.14 -2.55 -13.12
CA GLY I 72 63.34 -3.36 -13.25
C GLY I 72 64.28 -3.28 -12.08
N HIS I 73 63.83 -3.76 -10.92
CA HIS I 73 64.61 -4.03 -9.72
C HIS I 73 65.13 -2.78 -9.02
N ASP I 74 64.92 -1.58 -9.57
CA ASP I 74 65.46 -0.37 -8.98
C ASP I 74 64.39 0.70 -8.99
N ILE I 75 64.76 1.93 -8.67
CA ILE I 75 63.81 3.00 -8.40
C ILE I 75 64.17 4.20 -9.27
N ALA I 76 63.39 4.43 -10.33
CA ALA I 76 63.61 5.55 -11.23
C ALA I 76 62.68 6.72 -10.88
N GLU I 77 63.10 7.91 -11.27
CA GLU I 77 62.50 9.16 -10.83
C GLU I 77 61.75 9.86 -11.96
N ALA I 78 60.95 10.85 -11.58
CA ALA I 78 60.16 11.64 -12.52
C ALA I 78 59.76 12.95 -11.84
N ALA I 79 58.92 13.73 -12.52
CA ALA I 79 58.41 14.99 -11.99
C ALA I 79 56.90 14.93 -11.77
N ARG I 80 56.43 15.72 -10.81
CA ARG I 80 55.02 15.69 -10.44
C ARG I 80 54.14 16.40 -11.46
N SER I 81 54.66 17.44 -12.12
CA SER I 81 53.85 18.30 -12.98
C SER I 81 53.21 17.55 -14.13
N THR I 82 53.64 16.34 -14.42
CA THR I 82 53.07 15.54 -15.48
C THR I 82 51.97 14.61 -14.99
N LEU I 83 51.92 14.31 -13.69
CA LEU I 83 50.91 13.42 -13.16
C LEU I 83 49.52 14.03 -13.32
N LYS I 84 48.65 13.30 -14.01
CA LYS I 84 47.28 13.73 -14.24
C LYS I 84 46.33 12.58 -13.94
N VAL I 85 45.23 12.89 -13.27
CA VAL I 85 44.16 11.93 -13.01
C VAL I 85 42.88 12.49 -13.58
N HIS I 86 42.26 11.77 -14.50
CA HIS I 86 40.98 12.19 -15.04
C HIS I 86 40.06 10.99 -15.13
N SER I 87 38.76 11.25 -15.00
CA SER I 87 37.76 10.19 -14.92
C SER I 87 36.89 10.12 -16.16
N SER I 88 36.22 11.20 -16.51
CA SER I 88 35.46 11.28 -17.75
C SER I 88 35.88 12.55 -18.45
N SER I 89 36.32 13.53 -17.66
CA SER I 89 37.00 14.72 -18.15
C SER I 89 38.10 15.03 -17.16
N GLU I 90 38.83 16.11 -17.42
CA GLU I 90 39.98 16.49 -16.61
C GLU I 90 39.59 16.77 -15.16
N CYS I 91 40.03 15.91 -14.25
CA CYS I 91 39.76 16.09 -12.83
C CYS I 91 40.90 16.87 -12.18
N ALA I 92 40.55 17.70 -11.20
CA ALA I 92 41.56 18.48 -10.50
C ALA I 92 42.25 17.62 -9.45
N VAL I 93 43.09 18.24 -8.63
CA VAL I 93 43.78 17.54 -7.56
C VAL I 93 43.79 18.48 -6.37
N THR I 94 43.92 17.93 -5.16
CA THR I 94 43.91 18.77 -3.97
C THR I 94 45.07 18.55 -3.03
N GLY I 95 45.75 17.42 -3.13
CA GLY I 95 46.86 17.14 -2.26
C GLY I 95 47.47 15.81 -2.64
N THR I 96 48.79 15.73 -2.49
CA THR I 96 49.59 14.67 -3.08
C THR I 96 50.62 14.22 -2.07
N MET I 97 50.59 12.94 -1.70
CA MET I 97 51.49 12.45 -0.66
C MET I 97 51.63 10.94 -0.77
N GLY I 98 52.84 10.47 -1.07
CA GLY I 98 53.22 9.08 -0.87
C GLY I 98 52.49 8.04 -1.71
N HIS I 99 51.76 7.17 -1.03
CA HIS I 99 50.98 6.13 -1.70
C HIS I 99 49.54 6.56 -1.98
N PHE I 100 49.21 7.82 -1.77
CA PHE I 100 47.83 8.24 -1.91
C PHE I 100 47.76 9.56 -2.67
N ILE I 101 46.75 9.68 -3.54
CA ILE I 101 46.48 10.92 -4.25
C ILE I 101 45.02 11.30 -3.99
N LEU I 102 44.80 12.57 -3.64
CA LEU I 102 43.50 13.09 -3.29
C LEU I 102 43.02 14.03 -4.40
N ALA I 103 41.78 13.86 -4.85
CA ALA I 103 41.28 14.64 -5.96
C ALA I 103 39.77 14.81 -5.90
N LYS I 104 39.29 15.92 -6.45
CA LYS I 104 37.87 16.10 -6.75
C LYS I 104 37.61 15.70 -8.20
N CYS I 105 36.47 15.07 -8.43
CA CYS I 105 36.21 14.47 -9.73
C CYS I 105 34.76 14.63 -10.16
N PRO I 106 34.52 14.95 -11.41
CA PRO I 106 33.15 15.02 -11.91
C PRO I 106 32.57 13.63 -12.07
N PRO I 107 31.26 13.49 -12.28
CA PRO I 107 30.67 12.15 -12.35
C PRO I 107 31.10 11.41 -13.60
N GLY I 108 31.11 10.09 -13.50
CA GLY I 108 31.53 9.29 -14.62
C GLY I 108 31.37 7.81 -14.37
N GLU I 109 32.12 7.02 -15.13
CA GLU I 109 32.03 5.57 -15.07
C GLU I 109 33.39 4.89 -15.06
N VAL I 110 34.49 5.65 -15.10
CA VAL I 110 35.84 5.10 -15.02
C VAL I 110 36.71 6.19 -14.45
N ILE I 111 37.80 5.79 -13.80
CA ILE I 111 38.75 6.73 -13.21
C ILE I 111 40.16 6.23 -13.47
N SER I 112 41.03 7.13 -13.91
CA SER I 112 42.33 6.82 -14.49
C SER I 112 43.45 7.56 -13.81
N VAL I 113 44.56 6.87 -13.59
CA VAL I 113 45.77 7.46 -13.05
C VAL I 113 46.84 7.44 -14.13
N SER I 114 47.55 8.56 -14.29
CA SER I 114 48.49 8.70 -15.39
C SER I 114 49.62 9.66 -15.03
N PHE I 115 50.84 9.27 -15.38
CA PHE I 115 52.00 10.13 -15.32
C PHE I 115 52.94 9.72 -16.44
N VAL I 116 54.10 10.36 -16.52
CA VAL I 116 55.04 10.12 -17.61
C VAL I 116 56.29 9.44 -17.09
N ASP I 117 57.18 9.09 -18.01
CA ASP I 117 58.34 8.26 -17.73
C ASP I 117 59.59 8.94 -18.26
N SER I 118 60.73 8.59 -17.66
CA SER I 118 62.00 9.27 -17.95
C SER I 118 62.42 9.16 -19.40
N LYS I 119 62.04 8.07 -20.08
CA LYS I 119 62.26 7.95 -21.51
C LYS I 119 61.08 8.47 -22.31
N ASN I 120 60.32 9.41 -21.75
CA ASN I 120 59.21 10.07 -22.43
C ASN I 120 58.14 9.06 -22.85
N GLU I 121 57.58 8.38 -21.85
CA GLU I 121 56.54 7.39 -22.07
C GLU I 121 55.26 7.80 -21.35
N GLN I 122 54.20 7.05 -21.63
CA GLN I 122 52.84 7.42 -21.25
C GLN I 122 52.17 6.29 -20.47
N ARG I 123 52.87 5.78 -19.45
CA ARG I 123 52.33 4.72 -18.61
C ARG I 123 51.00 5.11 -17.96
N THR I 124 49.91 4.46 -18.36
CA THR I 124 48.63 4.65 -17.72
C THR I 124 48.03 3.30 -17.37
N CYS I 125 47.10 3.32 -16.42
CA CYS I 125 46.28 2.16 -16.08
C CYS I 125 45.02 2.67 -15.42
N ARG I 126 43.89 2.03 -15.70
CA ARG I 126 42.61 2.52 -15.20
C ARG I 126 41.77 1.38 -14.64
N ILE I 127 40.76 1.75 -13.85
CA ILE I 127 39.90 0.79 -13.19
C ILE I 127 38.46 1.30 -13.27
N ALA I 128 37.52 0.37 -13.26
CA ALA I 128 36.11 0.72 -13.29
C ALA I 128 35.60 1.04 -11.90
N TYR I 129 34.78 2.08 -11.80
CA TYR I 129 34.20 2.48 -10.53
C TYR I 129 33.03 3.41 -10.81
N HIS I 130 31.87 3.09 -10.24
CA HIS I 130 30.70 3.93 -10.38
C HIS I 130 30.84 5.19 -9.54
N HIS I 131 30.34 6.32 -10.04
CA HIS I 131 30.47 7.57 -9.30
C HIS I 131 29.19 8.38 -9.44
N GLU I 132 29.00 9.29 -8.48
CA GLU I 132 27.78 10.06 -8.35
C GLU I 132 28.03 11.15 -7.31
N GLN I 133 27.34 12.29 -7.46
CA GLN I 133 27.45 13.39 -6.50
C GLN I 133 26.33 13.26 -5.50
N ARG I 134 26.66 12.75 -4.31
CA ARG I 134 25.64 12.46 -3.32
C ARG I 134 25.00 13.75 -2.81
N LEU I 135 23.69 13.67 -2.57
CA LEU I 135 22.87 14.86 -2.34
C LEU I 135 23.08 15.35 -0.91
N ILE I 136 23.98 16.30 -0.75
CA ILE I 136 23.98 17.09 0.46
C ILE I 136 22.88 18.13 0.33
N GLY I 137 22.41 18.63 1.47
CA GLY I 137 21.29 19.55 1.40
C GLY I 137 20.03 18.89 0.87
N ARG I 138 19.15 19.68 0.26
CA ARG I 138 17.93 19.12 -0.29
C ARG I 138 17.58 19.71 -1.65
N GLU I 139 18.57 20.07 -2.46
CA GLU I 139 18.34 20.38 -3.86
C GLU I 139 19.66 20.22 -4.61
N ARG I 140 19.56 19.81 -5.86
CA ARG I 140 20.69 19.27 -6.60
C ARG I 140 21.47 20.39 -7.26
N PHE I 141 22.66 20.70 -6.72
CA PHE I 141 23.54 21.69 -7.30
C PHE I 141 24.90 21.07 -7.55
N THR I 142 25.76 21.80 -8.26
CA THR I 142 27.05 21.24 -8.65
C THR I 142 28.26 22.14 -8.45
N VAL I 143 28.10 23.46 -8.37
CA VAL I 143 29.21 24.36 -8.04
C VAL I 143 28.73 25.38 -7.02
N ARG I 144 29.57 25.62 -6.02
CA ARG I 144 29.17 26.43 -4.88
C ARG I 144 28.80 27.85 -5.31
N PRO I 145 27.64 28.34 -4.92
CA PRO I 145 27.30 29.75 -5.18
C PRO I 145 27.86 30.64 -4.09
N HIS I 146 27.87 31.94 -4.36
CA HIS I 146 28.39 32.87 -3.36
C HIS I 146 27.37 33.13 -2.27
N HIS I 147 26.17 33.58 -2.63
CA HIS I 147 25.13 33.82 -1.64
C HIS I 147 24.36 32.53 -1.36
N GLY I 148 24.41 32.08 -0.11
CA GLY I 148 23.71 30.87 0.26
C GLY I 148 23.59 30.66 1.76
N ILE I 149 23.52 29.39 2.15
CA ILE I 149 23.45 28.97 3.53
C ILE I 149 24.28 27.71 3.67
N GLU I 150 24.51 27.25 4.90
CA GLU I 150 25.47 26.20 5.17
C GLU I 150 24.83 25.01 5.88
N LEU I 151 25.35 23.83 5.59
CA LEU I 151 24.90 22.56 6.13
C LEU I 151 26.06 21.80 6.76
N PRO I 152 25.79 20.93 7.72
CA PRO I 152 26.85 20.07 8.25
C PRO I 152 27.20 18.96 7.26
N CYS I 153 28.47 18.91 6.88
CA CYS I 153 28.94 17.96 5.87
C CYS I 153 30.38 17.60 6.15
N THR I 154 30.72 16.34 5.92
CA THR I 154 32.06 15.88 6.21
C THR I 154 32.94 16.02 4.98
N THR I 155 34.24 16.20 5.22
CA THR I 155 35.20 16.32 4.13
C THR I 155 36.57 15.87 4.62
N TYR I 156 37.52 15.85 3.70
CA TYR I 156 38.88 15.42 3.99
C TYR I 156 39.76 16.61 4.35
N GLN I 157 40.78 16.34 5.16
CA GLN I 157 41.64 17.37 5.72
C GLN I 157 43.07 17.10 5.31
N LEU I 158 43.79 18.15 4.93
CA LEU I 158 45.11 18.03 4.33
C LEU I 158 46.24 17.97 5.33
N THR I 159 45.96 17.57 6.57
CA THR I 159 47.02 17.46 7.57
C THR I 159 47.72 16.10 7.42
N THR I 160 49.03 16.10 7.68
CA THR I 160 49.85 14.91 7.54
C THR I 160 49.95 14.11 8.83
N ALA I 161 49.04 14.32 9.76
CA ALA I 161 49.05 13.63 11.05
C ALA I 161 48.29 12.30 10.92
N GLU I 162 47.95 11.68 12.06
CA GLU I 162 47.25 10.41 12.04
C GLU I 162 46.56 10.17 13.37
N THR I 163 45.41 9.47 13.31
CA THR I 163 44.67 9.04 14.51
C THR I 163 44.25 7.57 14.35
N SER I 164 45.15 6.66 14.72
CA SER I 164 44.91 5.22 14.78
C SER I 164 44.31 4.66 13.48
N GLU I 165 45.09 4.76 12.42
CA GLU I 165 44.67 4.20 11.14
C GLU I 165 45.92 3.70 10.44
N GLU I 166 45.86 2.48 9.90
CA GLU I 166 47.07 1.87 9.39
C GLU I 166 46.73 0.68 8.51
N ILE I 167 47.74 0.25 7.75
CA ILE I 167 47.70 -0.96 6.94
C ILE I 167 48.85 -1.86 7.37
N ASP I 168 48.97 -3.02 6.73
CA ASP I 168 49.93 -4.04 7.10
C ASP I 168 50.79 -4.37 5.89
N MET I 169 52.11 -4.33 6.06
CA MET I 169 53.04 -4.67 4.99
C MET I 169 53.68 -6.04 5.26
N HIS I 170 54.58 -6.43 4.37
CA HIS I 170 55.29 -7.70 4.50
C HIS I 170 56.63 -7.60 3.78
N MET I 171 57.32 -8.72 3.68
CA MET I 171 58.60 -8.75 2.99
C MET I 171 58.37 -9.00 1.49
N PRO I 172 59.04 -8.25 0.63
CA PRO I 172 59.00 -8.56 -0.80
C PRO I 172 59.47 -9.98 -1.06
N PRO I 173 58.57 -10.83 -1.52
CA PRO I 173 58.82 -12.27 -1.51
C PRO I 173 59.98 -12.73 -2.39
N ASP I 174 59.92 -12.42 -3.67
CA ASP I 174 60.81 -12.97 -4.67
C ASP I 174 60.69 -12.11 -5.91
N ILE I 175 61.57 -12.36 -6.86
CA ILE I 175 61.46 -11.78 -8.19
C ILE I 175 62.16 -12.71 -9.17
N PRO I 176 61.40 -13.56 -9.86
CA PRO I 176 62.01 -14.41 -10.89
C PRO I 176 62.60 -13.61 -12.03
N ASP I 177 63.39 -14.30 -12.84
CA ASP I 177 64.12 -13.67 -13.93
C ASP I 177 64.56 -14.76 -14.89
N ARG I 178 64.68 -14.40 -16.16
CA ARG I 178 65.13 -15.33 -17.18
C ARG I 178 66.30 -14.73 -17.96
N THR I 179 66.35 -13.40 -18.04
CA THR I 179 67.36 -12.73 -18.86
C THR I 179 68.78 -12.88 -18.32
N ILE I 180 68.94 -13.31 -17.07
CA ILE I 180 70.28 -13.39 -16.48
C ILE I 180 71.11 -14.47 -17.17
N LEU I 181 70.55 -15.68 -17.30
CA LEU I 181 71.33 -16.83 -17.75
C LEU I 181 71.45 -16.89 -19.27
N SER I 182 72.59 -17.37 -19.75
CA SER I 182 72.84 -17.59 -21.16
C SER I 182 73.96 -18.61 -21.31
N GLN I 183 73.76 -19.59 -22.19
CA GLN I 183 74.70 -20.70 -22.34
C GLN I 183 75.29 -20.73 -23.74
N GLN I 184 76.51 -21.26 -23.83
CA GLN I 184 77.19 -21.52 -25.10
C GLN I 184 77.54 -23.00 -25.13
N SER I 185 76.56 -23.81 -25.54
CA SER I 185 76.67 -25.26 -25.74
C SER I 185 77.40 -26.00 -24.62
N GLY I 186 77.07 -25.68 -23.37
CA GLY I 186 77.65 -26.42 -22.27
C GLY I 186 78.04 -25.59 -21.06
N ASN I 187 78.30 -24.30 -21.26
CA ASN I 187 78.67 -23.40 -20.18
C ASN I 187 77.65 -22.28 -20.10
N VAL I 188 76.83 -22.26 -19.06
CA VAL I 188 75.81 -21.23 -18.86
C VAL I 188 76.34 -20.19 -17.88
N LYS I 189 76.13 -18.92 -18.19
CA LYS I 189 76.68 -17.80 -17.45
C LYS I 189 75.63 -17.18 -16.53
N ILE I 190 76.04 -16.83 -15.32
CA ILE I 190 75.17 -16.19 -14.34
C ILE I 190 75.83 -14.89 -13.89
N THR I 191 75.15 -13.77 -14.09
CA THR I 191 75.70 -12.45 -13.79
C THR I 191 74.85 -11.81 -12.69
N VAL I 192 75.42 -11.67 -11.50
CA VAL I 192 74.61 -11.26 -10.35
C VAL I 192 74.34 -9.75 -10.37
N ASN I 193 75.27 -8.95 -10.91
CA ASN I 193 75.22 -7.49 -10.86
C ASN I 193 74.97 -6.98 -9.44
N GLY I 194 75.58 -7.62 -8.46
CA GLY I 194 75.48 -7.16 -7.09
C GLY I 194 74.16 -7.46 -6.40
N ARG I 195 73.55 -8.60 -6.71
CA ARG I 195 72.33 -9.04 -6.05
C ARG I 195 72.47 -10.53 -5.75
N THR I 196 72.17 -10.92 -4.52
CA THR I 196 72.32 -12.32 -4.12
C THR I 196 71.27 -13.18 -4.82
N VAL I 197 71.70 -13.93 -5.80
CA VAL I 197 70.81 -14.78 -6.57
C VAL I 197 70.64 -16.10 -5.83
N LYS I 198 69.60 -16.84 -6.18
CA LYS I 198 69.43 -18.22 -5.76
C LYS I 198 69.13 -19.07 -6.98
N TYR I 199 70.02 -20.00 -7.30
CA TYR I 199 69.91 -20.81 -8.50
C TYR I 199 69.35 -22.19 -8.17
N SER I 200 68.55 -22.73 -9.11
CA SER I 200 67.95 -24.04 -8.95
C SER I 200 67.85 -24.70 -10.31
N CYS I 201 68.72 -25.69 -10.55
CA CYS I 201 68.76 -26.40 -11.84
C CYS I 201 69.36 -27.77 -11.55
N SER I 202 68.52 -28.81 -11.60
CA SER I 202 68.96 -30.16 -11.22
C SER I 202 69.88 -30.68 -12.32
N CYS I 203 71.10 -30.16 -12.31
CA CYS I 203 72.09 -30.32 -13.39
C CYS I 203 72.66 -31.73 -13.31
N GLY I 204 71.89 -32.68 -13.80
CA GLY I 204 72.18 -34.10 -13.61
C GLY I 204 71.67 -34.54 -12.26
N SER I 205 72.40 -34.20 -11.20
CA SER I 205 71.78 -33.96 -9.89
C SER I 205 72.65 -32.93 -9.17
N LYS I 206 72.30 -31.65 -9.36
CA LYS I 206 72.93 -30.53 -8.64
C LYS I 206 71.85 -29.52 -8.38
N PRO I 207 70.85 -29.86 -7.57
CA PRO I 207 69.55 -29.19 -7.71
C PRO I 207 69.53 -27.74 -7.26
N SER I 208 70.14 -27.40 -6.13
CA SER I 208 69.94 -26.08 -5.55
C SER I 208 71.26 -25.47 -5.11
N GLY I 209 71.20 -24.18 -4.79
CA GLY I 209 72.34 -23.47 -4.23
C GLY I 209 72.14 -21.98 -4.30
N THR I 210 72.94 -21.27 -3.52
CA THR I 210 72.98 -19.81 -3.52
C THR I 210 74.34 -19.36 -4.06
N THR I 211 74.32 -18.39 -4.97
CA THR I 211 75.53 -17.79 -5.49
C THR I 211 75.59 -16.31 -5.14
N THR I 212 76.81 -15.81 -4.97
CA THR I 212 77.03 -14.41 -4.63
C THR I 212 78.13 -13.79 -5.48
N THR I 213 78.34 -14.31 -6.70
CA THR I 213 79.40 -13.86 -7.60
C THR I 213 79.09 -14.41 -8.98
N ASP I 214 79.86 -13.96 -9.97
CA ASP I 214 79.58 -14.29 -11.35
C ASP I 214 79.98 -15.75 -11.63
N LYS I 215 79.05 -16.65 -11.35
CA LYS I 215 79.31 -18.07 -11.41
C LYS I 215 78.87 -18.64 -12.75
N THR I 216 79.39 -19.84 -13.05
CA THR I 216 79.04 -20.58 -14.25
C THR I 216 78.87 -22.04 -13.89
N ILE I 217 77.98 -22.73 -14.60
CA ILE I 217 77.67 -24.13 -14.33
C ILE I 217 77.65 -24.88 -15.64
N ASN I 218 78.27 -26.06 -15.66
CA ASN I 218 78.49 -26.79 -16.90
C ASN I 218 77.37 -27.80 -17.15
N SER I 219 77.04 -27.97 -18.44
CA SER I 219 76.27 -29.11 -18.94
C SER I 219 74.86 -29.20 -18.34
N CYS I 220 74.10 -28.11 -18.49
CA CYS I 220 72.66 -28.12 -18.36
C CYS I 220 72.09 -26.89 -19.06
N THR I 221 70.91 -27.05 -19.63
CA THR I 221 70.36 -26.17 -20.65
C THR I 221 69.31 -25.24 -20.04
N VAL I 222 69.03 -24.14 -20.76
CA VAL I 222 68.22 -23.05 -20.24
C VAL I 222 66.80 -23.50 -19.90
N ASP I 223 66.28 -24.51 -20.61
CA ASP I 223 64.90 -24.91 -20.43
C ASP I 223 64.64 -25.48 -19.04
N LYS I 224 65.59 -26.25 -18.50
CA LYS I 224 65.33 -27.10 -17.35
C LYS I 224 65.74 -26.46 -16.02
N CYS I 225 65.73 -25.14 -15.94
CA CYS I 225 65.94 -24.47 -14.65
C CYS I 225 65.22 -23.13 -14.55
N GLN I 226 65.32 -22.53 -13.37
CA GLN I 226 64.67 -21.29 -13.02
C GLN I 226 65.46 -20.62 -11.90
N ALA I 227 65.71 -19.33 -12.03
CA ALA I 227 66.44 -18.57 -11.04
C ALA I 227 65.65 -17.35 -10.61
N TYR I 228 66.03 -16.79 -9.47
CA TYR I 228 65.38 -15.59 -8.96
C TYR I 228 66.27 -14.91 -7.94
N VAL I 229 66.03 -13.62 -7.77
CA VAL I 229 66.76 -12.76 -6.85
C VAL I 229 66.05 -12.74 -5.50
N THR I 230 66.81 -12.48 -4.44
CA THR I 230 66.25 -12.14 -3.15
C THR I 230 66.33 -10.63 -2.94
N SER I 231 65.39 -10.10 -2.16
CA SER I 231 65.36 -8.67 -1.89
C SER I 231 65.06 -8.42 -0.42
N HIS I 232 65.73 -9.17 0.47
CA HIS I 232 65.43 -9.13 1.90
C HIS I 232 65.73 -7.77 2.54
N THR I 233 66.32 -6.84 1.79
CA THR I 233 66.63 -5.51 2.31
C THR I 233 65.36 -4.75 2.69
N LYS I 234 64.52 -4.45 1.71
CA LYS I 234 63.45 -3.48 1.87
C LYS I 234 62.15 -4.16 2.26
N TRP I 235 61.10 -3.35 2.48
CA TRP I 235 59.76 -3.85 2.72
C TRP I 235 58.83 -3.34 1.62
N GLN I 236 57.74 -4.08 1.40
CA GLN I 236 56.80 -3.77 0.32
C GLN I 236 55.38 -3.89 0.84
N PHE I 237 54.44 -3.41 0.02
CA PHE I 237 53.04 -3.32 0.41
C PHE I 237 52.33 -4.64 0.15
N ASN I 238 51.65 -5.15 1.19
CA ASN I 238 50.82 -6.34 1.06
C ASN I 238 49.70 -6.08 0.08
N SER I 239 49.71 -6.78 -1.05
CA SER I 239 48.74 -6.56 -2.09
C SER I 239 48.18 -7.88 -2.58
N PRO I 240 46.91 -7.90 -2.97
CA PRO I 240 46.31 -9.11 -3.54
C PRO I 240 46.71 -9.39 -4.98
N PHE I 241 47.73 -8.70 -5.49
CA PHE I 241 48.21 -8.92 -6.84
C PHE I 241 49.69 -9.30 -6.85
N VAL I 242 50.26 -9.63 -5.70
CA VAL I 242 51.69 -9.95 -5.60
C VAL I 242 51.88 -11.21 -4.75
N PRO I 243 52.60 -12.20 -5.25
CA PRO I 243 52.68 -13.54 -4.62
C PRO I 243 53.64 -13.64 -3.43
N ARG I 244 53.13 -13.27 -2.25
CA ARG I 244 53.94 -13.19 -1.04
C ARG I 244 54.54 -14.54 -0.63
N ALA I 245 55.66 -14.46 0.09
CA ALA I 245 56.39 -15.62 0.59
C ALA I 245 55.89 -15.97 2.00
N GLU I 246 56.63 -16.83 2.69
CA GLU I 246 56.14 -17.44 3.93
C GLU I 246 56.24 -16.54 5.16
N GLN I 247 57.00 -15.44 5.10
CA GLN I 247 57.25 -14.60 6.28
C GLN I 247 56.27 -13.45 6.28
N ALA I 248 55.30 -13.48 7.21
CA ALA I 248 54.20 -12.52 7.16
C ALA I 248 53.77 -12.02 8.53
N GLU I 249 54.69 -11.87 9.49
CA GLU I 249 54.26 -11.84 10.89
C GLU I 249 53.34 -10.66 11.20
N ARG I 250 53.83 -9.42 11.25
CA ARG I 250 53.15 -8.28 10.65
C ARG I 250 54.09 -7.28 10.00
N LYS I 251 55.34 -7.22 10.42
CA LYS I 251 56.45 -6.37 9.99
C LYS I 251 56.26 -4.88 10.37
N GLY I 252 55.13 -4.50 10.96
CA GLY I 252 55.06 -3.19 11.58
C GLY I 252 53.89 -2.35 11.10
N LYS I 253 53.97 -1.06 11.40
CA LYS I 253 52.91 -0.08 11.17
C LYS I 253 53.25 0.84 10.00
N VAL I 254 52.22 1.52 9.48
CA VAL I 254 52.32 2.46 8.38
C VAL I 254 51.49 3.70 8.74
N HIS I 255 51.40 4.65 7.81
CA HIS I 255 50.81 5.96 8.05
C HIS I 255 49.90 6.32 6.89
N ILE I 256 48.64 6.58 7.18
CA ILE I 256 47.64 6.98 6.17
C ILE I 256 47.37 8.46 6.33
N PRO I 257 47.44 9.24 5.27
CA PRO I 257 47.20 10.68 5.38
C PRO I 257 45.71 10.98 5.41
N PHE I 258 45.40 12.26 5.54
CA PHE I 258 44.10 12.84 5.25
C PHE I 258 42.97 12.20 6.03
N PRO I 259 42.89 12.39 7.34
CA PRO I 259 41.73 11.90 8.08
C PRO I 259 40.58 12.89 8.00
N LEU I 260 39.39 12.37 8.28
CA LEU I 260 38.19 13.19 8.23
C LEU I 260 38.21 14.25 9.32
N ILE I 261 37.87 15.47 8.95
CA ILE I 261 37.30 16.48 9.85
C ILE I 261 36.19 17.17 9.08
N ASN I 262 35.06 17.41 9.74
CA ASN I 262 34.09 18.33 9.19
C ASN I 262 34.26 19.74 9.74
N THR I 263 34.20 20.72 8.83
CA THR I 263 33.98 22.09 9.30
C THR I 263 32.64 22.67 8.85
N THR I 264 32.38 22.75 7.53
CA THR I 264 31.10 23.11 6.91
C THR I 264 31.28 23.08 5.39
N CYS I 265 30.20 23.05 4.62
CA CYS I 265 30.22 23.45 3.21
C CYS I 265 29.04 24.36 2.94
N ARG I 266 28.95 24.85 1.71
CA ARG I 266 27.89 25.76 1.28
C ARG I 266 26.87 25.03 0.41
N VAL I 267 25.75 25.71 0.17
CA VAL I 267 24.63 25.15 -0.59
C VAL I 267 23.83 26.35 -1.09
N PRO I 268 23.11 26.26 -2.20
CA PRO I 268 22.30 27.40 -2.63
C PRO I 268 20.91 27.44 -2.02
N LEU I 269 20.14 28.43 -2.42
CA LEU I 269 18.73 28.58 -2.09
C LEU I 269 17.92 28.50 -3.37
N ALA I 270 16.64 28.82 -3.27
CA ALA I 270 15.73 28.75 -4.41
C ALA I 270 14.69 29.85 -4.23
N PRO I 271 14.11 30.37 -5.31
CA PRO I 271 13.28 31.58 -5.20
C PRO I 271 11.98 31.30 -4.47
N GLU I 272 11.57 32.26 -3.65
CA GLU I 272 10.46 32.04 -2.73
C GLU I 272 9.17 31.77 -3.49
N ALA I 273 8.61 30.60 -3.24
CA ALA I 273 7.40 30.14 -3.94
C ALA I 273 6.21 31.02 -3.58
N LEU I 274 5.71 31.79 -4.55
CA LEU I 274 4.65 32.75 -4.27
C LEU I 274 3.32 32.02 -4.09
N VAL I 275 2.61 32.36 -3.04
CA VAL I 275 1.33 31.75 -2.75
C VAL I 275 0.21 32.61 -3.26
N ARG I 276 -0.96 32.01 -3.38
CA ARG I 276 -2.15 32.71 -3.85
C ARG I 276 -3.34 31.88 -3.40
N SER I 277 -4.25 32.50 -2.68
CA SER I 277 -5.24 31.74 -1.93
C SER I 277 -6.40 31.31 -2.82
N GLY I 278 -7.27 30.49 -2.23
CA GLY I 278 -8.50 30.06 -2.86
C GLY I 278 -9.59 29.90 -1.82
N LYS I 279 -10.32 28.80 -1.89
CA LYS I 279 -11.34 28.44 -0.90
C LYS I 279 -10.90 27.16 -0.22
N ARG I 280 -10.26 27.31 0.95
CA ARG I 280 -9.87 26.19 1.80
C ARG I 280 -8.89 25.24 1.10
N GLU I 281 -8.13 25.78 0.14
CA GLU I 281 -6.94 25.11 -0.35
C GLU I 281 -6.00 26.18 -0.89
N ALA I 282 -4.72 25.86 -0.89
CA ALA I 282 -3.70 26.80 -1.30
C ALA I 282 -3.09 26.38 -2.62
N THR I 283 -2.49 27.37 -3.30
CA THR I 283 -1.84 27.15 -4.58
C THR I 283 -0.56 27.96 -4.61
N LEU I 284 0.54 27.30 -4.90
CA LEU I 284 1.86 27.90 -4.86
C LEU I 284 2.54 27.81 -6.24
N SER I 285 3.21 28.89 -6.63
CA SER I 285 3.98 28.94 -7.85
C SER I 285 5.42 28.55 -7.57
N LEU I 286 6.08 28.00 -8.59
CA LEU I 286 7.44 27.48 -8.46
C LEU I 286 8.26 27.88 -9.67
N HIS I 287 9.39 28.54 -9.46
CA HIS I 287 10.35 28.80 -10.53
C HIS I 287 11.72 28.27 -10.14
N PRO I 288 11.90 26.95 -10.13
CA PRO I 288 13.18 26.39 -9.72
C PRO I 288 14.25 26.56 -10.79
N ILE I 289 15.44 26.93 -10.34
CA ILE I 289 16.58 27.08 -11.25
C ILE I 289 17.43 25.82 -11.27
N HIS I 290 17.23 24.92 -10.34
CA HIS I 290 17.87 23.62 -10.31
C HIS I 290 16.77 22.62 -9.98
N PRO I 291 17.01 21.31 -10.12
CA PRO I 291 16.02 20.35 -9.62
C PRO I 291 15.96 20.37 -8.10
N THR I 292 14.86 20.86 -7.55
CA THR I 292 14.69 20.98 -6.11
C THR I 292 13.49 20.16 -5.66
N LEU I 293 13.37 19.99 -4.35
CA LEU I 293 12.37 19.11 -3.76
C LEU I 293 11.27 19.92 -3.07
N LEU I 294 10.06 19.40 -3.12
CA LEU I 294 8.92 19.99 -2.44
C LEU I 294 8.26 18.94 -1.57
N SER I 295 8.11 19.22 -0.29
CA SER I 295 7.38 18.36 0.61
C SER I 295 6.35 19.17 1.37
N TYR I 296 5.28 18.51 1.79
CA TYR I 296 4.20 19.19 2.49
C TYR I 296 3.40 18.15 3.27
N ARG I 297 2.77 18.60 4.34
CA ARG I 297 1.91 17.73 5.14
C ARG I 297 0.97 18.58 5.96
N THR I 298 -0.15 17.97 6.35
CA THR I 298 -1.11 18.62 7.23
C THR I 298 -0.61 18.53 8.66
N LEU I 299 -1.46 18.88 9.63
CA LEU I 299 -1.09 18.79 11.04
C LEU I 299 -2.20 18.22 11.91
N GLY I 300 -3.22 17.62 11.34
CA GLY I 300 -4.29 17.02 12.13
C GLY I 300 -3.89 15.69 12.71
N ARG I 301 -4.88 14.83 12.93
CA ARG I 301 -4.59 13.47 13.38
C ARG I 301 -4.13 12.61 12.22
N GLU I 302 -4.91 12.59 11.14
CA GLU I 302 -4.55 11.83 9.95
C GLU I 302 -3.73 12.72 9.04
N PRO I 303 -2.47 12.42 8.83
CA PRO I 303 -1.53 13.45 8.38
C PRO I 303 -1.42 13.65 6.88
N VAL I 304 -2.38 13.19 6.08
CA VAL I 304 -2.22 12.82 4.67
C VAL I 304 -1.34 13.80 3.88
N PHE I 305 -0.39 13.24 3.13
CA PHE I 305 0.84 13.94 2.80
C PHE I 305 1.34 13.47 1.44
N ASP I 306 2.43 14.10 0.99
CA ASP I 306 3.13 13.67 -0.22
C ASP I 306 4.50 14.35 -0.26
N GLU I 307 5.40 13.77 -1.05
CA GLU I 307 6.69 14.35 -1.34
C GLU I 307 7.07 14.01 -2.78
N GLN I 308 7.73 14.94 -3.45
CA GLN I 308 8.16 14.72 -4.83
C GLN I 308 9.24 15.71 -5.21
N TRP I 309 9.93 15.41 -6.29
CA TRP I 309 10.88 16.30 -6.92
C TRP I 309 10.20 17.06 -8.05
N ILE I 310 10.67 18.27 -8.32
CA ILE I 310 10.12 19.07 -9.41
C ILE I 310 11.27 19.84 -10.05
N THR I 311 11.38 19.72 -11.37
CA THR I 311 12.45 20.37 -12.12
C THR I 311 11.98 21.36 -13.18
N THR I 312 10.70 21.35 -13.54
CA THR I 312 10.19 22.25 -14.57
C THR I 312 9.20 23.22 -13.97
N GLN I 313 9.03 24.35 -14.65
CA GLN I 313 8.06 25.36 -14.25
C GLN I 313 6.66 24.75 -14.15
N THR I 314 6.13 24.69 -12.93
CA THR I 314 4.84 24.06 -12.71
C THR I 314 4.18 24.79 -11.53
N GLU I 315 2.96 24.36 -11.19
CA GLU I 315 2.29 24.80 -9.98
C GLU I 315 1.52 23.62 -9.41
N VAL I 316 1.47 23.55 -8.09
CA VAL I 316 0.83 22.45 -7.37
C VAL I 316 -0.18 23.03 -6.41
N THR I 317 -1.26 22.31 -6.17
CA THR I 317 -2.29 22.72 -5.23
C THR I 317 -2.08 22.00 -3.91
N ILE I 318 -2.42 22.69 -2.82
CA ILE I 318 -2.18 22.20 -1.46
C ILE I 318 -3.50 22.15 -0.72
N PRO I 319 -3.84 21.06 -0.03
CA PRO I 319 -5.08 21.01 0.73
C PRO I 319 -4.91 21.68 2.08
N VAL I 320 -5.69 22.73 2.32
CA VAL I 320 -5.65 23.40 3.61
C VAL I 320 -6.93 23.14 4.38
N PRO I 321 -6.92 22.25 5.35
CA PRO I 321 -8.06 22.12 6.24
C PRO I 321 -7.98 23.14 7.36
N VAL I 322 -8.88 23.06 8.34
CA VAL I 322 -8.77 23.96 9.49
C VAL I 322 -7.52 23.68 10.29
N GLU I 323 -7.02 22.44 10.27
CA GLU I 323 -5.89 22.06 11.10
C GLU I 323 -4.55 22.58 10.57
N GLY I 324 -4.54 23.30 9.47
CA GLY I 324 -3.34 23.89 8.94
C GLY I 324 -2.45 22.93 8.17
N VAL I 325 -1.46 23.49 7.51
CA VAL I 325 -0.56 22.74 6.65
C VAL I 325 0.82 23.39 6.68
N GLU I 326 1.85 22.60 6.93
CA GLU I 326 3.23 23.04 6.87
C GLU I 326 3.87 22.46 5.61
N TYR I 327 4.41 23.34 4.76
CA TYR I 327 5.10 22.91 3.56
C TYR I 327 6.57 23.34 3.65
N ARG I 328 7.44 22.50 3.11
CA ARG I 328 8.88 22.70 3.16
C ARG I 328 9.41 22.62 1.75
N TRP I 329 9.95 23.72 1.24
CA TRP I 329 10.34 23.82 -0.16
C TRP I 329 11.75 24.37 -0.27
N GLY I 330 12.64 23.59 -0.85
CA GLY I 330 14.00 24.05 -1.06
C GLY I 330 14.82 23.90 0.21
N ASN I 331 15.52 24.97 0.57
CA ASN I 331 16.36 25.02 1.76
C ASN I 331 16.01 26.21 2.62
N HIS I 332 14.72 26.51 2.74
CA HIS I 332 14.27 27.55 3.64
C HIS I 332 13.92 26.94 4.99
N LYS I 333 13.33 27.73 5.86
CA LYS I 333 12.74 27.07 7.01
C LYS I 333 11.31 26.69 6.70
N PRO I 334 10.84 25.54 7.17
CA PRO I 334 9.46 25.14 6.90
C PRO I 334 8.46 26.17 7.40
N GLN I 335 7.51 26.51 6.54
CA GLN I 335 6.52 27.54 6.81
C GLN I 335 5.14 26.92 6.93
N ARG I 336 4.22 27.63 7.57
CA ARG I 336 2.93 27.07 7.95
C ARG I 336 1.80 27.98 7.47
N LEU I 337 0.68 27.36 7.08
CA LEU I 337 -0.54 28.06 6.71
C LEU I 337 -1.68 27.53 7.56
N TRP I 338 -2.71 28.36 7.76
CA TRP I 338 -3.91 27.96 8.47
C TRP I 338 -5.13 28.55 7.79
N SER I 339 -6.29 27.96 8.04
CA SER I 339 -7.53 28.33 7.37
C SER I 339 -8.59 28.71 8.39
N GLN I 340 -8.92 30.01 8.43
CA GLN I 340 -10.02 30.46 9.26
C GLN I 340 -11.35 30.22 8.56
N LEU I 341 -12.45 30.54 9.23
CA LEU I 341 -13.78 30.19 8.75
C LEU I 341 -14.17 31.11 7.61
N THR I 342 -14.14 30.60 6.39
CA THR I 342 -14.30 31.44 5.21
C THR I 342 -15.56 31.16 4.40
N THR I 343 -16.40 30.21 4.83
CA THR I 343 -17.62 29.94 4.08
C THR I 343 -18.51 31.17 4.07
N GLU I 344 -19.24 31.36 2.98
CA GLU I 344 -19.89 32.64 2.71
C GLU I 344 -21.33 32.43 2.29
N GLY I 345 -22.23 32.65 3.23
CA GLY I 345 -23.60 33.00 2.92
C GLY I 345 -23.77 34.45 3.33
N ARG I 346 -24.74 34.74 4.19
CA ARG I 346 -24.82 36.05 4.81
C ARG I 346 -25.11 35.99 6.30
N ALA I 347 -25.48 34.83 6.84
CA ALA I 347 -25.56 34.52 8.26
C ALA I 347 -26.74 35.20 8.96
N HIS I 348 -27.46 36.06 8.25
CA HIS I 348 -28.57 36.82 8.81
C HIS I 348 -29.42 37.37 7.67
N GLY I 349 -30.73 37.42 7.90
CA GLY I 349 -31.66 37.96 6.92
C GLY I 349 -33.10 37.73 7.31
N TRP I 350 -34.01 38.65 6.97
CA TRP I 350 -35.39 38.46 7.43
C TRP I 350 -36.11 37.44 6.54
N PRO I 351 -36.01 37.50 5.20
CA PRO I 351 -36.06 36.23 4.45
C PRO I 351 -34.67 35.60 4.52
N HIS I 352 -34.54 34.54 5.33
CA HIS I 352 -33.23 34.21 5.84
C HIS I 352 -32.40 33.42 4.82
N GLU I 353 -32.84 32.21 4.48
CA GLU I 353 -32.01 31.21 3.80
C GLU I 353 -30.61 31.15 4.40
N ILE I 354 -30.56 30.85 5.70
CA ILE I 354 -29.33 30.83 6.49
C ILE I 354 -28.97 29.41 6.93
N ILE I 355 -29.80 28.41 6.63
CA ILE I 355 -29.38 27.04 6.86
C ILE I 355 -28.23 26.66 5.93
N GLU I 356 -28.07 27.39 4.82
CA GLU I 356 -26.90 27.20 3.98
C GLU I 356 -25.62 27.62 4.69
N TYR I 357 -25.70 28.66 5.52
CA TYR I 357 -24.53 29.11 6.26
C TYR I 357 -24.04 28.03 7.21
N TYR I 358 -24.94 27.48 8.02
CA TYR I 358 -24.55 26.39 8.91
C TYR I 358 -24.38 25.06 8.18
N TYR I 359 -24.68 25.01 6.89
CA TYR I 359 -24.09 23.96 6.07
C TYR I 359 -22.65 24.28 5.70
N GLY I 360 -22.29 25.57 5.67
CA GLY I 360 -20.93 25.94 5.34
C GLY I 360 -19.92 25.48 6.39
N LEU I 361 -20.31 25.51 7.66
CA LEU I 361 -19.51 24.90 8.72
C LEU I 361 -20.01 23.49 8.97
N HIS I 362 -19.09 22.54 9.00
CA HIS I 362 -19.40 21.12 9.16
C HIS I 362 -20.46 20.64 8.17
N PRO I 363 -20.14 20.64 6.88
CA PRO I 363 -21.15 20.27 5.88
C PRO I 363 -21.45 18.79 5.90
N THR I 364 -22.65 18.45 5.39
CA THR I 364 -23.15 17.08 5.27
C THR I 364 -23.12 16.38 6.63
N THR I 365 -23.19 17.18 7.69
CA THR I 365 -23.15 16.69 9.06
C THR I 365 -24.10 17.56 9.87
N THR I 366 -25.05 16.91 10.55
CA THR I 366 -26.03 17.57 11.41
C THR I 366 -26.85 18.63 10.66
N ILE I 367 -27.06 18.41 9.37
CA ILE I 367 -28.20 18.99 8.67
C ILE I 367 -29.31 17.95 8.60
N VAL I 368 -28.98 16.67 8.73
CA VAL I 368 -29.97 15.62 8.87
C VAL I 368 -30.80 15.84 10.12
N VAL I 369 -30.27 16.52 11.13
CA VAL I 369 -31.09 16.80 12.30
C VAL I 369 -32.15 17.84 11.98
N VAL I 370 -31.85 18.81 11.12
CA VAL I 370 -32.90 19.79 10.87
C VAL I 370 -33.95 19.18 9.94
N VAL I 371 -33.56 18.30 9.01
CA VAL I 371 -34.59 17.69 8.18
C VAL I 371 -35.39 16.68 8.99
N ALA I 372 -34.77 16.07 10.01
CA ALA I 372 -35.51 15.20 10.91
C ALA I 372 -36.49 15.99 11.76
N VAL I 373 -36.11 17.21 12.17
CA VAL I 373 -37.04 18.08 12.88
C VAL I 373 -38.23 18.43 12.00
N SER I 374 -37.98 18.69 10.72
CA SER I 374 -39.09 18.95 9.80
C SER I 374 -40.02 17.74 9.71
N VAL I 375 -39.45 16.54 9.60
CA VAL I 375 -40.27 15.32 9.58
C VAL I 375 -41.03 15.14 10.89
N VAL I 376 -40.44 15.59 12.00
CA VAL I 376 -41.15 15.55 13.28
C VAL I 376 -42.36 16.47 13.25
N VAL I 377 -42.20 17.65 12.64
CA VAL I 377 -43.33 18.56 12.47
C VAL I 377 -44.43 17.89 11.64
N LEU I 378 -44.04 17.19 10.58
CA LEU I 378 -45.01 16.49 9.74
C LEU I 378 -45.76 15.41 10.53
N LEU I 379 -45.03 14.59 11.29
CA LEU I 379 -45.71 13.52 12.02
C LEU I 379 -46.63 14.10 13.08
N SER I 380 -46.22 15.22 13.70
CA SER I 380 -47.06 15.84 14.72
C SER I 380 -48.33 16.42 14.11
N VAL I 381 -48.24 17.07 12.95
CA VAL I 381 -49.45 17.66 12.39
C VAL I 381 -50.38 16.57 11.88
N ALA I 382 -49.83 15.48 11.34
CA ALA I 382 -50.70 14.38 10.93
C ALA I 382 -51.40 13.74 12.12
N ALA I 383 -50.68 13.56 13.23
CA ALA I 383 -51.30 13.01 14.43
C ALA I 383 -52.38 13.93 14.97
N SER I 384 -52.14 15.24 14.93
CA SER I 384 -53.12 16.18 15.46
C SER I 384 -54.39 16.19 14.62
N VAL I 385 -54.25 16.18 13.30
CA VAL I 385 -55.45 16.14 12.48
C VAL I 385 -56.11 14.76 12.54
N TYR I 386 -55.36 13.71 12.90
CA TYR I 386 -56.00 12.43 13.18
C TYR I 386 -56.87 12.54 14.43
N MET I 387 -56.36 13.22 15.45
CA MET I 387 -57.18 13.50 16.62
C MET I 387 -58.42 14.32 16.24
N CYS I 388 -58.27 15.24 15.29
CA CYS I 388 -59.41 16.06 14.89
C CYS I 388 -60.44 15.23 14.13
N VAL I 389 -59.98 14.31 13.27
CA VAL I 389 -60.96 13.54 12.51
C VAL I 389 -61.65 12.52 13.40
N VAL I 390 -60.95 11.99 14.40
CA VAL I 390 -61.67 11.08 15.30
C VAL I 390 -62.58 11.89 16.22
N ALA I 391 -62.25 13.16 16.49
CA ALA I 391 -63.20 14.01 17.19
C ALA I 391 -64.46 14.23 16.37
N ARG I 392 -64.30 14.43 15.07
CA ARG I 392 -65.46 14.53 14.17
C ARG I 392 -66.31 13.27 14.22
N ASN I 393 -65.66 12.11 14.10
CA ASN I 393 -66.40 10.85 14.11
C ASN I 393 -67.11 10.64 15.44
N LYS I 394 -66.39 10.83 16.55
CA LYS I 394 -66.94 10.65 17.88
C LYS I 394 -68.03 11.66 18.18
N CYS I 395 -68.04 12.78 17.46
CA CYS I 395 -69.18 13.68 17.54
C CYS I 395 -70.39 13.10 16.82
N LEU I 396 -70.20 12.66 15.57
CA LEU I 396 -71.31 12.38 14.68
C LEU I 396 -71.88 10.97 14.79
N THR I 397 -71.54 10.19 15.82
CA THR I 397 -72.11 8.85 15.93
C THR I 397 -73.62 8.82 16.10
N PRO I 398 -74.25 9.56 17.05
CA PRO I 398 -75.65 9.24 17.38
C PRO I 398 -76.63 9.60 16.26
N TYR I 399 -76.46 10.78 15.68
CA TYR I 399 -77.41 11.29 14.71
C TYR I 399 -77.24 10.66 13.34
N ALA I 400 -76.30 9.74 13.17
CA ALA I 400 -76.28 8.87 12.01
C ALA I 400 -77.19 7.66 12.20
N LEU I 401 -77.98 7.70 13.26
CA LEU I 401 -78.95 6.69 13.66
C LEU I 401 -79.97 7.44 14.52
N THR I 402 -80.80 6.71 15.28
CA THR I 402 -81.91 7.30 16.03
C THR I 402 -82.83 8.13 15.15
N PRO I 403 -83.68 7.48 14.34
CA PRO I 403 -84.64 8.18 13.47
C PRO I 403 -85.35 9.38 14.10
N GLY I 404 -85.51 10.45 13.33
CA GLY I 404 -85.78 11.75 13.90
C GLY I 404 -84.47 12.45 14.17
N ALA I 405 -83.64 12.56 13.14
CA ALA I 405 -82.22 12.87 13.24
C ALA I 405 -81.91 14.33 12.95
N VAL I 406 -82.75 15.26 13.38
CA VAL I 406 -82.49 16.67 13.07
C VAL I 406 -81.26 17.16 13.81
N VAL I 407 -80.48 17.99 13.12
CA VAL I 407 -79.30 18.66 13.69
C VAL I 407 -79.21 20.08 13.12
N PRO I 408 -80.13 20.98 13.46
CA PRO I 408 -80.14 22.29 12.82
C PRO I 408 -79.19 23.31 13.42
N VAL I 409 -78.90 23.21 14.70
CA VAL I 409 -78.41 24.35 15.46
C VAL I 409 -76.90 24.49 15.36
N THR I 410 -76.16 23.49 15.81
CA THR I 410 -74.71 23.58 15.94
C THR I 410 -74.03 22.90 14.75
N ILE I 411 -74.61 23.02 13.56
CA ILE I 411 -74.12 22.32 12.39
C ILE I 411 -73.37 23.22 11.43
N GLY I 412 -73.65 24.53 11.42
CA GLY I 412 -73.11 25.43 10.41
C GLY I 412 -71.60 25.43 10.32
N VAL I 413 -70.92 25.06 11.40
CA VAL I 413 -69.49 24.78 11.34
C VAL I 413 -69.23 23.30 11.05
N LEU I 414 -70.02 22.40 11.64
CA LEU I 414 -69.80 20.97 11.51
C LEU I 414 -70.72 20.33 10.48
N CYS I 415 -71.04 21.06 9.42
CA CYS I 415 -71.90 20.55 8.35
C CYS I 415 -71.08 19.57 7.53
N CYS I 416 -70.93 18.36 8.06
CA CYS I 416 -70.10 17.34 7.44
C CYS I 416 -70.94 16.41 6.56
N ALA I 417 -71.57 17.02 5.56
CA ALA I 417 -72.40 16.38 4.55
C ALA I 417 -73.46 15.47 5.15
N PRO I 418 -74.46 16.01 5.83
CA PRO I 418 -75.51 15.15 6.40
C PRO I 418 -76.43 14.61 5.32
N LYS I 419 -77.33 13.72 5.74
CA LYS I 419 -78.40 13.16 4.91
C LYS I 419 -77.85 12.46 3.67
N GLU J 107 -84.47 -50.04 40.66
CA GLU J 107 -85.38 -49.25 41.49
C GLU J 107 -84.61 -48.27 42.36
N HIS J 108 -84.58 -48.55 43.66
CA HIS J 108 -83.76 -47.83 44.60
C HIS J 108 -82.76 -48.80 45.18
N ASP J 109 -81.48 -48.53 44.96
CA ASP J 109 -80.44 -49.46 45.36
C ASP J 109 -79.30 -48.73 46.06
N CYS J 110 -79.63 -47.66 46.80
CA CYS J 110 -78.70 -46.94 47.67
C CYS J 110 -77.51 -46.39 46.89
N ILE J 111 -77.82 -45.46 46.00
CA ILE J 111 -76.80 -44.62 45.37
C ILE J 111 -76.58 -43.42 46.28
N PHE J 112 -75.32 -43.04 46.47
CA PHE J 112 -74.92 -42.14 47.54
C PHE J 112 -74.38 -40.84 46.97
N GLU J 113 -74.97 -39.72 47.39
CA GLU J 113 -74.56 -38.42 46.89
C GLU J 113 -73.35 -37.87 47.64
N VAL J 114 -72.66 -36.94 47.00
CA VAL J 114 -71.63 -36.11 47.61
C VAL J 114 -72.20 -34.72 47.79
N LYS J 115 -72.13 -34.20 49.01
CA LYS J 115 -72.62 -32.85 49.29
C LYS J 115 -71.45 -31.93 49.64
N HIS J 116 -71.58 -30.66 49.28
CA HIS J 116 -70.73 -29.61 49.84
C HIS J 116 -71.50 -28.31 49.73
N GLU J 117 -71.46 -27.52 50.81
CA GLU J 117 -71.99 -26.15 50.94
C GLU J 117 -73.49 -26.08 50.70
N GLY J 118 -74.13 -27.23 50.52
CA GLY J 118 -75.55 -27.29 50.22
C GLY J 118 -75.89 -27.80 48.84
N LYS J 119 -74.90 -28.23 48.07
CA LYS J 119 -75.09 -28.62 46.68
C LYS J 119 -74.57 -30.03 46.47
N VAL J 120 -75.32 -30.82 45.70
CA VAL J 120 -75.04 -32.24 45.49
C VAL J 120 -74.92 -32.52 44.00
N THR J 121 -73.72 -32.89 43.57
CA THR J 121 -73.55 -33.46 42.23
C THR J 121 -72.93 -34.85 42.26
N GLY J 122 -71.79 -35.03 42.95
CA GLY J 122 -71.12 -36.32 43.03
C GLY J 122 -71.98 -37.44 43.58
N TYR J 123 -72.07 -38.54 42.84
CA TYR J 123 -72.98 -39.66 43.15
C TYR J 123 -72.16 -40.94 43.17
N ALA J 124 -71.67 -41.33 44.34
CA ALA J 124 -70.94 -42.57 44.42
C ALA J 124 -71.90 -43.76 44.37
N CYS J 125 -71.36 -44.90 43.96
CA CYS J 125 -72.07 -46.16 44.03
C CYS J 125 -71.13 -47.21 44.62
N LEU J 126 -71.72 -48.30 45.07
CA LEU J 126 -70.94 -49.33 45.75
C LEU J 126 -71.52 -50.69 45.38
N VAL J 127 -70.65 -51.57 44.89
CA VAL J 127 -71.04 -52.89 44.41
C VAL J 127 -70.04 -53.92 44.92
N GLY J 128 -70.56 -55.10 45.28
CA GLY J 128 -69.73 -56.17 45.77
C GLY J 128 -68.96 -55.79 47.02
N ASP J 129 -67.64 -55.66 46.87
CA ASP J 129 -66.79 -55.26 47.98
C ASP J 129 -66.25 -53.85 47.84
N LYS J 130 -66.35 -53.25 46.66
CA LYS J 130 -65.64 -52.02 46.37
C LYS J 130 -66.61 -50.86 46.25
N VAL J 131 -66.22 -49.71 46.79
CA VAL J 131 -66.96 -48.48 46.63
C VAL J 131 -66.36 -47.75 45.43
N MET J 132 -67.10 -47.72 44.32
CA MET J 132 -66.64 -47.11 43.07
C MET J 132 -67.22 -45.70 42.97
N LYS J 133 -66.33 -44.71 43.02
CA LYS J 133 -66.74 -43.32 42.94
C LYS J 133 -66.09 -42.64 41.74
N PRO J 134 -66.85 -41.92 40.91
CA PRO J 134 -66.24 -40.96 39.99
C PRO J 134 -65.45 -39.92 40.78
N ALA J 135 -64.37 -39.42 40.19
CA ALA J 135 -63.42 -38.60 40.94
C ALA J 135 -63.58 -37.11 40.70
N HIS J 136 -64.77 -36.65 40.32
CA HIS J 136 -65.01 -35.22 40.18
C HIS J 136 -65.60 -34.66 41.47
N VAL J 137 -65.73 -33.33 41.53
CA VAL J 137 -66.43 -32.54 42.55
C VAL J 137 -66.13 -33.02 43.97
N PRO J 138 -64.94 -32.71 44.52
CA PRO J 138 -64.59 -33.18 45.87
C PRO J 138 -65.45 -32.55 46.96
N GLY J 139 -65.16 -32.85 48.24
CA GLY J 139 -66.18 -32.60 49.25
C GLY J 139 -66.86 -33.85 49.79
N VAL J 140 -66.06 -34.86 50.13
CA VAL J 140 -66.41 -36.27 50.33
C VAL J 140 -67.67 -36.47 51.17
N ILE J 141 -68.41 -37.54 50.86
CA ILE J 141 -69.81 -37.81 51.19
C ILE J 141 -70.20 -37.53 52.63
N ASP J 142 -71.47 -37.13 52.80
CA ASP J 142 -72.02 -36.82 54.12
C ASP J 142 -71.85 -37.96 55.10
N ASN J 143 -71.94 -39.21 54.65
CA ASN J 143 -71.94 -40.36 55.54
C ASN J 143 -70.52 -40.60 56.02
N ILE J 144 -70.20 -40.04 57.19
CA ILE J 144 -68.83 -40.09 57.69
C ILE J 144 -68.44 -41.49 58.12
N ASP J 145 -69.41 -42.30 58.53
CA ASP J 145 -69.14 -43.71 58.78
C ASP J 145 -68.71 -44.45 57.52
N LEU J 146 -69.00 -43.88 56.34
CA LEU J 146 -68.55 -44.41 55.07
C LEU J 146 -67.51 -43.54 54.40
N ALA J 147 -67.21 -42.36 54.96
CA ALA J 147 -66.25 -41.43 54.38
C ALA J 147 -64.91 -41.42 55.09
N ARG J 148 -64.82 -42.00 56.28
CA ARG J 148 -63.56 -42.05 56.99
C ARG J 148 -62.58 -43.05 56.40
N LEU J 149 -62.88 -43.63 55.24
CA LEU J 149 -62.06 -44.67 54.64
C LEU J 149 -61.10 -44.05 53.63
N SER J 150 -59.82 -44.33 53.77
CA SER J 150 -58.81 -43.86 52.83
C SER J 150 -59.01 -44.58 51.50
N TYR J 151 -59.45 -43.84 50.49
CA TYR J 151 -59.70 -44.41 49.17
C TYR J 151 -58.49 -44.28 48.27
N LYS J 152 -58.39 -45.20 47.32
CA LYS J 152 -57.31 -45.21 46.34
C LYS J 152 -57.81 -44.63 45.03
N LYS J 153 -57.06 -43.68 44.47
CA LYS J 153 -57.47 -42.94 43.29
C LYS J 153 -56.62 -43.34 42.10
N SER J 154 -57.25 -43.50 40.95
CA SER J 154 -56.61 -43.91 39.71
C SER J 154 -56.81 -42.84 38.65
N SER J 155 -55.72 -42.22 38.21
CA SER J 155 -55.85 -41.10 37.29
C SER J 155 -56.19 -41.54 35.88
N LYS J 156 -55.79 -42.75 35.49
CA LYS J 156 -56.11 -43.24 34.16
C LYS J 156 -57.60 -43.49 34.00
N TYR J 157 -58.22 -44.12 34.98
CA TYR J 157 -59.61 -44.50 34.87
C TYR J 157 -60.55 -43.54 35.59
N ASP J 158 -60.02 -42.50 36.23
CA ASP J 158 -60.83 -41.46 36.89
C ASP J 158 -61.71 -42.03 37.98
N LEU J 159 -61.34 -43.18 38.52
CA LEU J 159 -62.18 -43.90 39.45
C LEU J 159 -61.63 -43.84 40.88
N GLU J 160 -62.54 -43.87 41.84
CA GLU J 160 -62.18 -44.02 43.24
C GLU J 160 -62.59 -45.41 43.70
N CYS J 161 -61.74 -46.03 44.49
CA CYS J 161 -61.83 -47.46 44.74
C CYS J 161 -61.74 -47.76 46.23
N ALA J 162 -62.56 -47.06 47.02
CA ALA J 162 -62.61 -47.29 48.44
C ALA J 162 -63.09 -48.70 48.76
N GLN J 163 -62.59 -49.24 49.87
CA GLN J 163 -62.94 -50.58 50.34
C GLN J 163 -64.02 -50.46 51.41
N ILE J 164 -65.17 -51.10 51.17
CA ILE J 164 -66.38 -51.00 51.98
C ILE J 164 -66.11 -51.44 53.42
N PRO J 165 -66.82 -50.91 54.40
CA PRO J 165 -66.76 -51.50 55.74
C PRO J 165 -67.67 -52.71 55.84
N VAL J 166 -67.24 -53.66 56.68
CA VAL J 166 -67.88 -54.97 56.75
C VAL J 166 -69.31 -54.85 57.26
N ALA J 167 -69.61 -53.84 58.07
CA ALA J 167 -70.96 -53.66 58.57
C ALA J 167 -71.95 -53.31 57.45
N MET J 168 -71.44 -52.88 56.30
CA MET J 168 -72.26 -52.63 55.11
C MET J 168 -72.34 -53.85 54.21
N LYS J 169 -72.27 -55.05 54.81
CA LYS J 169 -72.17 -56.30 54.07
C LYS J 169 -73.33 -56.49 53.09
N SER J 170 -74.52 -55.98 53.42
CA SER J 170 -75.71 -56.29 52.65
C SER J 170 -76.08 -55.22 51.64
N ASP J 171 -75.68 -53.97 51.87
CA ASP J 171 -76.13 -52.86 51.05
C ASP J 171 -75.21 -52.69 49.86
N ALA J 172 -75.42 -53.55 48.86
CA ALA J 172 -74.81 -53.41 47.54
C ALA J 172 -75.71 -54.13 46.55
N SER J 173 -75.23 -54.29 45.32
CA SER J 173 -75.98 -54.96 44.28
C SER J 173 -75.19 -56.16 43.76
N LYS J 174 -75.80 -56.88 42.83
CA LYS J 174 -75.08 -57.88 42.06
C LYS J 174 -74.56 -57.23 40.78
N TYR J 175 -73.84 -58.00 39.98
CA TYR J 175 -73.18 -57.43 38.81
C TYR J 175 -72.95 -58.52 37.79
N THR J 176 -72.12 -58.21 36.80
CA THR J 176 -71.81 -59.13 35.70
C THR J 176 -70.53 -58.71 35.03
N HIS J 177 -69.83 -59.70 34.47
CA HIS J 177 -68.60 -59.44 33.71
C HIS J 177 -68.80 -59.66 32.22
N GLU J 178 -70.04 -59.79 31.75
CA GLU J 178 -70.34 -59.84 30.33
C GLU J 178 -71.41 -58.82 30.01
N LYS J 179 -71.42 -58.37 28.76
CA LYS J 179 -72.35 -57.34 28.29
C LYS J 179 -73.21 -57.93 27.18
N PRO J 180 -74.39 -58.47 27.52
CA PRO J 180 -75.31 -58.95 26.49
C PRO J 180 -75.82 -57.82 25.61
N GLU J 181 -76.60 -58.16 24.59
CA GLU J 181 -76.98 -57.22 23.54
C GLU J 181 -78.47 -56.89 23.62
N GLY J 182 -78.78 -55.60 23.45
CA GLY J 182 -80.16 -55.14 23.43
C GLY J 182 -80.30 -53.72 23.97
N HIS J 183 -81.41 -53.44 24.63
CA HIS J 183 -81.66 -52.14 25.21
C HIS J 183 -82.07 -52.30 26.67
N TYR J 184 -81.71 -51.30 27.48
CA TYR J 184 -81.82 -51.39 28.94
C TYR J 184 -82.45 -50.12 29.50
N ASN J 185 -82.41 -50.00 30.81
CA ASN J 185 -82.98 -48.91 31.59
C ASN J 185 -81.89 -48.17 32.33
N TRP J 186 -82.26 -47.04 32.93
CA TRP J 186 -81.41 -46.36 33.91
C TRP J 186 -82.24 -45.35 34.67
N HIS J 187 -81.57 -44.60 35.55
CA HIS J 187 -82.22 -43.66 36.46
C HIS J 187 -83.14 -42.67 35.76
N TYR J 188 -82.89 -42.36 34.49
CA TYR J 188 -83.74 -41.44 33.76
C TYR J 188 -84.68 -42.15 32.77
N GLY J 189 -84.15 -42.93 31.86
CA GLY J 189 -84.95 -43.50 30.79
C GLY J 189 -84.37 -44.78 30.25
N ALA J 190 -84.48 -44.96 28.94
CA ALA J 190 -83.92 -46.14 28.29
C ALA J 190 -82.50 -45.88 27.83
N VAL J 191 -81.78 -46.96 27.54
CA VAL J 191 -80.46 -46.90 26.91
C VAL J 191 -80.36 -48.01 25.88
N GLN J 192 -79.74 -47.70 24.76
CA GLN J 192 -79.58 -48.65 23.67
C GLN J 192 -78.09 -48.94 23.48
N TYR J 193 -77.71 -50.19 23.67
CA TYR J 193 -76.33 -50.63 23.54
C TYR J 193 -76.24 -51.62 22.38
N THR J 194 -75.68 -51.17 21.26
CA THR J 194 -75.52 -52.04 20.11
C THR J 194 -74.22 -51.68 19.40
N GLY J 195 -73.66 -52.68 18.72
CA GLY J 195 -72.38 -52.51 18.06
C GLY J 195 -71.21 -52.26 18.99
N GLY J 196 -71.40 -52.51 20.29
CA GLY J 196 -70.33 -52.30 21.25
C GLY J 196 -70.24 -50.90 21.82
N ARG J 197 -71.35 -50.17 21.89
CA ARG J 197 -71.32 -48.80 22.39
C ARG J 197 -72.70 -48.39 22.87
N PHE J 198 -72.73 -47.38 23.74
CA PHE J 198 -73.95 -46.96 24.40
C PHE J 198 -74.50 -45.67 23.80
N THR J 199 -75.80 -45.48 23.96
CA THR J 199 -76.44 -44.18 23.75
C THR J 199 -77.48 -43.98 24.83
N VAL J 200 -78.01 -42.76 24.93
CA VAL J 200 -78.93 -42.41 26.00
C VAL J 200 -80.17 -41.78 25.37
N PRO J 201 -81.36 -41.83 26.06
CA PRO J 201 -82.61 -42.06 25.32
C PRO J 201 -82.95 -41.04 24.25
N THR J 202 -83.14 -39.76 24.61
CA THR J 202 -83.07 -38.67 23.65
C THR J 202 -82.72 -37.40 24.42
N GLY J 203 -81.44 -37.05 24.45
CA GLY J 203 -80.96 -35.75 24.90
C GLY J 203 -81.55 -35.17 26.17
N VAL J 204 -81.30 -35.77 27.33
CA VAL J 204 -81.92 -35.30 28.57
C VAL J 204 -80.88 -35.03 29.64
N GLY J 205 -79.67 -35.53 29.44
CA GLY J 205 -78.67 -35.46 30.49
C GLY J 205 -78.23 -34.04 30.78
N LYS J 206 -77.76 -33.84 32.01
CA LYS J 206 -77.29 -32.55 32.49
C LYS J 206 -75.96 -32.76 33.19
N PRO J 207 -75.16 -31.70 33.35
CA PRO J 207 -73.90 -31.85 34.09
C PRO J 207 -74.15 -32.17 35.55
N GLY J 208 -73.27 -32.99 36.12
CA GLY J 208 -73.34 -33.38 37.51
C GLY J 208 -74.03 -34.70 37.76
N ASP J 209 -74.45 -35.41 36.73
CA ASP J 209 -75.10 -36.70 36.88
C ASP J 209 -74.12 -37.85 36.89
N SER J 210 -72.83 -37.56 36.97
CA SER J 210 -71.80 -38.60 36.91
C SER J 210 -71.87 -39.49 38.14
N GLY J 211 -72.30 -40.73 37.95
CA GLY J 211 -72.41 -41.66 39.05
C GLY J 211 -73.62 -42.55 39.03
N ARG J 212 -74.55 -42.32 38.12
CA ARG J 212 -75.61 -43.31 38.21
C ARG J 212 -75.21 -44.59 37.48
N PRO J 213 -75.67 -45.74 37.96
CA PRO J 213 -75.37 -47.01 37.30
C PRO J 213 -76.39 -47.34 36.22
N ILE J 214 -76.03 -48.32 35.39
CA ILE J 214 -76.89 -48.81 34.32
C ILE J 214 -77.13 -50.29 34.55
N PHE J 215 -78.33 -50.76 34.23
CA PHE J 215 -78.79 -52.10 34.63
C PHE J 215 -79.04 -52.99 33.41
N ASP J 216 -79.56 -54.19 33.69
CA ASP J 216 -80.09 -55.11 32.69
C ASP J 216 -81.58 -55.32 32.93
N ASN J 217 -82.20 -56.21 32.17
CA ASN J 217 -83.62 -56.43 32.35
C ASN J 217 -83.93 -57.38 33.51
N LYS J 218 -82.92 -57.81 34.26
CA LYS J 218 -83.17 -58.75 35.35
C LYS J 218 -82.44 -58.41 36.65
N GLY J 219 -81.59 -57.38 36.70
CA GLY J 219 -81.11 -56.92 37.98
C GLY J 219 -79.66 -56.52 38.15
N ARG J 220 -78.78 -56.93 37.24
CA ARG J 220 -77.37 -56.66 37.40
C ARG J 220 -77.04 -55.21 37.05
N VAL J 221 -75.75 -54.87 37.09
CA VAL J 221 -75.28 -53.49 36.97
C VAL J 221 -73.96 -53.49 36.20
N VAL J 222 -73.89 -52.66 35.16
CA VAL J 222 -72.77 -52.71 34.21
C VAL J 222 -72.01 -51.39 34.10
N ALA J 223 -72.67 -50.34 33.66
CA ALA J 223 -71.96 -49.10 33.35
C ALA J 223 -72.06 -48.07 34.48
N ILE J 224 -70.97 -47.34 34.70
CA ILE J 224 -70.94 -46.16 35.55
C ILE J 224 -70.49 -44.99 34.68
N VAL J 225 -71.29 -43.93 34.62
CA VAL J 225 -71.13 -42.88 33.61
C VAL J 225 -70.35 -41.69 34.17
N LEU J 226 -69.34 -41.26 33.41
CA LEU J 226 -68.54 -40.08 33.74
C LEU J 226 -68.95 -38.86 32.92
N GLY J 227 -68.84 -38.97 31.60
CA GLY J 227 -69.08 -37.83 30.73
C GLY J 227 -69.70 -38.29 29.43
N GLY J 228 -70.12 -37.31 28.62
CA GLY J 228 -70.87 -37.61 27.42
C GLY J 228 -70.69 -36.56 26.34
N ALA J 229 -71.22 -36.89 25.17
CA ALA J 229 -71.00 -36.11 23.95
C ALA J 229 -72.34 -35.76 23.33
N ASN J 230 -72.58 -34.46 23.13
CA ASN J 230 -73.81 -34.02 22.49
C ASN J 230 -73.69 -34.09 20.98
N GLU J 231 -74.72 -34.62 20.33
CA GLU J 231 -74.72 -34.69 18.88
C GLU J 231 -76.01 -34.21 18.27
N GLY J 232 -77.12 -34.26 19.01
CA GLY J 232 -78.43 -34.16 18.42
C GLY J 232 -79.42 -35.17 18.96
N ALA J 233 -79.94 -36.05 18.10
CA ALA J 233 -81.02 -36.95 18.50
C ALA J 233 -80.63 -37.93 19.61
N ARG J 234 -79.71 -38.84 19.34
CA ARG J 234 -79.31 -39.86 20.33
C ARG J 234 -77.93 -39.55 20.85
N THR J 235 -77.85 -39.27 22.15
CA THR J 235 -76.64 -38.73 22.75
C THR J 235 -75.69 -39.85 23.13
N ALA J 236 -74.41 -39.51 23.27
CA ALA J 236 -73.35 -40.46 23.58
C ALA J 236 -72.75 -40.14 24.94
N LEU J 237 -72.15 -41.16 25.55
CA LEU J 237 -71.69 -41.06 26.92
C LEU J 237 -70.57 -42.06 27.17
N SER J 238 -69.65 -41.68 28.05
CA SER J 238 -68.47 -42.49 28.33
C SER J 238 -68.63 -43.18 29.68
N VAL J 239 -68.53 -44.51 29.69
CA VAL J 239 -68.68 -45.27 30.93
C VAL J 239 -67.47 -46.17 31.11
N VAL J 240 -67.25 -46.55 32.34
CA VAL J 240 -66.33 -47.62 32.68
C VAL J 240 -67.13 -48.90 32.88
N THR J 241 -66.63 -50.02 32.36
CA THR J 241 -67.41 -51.24 32.40
C THR J 241 -66.50 -52.43 32.59
N TRP J 242 -67.11 -53.56 32.94
CA TRP J 242 -66.38 -54.75 33.29
C TRP J 242 -66.02 -55.60 32.08
N ASN J 243 -64.90 -56.29 32.20
CA ASN J 243 -64.62 -57.45 31.36
C ASN J 243 -63.70 -58.38 32.15
N LYS J 244 -64.29 -59.39 32.78
CA LYS J 244 -63.60 -60.51 33.42
C LYS J 244 -62.32 -60.07 34.15
N ASP J 245 -62.51 -59.16 35.12
CA ASP J 245 -61.48 -58.61 35.99
C ASP J 245 -60.43 -57.77 35.26
N MET J 246 -60.59 -57.52 33.96
CA MET J 246 -59.68 -56.65 33.21
C MET J 246 -60.53 -55.46 32.75
N VAL J 247 -60.54 -54.41 33.57
CA VAL J 247 -61.54 -53.33 33.47
C VAL J 247 -60.90 -52.11 32.83
N THR J 248 -61.58 -51.53 31.85
CA THR J 248 -61.07 -50.40 31.09
C THR J 248 -62.04 -49.23 31.12
N LYS J 249 -61.71 -48.21 30.34
CA LYS J 249 -62.53 -47.05 30.10
C LYS J 249 -62.84 -46.98 28.62
N ILE J 250 -64.02 -46.46 28.27
CA ILE J 250 -64.36 -46.24 26.87
C ILE J 250 -65.10 -44.92 26.73
N THR J 251 -64.63 -44.08 25.81
CA THR J 251 -65.24 -42.79 25.57
C THR J 251 -65.69 -42.68 24.12
N PRO J 252 -66.74 -41.90 23.87
CA PRO J 252 -66.97 -41.40 22.51
C PRO J 252 -66.13 -40.15 22.27
N GLU J 253 -66.01 -39.78 21.00
CA GLU J 253 -65.15 -38.66 20.62
C GLU J 253 -66.00 -37.44 20.36
N GLY J 254 -65.80 -36.39 21.17
CA GLY J 254 -66.61 -35.20 21.08
C GLY J 254 -67.33 -34.88 22.38
N THR J 255 -66.75 -35.28 23.50
CA THR J 255 -67.43 -35.18 24.79
C THR J 255 -67.11 -33.86 25.50
N GLU J 256 -67.98 -33.54 26.46
CA GLU J 256 -67.65 -32.67 27.57
C GLU J 256 -67.89 -33.48 28.84
N GLU J 257 -66.91 -33.48 29.73
CA GLU J 257 -67.06 -34.23 30.97
C GLU J 257 -68.20 -33.66 31.80
N TRP J 258 -69.01 -34.55 32.37
CA TRP J 258 -70.20 -34.12 33.09
C TRP J 258 -69.85 -33.84 34.54
N TYR K 1 15.49 -28.14 9.78
CA TYR K 1 14.22 -28.65 10.27
C TYR K 1 13.62 -27.72 11.32
N GLU K 2 12.37 -27.32 11.10
CA GLU K 2 11.68 -26.37 11.97
C GLU K 2 10.79 -27.12 12.96
N HIS K 3 11.03 -26.90 14.24
CA HIS K 3 10.31 -27.57 15.31
C HIS K 3 10.42 -26.71 16.57
N THR K 4 9.32 -26.59 17.30
CA THR K 4 9.27 -25.73 18.47
C THR K 4 8.94 -26.54 19.71
N ALA K 5 9.07 -25.89 20.86
CA ALA K 5 8.78 -26.54 22.13
C ALA K 5 8.42 -25.49 23.17
N VAL K 6 7.92 -25.95 24.31
CA VAL K 6 7.50 -25.09 25.41
C VAL K 6 8.12 -25.67 26.67
N ILE K 7 9.19 -25.04 27.16
CA ILE K 7 9.92 -25.58 28.29
C ILE K 7 9.62 -24.73 29.52
N PRO K 8 9.74 -25.27 30.73
CA PRO K 8 9.57 -24.43 31.92
C PRO K 8 10.85 -23.72 32.31
N ASN K 9 10.66 -22.58 32.96
CA ASN K 9 11.78 -21.75 33.43
C ASN K 9 11.99 -22.04 34.91
N GLN K 10 12.70 -23.14 35.16
CA GLN K 10 13.13 -23.49 36.50
C GLN K 10 14.58 -23.91 36.43
N VAL K 11 15.40 -23.41 37.37
CA VAL K 11 16.82 -23.74 37.36
C VAL K 11 17.01 -25.22 37.62
N GLY K 12 17.75 -25.87 36.74
CA GLY K 12 18.19 -27.23 36.98
C GLY K 12 17.24 -28.32 36.58
N PHE K 13 15.99 -28.02 36.28
CA PHE K 13 15.08 -29.07 35.89
C PHE K 13 15.40 -29.56 34.48
N PRO K 14 15.77 -30.82 34.29
CA PRO K 14 16.18 -31.29 32.97
C PRO K 14 14.96 -31.58 32.11
N TYR K 15 14.81 -30.84 31.02
CA TYR K 15 13.68 -30.99 30.12
C TYR K 15 14.08 -31.74 28.87
N LYS K 16 13.14 -32.51 28.34
CA LYS K 16 13.38 -33.33 27.16
C LYS K 16 12.39 -32.94 26.06
N ALA K 17 12.90 -32.88 24.83
CA ALA K 17 12.07 -32.66 23.65
C ALA K 17 12.45 -33.68 22.60
N HIS K 18 11.47 -34.47 22.18
CA HIS K 18 11.70 -35.58 21.27
C HIS K 18 11.18 -35.22 19.88
N VAL K 19 11.98 -35.53 18.86
CA VAL K 19 11.70 -35.14 17.49
C VAL K 19 11.57 -36.38 16.63
N ALA K 20 10.40 -36.57 16.03
CA ALA K 20 10.15 -37.68 15.10
C ALA K 20 10.32 -37.13 13.69
N ARG K 21 11.53 -37.29 13.15
CA ARG K 21 11.88 -36.77 11.84
C ARG K 21 12.01 -37.93 10.85
N GLU K 22 11.65 -37.68 9.61
CA GLU K 22 11.54 -38.75 8.63
C GLU K 22 12.88 -39.12 8.03
N GLY K 23 12.99 -40.39 7.65
CA GLY K 23 14.19 -40.87 6.98
C GLY K 23 15.42 -40.91 7.84
N TYR K 24 15.28 -40.78 9.16
CA TYR K 24 16.41 -40.83 10.07
C TYR K 24 15.93 -41.40 11.40
N SER K 25 16.88 -41.90 12.17
CA SER K 25 16.56 -42.35 13.52
C SER K 25 16.10 -41.16 14.36
N PRO K 26 15.12 -41.35 15.24
CA PRO K 26 14.57 -40.22 15.99
C PRO K 26 15.61 -39.58 16.91
N LEU K 27 15.33 -38.35 17.32
CA LEU K 27 16.31 -37.49 17.96
C LEU K 27 15.77 -36.96 19.28
N THR K 28 16.68 -36.77 20.24
CA THR K 28 16.33 -36.28 21.56
C THR K 28 17.23 -35.10 21.91
N LEU K 29 16.63 -34.02 22.38
CA LEU K 29 17.35 -32.85 22.85
C LEU K 29 17.04 -32.60 24.32
N GLN K 30 18.02 -32.12 25.06
CA GLN K 30 17.85 -31.78 26.47
C GLN K 30 18.36 -30.36 26.70
N MET K 31 17.65 -29.61 27.54
CA MET K 31 18.06 -28.26 27.88
C MET K 31 17.65 -27.90 29.31
N GLN K 32 18.50 -27.11 29.96
CA GLN K 32 18.27 -26.66 31.32
C GLN K 32 18.93 -25.30 31.48
N VAL K 33 18.29 -24.42 32.23
CA VAL K 33 18.72 -23.04 32.36
C VAL K 33 19.39 -22.85 33.71
N VAL K 34 20.31 -21.89 33.80
CA VAL K 34 20.86 -21.58 35.11
C VAL K 34 20.67 -20.12 35.53
N GLU K 35 21.24 -19.17 34.80
CA GLU K 35 21.23 -17.77 35.25
C GLU K 35 20.22 -16.96 34.45
N THR K 36 18.96 -17.02 34.87
CA THR K 36 17.87 -16.33 34.16
C THR K 36 17.55 -14.94 34.74
N SER K 37 18.53 -14.04 34.69
CA SER K 37 18.38 -12.73 35.31
C SER K 37 17.40 -11.83 34.55
N LEU K 38 16.43 -11.26 35.27
CA LEU K 38 15.54 -10.21 34.73
C LEU K 38 16.15 -8.82 34.86
N GLU K 39 17.13 -8.49 34.03
CA GLU K 39 17.73 -7.15 34.08
C GLU K 39 16.74 -6.08 33.63
N PRO K 40 16.18 -5.27 34.51
CA PRO K 40 15.20 -4.27 34.09
C PRO K 40 15.91 -3.07 33.47
N THR K 41 15.11 -2.20 32.86
CA THR K 41 15.60 -0.87 32.50
C THR K 41 15.56 0.00 33.74
N LEU K 42 15.84 1.29 33.59
CA LEU K 42 15.96 2.16 34.74
C LEU K 42 15.80 3.60 34.26
N ASN K 43 15.65 4.51 35.22
CA ASN K 43 15.47 5.93 34.97
C ASN K 43 15.99 6.66 36.19
N LEU K 44 15.90 7.98 36.24
CA LEU K 44 16.46 8.68 37.39
C LEU K 44 15.56 9.85 37.75
N GLU K 45 15.44 10.11 39.04
CA GLU K 45 14.72 11.29 39.49
C GLU K 45 15.62 12.25 40.25
N TYR K 46 16.30 11.79 41.29
CA TYR K 46 17.25 12.61 42.02
C TYR K 46 18.08 11.73 42.96
N ILE K 47 18.94 12.39 43.75
CA ILE K 47 19.87 11.74 44.66
C ILE K 47 19.65 12.36 46.04
N THR K 48 20.27 11.78 47.07
CA THR K 48 20.10 12.25 48.44
C THR K 48 21.25 11.75 49.30
N CYS K 49 21.81 12.64 50.10
CA CYS K 49 22.81 12.26 51.09
C CYS K 49 22.64 13.18 52.31
N ASP K 50 23.62 13.15 53.20
CA ASP K 50 23.58 13.99 54.40
C ASP K 50 24.01 15.40 54.06
N TYR K 51 24.16 16.25 55.06
CA TYR K 51 24.55 17.63 54.80
C TYR K 51 25.57 18.08 55.83
N LYS K 52 25.94 19.35 55.73
CA LYS K 52 26.89 19.97 56.64
C LYS K 52 26.56 21.45 56.67
N THR K 53 26.38 21.98 57.88
CA THR K 53 25.99 23.38 58.04
C THR K 53 27.24 24.23 58.01
N LYS K 54 27.53 24.80 56.85
CA LYS K 54 28.69 25.68 56.68
C LYS K 54 28.41 27.01 57.35
N VAL K 55 28.79 27.12 58.62
CA VAL K 55 28.64 28.36 59.36
C VAL K 55 29.94 29.15 59.25
N PRO K 56 29.89 30.43 58.90
CA PRO K 56 31.11 31.22 58.83
C PRO K 56 31.47 31.75 60.20
N SER K 57 32.49 32.59 60.26
CA SER K 57 32.82 33.30 61.47
C SER K 57 31.74 34.33 61.79
N PRO K 58 31.58 34.70 63.06
CA PRO K 58 30.62 35.74 63.42
C PRO K 58 31.22 37.13 63.24
N TYR K 59 30.34 38.11 63.07
CA TYR K 59 30.71 39.48 62.75
C TYR K 59 30.09 40.43 63.76
N VAL K 60 30.92 41.34 64.30
CA VAL K 60 30.50 42.32 65.29
C VAL K 60 30.90 43.71 64.82
N LYS K 61 30.40 44.72 65.51
CA LYS K 61 30.76 46.11 65.26
C LYS K 61 30.46 46.91 66.52
N CYS K 62 31.19 48.02 66.70
CA CYS K 62 31.03 48.87 67.88
C CYS K 62 30.22 50.11 67.51
N CYS K 63 28.98 50.17 68.00
CA CYS K 63 27.99 51.20 67.67
C CYS K 63 28.01 51.58 66.19
N GLY K 64 27.82 50.57 65.36
CA GLY K 64 27.52 50.71 63.95
C GLY K 64 26.82 49.44 63.49
N THR K 65 25.84 49.56 62.62
CA THR K 65 25.01 48.42 62.27
C THR K 65 25.45 47.84 60.93
N ALA K 66 24.68 46.88 60.43
CA ALA K 66 24.90 46.30 59.11
C ALA K 66 23.60 45.67 58.65
N GLU K 67 23.63 45.11 57.44
CA GLU K 67 22.48 44.43 56.87
C GLU K 67 22.98 43.20 56.13
N CYS K 68 22.04 42.40 55.61
CA CYS K 68 22.34 41.13 54.97
C CYS K 68 22.34 41.32 53.46
N ARG K 69 23.50 41.65 52.92
CA ARG K 69 23.67 41.64 51.48
C ARG K 69 23.56 40.20 50.97
N THR K 70 22.70 39.99 49.98
CA THR K 70 22.34 38.63 49.60
C THR K 70 23.49 37.91 48.92
N GLN K 71 23.46 36.58 49.02
CA GLN K 71 24.50 35.72 48.47
C GLN K 71 23.81 34.48 47.90
N ASP K 72 23.94 34.28 46.59
CA ASP K 72 23.17 33.24 45.92
C ASP K 72 23.72 31.84 46.22
N LYS K 73 23.53 31.39 47.44
CA LYS K 73 23.93 30.06 47.86
C LYS K 73 22.66 29.32 48.25
N PRO K 74 22.70 28.01 48.54
CA PRO K 74 21.50 27.33 49.03
C PRO K 74 21.30 27.61 50.52
N GLU K 75 20.08 28.05 50.86
CA GLU K 75 19.67 28.28 52.24
C GLU K 75 20.53 29.34 52.92
N TYR K 76 20.70 30.47 52.24
CA TYR K 76 21.48 31.58 52.78
C TYR K 76 20.54 32.50 53.55
N LYS K 77 20.26 32.12 54.79
CA LYS K 77 19.54 32.99 55.70
C LYS K 77 20.53 33.86 56.45
N CYS K 78 20.05 34.99 56.94
CA CYS K 78 20.89 35.92 57.67
C CYS K 78 20.02 36.79 58.55
N ALA K 79 20.62 37.33 59.60
CA ALA K 79 19.92 38.25 60.49
C ALA K 79 20.95 39.14 61.17
N VAL K 80 20.45 40.07 61.96
CA VAL K 80 21.26 41.08 62.64
C VAL K 80 20.60 41.44 63.95
N PHE K 81 21.36 41.45 65.04
CA PHE K 81 20.80 41.71 66.36
C PHE K 81 21.61 42.76 67.09
N THR K 82 21.00 43.30 68.14
CA THR K 82 21.58 44.36 68.96
C THR K 82 21.49 43.95 70.42
N GLY K 83 22.23 44.68 71.27
CA GLY K 83 22.23 44.38 72.69
C GLY K 83 23.23 43.32 73.07
N VAL K 84 24.51 43.55 72.79
CA VAL K 84 25.55 42.53 72.91
C VAL K 84 26.71 43.12 73.70
N TYR K 85 27.33 42.28 74.55
CA TYR K 85 28.46 42.69 75.38
C TYR K 85 29.47 41.55 75.39
N PRO K 86 30.16 41.35 74.28
CA PRO K 86 30.88 40.08 74.06
C PRO K 86 32.22 40.02 74.76
N PHE K 87 32.31 39.17 75.78
CA PHE K 87 33.57 38.92 76.45
C PHE K 87 34.52 38.13 75.54
N MET K 88 35.81 38.15 75.88
CA MET K 88 36.81 37.37 75.15
C MET K 88 37.81 36.86 76.18
N TRP K 89 38.96 36.36 75.71
CA TRP K 89 40.03 35.96 76.62
C TRP K 89 40.54 37.14 77.43
N GLY K 90 40.73 38.29 76.78
CA GLY K 90 41.18 39.47 77.47
C GLY K 90 40.04 40.23 78.14
N GLY K 91 38.97 39.52 78.47
CA GLY K 91 37.86 40.11 79.18
C GLY K 91 36.96 40.91 78.28
N ALA K 92 36.87 42.21 78.53
CA ALA K 92 35.98 43.08 77.78
C ALA K 92 36.45 43.22 76.34
N TYR K 93 35.62 43.89 75.54
CA TYR K 93 35.82 43.98 74.10
C TYR K 93 35.95 45.40 73.58
N CYS K 94 35.14 46.33 74.07
CA CYS K 94 35.08 47.65 73.48
C CYS K 94 34.40 48.60 74.47
N PHE K 95 34.34 49.87 74.07
CA PHE K 95 33.66 50.91 74.86
C PHE K 95 32.52 51.46 74.00
N CYS K 96 31.37 50.81 74.09
CA CYS K 96 30.09 51.39 73.65
C CYS K 96 29.02 50.53 74.30
N ASP K 97 28.22 51.13 75.20
CA ASP K 97 27.48 50.32 76.17
C ASP K 97 26.37 49.51 75.50
N SER K 98 25.38 50.17 74.90
CA SER K 98 24.18 49.48 74.45
C SER K 98 23.83 49.79 73.00
N GLU K 99 24.85 50.00 72.17
CA GLU K 99 24.63 50.32 70.76
C GLU K 99 25.32 49.33 69.83
N ASN K 100 25.90 48.26 70.37
CA ASN K 100 26.67 47.33 69.56
C ASN K 100 25.74 46.32 68.88
N THR K 101 26.27 45.71 67.82
CA THR K 101 25.45 45.01 66.84
C THR K 101 26.11 43.70 66.46
N GLN K 102 25.30 42.70 66.12
CA GLN K 102 25.77 41.35 65.81
C GLN K 102 25.35 40.96 64.39
N MET K 103 26.28 40.34 63.65
CA MET K 103 26.03 39.90 62.28
C MET K 103 26.44 38.44 62.14
N SER K 104 25.59 37.64 61.48
CA SER K 104 25.83 36.22 61.32
C SER K 104 25.01 35.72 60.14
N GLU K 105 25.37 34.53 59.65
CA GLU K 105 24.61 33.90 58.58
C GLU K 105 24.85 32.39 58.61
N ALA K 106 24.08 31.68 57.78
CA ALA K 106 24.20 30.24 57.67
C ALA K 106 23.81 29.82 56.26
N TYR K 107 24.41 28.73 55.79
CA TYR K 107 24.08 28.16 54.48
C TYR K 107 24.65 26.75 54.42
N VAL K 108 23.88 25.85 53.83
CA VAL K 108 24.16 24.42 53.88
C VAL K 108 24.55 23.93 52.48
N GLU K 109 25.57 23.09 52.43
CA GLU K 109 26.04 22.49 51.19
C GLU K 109 25.97 20.99 51.28
N ARG K 110 25.80 20.34 50.13
CA ARG K 110 25.88 18.88 50.03
C ARG K 110 27.25 18.42 50.49
N ALA K 111 27.30 17.71 51.62
CA ALA K 111 28.57 17.46 52.31
C ALA K 111 29.48 16.58 51.46
N ASP K 112 30.76 16.94 51.45
CA ASP K 112 31.73 16.33 50.55
C ASP K 112 31.85 14.81 50.76
N VAL K 113 31.74 14.36 52.01
CA VAL K 113 31.96 12.96 52.33
C VAL K 113 30.81 12.07 51.88
N CYS K 114 29.77 12.64 51.26
CA CYS K 114 28.70 11.82 50.71
C CYS K 114 28.90 11.57 49.22
N LYS K 115 30.04 11.97 48.67
CA LYS K 115 30.35 11.68 47.28
C LYS K 115 30.44 10.18 47.02
N HIS K 116 30.73 9.38 48.05
CA HIS K 116 30.96 7.96 47.91
C HIS K 116 30.02 7.11 48.75
N ASP K 117 29.11 7.73 49.51
CA ASP K 117 28.07 7.01 50.25
C ASP K 117 26.76 7.77 50.06
N TYR K 118 26.01 7.37 49.04
CA TYR K 118 24.82 8.09 48.61
C TYR K 118 23.64 7.14 48.53
N ALA K 119 22.47 7.72 48.27
CA ALA K 119 21.26 6.96 47.99
C ALA K 119 20.64 7.50 46.71
N ALA K 120 20.10 6.61 45.90
CA ALA K 120 19.54 6.99 44.61
C ALA K 120 18.06 6.63 44.55
N ALA K 121 17.30 7.46 43.85
CA ALA K 121 15.87 7.27 43.69
C ALA K 121 15.55 7.12 42.21
N TYR K 122 14.89 6.02 41.86
CA TYR K 122 14.63 5.67 40.47
C TYR K 122 13.15 5.44 40.24
N ARG K 123 12.67 5.84 39.07
CA ARG K 123 11.51 5.20 38.48
C ARG K 123 11.99 4.06 37.60
N ALA K 124 11.09 3.15 37.26
CA ALA K 124 11.52 1.96 36.54
C ALA K 124 10.43 1.49 35.60
N HIS K 125 10.85 0.86 34.51
CA HIS K 125 9.97 0.35 33.46
C HIS K 125 10.31 -1.13 33.19
N THR K 126 9.72 -1.67 32.12
CA THR K 126 9.71 -3.11 31.82
C THR K 126 11.08 -3.77 31.85
N ALA K 127 11.08 -5.08 32.12
CA ALA K 127 12.28 -5.87 32.25
C ALA K 127 12.43 -6.85 31.09
N SER K 128 13.64 -7.37 30.93
CA SER K 128 13.95 -8.33 29.88
C SER K 128 14.89 -9.38 30.43
N LEU K 129 14.58 -10.64 30.15
CA LEU K 129 15.31 -11.76 30.72
C LEU K 129 16.65 -11.94 30.04
N ARG K 130 17.50 -12.77 30.64
CA ARG K 130 18.74 -13.21 29.98
C ARG K 130 18.93 -14.69 30.34
N ALA K 131 18.45 -15.59 29.50
CA ALA K 131 18.63 -17.00 29.75
C ALA K 131 20.04 -17.44 29.34
N LYS K 132 20.54 -18.49 30.01
CA LYS K 132 21.89 -19.01 29.77
C LYS K 132 21.83 -20.54 29.86
N ILE K 133 21.76 -21.21 28.72
CA ILE K 133 21.38 -22.62 28.68
C ILE K 133 22.56 -23.51 28.30
N LYS K 134 22.53 -24.75 28.77
CA LYS K 134 23.29 -25.86 28.19
C LYS K 134 22.34 -26.68 27.34
N VAL K 135 22.78 -27.12 26.16
CA VAL K 135 21.84 -27.59 25.16
C VAL K 135 22.01 -29.07 24.86
N THR K 136 22.98 -29.72 25.49
CA THR K 136 22.99 -31.15 25.87
C THR K 136 22.40 -32.11 24.84
N TYR K 137 22.97 -32.22 23.64
CA TYR K 137 22.51 -33.29 22.74
C TYR K 137 23.70 -33.89 22.01
N GLY K 138 23.41 -34.77 21.04
CA GLY K 138 24.37 -35.74 20.56
C GLY K 138 25.72 -35.18 20.13
N THR K 139 25.75 -33.93 19.70
CA THR K 139 27.01 -33.23 19.45
C THR K 139 27.45 -32.55 20.74
N VAL K 140 28.77 -32.64 21.03
CA VAL K 140 29.48 -32.23 22.27
C VAL K 140 28.82 -30.97 22.85
N ASN K 141 27.95 -31.21 23.86
CA ASN K 141 27.08 -30.22 24.53
C ASN K 141 27.77 -28.86 24.70
N GLN K 142 27.17 -27.82 24.10
CA GLN K 142 27.67 -26.45 24.14
C GLN K 142 26.74 -25.61 25.02
N THR K 143 27.21 -24.44 25.46
CA THR K 143 26.46 -23.53 26.31
C THR K 143 26.09 -22.28 25.51
N VAL K 144 24.85 -21.83 25.65
CA VAL K 144 24.34 -20.67 24.94
C VAL K 144 23.86 -19.66 25.96
N GLU K 145 23.83 -18.40 25.56
CA GLU K 145 23.32 -17.33 26.40
C GLU K 145 22.54 -16.36 25.54
N ALA K 146 21.38 -15.93 26.02
CA ALA K 146 20.53 -15.14 25.16
C ALA K 146 19.63 -14.23 25.96
N TYR K 147 19.21 -13.14 25.32
CA TYR K 147 18.07 -12.37 25.75
C TYR K 147 16.82 -13.08 25.26
N VAL K 148 15.86 -13.30 26.15
CA VAL K 148 14.84 -14.29 25.84
C VAL K 148 13.86 -13.75 24.82
N ASN K 149 13.61 -12.44 24.81
CA ASN K 149 12.60 -11.88 23.93
C ASN K 149 13.15 -10.72 23.11
N GLY K 150 14.47 -10.60 23.02
CA GLY K 150 15.02 -9.82 21.92
C GLY K 150 14.87 -10.51 20.58
N ASP K 151 14.51 -11.80 20.62
CA ASP K 151 14.41 -12.66 19.45
C ASP K 151 15.70 -12.60 18.64
N HIS K 152 16.83 -12.64 19.34
CA HIS K 152 18.10 -12.37 18.71
C HIS K 152 18.88 -13.63 18.37
N ALA K 153 18.28 -14.79 18.62
CA ALA K 153 18.46 -15.99 17.80
C ALA K 153 19.93 -16.38 17.63
N VAL K 154 20.54 -16.77 18.75
CA VAL K 154 21.93 -17.20 18.68
C VAL K 154 21.99 -18.57 17.97
N THR K 155 23.18 -18.89 17.45
CA THR K 155 23.41 -20.11 16.69
C THR K 155 24.53 -20.92 17.34
N ILE K 156 24.43 -22.23 17.22
CA ILE K 156 25.46 -23.15 17.69
C ILE K 156 25.49 -24.37 16.76
N ALA K 157 26.70 -24.72 16.30
CA ALA K 157 27.00 -25.98 15.64
C ALA K 157 26.21 -26.19 14.34
N GLY K 158 25.78 -25.10 13.72
CA GLY K 158 24.99 -25.19 12.51
C GLY K 158 23.50 -25.07 12.72
N THR K 159 23.07 -24.76 13.94
CA THR K 159 21.66 -24.75 14.28
C THR K 159 21.30 -23.38 14.86
N LYS K 160 20.13 -22.86 14.50
CA LYS K 160 19.73 -21.50 14.86
C LYS K 160 18.59 -21.57 15.88
N PHE K 161 18.90 -21.26 17.13
CA PHE K 161 17.93 -21.28 18.21
C PHE K 161 17.37 -19.89 18.43
N ILE K 162 16.04 -19.77 18.45
CA ILE K 162 15.36 -18.56 18.87
C ILE K 162 14.60 -18.88 20.14
N PHE K 163 14.34 -17.85 20.94
CA PHE K 163 13.71 -18.03 22.24
C PHE K 163 12.49 -17.11 22.36
N GLY K 164 11.81 -17.21 23.50
CA GLY K 164 10.71 -16.35 23.83
C GLY K 164 9.54 -16.49 22.88
N PRO K 165 8.64 -15.49 22.86
CA PRO K 165 8.49 -14.37 23.80
C PRO K 165 8.00 -14.74 25.19
N VAL K 166 8.51 -14.05 26.20
CA VAL K 166 8.18 -14.34 27.59
C VAL K 166 6.85 -13.68 27.95
N SER K 167 6.10 -14.33 28.85
CA SER K 167 4.73 -13.92 29.14
C SER K 167 4.67 -12.97 30.35
N THR K 168 3.98 -11.85 30.16
CA THR K 168 3.49 -10.92 31.18
C THR K 168 4.59 -10.10 31.84
N ALA K 169 5.86 -10.41 31.54
CA ALA K 169 7.03 -9.76 32.12
C ALA K 169 6.88 -9.51 33.62
N TRP K 170 6.36 -10.49 34.35
CA TRP K 170 6.06 -10.31 35.77
C TRP K 170 7.31 -9.95 36.54
N THR K 171 7.27 -8.82 37.23
CA THR K 171 8.46 -8.31 37.87
C THR K 171 8.24 -8.12 39.36
N PRO K 172 9.24 -8.38 40.18
CA PRO K 172 9.17 -8.09 41.61
C PRO K 172 9.55 -6.65 41.92
N PHE K 173 9.02 -5.71 41.14
CA PHE K 173 9.39 -4.32 41.30
C PHE K 173 8.15 -3.45 41.28
N ASP K 174 8.12 -2.48 42.17
CA ASP K 174 7.17 -1.39 42.11
C ASP K 174 7.75 -0.34 41.18
N THR K 175 7.15 0.84 41.12
CA THR K 175 7.53 1.83 40.13
C THR K 175 8.30 3.01 40.72
N LYS K 176 8.71 2.93 41.97
CA LYS K 176 9.39 4.03 42.66
C LYS K 176 10.61 3.53 43.42
N ILE K 177 11.47 2.77 42.72
CA ILE K 177 12.62 2.12 43.34
C ILE K 177 13.55 3.12 44.02
N VAL K 178 14.14 2.70 45.15
CA VAL K 178 15.20 3.44 45.82
C VAL K 178 16.32 2.47 46.19
N VAL K 179 17.56 2.90 45.99
CA VAL K 179 18.73 2.04 46.08
C VAL K 179 19.70 2.63 47.10
N TYR K 180 20.18 1.80 48.01
CA TYR K 180 21.26 2.15 48.93
C TYR K 180 22.46 1.24 48.62
N LYS K 181 23.53 1.41 49.41
CA LYS K 181 24.89 0.94 49.14
C LYS K 181 24.98 -0.43 48.50
N GLY K 182 24.22 -1.40 49.00
CA GLY K 182 24.13 -2.69 48.35
C GLY K 182 22.75 -3.30 48.39
N GLU K 183 21.71 -2.49 48.53
CA GLU K 183 20.35 -2.97 48.73
C GLU K 183 19.38 -2.14 47.90
N VAL K 184 18.13 -2.61 47.84
CA VAL K 184 17.05 -1.88 47.18
C VAL K 184 15.87 -1.84 48.13
N TYR K 185 14.97 -0.88 47.90
CA TYR K 185 13.74 -0.77 48.66
C TYR K 185 12.62 -0.30 47.75
N ASN K 186 11.39 -0.52 48.20
CA ASN K 186 10.21 0.07 47.59
C ASN K 186 9.63 1.10 48.55
N GLN K 187 9.62 2.35 48.13
CA GLN K 187 9.09 3.43 48.94
C GLN K 187 8.33 4.39 48.04
N ASP K 188 7.84 5.47 48.62
CA ASP K 188 7.24 6.57 47.88
C ASP K 188 8.13 7.78 48.13
N PHE K 189 9.03 8.05 47.21
CA PHE K 189 9.91 9.14 47.58
C PHE K 189 9.28 10.48 47.24
N PRO K 190 9.60 11.54 47.98
CA PRO K 190 8.91 12.82 47.81
C PRO K 190 9.22 13.44 46.46
N PRO K 191 8.21 13.92 45.77
CA PRO K 191 8.32 14.34 44.36
C PRO K 191 9.03 15.67 44.16
N TYR K 192 10.33 15.68 44.48
CA TYR K 192 11.27 16.75 44.21
C TYR K 192 10.99 18.03 44.99
N GLY K 193 9.91 18.07 45.76
CA GLY K 193 9.69 19.12 46.73
C GLY K 193 9.54 18.49 48.09
N ALA K 194 10.52 18.69 48.97
CA ALA K 194 10.51 18.02 50.27
C ALA K 194 9.55 18.77 51.20
N GLY K 195 8.26 18.53 50.95
CA GLY K 195 7.19 19.15 51.73
C GLY K 195 7.30 18.91 53.22
N GLN K 196 8.08 17.92 53.62
CA GLN K 196 8.43 17.73 55.01
C GLN K 196 9.95 17.62 55.12
N PRO K 197 10.58 18.41 55.97
CA PRO K 197 11.97 18.15 56.35
C PRO K 197 11.99 17.06 57.42
N GLY K 198 13.20 16.67 57.80
CA GLY K 198 13.34 15.56 58.74
C GLY K 198 12.83 14.25 58.21
N ARG K 199 12.73 14.10 56.89
CA ARG K 199 12.28 12.88 56.26
C ARG K 199 13.38 12.37 55.35
N PHE K 200 13.07 11.33 54.58
CA PHE K 200 13.98 10.87 53.54
C PHE K 200 13.83 11.73 52.30
N GLY K 201 14.94 11.95 51.61
CA GLY K 201 14.92 12.87 50.49
C GLY K 201 14.79 14.30 50.91
N ASP K 202 15.30 14.65 52.08
CA ASP K 202 15.17 16.01 52.59
C ASP K 202 15.95 17.00 51.75
N ILE K 203 17.16 16.62 51.32
CA ILE K 203 17.94 17.42 50.38
C ILE K 203 18.11 16.59 49.12
N GLN K 204 18.21 17.28 47.97
CA GLN K 204 18.25 16.60 46.69
C GLN K 204 19.29 17.24 45.78
N SER K 205 19.60 16.51 44.71
CA SER K 205 20.52 16.97 43.67
C SER K 205 20.25 16.15 42.43
N ARG K 206 20.31 16.78 41.26
CA ARG K 206 19.98 16.08 40.02
C ARG K 206 21.01 15.01 39.68
N THR K 207 22.24 15.18 40.13
CA THR K 207 23.31 14.22 39.92
C THR K 207 24.43 14.56 40.90
N LEU K 208 25.55 13.85 40.79
CA LEU K 208 26.69 14.16 41.63
C LEU K 208 27.41 15.43 41.22
N ASP K 209 27.08 16.00 40.06
CA ASP K 209 27.77 17.16 39.54
C ASP K 209 26.87 18.36 39.34
N SER K 210 25.58 18.26 39.63
CA SER K 210 24.71 19.43 39.51
C SER K 210 25.11 20.47 40.56
N LYS K 211 25.13 21.73 40.15
CA LYS K 211 25.72 22.78 40.95
C LYS K 211 24.74 23.45 41.89
N ASP K 212 23.57 22.86 42.12
CA ASP K 212 22.55 23.51 42.93
C ASP K 212 21.69 22.45 43.62
N LEU K 213 22.01 22.17 44.87
CA LEU K 213 21.19 21.26 45.65
C LEU K 213 20.03 22.01 46.27
N TYR K 214 18.95 21.29 46.51
CA TYR K 214 17.71 21.87 47.03
C TYR K 214 17.48 21.33 48.43
N ALA K 215 17.31 22.25 49.38
CA ALA K 215 17.14 21.86 50.77
C ALA K 215 15.99 22.63 51.39
N ASN K 216 15.09 21.91 52.02
CA ASN K 216 14.04 22.49 52.86
C ASN K 216 14.31 22.15 54.32
N THR K 217 15.59 22.20 54.70
CA THR K 217 16.07 21.70 55.98
C THR K 217 15.46 22.39 57.19
N GLY K 218 14.78 23.53 57.01
CA GLY K 218 14.16 24.19 58.13
C GLY K 218 15.20 24.74 59.09
N LEU K 219 15.96 25.72 58.66
CA LEU K 219 17.02 26.31 59.46
C LEU K 219 16.69 27.78 59.71
N LYS K 220 16.40 28.12 60.96
CA LYS K 220 16.32 29.50 61.39
C LYS K 220 17.40 29.77 62.44
N LEU K 221 17.86 31.01 62.49
CA LEU K 221 18.85 31.41 63.48
C LEU K 221 18.16 31.66 64.82
N ALA K 222 18.93 32.15 65.78
CA ALA K 222 18.42 32.46 67.10
C ALA K 222 19.11 33.72 67.60
N ARG K 223 18.96 34.02 68.87
CA ARG K 223 19.63 35.18 69.40
C ARG K 223 20.81 34.76 70.24
N PRO K 224 21.94 35.46 70.14
CA PRO K 224 23.07 35.14 71.01
C PRO K 224 22.72 35.42 72.46
N ALA K 225 23.38 34.69 73.35
CA ALA K 225 23.06 34.73 74.76
C ALA K 225 23.73 35.95 75.40
N ALA K 226 23.65 36.04 76.73
CA ALA K 226 24.23 37.15 77.46
C ALA K 226 25.71 36.91 77.71
N GLY K 227 26.53 37.88 77.32
CA GLY K 227 27.94 37.83 77.63
C GLY K 227 28.86 37.19 76.59
N ASN K 228 28.76 35.90 76.40
CA ASN K 228 29.77 35.20 75.60
C ASN K 228 29.52 35.40 74.11
N ILE K 229 30.48 34.96 73.30
CA ILE K 229 30.38 35.04 71.84
C ILE K 229 30.27 33.63 71.27
N HIS K 230 29.31 33.46 70.37
CA HIS K 230 28.98 32.18 69.74
C HIS K 230 27.94 32.47 68.67
N VAL K 231 27.55 31.43 67.94
CA VAL K 231 26.48 31.57 66.96
C VAL K 231 25.43 30.51 67.22
N PRO K 232 24.27 30.89 67.75
CA PRO K 232 23.23 29.90 67.99
C PRO K 232 22.38 29.63 66.77
N TYR K 233 22.26 28.37 66.40
CA TYR K 233 21.36 27.93 65.35
C TYR K 233 20.67 26.65 65.79
N THR K 234 19.40 26.52 65.44
CA THR K 234 18.59 25.36 65.82
C THR K 234 17.86 24.90 64.56
N GLN K 235 18.31 23.77 64.02
CA GLN K 235 17.64 23.19 62.87
C GLN K 235 17.46 21.69 63.11
N THR K 236 16.55 21.09 62.35
CA THR K 236 16.19 19.71 62.55
C THR K 236 17.38 18.79 62.26
N PRO K 237 17.39 17.57 62.80
CA PRO K 237 18.47 16.64 62.50
C PRO K 237 18.44 16.19 61.05
N SER K 238 19.47 15.42 60.69
CA SER K 238 19.69 15.02 59.31
C SER K 238 18.74 13.88 58.95
N GLY K 239 17.80 14.16 58.05
CA GLY K 239 16.81 13.16 57.67
C GLY K 239 17.40 11.90 57.07
N PHE K 240 18.59 11.99 56.50
CA PHE K 240 19.22 10.84 55.87
C PHE K 240 19.71 9.85 56.92
N LYS K 241 20.58 10.30 57.82
CA LYS K 241 21.13 9.45 58.86
C LYS K 241 20.10 9.00 59.89
N THR K 242 18.87 9.52 59.81
CA THR K 242 17.77 8.97 60.59
C THR K 242 16.79 8.18 59.73
N TRP K 243 16.94 8.21 58.40
CA TRP K 243 16.19 7.28 57.57
C TRP K 243 16.89 5.95 57.50
N GLN K 244 18.22 5.93 57.59
CA GLN K 244 18.94 4.67 57.48
C GLN K 244 18.62 3.69 58.61
N LYS K 245 17.91 4.13 59.65
CA LYS K 245 17.54 3.23 60.74
C LYS K 245 16.25 2.48 60.44
N ASP K 246 15.25 3.19 59.92
CA ASP K 246 13.90 2.64 59.74
C ASP K 246 13.71 1.97 58.39
N ARG K 247 14.77 1.48 57.77
CA ARG K 247 14.63 0.72 56.53
C ARG K 247 13.83 -0.56 56.76
N ASP K 248 14.40 -1.48 57.55
CA ASP K 248 13.81 -2.64 58.24
C ASP K 248 13.22 -3.69 57.33
N SER K 249 13.22 -3.47 56.03
CA SER K 249 12.46 -4.37 55.18
C SER K 249 12.91 -4.25 53.73
N PRO K 250 14.02 -4.87 53.35
CA PRO K 250 14.47 -4.79 51.96
C PRO K 250 13.51 -5.48 51.01
N LEU K 251 13.77 -5.27 49.73
CA LEU K 251 13.23 -6.17 48.72
C LEU K 251 14.00 -7.47 48.68
N ASN K 252 15.18 -7.52 49.29
CA ASN K 252 15.90 -8.78 49.40
C ASN K 252 15.13 -9.79 50.23
N ALA K 253 14.31 -9.33 51.17
CA ALA K 253 13.56 -10.25 52.02
C ALA K 253 12.21 -10.61 51.38
N LYS K 254 11.38 -9.60 51.13
CA LYS K 254 10.01 -9.84 50.68
C LYS K 254 9.92 -10.13 49.18
N ALA K 255 11.02 -10.45 48.52
CA ALA K 255 10.95 -10.74 47.09
C ALA K 255 10.19 -12.03 46.85
N PRO K 256 9.20 -12.03 45.96
CA PRO K 256 8.51 -13.26 45.64
C PRO K 256 9.32 -14.07 44.62
N PHE K 257 9.07 -15.37 44.63
CA PHE K 257 9.66 -16.33 43.71
C PHE K 257 11.17 -16.46 43.87
N GLY K 258 11.71 -15.97 44.99
CA GLY K 258 13.08 -16.26 45.37
C GLY K 258 14.15 -15.46 44.66
N CYS K 259 13.79 -14.42 43.93
CA CYS K 259 14.76 -13.70 43.10
C CYS K 259 15.82 -13.02 43.96
N THR K 260 17.07 -13.44 43.76
CA THR K 260 18.19 -12.79 44.43
C THR K 260 18.44 -11.43 43.78
N ILE K 261 18.61 -10.41 44.59
CA ILE K 261 18.79 -9.06 44.10
C ILE K 261 20.26 -8.69 44.17
N GLN K 262 20.75 -8.02 43.13
CA GLN K 262 22.13 -7.56 43.07
C GLN K 262 22.17 -6.11 42.64
N THR K 263 23.30 -5.47 42.87
CA THR K 263 23.48 -4.08 42.50
C THR K 263 24.66 -3.91 41.55
N ASN K 264 24.68 -2.75 40.89
CA ASN K 264 25.66 -2.36 39.87
C ASN K 264 25.73 -3.33 38.71
N PRO K 265 24.68 -3.43 37.87
CA PRO K 265 23.39 -2.74 37.92
C PRO K 265 22.40 -3.49 38.80
N VAL K 266 21.22 -2.91 38.99
CA VAL K 266 20.16 -3.64 39.67
C VAL K 266 19.68 -4.78 38.77
N ARG K 267 19.50 -5.96 39.35
CA ARG K 267 19.16 -7.16 38.58
C ARG K 267 18.61 -8.21 39.52
N ALA K 268 17.65 -8.98 39.02
CA ALA K 268 17.03 -10.05 39.79
C ALA K 268 17.18 -11.35 39.00
N MET K 269 17.97 -12.28 39.53
CA MET K 269 18.29 -13.52 38.83
C MET K 269 17.68 -14.74 39.49
N ASN K 270 17.51 -15.79 38.68
CA ASN K 270 17.03 -17.11 39.10
C ASN K 270 15.62 -17.05 39.69
N CYS K 271 14.69 -16.53 38.90
CA CYS K 271 13.28 -16.47 39.28
C CYS K 271 12.50 -17.60 38.63
N ALA K 272 11.57 -18.17 39.39
CA ALA K 272 10.70 -19.23 38.87
C ALA K 272 9.38 -18.66 38.37
N VAL K 273 9.48 -17.75 37.41
CA VAL K 273 8.34 -17.00 36.90
C VAL K 273 7.92 -17.66 35.58
N GLY K 274 6.89 -18.49 35.65
CA GLY K 274 6.28 -19.00 34.42
C GLY K 274 7.17 -19.99 33.68
N ASN K 275 7.28 -19.79 32.36
CA ASN K 275 7.96 -20.75 31.50
C ASN K 275 8.43 -20.01 30.24
N ILE K 276 8.94 -20.77 29.26
CA ILE K 276 9.56 -20.19 28.08
C ILE K 276 9.17 -20.97 26.82
N PRO K 277 8.70 -20.30 25.77
CA PRO K 277 8.53 -20.97 24.47
C PRO K 277 9.77 -20.82 23.61
N VAL K 278 10.10 -21.90 22.91
CA VAL K 278 11.31 -21.99 22.12
C VAL K 278 10.96 -22.56 20.75
N SER K 279 11.71 -22.12 19.73
CA SER K 279 11.59 -22.66 18.39
C SER K 279 12.98 -22.99 17.89
N MET K 280 13.08 -23.99 17.02
CA MET K 280 14.36 -24.45 16.52
C MET K 280 14.32 -24.60 15.01
N ASP K 281 15.35 -24.10 14.34
CA ASP K 281 15.64 -24.47 12.96
C ASP K 281 16.83 -25.43 13.00
N ILE K 282 16.54 -26.71 12.89
CA ILE K 282 17.51 -27.76 13.23
C ILE K 282 18.28 -28.15 11.98
N ALA K 283 19.60 -28.15 12.10
CA ALA K 283 20.46 -28.51 10.97
C ALA K 283 20.22 -29.96 10.56
N ASP K 284 20.11 -30.17 9.25
CA ASP K 284 19.83 -31.51 8.74
C ASP K 284 21.04 -32.44 8.82
N SER K 285 22.22 -31.92 9.13
CA SER K 285 23.41 -32.77 9.06
C SER K 285 23.58 -33.64 10.29
N ALA K 286 23.29 -33.10 11.48
CA ALA K 286 23.64 -33.77 12.74
C ALA K 286 22.80 -35.01 13.06
N PHE K 287 21.93 -35.49 12.18
CA PHE K 287 21.11 -36.67 12.45
C PHE K 287 21.92 -37.92 12.13
N THR K 288 21.26 -39.08 12.08
CA THR K 288 21.84 -40.32 11.59
C THR K 288 20.87 -41.01 10.65
N ARG K 289 21.40 -41.52 9.53
CA ARG K 289 20.58 -42.17 8.53
C ARG K 289 20.19 -43.56 9.00
N LEU K 290 18.89 -43.86 8.94
CA LEU K 290 18.31 -44.98 9.67
C LEU K 290 18.75 -46.34 9.16
N THR K 291 19.50 -46.43 8.07
CA THR K 291 20.08 -47.72 7.73
C THR K 291 21.25 -48.07 8.63
N ASP K 292 21.79 -47.09 9.35
CA ASP K 292 22.96 -47.30 10.19
C ASP K 292 22.60 -47.46 11.67
N ALA K 293 21.58 -46.78 12.15
CA ALA K 293 21.15 -47.00 13.52
C ALA K 293 20.31 -48.27 13.59
N PRO K 294 20.56 -49.15 14.55
CA PRO K 294 19.94 -50.49 14.49
C PRO K 294 18.47 -50.47 14.83
N ILE K 295 17.72 -51.35 14.16
CA ILE K 295 16.27 -51.45 14.33
C ILE K 295 15.99 -52.67 15.21
N ILE K 296 15.90 -52.44 16.51
CA ILE K 296 15.68 -53.52 17.46
C ILE K 296 14.19 -53.83 17.52
N SER K 297 13.83 -55.09 17.31
CA SER K 297 12.46 -55.54 17.36
C SER K 297 12.29 -56.57 18.47
N GLU K 298 11.06 -57.04 18.64
CA GLU K 298 10.69 -58.09 19.59
C GLU K 298 11.06 -57.71 21.03
N LEU K 299 10.38 -56.66 21.53
CA LEU K 299 10.66 -56.13 22.86
C LEU K 299 9.38 -55.98 23.66
N LEU K 300 9.48 -56.25 24.96
CA LEU K 300 8.50 -55.84 25.96
C LEU K 300 9.25 -55.47 27.23
N CYS K 301 8.89 -54.34 27.84
CA CYS K 301 9.62 -53.87 29.01
C CYS K 301 9.09 -54.47 30.31
N THR K 302 9.71 -54.09 31.42
CA THR K 302 9.36 -54.49 32.78
C THR K 302 9.61 -53.30 33.69
N VAL K 303 9.45 -53.52 35.01
CA VAL K 303 9.70 -52.51 36.02
C VAL K 303 10.35 -53.20 37.22
N SER K 304 10.96 -52.41 38.08
CA SER K 304 11.55 -52.94 39.30
C SER K 304 10.91 -52.36 40.55
N THR K 305 10.79 -51.05 40.62
CA THR K 305 10.40 -50.37 41.85
C THR K 305 10.03 -48.93 41.53
N CYS K 306 9.15 -48.37 42.37
CA CYS K 306 8.66 -47.02 42.16
C CYS K 306 8.61 -46.28 43.49
N THR K 307 8.66 -44.94 43.40
CA THR K 307 8.80 -44.09 44.56
C THR K 307 8.28 -42.70 44.22
N HIS K 308 7.56 -42.07 45.15
CA HIS K 308 7.31 -40.63 45.01
C HIS K 308 8.43 -39.84 45.65
N SER K 309 9.66 -40.11 45.26
CA SER K 309 10.76 -39.32 45.75
C SER K 309 10.81 -38.01 44.98
N SER K 310 11.87 -37.26 45.15
CA SER K 310 12.12 -36.09 44.34
C SER K 310 13.30 -36.27 43.40
N ASP K 311 14.42 -36.81 43.90
CA ASP K 311 15.62 -36.88 43.08
C ASP K 311 15.44 -37.78 41.85
N PHE K 312 15.34 -39.10 42.06
CA PHE K 312 15.01 -40.03 40.97
C PHE K 312 14.50 -41.31 41.64
N GLY K 313 13.19 -41.48 41.67
CA GLY K 313 12.66 -42.66 42.36
C GLY K 313 12.68 -43.97 41.59
N GLY K 314 11.90 -44.03 40.51
CA GLY K 314 11.57 -45.30 39.91
C GLY K 314 12.61 -45.80 38.92
N VAL K 315 12.93 -47.08 39.04
CA VAL K 315 13.85 -47.76 38.12
C VAL K 315 13.10 -48.89 37.44
N ALA K 316 13.22 -48.97 36.13
CA ALA K 316 12.51 -49.96 35.33
C ALA K 316 13.44 -50.48 34.26
N VAL K 317 13.61 -51.78 34.20
CA VAL K 317 14.51 -52.40 33.24
C VAL K 317 13.69 -52.93 32.07
N LEU K 318 14.34 -53.04 30.90
CA LEU K 318 13.67 -53.40 29.67
C LEU K 318 14.41 -54.55 29.00
N SER K 319 13.64 -55.36 28.26
CA SER K 319 14.18 -56.47 27.50
C SER K 319 13.91 -56.26 26.03
N TYR K 320 14.95 -56.42 25.21
CA TYR K 320 14.80 -56.33 23.78
C TYR K 320 15.86 -57.20 23.13
N LYS K 321 15.61 -57.61 21.89
CA LYS K 321 16.44 -58.55 21.18
C LYS K 321 17.12 -57.84 20.02
N VAL K 322 18.44 -57.86 20.02
CA VAL K 322 19.21 -57.03 19.11
C VAL K 322 19.37 -57.73 17.76
N GLU K 323 19.68 -56.93 16.73
CA GLU K 323 19.97 -57.45 15.40
C GLU K 323 21.28 -56.86 14.87
N LYS K 324 21.61 -55.63 15.27
CA LYS K 324 22.91 -55.05 14.99
C LYS K 324 23.33 -54.18 16.16
N ALA K 325 24.64 -54.08 16.37
CA ALA K 325 25.16 -53.34 17.52
C ALA K 325 25.20 -51.85 17.20
N GLY K 326 24.71 -51.04 18.13
CA GLY K 326 24.72 -49.60 17.95
C GLY K 326 24.29 -48.80 19.16
N ARG K 327 23.50 -47.76 18.93
CA ARG K 327 22.98 -46.91 19.99
C ARG K 327 21.64 -46.35 19.55
N CYS K 328 20.88 -45.82 20.51
CA CYS K 328 19.54 -45.32 20.22
C CYS K 328 19.10 -44.39 21.33
N ASP K 329 18.37 -43.35 20.96
CA ASP K 329 17.83 -42.43 21.94
C ASP K 329 16.51 -42.95 22.49
N VAL K 330 16.20 -42.55 23.72
CA VAL K 330 14.97 -42.96 24.39
C VAL K 330 14.17 -41.73 24.77
N HIS K 331 12.87 -41.93 24.99
CA HIS K 331 11.98 -40.85 25.40
C HIS K 331 10.70 -41.46 25.95
N SER K 332 10.01 -40.69 26.79
CA SER K 332 8.69 -41.03 27.31
C SER K 332 7.66 -40.08 26.70
N HIS K 333 6.65 -40.64 26.05
CA HIS K 333 5.69 -39.85 25.28
C HIS K 333 4.63 -39.17 26.13
N SER K 334 4.82 -39.03 27.43
CA SER K 334 3.84 -38.29 28.23
C SER K 334 4.58 -37.51 29.31
N ASN K 335 3.81 -36.71 30.05
CA ASN K 335 4.33 -35.83 31.06
C ASN K 335 4.43 -36.47 32.44
N VAL K 336 4.03 -37.73 32.58
CA VAL K 336 3.89 -38.33 33.89
C VAL K 336 5.24 -38.65 34.54
N ALA K 337 6.33 -38.58 33.78
CA ALA K 337 7.66 -38.77 34.33
C ALA K 337 8.68 -38.27 33.34
N VAL K 338 9.90 -38.07 33.84
CA VAL K 338 11.04 -37.70 33.00
C VAL K 338 12.15 -38.70 33.27
N LEU K 339 13.13 -38.71 32.38
CA LEU K 339 14.15 -39.74 32.37
C LEU K 339 15.50 -39.14 32.73
N GLN K 340 16.32 -39.91 33.46
CA GLN K 340 17.60 -39.39 33.92
C GLN K 340 18.57 -39.17 32.77
N GLU K 341 18.44 -39.94 31.70
CA GLU K 341 19.44 -39.93 30.64
C GLU K 341 18.80 -39.72 29.28
N VAL K 342 19.59 -39.89 28.22
CA VAL K 342 19.14 -39.56 26.87
C VAL K 342 19.23 -40.77 25.93
N SER K 343 20.32 -41.54 26.00
CA SER K 343 20.60 -42.58 25.04
C SER K 343 20.95 -43.88 25.76
N ILE K 344 21.35 -44.88 24.99
CA ILE K 344 21.74 -46.17 25.54
C ILE K 344 22.58 -46.89 24.50
N GLU K 345 23.65 -47.55 24.95
CA GLU K 345 24.43 -48.45 24.09
C GLU K 345 23.64 -49.74 23.98
N ALA K 346 22.74 -49.76 22.99
CA ALA K 346 21.60 -50.67 23.01
C ALA K 346 22.02 -52.08 22.65
N GLU K 347 22.57 -52.78 23.64
CA GLU K 347 22.92 -54.19 23.50
C GLU K 347 22.18 -55.01 24.57
N GLY K 348 20.95 -55.37 24.24
CA GLY K 348 20.19 -56.33 25.02
C GLY K 348 19.48 -55.80 26.25
N ARG K 349 20.21 -55.54 27.32
CA ARG K 349 19.63 -55.08 28.58
C ARG K 349 19.76 -53.57 28.68
N SER K 350 18.79 -52.95 29.35
CA SER K 350 18.74 -51.48 29.42
C SER K 350 18.13 -51.07 30.74
N VAL K 351 18.91 -50.37 31.56
CA VAL K 351 18.46 -49.87 32.85
C VAL K 351 18.28 -48.37 32.74
N ILE K 352 17.07 -47.90 33.07
CA ILE K 352 16.71 -46.49 33.01
C ILE K 352 16.12 -46.08 34.34
N HIS K 353 16.12 -44.76 34.58
CA HIS K 353 15.64 -44.17 35.83
C HIS K 353 14.60 -43.11 35.52
N PHE K 354 13.41 -43.25 36.07
CA PHE K 354 12.33 -42.29 35.89
C PHE K 354 11.89 -41.73 37.22
N SER K 355 11.01 -40.74 37.18
CA SER K 355 10.51 -40.09 38.39
C SER K 355 9.03 -39.80 38.24
N THR K 356 8.21 -40.55 38.95
CA THR K 356 6.76 -40.38 38.95
C THR K 356 6.40 -39.36 40.03
N ALA K 357 5.21 -38.76 39.91
CA ALA K 357 4.79 -37.87 40.97
C ALA K 357 3.92 -38.57 42.01
N SER K 358 2.73 -39.02 41.61
CA SER K 358 1.75 -39.37 42.63
C SER K 358 1.30 -40.83 42.63
N ALA K 359 0.74 -41.33 41.54
CA ALA K 359 0.01 -42.56 41.84
C ALA K 359 0.30 -43.73 40.91
N ALA K 360 0.48 -43.48 39.63
CA ALA K 360 0.48 -44.58 38.68
C ALA K 360 1.20 -44.18 37.41
N PRO K 361 2.46 -44.50 37.29
CA PRO K 361 3.20 -44.14 36.09
C PRO K 361 2.81 -44.95 34.86
N SER K 362 1.68 -44.61 34.26
CA SER K 362 1.36 -45.13 32.93
C SER K 362 2.36 -44.56 31.93
N PHE K 363 3.04 -45.44 31.20
CA PHE K 363 4.16 -45.04 30.35
C PHE K 363 3.94 -45.48 28.92
N ILE K 364 4.43 -44.65 28.00
CA ILE K 364 4.82 -45.09 26.67
C ILE K 364 6.29 -44.69 26.53
N VAL K 365 7.17 -45.69 26.47
CA VAL K 365 8.60 -45.45 26.33
C VAL K 365 9.02 -45.86 24.94
N SER K 366 9.79 -45.01 24.28
CA SER K 366 10.11 -45.17 22.87
C SER K 366 11.58 -45.52 22.70
N VAL K 367 11.86 -46.47 21.81
CA VAL K 367 13.23 -46.80 21.41
C VAL K 367 13.26 -46.95 19.90
N CYS K 368 13.77 -45.92 19.20
CA CYS K 368 14.03 -45.95 17.75
C CYS K 368 12.79 -46.39 16.96
N SER K 369 11.73 -45.59 17.08
CA SER K 369 10.45 -45.86 16.44
C SER K 369 9.88 -47.22 16.85
N SER K 370 10.05 -47.55 18.14
CA SER K 370 9.35 -48.70 18.71
C SER K 370 8.65 -48.24 19.99
N ARG K 371 7.37 -48.56 20.10
CA ARG K 371 6.58 -48.20 21.26
C ARG K 371 6.45 -49.39 22.20
N ALA K 372 6.32 -49.09 23.50
CA ALA K 372 6.12 -50.12 24.50
C ALA K 372 5.37 -49.54 25.67
N THR K 373 4.27 -50.18 26.05
CA THR K 373 3.50 -49.75 27.21
C THR K 373 4.15 -50.22 28.50
N CYS K 374 3.87 -49.49 29.58
CA CYS K 374 4.46 -49.79 30.88
C CYS K 374 3.62 -49.17 31.99
N THR K 375 3.32 -49.97 33.02
CA THR K 375 2.71 -49.47 34.24
C THR K 375 3.40 -50.10 35.44
N ALA K 376 3.15 -49.53 36.62
CA ALA K 376 3.77 -50.00 37.85
C ALA K 376 3.07 -49.36 39.04
N LYS K 377 2.82 -50.16 40.07
CA LYS K 377 2.41 -49.61 41.35
C LYS K 377 3.61 -49.01 42.05
N CYS K 378 3.36 -48.31 43.14
CA CYS K 378 4.40 -47.52 43.79
C CYS K 378 4.39 -47.72 45.29
N GLU K 379 5.51 -47.36 45.90
CA GLU K 379 5.66 -47.32 47.35
C GLU K 379 6.03 -45.90 47.75
N PRO K 380 5.20 -45.21 48.53
CA PRO K 380 5.48 -43.82 48.85
C PRO K 380 6.67 -43.73 49.79
N PRO K 381 7.40 -42.61 49.78
CA PRO K 381 8.61 -42.50 50.60
C PRO K 381 8.29 -42.39 52.08
N LYS K 382 9.34 -42.30 52.89
CA LYS K 382 9.18 -42.21 54.33
C LYS K 382 9.77 -40.94 54.93
N ASP K 383 10.61 -40.22 54.19
CA ASP K 383 11.28 -39.04 54.71
C ASP K 383 10.30 -37.88 54.76
N HIS K 384 10.74 -36.73 55.26
CA HIS K 384 9.89 -35.55 55.31
C HIS K 384 10.39 -34.42 54.42
N VAL K 385 11.64 -33.98 54.59
CA VAL K 385 12.12 -32.80 53.90
C VAL K 385 13.48 -33.11 53.30
N VAL K 386 13.84 -32.38 52.26
CA VAL K 386 15.10 -32.55 51.55
C VAL K 386 15.75 -31.18 51.35
N THR K 387 16.92 -31.19 50.74
CA THR K 387 17.75 -29.99 50.59
C THR K 387 18.01 -29.67 49.13
N TYR K 388 17.08 -30.00 48.25
CA TYR K 388 17.30 -29.85 46.82
C TYR K 388 15.96 -29.92 46.10
N PRO K 389 15.81 -29.25 44.95
CA PRO K 389 14.48 -29.16 44.33
C PRO K 389 13.98 -30.46 43.73
N ALA K 390 12.81 -30.42 43.11
CA ALA K 390 12.16 -31.60 42.59
C ALA K 390 12.52 -31.82 41.12
N ASN K 391 12.50 -33.08 40.71
CA ASN K 391 12.77 -33.46 39.33
C ASN K 391 11.60 -34.14 38.66
N HIS K 392 10.43 -34.12 39.29
CA HIS K 392 9.24 -34.80 38.77
C HIS K 392 8.14 -33.80 38.47
N ASN K 393 8.53 -32.63 37.95
CA ASN K 393 7.71 -31.42 37.95
C ASN K 393 6.33 -31.61 37.33
N GLY K 394 6.15 -32.59 36.45
CA GLY K 394 4.88 -32.76 35.78
C GLY K 394 3.81 -33.34 36.69
N ILE K 395 3.38 -32.56 37.68
CA ILE K 395 2.49 -33.03 38.74
C ILE K 395 1.16 -33.47 38.17
N THR K 396 0.88 -34.77 38.24
CA THR K 396 -0.35 -35.35 37.72
C THR K 396 -0.89 -36.32 38.76
N LEU K 397 -2.10 -36.06 39.23
CA LEU K 397 -2.75 -36.87 40.25
C LEU K 397 -3.34 -38.19 39.71
N PRO K 398 -4.28 -38.18 38.73
CA PRO K 398 -5.10 -39.38 38.53
C PRO K 398 -4.55 -40.37 37.52
N ASP K 399 -5.24 -41.49 37.38
CA ASP K 399 -4.97 -42.52 36.36
C ASP K 399 -6.12 -43.52 36.39
N LEU K 400 -6.05 -44.52 35.51
CA LEU K 400 -6.93 -45.69 35.56
C LEU K 400 -6.13 -46.88 35.04
N SER K 401 -5.56 -47.66 35.94
CA SER K 401 -5.04 -48.98 35.58
C SER K 401 -5.03 -49.86 36.82
N SER K 402 -6.09 -50.67 36.99
CA SER K 402 -6.11 -51.87 37.82
C SER K 402 -5.97 -51.61 39.31
N THR K 403 -5.72 -50.38 39.73
CA THR K 403 -5.83 -50.11 41.16
C THR K 403 -6.65 -48.87 41.50
N ALA K 404 -6.53 -47.81 40.71
CA ALA K 404 -7.21 -46.56 41.00
C ALA K 404 -8.58 -46.58 40.36
N MET K 405 -9.57 -46.09 41.10
CA MET K 405 -10.97 -45.97 40.68
C MET K 405 -11.63 -47.31 40.35
N THR K 406 -10.95 -48.43 40.59
CA THR K 406 -11.51 -49.73 40.23
C THR K 406 -12.75 -50.04 41.03
N TRP K 407 -12.78 -49.60 42.29
CA TRP K 407 -14.01 -49.71 43.07
C TRP K 407 -15.13 -48.87 42.46
N ALA K 408 -14.80 -47.73 41.84
CA ALA K 408 -15.82 -47.00 41.10
C ALA K 408 -16.24 -47.74 39.84
N GLN K 409 -15.27 -48.35 39.15
CA GLN K 409 -15.54 -49.14 37.96
C GLN K 409 -16.45 -50.32 38.26
N HIS K 410 -16.47 -50.80 39.49
CA HIS K 410 -17.51 -51.74 39.89
C HIS K 410 -18.70 -51.06 40.54
N LEU K 411 -18.58 -49.78 40.90
CA LEU K 411 -19.62 -49.09 41.63
C LEU K 411 -20.72 -48.54 40.74
N ALA K 412 -20.41 -48.24 39.47
CA ALA K 412 -21.39 -47.58 38.61
C ALA K 412 -22.70 -48.35 38.48
N GLY K 413 -22.67 -49.53 37.83
CA GLY K 413 -23.66 -50.56 37.96
C GLY K 413 -25.14 -50.26 37.81
N GLY K 414 -25.96 -51.22 38.25
CA GLY K 414 -27.31 -50.98 38.75
C GLY K 414 -28.40 -50.40 37.88
N VAL K 415 -28.71 -49.13 38.16
CA VAL K 415 -29.99 -48.46 37.94
C VAL K 415 -30.66 -48.74 36.59
N GLY K 416 -29.92 -48.54 35.50
CA GLY K 416 -30.55 -48.51 34.18
C GLY K 416 -31.26 -49.79 33.83
N LEU K 417 -30.69 -50.93 34.22
CA LEU K 417 -31.35 -52.22 34.05
C LEU K 417 -32.72 -52.21 34.70
N LEU K 418 -32.77 -51.82 35.97
CA LEU K 418 -34.01 -51.82 36.73
C LEU K 418 -35.07 -50.97 36.04
N ILE K 419 -34.74 -49.73 35.69
CA ILE K 419 -35.77 -48.82 35.16
C ILE K 419 -36.23 -49.25 33.78
N ALA K 420 -35.29 -49.64 32.90
CA ALA K 420 -35.67 -50.00 31.55
C ALA K 420 -36.52 -51.26 31.54
N LEU K 421 -36.09 -52.28 32.27
CA LEU K 421 -36.87 -53.51 32.34
C LEU K 421 -38.20 -53.27 33.04
N ALA K 422 -38.21 -52.42 34.06
CA ALA K 422 -39.44 -52.16 34.79
C ALA K 422 -40.47 -51.46 33.91
N VAL K 423 -40.03 -50.55 33.05
CA VAL K 423 -41.01 -49.90 32.18
C VAL K 423 -41.44 -50.83 31.05
N LEU K 424 -40.50 -51.58 30.47
CA LEU K 424 -40.89 -52.54 29.44
C LEU K 424 -41.72 -53.69 29.99
N ILE K 425 -41.77 -53.85 31.32
CA ILE K 425 -42.77 -54.71 31.93
C ILE K 425 -44.06 -53.94 32.18
N LEU K 426 -43.96 -52.66 32.57
CA LEU K 426 -45.13 -51.80 32.73
C LEU K 426 -46.01 -51.80 31.50
N VAL K 427 -45.42 -51.86 30.31
CA VAL K 427 -46.24 -51.75 29.12
C VAL K 427 -47.19 -52.95 28.93
N ILE K 428 -46.91 -54.09 29.59
CA ILE K 428 -47.64 -55.32 29.27
C ILE K 428 -49.11 -55.23 29.63
N VAL K 429 -49.49 -54.34 30.55
CA VAL K 429 -50.89 -53.98 30.76
C VAL K 429 -51.20 -52.60 30.20
N THR K 430 -50.19 -51.82 29.86
CA THR K 430 -50.39 -50.47 29.34
C THR K 430 -49.94 -50.34 27.89
N CYS K 431 -49.86 -51.45 27.15
CA CYS K 431 -49.84 -51.34 25.71
C CYS K 431 -51.08 -51.98 25.08
N ILE K 432 -51.72 -52.94 25.77
CA ILE K 432 -53.03 -53.40 25.34
C ILE K 432 -54.06 -52.30 25.50
N THR K 433 -53.80 -51.35 26.39
CA THR K 433 -54.56 -50.11 26.47
C THR K 433 -53.64 -48.94 26.13
N ASN L 4 55.87 14.89 55.44
CA ASN L 4 57.03 15.59 56.00
C ASN L 4 57.25 16.91 55.28
N HIS L 5 57.22 16.85 53.95
CA HIS L 5 57.43 18.02 53.12
C HIS L 5 56.14 18.75 52.84
N PHE L 6 55.07 18.42 53.57
CA PHE L 6 53.84 19.18 53.54
C PHE L 6 54.11 20.64 53.88
N ASN L 7 53.45 21.54 53.15
CA ASN L 7 53.75 22.96 53.24
C ASN L 7 52.60 23.81 53.75
N ALA L 8 51.38 23.28 53.80
CA ALA L 8 50.21 24.07 54.17
C ALA L 8 50.15 24.43 55.66
N TYR L 9 51.17 24.16 56.48
CA TYR L 9 51.12 24.45 57.89
C TYR L 9 52.13 25.48 58.37
N LYS L 10 53.05 25.92 57.51
CA LYS L 10 54.02 26.92 57.94
C LYS L 10 53.43 28.33 58.02
N LEU L 11 52.12 28.49 57.84
CA LEU L 11 51.50 29.81 57.88
C LEU L 11 50.19 29.76 58.66
N THR L 12 50.17 29.09 59.81
CA THR L 12 48.97 29.00 60.63
C THR L 12 49.27 29.58 62.02
N ARG L 13 48.30 29.43 62.94
CA ARG L 13 48.40 29.97 64.28
C ARG L 13 47.47 29.19 65.20
N PRO L 14 47.89 28.85 66.41
CA PRO L 14 46.97 28.23 67.38
C PRO L 14 46.00 29.26 67.94
N TYR L 15 45.00 28.76 68.67
CA TYR L 15 43.95 29.64 69.17
C TYR L 15 43.26 29.01 70.36
N VAL L 16 42.24 29.70 70.87
CA VAL L 16 41.56 29.34 72.10
C VAL L 16 40.09 29.73 71.95
N ALA L 17 39.20 28.87 72.45
CA ALA L 17 37.77 29.04 72.24
C ALA L 17 37.03 28.69 73.53
N TYR L 18 35.72 28.52 73.40
CA TYR L 18 34.80 28.42 74.54
C TYR L 18 34.26 27.00 74.62
N CYS L 19 34.60 26.30 75.70
CA CYS L 19 34.13 24.94 75.94
C CYS L 19 33.13 24.92 77.08
N ALA L 20 32.54 23.75 77.30
CA ALA L 20 31.58 23.59 78.37
C ALA L 20 32.21 23.10 79.68
N ASP L 21 33.49 22.72 79.67
CA ASP L 21 34.18 22.37 80.92
C ASP L 21 35.68 22.44 80.70
N CYS L 22 36.36 23.23 81.54
CA CYS L 22 37.80 23.22 81.65
C CYS L 22 38.30 22.20 82.66
N GLY L 23 37.41 21.66 83.48
CA GLY L 23 37.77 20.80 84.59
C GLY L 23 36.93 21.12 85.81
N MET L 24 36.28 20.10 86.37
CA MET L 24 35.28 20.24 87.44
C MET L 24 34.10 21.12 87.03
N GLY L 25 33.54 20.82 85.85
CA GLY L 25 32.21 21.24 85.45
C GLY L 25 31.76 22.69 85.59
N HIS L 26 32.33 23.60 84.81
CA HIS L 26 31.92 25.00 84.82
C HIS L 26 32.23 25.61 83.46
N SER L 27 32.01 26.92 83.35
CA SER L 27 32.33 27.64 82.13
C SER L 27 33.84 27.68 81.90
N CYS L 28 34.24 27.87 80.64
CA CYS L 28 35.60 27.54 80.27
C CYS L 28 36.05 28.26 79.02
N HIS L 29 37.22 28.90 79.10
CA HIS L 29 38.02 29.32 77.96
C HIS L 29 39.31 28.53 77.99
N SER L 30 39.60 27.76 76.94
CA SER L 30 40.73 26.83 76.96
C SER L 30 41.10 26.47 75.54
N PRO L 31 42.34 26.03 75.31
CA PRO L 31 42.72 25.52 73.99
C PRO L 31 42.30 24.08 73.72
N ALA L 32 41.59 23.44 74.63
CA ALA L 32 41.18 22.06 74.47
C ALA L 32 39.87 21.89 73.71
N MET L 33 39.41 22.92 73.02
CA MET L 33 38.05 22.97 72.50
C MET L 33 37.87 21.94 71.38
N ILE L 34 37.14 20.87 71.66
CA ILE L 34 36.78 19.91 70.62
C ILE L 34 35.70 20.54 69.75
N GLU L 35 36.01 20.80 68.48
CA GLU L 35 35.02 21.44 67.62
C GLU L 35 33.91 20.48 67.23
N ASN L 36 34.23 19.39 66.55
CA ASN L 36 33.20 18.43 66.17
C ASN L 36 33.82 17.06 65.94
N VAL L 37 33.02 16.14 65.41
CA VAL L 37 33.44 14.76 65.19
C VAL L 37 32.86 14.31 63.86
N GLN L 38 33.71 13.84 62.96
CA GLN L 38 33.27 13.25 61.70
C GLN L 38 33.31 11.73 61.84
N ALA L 39 32.18 11.08 61.56
CA ALA L 39 32.05 9.64 61.74
C ALA L 39 31.42 9.01 60.51
N ASP L 40 31.93 9.37 59.34
CA ASP L 40 31.36 8.82 58.12
C ASP L 40 31.85 7.42 57.78
N ALA L 41 32.84 6.91 58.51
CA ALA L 41 33.38 5.59 58.22
C ALA L 41 32.43 4.51 58.74
N THR L 42 32.80 3.24 58.52
CA THR L 42 32.07 2.13 59.10
C THR L 42 32.80 1.47 60.25
N ASP L 43 34.14 1.50 60.22
CA ASP L 43 34.94 0.90 61.29
C ASP L 43 34.58 1.49 62.65
N GLY L 44 34.14 2.74 62.68
CA GLY L 44 33.93 3.46 63.90
C GLY L 44 35.07 4.37 64.27
N THR L 45 36.21 4.21 63.62
CA THR L 45 37.37 5.08 63.87
C THR L 45 37.01 6.45 63.37
N LEU L 46 36.68 7.34 64.30
CA LEU L 46 36.14 8.65 63.98
C LEU L 46 37.22 9.71 64.08
N LYS L 47 36.89 10.91 63.60
CA LYS L 47 37.85 12.02 63.55
C LYS L 47 37.45 13.08 64.55
N ILE L 48 38.24 13.25 65.56
CA ILE L 48 38.12 14.37 66.47
C ILE L 48 38.95 15.50 65.90
N GLN L 49 38.55 16.74 66.15
CA GLN L 49 39.44 17.84 65.77
C GLN L 49 39.23 19.03 66.69
N PHE L 50 40.35 19.55 67.20
CA PHE L 50 40.32 20.55 68.25
C PHE L 50 41.31 21.64 67.90
N ALA L 51 41.52 22.56 68.84
CA ALA L 51 42.12 23.85 68.54
C ALA L 51 43.60 23.75 68.24
N SER L 52 44.39 23.22 69.17
CA SER L 52 45.84 23.33 69.07
C SER L 52 46.38 22.44 67.96
N GLN L 53 47.67 22.65 67.66
CA GLN L 53 48.37 21.93 66.62
C GLN L 53 49.22 20.82 67.23
N ILE L 54 49.36 19.72 66.51
CA ILE L 54 50.35 18.73 66.88
C ILE L 54 51.42 18.72 65.80
N GLY L 55 52.50 19.47 66.04
CA GLY L 55 53.54 19.62 65.04
C GLY L 55 53.92 21.04 64.69
N LEU L 56 53.61 22.01 65.55
CA LEU L 56 53.97 23.39 65.23
C LEU L 56 55.46 23.63 65.46
N THR L 57 55.91 23.49 66.71
CA THR L 57 57.34 23.41 67.04
C THR L 57 58.09 24.66 66.54
N LYS L 58 57.81 25.79 67.20
CA LYS L 58 57.93 27.16 66.69
C LYS L 58 59.13 27.42 65.79
N THR L 59 60.24 26.73 66.01
CA THR L 59 61.30 26.68 65.00
C THR L 59 60.85 26.02 63.70
N ASP L 60 59.60 25.54 63.65
CA ASP L 60 58.91 25.09 62.43
C ASP L 60 59.53 23.81 61.87
N THR L 61 60.02 22.95 62.77
CA THR L 61 60.63 21.69 62.41
C THR L 61 59.68 20.55 62.76
N HIS L 62 59.55 19.59 61.85
CA HIS L 62 58.64 18.46 62.06
C HIS L 62 59.25 17.52 63.08
N ASP L 63 58.80 17.62 64.32
CA ASP L 63 59.23 16.70 65.37
C ASP L 63 58.41 15.40 65.26
N HIS L 64 58.56 14.53 66.23
CA HIS L 64 57.74 13.33 66.28
C HIS L 64 57.22 13.01 67.66
N THR L 65 57.73 13.65 68.72
CA THR L 65 57.45 13.26 70.09
C THR L 65 56.88 14.36 70.96
N LYS L 66 56.71 15.58 70.43
CA LYS L 66 56.32 16.71 71.25
C LYS L 66 55.12 17.42 70.61
N ILE L 67 54.31 18.06 71.46
CA ILE L 67 53.09 18.72 71.03
C ILE L 67 53.19 20.21 71.36
N ARG L 68 52.31 20.99 70.74
CA ARG L 68 52.31 22.45 70.88
C ARG L 68 50.91 22.95 71.19
N TYR L 69 50.82 23.91 72.12
CA TYR L 69 49.54 24.50 72.48
C TYR L 69 49.74 26.00 72.62
N ALA L 70 48.66 26.70 72.91
CA ALA L 70 48.70 28.13 73.15
C ALA L 70 48.03 28.43 74.47
N GLU L 71 48.74 29.11 75.37
CA GLU L 71 48.21 29.51 76.66
C GLU L 71 48.49 31.00 76.85
N GLY L 72 47.46 31.74 77.26
CA GLY L 72 47.59 33.17 77.46
C GLY L 72 48.03 33.90 76.21
N HIS L 73 47.50 33.48 75.06
CA HIS L 73 47.90 33.94 73.73
C HIS L 73 49.42 34.04 73.58
N ASP L 74 50.10 33.03 74.09
CA ASP L 74 51.54 32.88 73.96
C ASP L 74 51.87 31.40 73.74
N ILE L 75 52.83 31.15 72.87
CA ILE L 75 52.95 29.90 72.13
C ILE L 75 54.04 29.07 72.80
N ALA L 76 53.63 28.06 73.58
CA ALA L 76 54.55 27.20 74.30
C ALA L 76 54.26 25.75 74.00
N GLU L 77 55.32 24.93 73.95
CA GLU L 77 55.22 23.53 73.59
C GLU L 77 54.87 22.69 74.80
N ALA L 78 54.66 21.39 74.56
CA ALA L 78 54.27 20.47 75.62
C ALA L 78 54.61 19.06 75.19
N ALA L 79 54.45 18.12 76.11
CA ALA L 79 54.77 16.73 75.84
C ALA L 79 53.59 16.02 75.19
N ARG L 80 53.91 15.05 74.33
CA ARG L 80 52.88 14.31 73.61
C ARG L 80 52.46 13.03 74.31
N SER L 81 53.27 12.50 75.22
CA SER L 81 52.92 11.28 75.92
C SER L 81 51.73 11.44 76.86
N THR L 82 51.28 12.66 77.09
CA THR L 82 50.20 12.96 78.03
C THR L 82 48.95 13.41 77.30
N LEU L 83 48.65 12.79 76.17
CA LEU L 83 47.51 13.18 75.32
C LEU L 83 46.48 12.06 75.37
N LYS L 84 45.50 12.21 76.25
CA LYS L 84 44.50 11.17 76.46
C LYS L 84 43.19 11.52 75.78
N VAL L 85 42.46 10.48 75.37
CA VAL L 85 41.09 10.58 74.90
C VAL L 85 40.30 9.47 75.57
N HIS L 86 39.17 9.81 76.17
CA HIS L 86 38.35 8.80 76.82
C HIS L 86 36.89 9.21 76.75
N SER L 87 36.03 8.27 76.37
CA SER L 87 34.61 8.53 76.22
C SER L 87 33.79 7.80 77.27
N SER L 88 33.94 6.48 77.36
CA SER L 88 33.37 5.69 78.44
C SER L 88 34.46 5.03 79.26
N SER L 89 35.44 4.43 78.60
CA SER L 89 36.72 4.04 79.14
C SER L 89 37.78 4.83 78.39
N GLU L 90 39.04 4.49 78.62
CA GLU L 90 40.11 5.10 77.84
C GLU L 90 39.98 4.68 76.38
N CYS L 91 40.01 5.66 75.49
CA CYS L 91 39.98 5.38 74.05
C CYS L 91 41.39 5.06 73.57
N ALA L 92 41.55 4.93 72.26
CA ALA L 92 42.81 4.47 71.68
C ALA L 92 43.24 5.43 70.58
N VAL L 93 44.13 6.36 70.93
CA VAL L 93 44.63 7.34 69.97
C VAL L 93 45.52 6.63 68.94
N THR L 94 45.23 6.84 67.66
CA THR L 94 45.87 6.08 66.59
C THR L 94 46.78 6.91 65.69
N GLY L 95 46.25 7.97 65.08
CA GLY L 95 47.04 8.76 64.15
C GLY L 95 46.74 10.23 64.31
N THR L 96 47.77 11.05 64.08
CA THR L 96 47.71 12.49 64.35
C THR L 96 48.31 13.27 63.21
N MET L 97 47.77 14.47 62.98
CA MET L 97 48.43 15.52 62.19
C MET L 97 47.72 16.86 62.35
N GLY L 98 48.49 17.92 62.60
CA GLY L 98 47.97 19.28 62.56
C GLY L 98 46.86 19.60 63.53
N HIS L 99 45.67 19.87 62.99
CA HIS L 99 44.49 20.15 63.80
C HIS L 99 43.55 18.97 63.88
N PHE L 100 44.03 17.77 63.59
CA PHE L 100 43.15 16.61 63.48
C PHE L 100 43.77 15.41 64.18
N ILE L 101 42.95 14.76 65.01
CA ILE L 101 43.31 13.54 65.71
C ILE L 101 42.32 12.45 65.31
N LEU L 102 42.85 11.27 64.98
CA LEU L 102 42.03 10.16 64.50
C LEU L 102 42.14 9.02 65.50
N ALA L 103 41.00 8.61 66.06
CA ALA L 103 40.97 7.59 67.09
C ALA L 103 39.55 7.06 67.21
N LYS L 104 39.43 5.89 67.83
CA LYS L 104 38.15 5.24 68.04
C LYS L 104 37.85 5.14 69.53
N CYS L 105 36.58 4.88 69.84
CA CYS L 105 36.11 4.88 71.21
C CYS L 105 35.02 3.84 71.41
N PRO L 106 34.97 3.19 72.56
CA PRO L 106 33.84 2.34 72.91
C PRO L 106 32.58 3.17 73.09
N PRO L 107 31.40 2.57 73.05
CA PRO L 107 30.16 3.35 73.03
C PRO L 107 29.94 4.15 74.30
N GLY L 108 29.07 5.15 74.19
CA GLY L 108 28.83 6.08 75.28
C GLY L 108 28.07 7.29 74.77
N GLU L 109 28.22 8.40 75.52
CA GLU L 109 27.52 9.64 75.16
C GLU L 109 28.41 10.86 75.09
N VAL L 110 29.65 10.81 75.58
CA VAL L 110 30.52 11.97 75.58
C VAL L 110 31.80 11.61 74.84
N ILE L 111 32.63 12.62 74.60
CA ILE L 111 33.99 12.39 74.13
C ILE L 111 34.82 13.60 74.55
N SER L 112 36.08 13.33 74.91
CA SER L 112 36.92 14.37 75.50
C SER L 112 38.38 14.12 75.19
N VAL L 113 39.14 15.21 75.11
CA VAL L 113 40.58 15.16 74.94
C VAL L 113 41.24 15.88 76.11
N SER L 114 42.52 15.58 76.33
CA SER L 114 43.27 16.20 77.41
C SER L 114 44.76 16.17 77.09
N PHE L 115 45.48 17.18 77.59
CA PHE L 115 46.91 17.32 77.35
C PHE L 115 47.48 18.27 78.39
N VAL L 116 48.67 17.95 78.88
CA VAL L 116 49.31 18.68 79.96
C VAL L 116 50.17 19.79 79.38
N ASP L 117 50.09 20.98 79.97
CA ASP L 117 50.73 22.17 79.44
C ASP L 117 52.16 22.31 79.96
N SER L 118 52.82 23.43 79.65
CA SER L 118 54.18 23.68 80.10
C SER L 118 54.23 24.25 81.51
N LYS L 119 53.09 24.52 82.14
CA LYS L 119 53.06 24.87 83.55
C LYS L 119 52.58 23.73 84.42
N ASN L 120 52.51 22.51 83.87
CA ASN L 120 52.10 21.30 84.57
C ASN L 120 50.69 21.44 85.16
N GLU L 121 49.72 21.59 84.26
CA GLU L 121 48.31 21.58 84.65
C GLU L 121 47.53 20.64 83.74
N GLN L 122 46.20 20.62 83.86
CA GLN L 122 45.36 19.58 83.27
C GLN L 122 44.21 20.19 82.47
N ARG L 123 44.54 21.11 81.55
CA ARG L 123 43.53 21.64 80.64
C ARG L 123 42.87 20.52 79.84
N THR L 124 41.54 20.47 79.87
CA THR L 124 40.77 19.49 79.11
C THR L 124 39.38 20.03 78.84
N CYS L 125 38.71 19.42 77.85
CA CYS L 125 37.37 19.82 77.46
C CYS L 125 36.59 18.58 77.07
N ARG L 126 35.26 18.71 77.06
CA ARG L 126 34.39 17.61 76.69
C ARG L 126 33.14 18.15 76.02
N ILE L 127 32.46 17.28 75.27
CA ILE L 127 31.21 17.64 74.62
C ILE L 127 30.48 16.35 74.27
N ALA L 128 29.16 16.39 74.40
CA ALA L 128 28.35 15.21 74.18
C ALA L 128 28.18 14.94 72.70
N TYR L 129 28.31 13.67 72.33
CA TYR L 129 28.12 13.24 70.94
C TYR L 129 27.68 11.78 70.98
N HIS L 130 26.41 11.53 70.65
CA HIS L 130 25.86 10.20 70.88
C HIS L 130 26.42 9.20 69.88
N HIS L 131 27.49 8.51 70.27
CA HIS L 131 28.18 7.57 69.40
C HIS L 131 27.75 6.15 69.76
N GLU L 132 27.21 5.45 68.77
CA GLU L 132 26.99 4.01 68.85
C GLU L 132 27.63 3.39 67.62
N GLN L 133 28.40 2.32 67.82
CA GLN L 133 29.18 1.75 66.74
C GLN L 133 28.28 1.17 65.65
N ARG L 134 28.78 1.21 64.42
CA ARG L 134 27.96 0.95 63.26
C ARG L 134 27.61 -0.53 63.16
N LEU L 135 26.43 -0.80 62.63
CA LEU L 135 25.98 -2.17 62.46
C LEU L 135 26.45 -2.65 61.10
N ILE L 136 27.40 -3.60 61.10
CA ILE L 136 27.82 -4.28 59.89
C ILE L 136 27.77 -5.77 60.16
N GLY L 137 27.79 -6.55 59.09
CA GLY L 137 27.50 -7.95 59.28
C GLY L 137 26.04 -8.11 59.63
N ARG L 138 25.77 -9.08 60.50
CA ARG L 138 24.40 -9.34 60.93
C ARG L 138 24.28 -9.56 62.43
N GLU L 139 25.39 -9.51 63.18
CA GLU L 139 25.37 -9.80 64.62
C GLU L 139 26.23 -8.79 65.34
N ARG L 140 25.73 -8.27 66.46
CA ARG L 140 26.45 -7.26 67.22
C ARG L 140 27.65 -7.92 67.89
N PHE L 141 28.83 -7.72 67.32
CA PHE L 141 30.07 -8.21 67.87
C PHE L 141 30.95 -7.05 68.30
N THR L 142 31.97 -7.35 69.11
CA THR L 142 32.76 -6.30 69.74
C THR L 142 34.27 -6.41 69.55
N VAL L 143 34.82 -7.59 69.25
CA VAL L 143 36.26 -7.76 69.08
C VAL L 143 36.54 -8.44 67.75
N ARG L 144 37.82 -8.60 67.44
CA ARG L 144 38.23 -9.32 66.24
C ARG L 144 38.13 -10.82 66.47
N PRO L 145 37.36 -11.55 65.68
CA PRO L 145 37.39 -13.02 65.75
C PRO L 145 38.42 -13.59 64.80
N HIS L 146 39.13 -14.62 65.27
CA HIS L 146 40.28 -15.10 64.49
C HIS L 146 39.85 -15.91 63.28
N HIS L 147 38.75 -16.63 63.36
CA HIS L 147 38.18 -17.36 62.24
C HIS L 147 36.92 -16.66 61.77
N GLY L 148 36.88 -16.28 60.50
CA GLY L 148 35.69 -15.60 60.00
C GLY L 148 35.62 -15.30 58.51
N ILE L 149 35.03 -14.15 58.20
CA ILE L 149 34.71 -13.72 56.85
C ILE L 149 35.13 -12.26 56.71
N GLU L 150 35.48 -11.85 55.50
CA GLU L 150 35.76 -10.44 55.23
C GLU L 150 34.61 -9.80 54.45
N LEU L 151 34.24 -8.60 54.85
CA LEU L 151 33.09 -7.88 54.31
C LEU L 151 33.50 -6.49 53.84
N PRO L 152 32.80 -5.95 52.85
CA PRO L 152 33.20 -4.64 52.31
C PRO L 152 32.83 -3.46 53.20
N CYS L 153 33.66 -3.19 54.20
CA CYS L 153 33.51 -2.01 55.05
C CYS L 153 34.47 -0.90 54.60
N THR L 154 34.43 0.22 55.32
CA THR L 154 35.17 1.42 54.94
C THR L 154 36.06 1.87 56.11
N THR L 155 37.23 2.41 55.76
CA THR L 155 38.29 2.67 56.72
C THR L 155 39.06 3.93 56.34
N TYR L 156 39.51 4.67 57.35
CA TYR L 156 40.46 5.75 57.12
C TYR L 156 41.88 5.22 57.15
N GLN L 157 42.77 5.89 56.41
CA GLN L 157 44.13 5.44 56.17
C GLN L 157 45.11 6.39 56.88
N LEU L 158 46.41 6.11 56.72
CA LEU L 158 47.46 6.77 57.48
C LEU L 158 48.46 7.48 56.59
N THR L 159 47.98 8.25 55.62
CA THR L 159 48.85 8.91 54.67
C THR L 159 49.13 10.38 55.03
N THR L 160 49.96 11.01 54.21
CA THR L 160 50.27 12.43 54.24
C THR L 160 50.23 12.99 52.82
N ALA L 161 49.14 12.69 52.12
CA ALA L 161 48.99 13.00 50.70
C ALA L 161 47.50 13.22 50.43
N GLU L 162 47.12 13.16 49.16
CA GLU L 162 45.72 13.07 48.74
C GLU L 162 44.91 14.29 49.19
N THR L 163 45.28 15.41 48.59
CA THR L 163 44.60 16.69 48.78
C THR L 163 43.28 16.72 48.00
N SER L 164 42.73 17.92 47.81
CA SER L 164 41.38 18.29 47.32
C SER L 164 40.33 18.21 48.41
N GLU L 165 40.72 18.02 49.67
CA GLU L 165 39.89 18.32 50.81
C GLU L 165 40.40 19.61 51.45
N GLU L 166 39.49 20.52 51.77
CA GLU L 166 39.91 21.84 52.16
C GLU L 166 39.12 22.36 53.36
N ILE L 167 39.75 23.27 54.10
CA ILE L 167 39.11 24.19 55.04
C ILE L 167 39.49 25.59 54.60
N ASP L 168 39.02 26.59 55.33
CA ASP L 168 39.39 27.98 55.06
C ASP L 168 40.13 28.55 56.25
N MET L 169 40.79 29.69 56.04
CA MET L 169 41.50 30.40 57.09
C MET L 169 41.36 31.90 56.88
N HIS L 170 41.53 32.66 57.97
CA HIS L 170 41.34 34.11 57.93
C HIS L 170 42.35 34.79 58.82
N MET L 171 42.51 36.09 58.62
CA MET L 171 43.41 36.87 59.45
C MET L 171 42.76 37.14 60.81
N PRO L 172 43.49 36.96 61.91
CA PRO L 172 42.88 37.04 63.25
C PRO L 172 42.32 38.42 63.53
N PRO L 173 41.18 38.51 64.21
CA PRO L 173 40.45 39.78 64.31
C PRO L 173 41.14 40.90 65.06
N ASP L 174 41.50 40.69 66.32
CA ASP L 174 41.96 41.72 67.25
C ASP L 174 42.29 41.06 68.58
N ILE L 175 42.89 41.84 69.48
CA ILE L 175 43.12 41.47 70.87
C ILE L 175 42.82 42.66 71.77
N PRO L 176 42.02 42.48 72.85
CA PRO L 176 41.58 43.65 73.63
C PRO L 176 42.64 44.28 74.51
N ASP L 177 43.49 43.49 75.16
CA ASP L 177 44.58 43.98 76.02
C ASP L 177 44.09 44.98 77.08
N ARG L 178 43.28 44.51 78.04
CA ARG L 178 43.18 45.29 79.27
C ARG L 178 44.21 44.80 80.29
N THR L 179 45.46 44.70 79.85
CA THR L 179 46.55 44.32 80.74
C THR L 179 47.78 45.18 80.60
N ILE L 180 47.98 45.87 79.47
CA ILE L 180 49.03 46.87 79.35
C ILE L 180 48.34 48.21 79.59
N LEU L 181 48.28 48.61 80.86
CA LEU L 181 47.54 49.82 81.23
C LEU L 181 48.09 50.34 82.56
N SER L 182 48.89 51.39 82.48
CA SER L 182 49.35 52.12 83.67
C SER L 182 48.53 53.39 83.81
N GLN L 183 48.10 53.69 85.04
CA GLN L 183 47.10 54.70 85.33
C GLN L 183 47.52 55.59 86.50
N GLN L 184 48.75 56.11 86.45
CA GLN L 184 49.32 56.88 87.54
C GLN L 184 48.66 58.27 87.61
N SER L 185 47.47 58.29 88.22
CA SER L 185 46.70 59.51 88.50
C SER L 185 46.46 60.33 87.23
N GLY L 186 45.71 59.74 86.32
CA GLY L 186 45.45 60.36 85.05
C GLY L 186 46.56 60.22 84.03
N ASN L 187 47.60 59.45 84.33
CA ASN L 187 48.68 59.19 83.38
C ASN L 187 48.44 57.82 82.77
N VAL L 188 48.00 57.80 81.51
CA VAL L 188 47.77 56.58 80.76
C VAL L 188 49.05 56.23 80.02
N LYS L 189 49.63 55.06 80.32
CA LYS L 189 50.83 54.57 79.65
C LYS L 189 50.55 53.22 79.02
N ILE L 190 50.98 53.04 77.77
CA ILE L 190 50.67 51.85 76.98
C ILE L 190 51.89 51.44 76.15
N THR L 191 52.37 50.20 76.34
CA THR L 191 53.56 49.73 75.62
C THR L 191 53.25 48.47 74.81
N VAL L 192 54.26 47.90 74.16
CA VAL L 192 54.04 46.79 73.23
C VAL L 192 54.87 45.55 73.55
N ASN L 193 56.03 45.67 74.23
CA ASN L 193 56.89 44.54 74.61
C ASN L 193 57.28 43.67 73.40
N GLY L 194 57.34 44.26 72.20
CA GLY L 194 57.73 43.56 71.00
C GLY L 194 56.64 43.47 69.94
N ARG L 195 55.38 43.62 70.32
CA ARG L 195 54.28 43.54 69.37
C ARG L 195 54.00 44.92 68.80
N THR L 196 52.89 45.05 68.08
CA THR L 196 52.30 46.33 67.75
C THR L 196 50.92 46.42 68.38
N VAL L 197 50.45 47.66 68.59
CA VAL L 197 49.20 47.91 69.30
C VAL L 197 48.44 49.01 68.57
N LYS L 198 47.13 48.81 68.43
CA LYS L 198 46.23 49.83 67.92
C LYS L 198 45.52 50.46 69.12
N TYR L 199 45.98 51.63 69.54
CA TYR L 199 45.35 52.33 70.64
C TYR L 199 44.06 53.01 70.15
N SER L 200 43.00 52.87 70.95
CA SER L 200 41.75 53.54 70.67
C SER L 200 41.11 53.97 71.98
N CYS L 201 40.38 55.08 71.93
CA CYS L 201 39.81 55.68 73.12
C CYS L 201 38.49 56.35 72.75
N SER L 202 37.87 56.95 73.76
CA SER L 202 36.78 57.89 73.58
C SER L 202 37.01 59.10 74.48
N CYS L 203 38.29 59.42 74.70
CA CYS L 203 38.67 60.60 75.45
C CYS L 203 38.21 61.87 74.74
N GLY L 204 38.06 61.80 73.41
CA GLY L 204 37.57 62.89 72.60
C GLY L 204 37.90 62.68 71.14
N SER L 205 38.38 63.73 70.48
CA SER L 205 38.82 63.66 69.10
C SER L 205 40.22 63.06 68.94
N LYS L 206 40.79 62.53 70.03
CA LYS L 206 42.20 62.13 70.01
C LYS L 206 42.47 60.84 69.23
N PRO L 207 41.88 59.68 69.57
CA PRO L 207 42.54 58.40 69.24
C PRO L 207 42.50 58.03 67.76
N SER L 208 43.62 57.48 67.28
CA SER L 208 43.77 57.17 65.86
C SER L 208 44.80 56.05 65.65
N GLY L 209 44.31 54.83 65.44
CA GLY L 209 45.12 53.79 64.81
C GLY L 209 46.25 53.23 65.63
N THR L 210 47.35 52.88 64.94
CA THR L 210 48.50 52.23 65.54
C THR L 210 49.38 53.21 66.32
N THR L 211 50.26 52.63 67.14
CA THR L 211 51.33 53.31 67.87
C THR L 211 52.24 52.24 68.47
N THR L 212 53.54 52.51 68.49
CA THR L 212 54.54 51.60 69.06
C THR L 212 55.09 52.09 70.39
N THR L 213 55.57 53.33 70.46
CA THR L 213 56.16 53.84 71.69
C THR L 213 55.09 54.08 72.77
N ASP L 214 55.54 54.14 74.01
CA ASP L 214 54.65 54.38 75.14
C ASP L 214 54.24 55.84 75.17
N LYS L 215 52.94 56.09 75.06
CA LYS L 215 52.39 57.44 75.05
C LYS L 215 51.73 57.72 76.40
N THR L 216 51.83 58.96 76.85
CA THR L 216 51.34 59.38 78.16
C THR L 216 50.40 60.56 77.98
N ILE L 217 49.14 60.38 78.34
CA ILE L 217 48.09 61.34 78.02
C ILE L 217 47.27 61.60 79.28
N ASN L 218 46.59 62.74 79.29
CA ASN L 218 45.74 63.14 80.39
C ASN L 218 44.33 63.48 79.90
N SER L 219 43.52 64.06 80.80
CA SER L 219 42.09 64.35 80.67
C SER L 219 41.23 63.09 80.69
N CYS L 220 41.85 61.92 80.78
CA CYS L 220 41.12 60.66 80.80
C CYS L 220 42.03 59.57 81.37
N THR L 221 41.39 58.52 81.87
CA THR L 221 42.01 57.58 82.80
C THR L 221 41.43 56.18 82.50
N VAL L 222 41.56 55.26 83.46
CA VAL L 222 41.60 53.80 83.32
C VAL L 222 40.57 53.19 82.36
N ASP L 223 39.38 53.78 82.24
CA ASP L 223 38.31 53.08 81.55
C ASP L 223 38.01 53.62 80.15
N LYS L 224 38.13 54.93 79.93
CA LYS L 224 37.71 55.48 78.63
C LYS L 224 38.82 55.39 77.59
N CYS L 225 39.40 54.20 77.47
CA CYS L 225 40.49 53.87 76.56
C CYS L 225 40.64 52.36 76.56
N GLN L 226 41.36 51.86 75.55
CA GLN L 226 41.63 50.44 75.38
C GLN L 226 42.75 50.32 74.35
N ALA L 227 43.30 49.11 74.24
CA ALA L 227 44.48 48.87 73.42
C ALA L 227 44.27 47.65 72.54
N TYR L 228 43.88 47.85 71.29
CA TYR L 228 43.80 46.72 70.37
C TYR L 228 45.20 46.26 69.97
N VAL L 229 45.38 44.95 69.85
CA VAL L 229 46.65 44.37 69.43
C VAL L 229 46.47 43.70 68.07
N THR L 230 47.44 43.90 67.20
CA THR L 230 47.41 43.45 65.81
C THR L 230 48.21 42.17 65.63
N SER L 231 47.62 41.21 64.93
CA SER L 231 48.23 39.92 64.63
C SER L 231 48.14 39.62 63.13
N HIS L 232 48.54 40.58 62.31
CA HIS L 232 48.36 40.47 60.87
C HIS L 232 49.28 39.44 60.19
N THR L 233 50.04 38.61 60.92
CA THR L 233 51.03 37.74 60.29
C THR L 233 50.40 36.48 59.70
N LYS L 234 49.77 35.67 60.54
CA LYS L 234 49.37 34.31 60.23
C LYS L 234 47.87 34.20 60.00
N TRP L 235 47.40 32.98 59.82
CA TRP L 235 45.98 32.68 59.66
C TRP L 235 45.54 31.74 60.77
N GLN L 236 44.24 31.70 61.00
CA GLN L 236 43.67 30.83 62.02
C GLN L 236 42.51 30.05 61.42
N PHE L 237 41.98 29.12 62.20
CA PHE L 237 40.82 28.37 61.78
C PHE L 237 39.61 29.29 61.62
N ASN L 238 38.67 28.87 60.78
CA ASN L 238 37.44 29.63 60.58
C ASN L 238 36.35 29.06 61.50
N SER L 239 36.61 29.17 62.80
CA SER L 239 35.64 28.71 63.79
C SER L 239 34.51 29.72 63.95
N PRO L 240 33.32 29.27 64.34
CA PRO L 240 32.27 30.21 64.72
C PRO L 240 32.41 30.75 66.13
N PHE L 241 33.46 30.39 66.86
CA PHE L 241 33.63 30.85 68.23
C PHE L 241 34.62 32.00 68.35
N VAL L 242 35.38 32.30 67.31
CA VAL L 242 36.33 33.41 67.30
C VAL L 242 35.82 34.42 66.29
N PRO L 243 35.63 35.68 66.67
CA PRO L 243 34.89 36.60 65.79
C PRO L 243 35.70 37.02 64.58
N ARG L 244 34.99 37.34 63.51
CA ARG L 244 35.62 37.88 62.32
C ARG L 244 35.80 39.39 62.47
N ALA L 245 36.91 39.91 61.92
CA ALA L 245 37.15 41.34 61.83
C ALA L 245 36.39 41.91 60.62
N GLU L 246 36.73 43.13 60.23
CA GLU L 246 36.12 43.75 59.05
C GLU L 246 36.91 43.35 57.78
N GLN L 247 37.04 42.04 57.60
CA GLN L 247 37.81 41.48 56.50
C GLN L 247 37.29 40.06 56.24
N ALA L 248 36.45 39.91 55.21
CA ALA L 248 35.72 38.66 54.97
C ALA L 248 36.06 38.12 53.59
N GLU L 249 37.06 37.24 53.51
CA GLU L 249 37.45 36.61 52.26
C GLU L 249 38.35 35.42 52.53
N ARG L 250 38.39 34.51 51.56
CA ARG L 250 39.27 33.35 51.63
C ARG L 250 40.70 33.77 51.31
N LYS L 251 41.64 33.39 52.18
CA LYS L 251 43.05 33.71 51.97
C LYS L 251 43.92 32.50 52.31
N GLY L 252 43.48 31.31 51.93
CA GLY L 252 44.30 30.15 52.20
C GLY L 252 43.61 28.85 51.85
N LYS L 253 44.26 27.76 52.23
CA LYS L 253 43.83 26.40 51.97
C LYS L 253 44.66 25.47 52.85
N VAL L 254 44.04 24.41 53.36
CA VAL L 254 44.70 23.37 54.14
C VAL L 254 44.10 22.03 53.76
N HIS L 255 44.95 21.05 53.50
CA HIS L 255 44.48 19.71 53.13
C HIS L 255 44.26 18.89 54.39
N ILE L 256 43.07 18.30 54.49
CA ILE L 256 42.72 17.44 55.62
C ILE L 256 43.23 16.05 55.26
N PRO L 257 43.94 15.40 56.15
CA PRO L 257 44.48 14.07 55.82
C PRO L 257 43.44 12.99 56.02
N PHE L 258 43.90 11.75 55.90
CA PHE L 258 43.19 10.54 56.30
C PHE L 258 41.87 10.37 55.55
N PRO L 259 41.88 10.09 54.27
CA PRO L 259 40.62 9.94 53.53
C PRO L 259 40.01 8.56 53.72
N LEU L 260 38.88 8.35 53.06
CA LEU L 260 38.11 7.12 53.15
C LEU L 260 38.53 6.13 52.08
N ILE L 261 38.51 4.84 52.42
CA ILE L 261 39.13 3.79 51.62
C ILE L 261 38.26 2.54 51.61
N ASN L 262 38.01 1.99 50.43
CA ASN L 262 37.42 0.66 50.31
C ASN L 262 38.36 -0.37 50.93
N THR L 263 37.89 -1.05 51.99
CA THR L 263 38.74 -1.93 52.76
C THR L 263 37.89 -3.13 53.17
N THR L 264 38.50 -4.09 53.87
CA THR L 264 37.80 -5.27 54.36
C THR L 264 38.09 -5.47 55.84
N CYS L 265 37.05 -5.90 56.56
CA CYS L 265 37.14 -6.21 57.99
C CYS L 265 36.53 -7.57 58.25
N ARG L 266 36.83 -8.13 59.42
CA ARG L 266 36.38 -9.47 59.77
C ARG L 266 34.98 -9.43 60.36
N VAL L 267 34.44 -10.62 60.63
CA VAL L 267 33.12 -10.79 61.24
C VAL L 267 32.98 -12.21 61.77
N PRO L 268 32.45 -12.40 62.97
CA PRO L 268 32.36 -13.75 63.54
C PRO L 268 31.19 -14.54 62.97
N LEU L 269 31.31 -15.85 63.14
CA LEU L 269 30.41 -16.82 62.52
C LEU L 269 29.64 -17.58 63.58
N ALA L 270 28.34 -17.74 63.36
CA ALA L 270 27.46 -18.40 64.31
C ALA L 270 27.61 -19.90 64.25
N PRO L 271 27.26 -20.60 65.33
CA PRO L 271 27.34 -22.07 65.32
C PRO L 271 26.35 -22.70 64.35
N GLU L 272 26.73 -23.85 63.82
CA GLU L 272 25.95 -24.57 62.82
C GLU L 272 24.58 -24.95 63.35
N ALA L 273 23.53 -24.34 62.82
CA ALA L 273 22.18 -24.57 63.29
C ALA L 273 21.75 -26.02 63.03
N LEU L 274 20.81 -26.48 63.85
CA LEU L 274 20.31 -27.84 63.78
C LEU L 274 18.89 -27.85 63.25
N VAL L 275 18.57 -28.84 62.42
CA VAL L 275 17.33 -28.87 61.67
C VAL L 275 16.62 -30.19 61.96
N ARG L 276 15.29 -30.14 61.98
CA ARG L 276 14.47 -31.29 62.33
C ARG L 276 13.24 -31.33 61.45
N SER L 277 12.78 -32.54 61.12
CA SER L 277 11.74 -32.73 60.13
C SER L 277 10.37 -32.88 60.77
N GLY L 278 9.36 -32.27 60.16
CA GLY L 278 7.99 -32.41 60.60
C GLY L 278 7.06 -32.68 59.44
N LYS L 279 5.78 -32.83 59.75
CA LYS L 279 4.77 -33.04 58.71
C LYS L 279 4.52 -31.69 58.02
N ARG L 280 5.46 -31.34 57.14
CA ARG L 280 5.50 -30.04 56.46
C ARG L 280 5.71 -28.91 57.46
N GLU L 281 6.49 -29.18 58.49
CA GLU L 281 7.07 -28.16 59.37
C GLU L 281 8.55 -28.45 59.54
N ALA L 282 9.30 -27.43 59.92
CA ALA L 282 10.73 -27.59 60.19
C ALA L 282 11.11 -26.76 61.41
N THR L 283 11.59 -27.43 62.45
CA THR L 283 11.93 -26.78 63.71
C THR L 283 13.43 -26.56 63.78
N LEU L 284 13.84 -25.32 64.01
CA LEU L 284 15.24 -24.93 63.98
C LEU L 284 15.76 -24.78 65.42
N SER L 285 16.86 -25.47 65.71
CA SER L 285 17.46 -25.46 67.04
C SER L 285 18.78 -24.69 67.00
N LEU L 286 19.00 -23.87 68.00
CA LEU L 286 20.07 -22.88 67.96
C LEU L 286 21.02 -23.06 69.14
N HIS L 287 22.09 -22.28 69.11
CA HIS L 287 23.13 -22.19 70.11
C HIS L 287 23.83 -20.86 69.88
N PRO L 288 23.14 -19.73 70.06
CA PRO L 288 23.75 -18.45 69.69
C PRO L 288 24.74 -17.97 70.74
N ILE L 289 25.63 -17.08 70.29
CA ILE L 289 26.65 -16.53 71.18
C ILE L 289 26.63 -15.03 71.04
N HIS L 290 25.85 -14.52 70.10
CA HIS L 290 25.74 -13.10 69.88
C HIS L 290 24.36 -12.79 69.33
N PRO L 291 23.78 -11.63 69.69
CA PRO L 291 22.48 -11.24 69.13
C PRO L 291 22.49 -11.27 67.60
N THR L 292 21.61 -12.07 67.03
CA THR L 292 21.76 -12.49 65.64
C THR L 292 20.43 -12.44 64.92
N LEU L 293 20.43 -11.90 63.71
CA LEU L 293 19.21 -11.83 62.91
C LEU L 293 18.86 -13.18 62.33
N LEU L 294 17.56 -13.38 62.10
CA LEU L 294 17.05 -14.60 61.51
C LEU L 294 15.89 -14.24 60.59
N SER L 295 15.94 -14.69 59.35
CA SER L 295 14.92 -14.36 58.37
C SER L 295 14.59 -15.58 57.53
N TYR L 296 13.38 -15.61 57.00
CA TYR L 296 12.93 -16.72 56.18
C TYR L 296 11.83 -16.23 55.26
N ARG L 297 11.61 -16.97 54.17
CA ARG L 297 10.57 -16.63 53.22
C ARG L 297 10.20 -17.84 52.39
N THR L 298 8.94 -17.91 51.99
CA THR L 298 8.47 -18.97 51.10
C THR L 298 8.78 -18.60 49.66
N LEU L 299 8.57 -19.56 48.75
CA LEU L 299 8.95 -19.38 47.35
C LEU L 299 7.79 -19.62 46.39
N GLY L 300 6.57 -19.29 46.80
CA GLY L 300 5.43 -19.49 45.93
C GLY L 300 4.85 -18.20 45.40
N ARG L 301 3.52 -18.14 45.34
CA ARG L 301 2.85 -16.92 44.91
C ARG L 301 2.85 -15.87 46.02
N GLU L 302 2.24 -16.19 47.15
CA GLU L 302 2.20 -15.26 48.26
C GLU L 302 3.52 -15.34 49.02
N PRO L 303 4.21 -14.24 49.21
CA PRO L 303 5.46 -14.27 49.95
C PRO L 303 5.26 -14.13 51.47
N VAL L 304 4.86 -15.23 52.11
CA VAL L 304 4.88 -15.26 53.56
C VAL L 304 6.32 -15.14 54.03
N PHE L 305 6.57 -14.17 54.91
CA PHE L 305 7.92 -13.82 55.31
C PHE L 305 7.90 -13.35 56.74
N ASP L 306 9.06 -13.43 57.40
CA ASP L 306 9.23 -12.80 58.70
C ASP L 306 10.71 -12.78 59.05
N GLU L 307 11.11 -11.71 59.73
CA GLU L 307 12.44 -11.60 60.28
C GLU L 307 12.32 -10.97 61.65
N GLN L 308 13.27 -11.30 62.54
CA GLN L 308 13.26 -10.85 63.91
C GLN L 308 14.58 -11.26 64.56
N TRP L 309 14.96 -10.53 65.60
CA TRP L 309 16.22 -10.78 66.27
C TRP L 309 16.10 -11.95 67.22
N ILE L 310 17.24 -12.55 67.56
CA ILE L 310 17.31 -13.75 68.37
C ILE L 310 18.48 -13.60 69.33
N THR L 311 18.26 -13.88 70.62
CA THR L 311 19.28 -13.60 71.61
C THR L 311 19.57 -14.71 72.60
N THR L 312 18.72 -15.71 72.74
CA THR L 312 18.92 -16.77 73.72
C THR L 312 18.55 -18.11 73.11
N GLN L 313 18.75 -19.18 73.87
CA GLN L 313 18.46 -20.53 73.41
C GLN L 313 16.97 -20.68 73.18
N THR L 314 16.55 -20.73 71.92
CA THR L 314 15.14 -20.69 71.57
C THR L 314 14.91 -21.56 70.35
N GLU L 315 13.79 -22.26 70.31
CA GLU L 315 13.39 -23.04 69.16
C GLU L 315 12.23 -22.35 68.43
N VAL L 316 12.18 -22.53 67.12
CA VAL L 316 11.25 -21.80 66.27
C VAL L 316 10.70 -22.75 65.21
N THR L 317 9.38 -22.79 65.08
CA THR L 317 8.75 -23.53 64.00
C THR L 317 8.73 -22.70 62.73
N ILE L 318 9.01 -23.34 61.60
CA ILE L 318 9.06 -22.70 60.30
C ILE L 318 8.12 -23.44 59.36
N PRO L 319 7.21 -22.75 58.67
CA PRO L 319 6.34 -23.44 57.72
C PRO L 319 7.09 -23.77 56.45
N VAL L 320 6.94 -25.00 55.98
CA VAL L 320 7.59 -25.41 54.75
C VAL L 320 6.52 -25.98 53.82
N PRO L 321 6.16 -25.29 52.76
CA PRO L 321 5.16 -25.83 51.83
C PRO L 321 5.83 -26.56 50.67
N VAL L 322 5.01 -27.23 49.85
CA VAL L 322 5.55 -27.97 48.71
C VAL L 322 6.11 -27.03 47.65
N GLU L 323 5.89 -25.73 47.80
CA GLU L 323 6.52 -24.78 46.90
C GLU L 323 8.00 -24.62 47.22
N GLY L 324 8.33 -24.31 48.47
CA GLY L 324 9.72 -24.12 48.84
C GLY L 324 9.93 -22.99 49.81
N VAL L 325 11.11 -22.93 50.42
CA VAL L 325 11.42 -21.90 51.40
C VAL L 325 12.92 -21.67 51.46
N GLU L 326 13.32 -20.41 51.41
CA GLU L 326 14.68 -20.00 51.72
C GLU L 326 14.72 -19.44 53.12
N TYR L 327 15.75 -19.79 53.87
CA TYR L 327 16.01 -19.16 55.15
C TYR L 327 17.49 -18.88 55.26
N ARG L 328 17.85 -18.01 56.18
CA ARG L 328 19.25 -17.82 56.51
C ARG L 328 19.34 -17.27 57.92
N TRP L 329 20.43 -17.61 58.60
CA TRP L 329 20.59 -17.21 59.98
C TRP L 329 22.06 -17.03 60.29
N GLY L 330 22.42 -15.81 60.65
CA GLY L 330 23.80 -15.49 60.98
C GLY L 330 24.55 -14.93 59.79
N ASN L 331 25.63 -15.59 59.41
CA ASN L 331 26.43 -15.20 58.25
C ASN L 331 26.81 -16.42 57.45
N HIS L 332 25.86 -17.31 57.24
CA HIS L 332 26.02 -18.38 56.28
C HIS L 332 25.36 -17.98 54.97
N LYS L 333 25.60 -18.77 53.95
CA LYS L 333 24.91 -18.54 52.71
C LYS L 333 23.44 -18.91 52.88
N PRO L 334 22.53 -18.19 52.23
CA PRO L 334 21.10 -18.47 52.39
C PRO L 334 20.74 -19.86 51.89
N GLN L 335 20.31 -20.72 52.80
CA GLN L 335 20.05 -22.12 52.53
C GLN L 335 18.56 -22.37 52.33
N ARG L 336 18.26 -23.53 51.73
CA ARG L 336 16.92 -23.82 51.25
C ARG L 336 16.47 -25.21 51.69
N LEU L 337 15.19 -25.32 52.01
CA LEU L 337 14.55 -26.59 52.34
C LEU L 337 13.41 -26.85 51.37
N TRP L 338 13.23 -28.10 50.97
CA TRP L 338 12.19 -28.49 50.03
C TRP L 338 11.48 -29.72 50.56
N SER L 339 10.15 -29.71 50.52
CA SER L 339 9.35 -30.70 51.24
C SER L 339 8.72 -31.69 50.27
N GLN L 340 8.99 -32.98 50.48
CA GLN L 340 8.43 -34.03 49.66
C GLN L 340 7.00 -34.35 50.10
N LEU L 341 6.41 -35.37 49.49
CA LEU L 341 4.95 -35.54 49.55
C LEU L 341 4.52 -36.20 50.85
N THR L 342 4.93 -37.46 51.07
CA THR L 342 4.95 -38.19 52.35
C THR L 342 3.67 -38.05 53.19
N THR L 343 2.57 -38.54 52.63
CA THR L 343 1.32 -38.54 53.35
C THR L 343 1.33 -39.58 54.47
N GLU L 344 0.32 -39.50 55.35
CA GLU L 344 0.28 -40.28 56.57
C GLU L 344 -0.80 -41.36 56.56
N GLY L 345 -1.32 -41.71 55.40
CA GLY L 345 -2.13 -42.89 55.26
C GLY L 345 -1.30 -44.10 54.94
N ARG L 346 -1.85 -44.99 54.12
CA ARG L 346 -1.08 -46.04 53.48
C ARG L 346 -1.37 -45.99 51.98
N ALA L 347 -0.90 -46.99 51.27
CA ALA L 347 -0.94 -47.00 49.81
C ALA L 347 -2.33 -47.41 49.32
N HIS L 348 -2.38 -47.74 48.05
CA HIS L 348 -3.55 -48.22 47.34
C HIS L 348 -3.85 -49.69 47.61
N GLY L 349 -3.29 -50.27 48.67
CA GLY L 349 -3.44 -51.69 48.89
C GLY L 349 -4.85 -52.13 49.21
N TRP L 350 -5.67 -51.25 49.79
CA TRP L 350 -6.97 -51.63 50.30
C TRP L 350 -7.79 -50.37 50.54
N PRO L 351 -9.09 -50.36 50.23
CA PRO L 351 -9.91 -49.17 50.49
C PRO L 351 -10.08 -48.92 51.98
N HIS L 352 -10.79 -47.86 52.34
CA HIS L 352 -10.83 -47.30 53.69
C HIS L 352 -9.45 -46.85 54.16
N GLU L 353 -8.49 -46.78 53.25
CA GLU L 353 -7.16 -46.24 53.49
C GLU L 353 -6.79 -45.29 52.37
N ILE L 354 -7.39 -45.49 51.19
CA ILE L 354 -7.21 -44.54 50.10
C ILE L 354 -7.77 -43.18 50.49
N ILE L 355 -8.83 -43.19 51.29
CA ILE L 355 -9.31 -41.95 51.91
C ILE L 355 -8.22 -41.33 52.75
N GLU L 356 -7.51 -42.14 53.53
CA GLU L 356 -6.45 -41.61 54.37
C GLU L 356 -5.24 -41.16 53.56
N TYR L 357 -5.09 -41.65 52.33
CA TYR L 357 -3.99 -41.23 51.48
C TYR L 357 -4.31 -39.89 50.82
N TYR L 358 -5.38 -39.86 50.04
CA TYR L 358 -5.72 -38.65 49.30
C TYR L 358 -6.25 -37.55 50.21
N TYR L 359 -6.83 -37.89 51.35
CA TYR L 359 -7.21 -36.87 52.31
C TYR L 359 -5.98 -36.29 52.98
N GLY L 360 -4.87 -37.01 52.96
CA GLY L 360 -3.62 -36.52 53.53
C GLY L 360 -3.07 -35.32 52.80
N LEU L 361 -2.64 -35.50 51.56
CA LEU L 361 -2.17 -34.40 50.72
C LEU L 361 -3.29 -34.01 49.78
N HIS L 362 -3.36 -32.72 49.47
CA HIS L 362 -4.55 -32.11 48.88
C HIS L 362 -5.83 -32.39 49.66
N PRO L 363 -5.93 -31.98 50.93
CA PRO L 363 -7.25 -31.89 51.55
C PRO L 363 -7.86 -30.53 51.20
N THR L 364 -9.16 -30.43 51.43
CA THR L 364 -9.97 -29.26 51.10
C THR L 364 -9.87 -28.88 49.62
N THR L 365 -9.34 -29.77 48.79
CA THR L 365 -9.27 -29.57 47.34
C THR L 365 -9.97 -30.78 46.74
N THR L 366 -11.30 -30.64 46.62
CA THR L 366 -12.11 -31.53 45.81
C THR L 366 -12.02 -32.98 46.29
N ILE L 367 -12.30 -33.15 47.58
CA ILE L 367 -12.53 -34.46 48.19
C ILE L 367 -13.82 -34.51 49.00
N VAL L 368 -14.32 -33.38 49.46
CA VAL L 368 -15.75 -33.27 49.69
C VAL L 368 -16.52 -33.51 48.39
N VAL L 369 -15.84 -33.49 47.23
CA VAL L 369 -16.45 -34.05 46.04
C VAL L 369 -16.61 -35.56 46.18
N VAL L 370 -15.77 -36.22 47.00
CA VAL L 370 -16.00 -37.64 47.20
C VAL L 370 -17.20 -37.83 48.11
N VAL L 371 -17.38 -36.90 49.04
CA VAL L 371 -18.65 -36.92 49.78
C VAL L 371 -19.82 -36.61 48.83
N ALA L 372 -19.57 -35.81 47.80
CA ALA L 372 -20.59 -35.57 46.79
C ALA L 372 -20.89 -36.82 45.98
N VAL L 373 -19.87 -37.64 45.73
CA VAL L 373 -20.10 -38.96 45.15
C VAL L 373 -21.03 -39.78 46.02
N SER L 374 -20.80 -39.72 47.34
CA SER L 374 -21.68 -40.43 48.27
C SER L 374 -23.13 -39.95 48.15
N VAL L 375 -23.32 -38.64 48.10
CA VAL L 375 -24.70 -38.14 48.09
C VAL L 375 -25.36 -38.36 46.73
N VAL L 376 -24.59 -38.36 45.64
CA VAL L 376 -25.22 -38.61 44.35
C VAL L 376 -25.55 -40.09 44.21
N VAL L 377 -24.74 -40.97 44.83
CA VAL L 377 -25.09 -42.37 44.87
C VAL L 377 -26.38 -42.58 45.65
N LEU L 378 -26.52 -41.87 46.77
CA LEU L 378 -27.75 -41.98 47.56
C LEU L 378 -28.97 -41.52 46.77
N LEU L 379 -28.88 -40.35 46.12
CA LEU L 379 -30.04 -39.86 45.37
C LEU L 379 -30.36 -40.74 44.16
N SER L 380 -29.34 -41.31 43.52
CA SER L 380 -29.57 -42.15 42.35
C SER L 380 -30.22 -43.48 42.73
N VAL L 381 -29.77 -44.08 43.83
CA VAL L 381 -30.41 -45.33 44.23
C VAL L 381 -31.82 -45.06 44.72
N ALA L 382 -32.07 -43.91 45.35
CA ALA L 382 -33.43 -43.56 45.73
C ALA L 382 -34.31 -43.35 44.51
N ALA L 383 -33.78 -42.72 43.46
CA ALA L 383 -34.55 -42.55 42.24
C ALA L 383 -34.86 -43.89 41.59
N SER L 384 -33.93 -44.84 41.66
CA SER L 384 -34.18 -46.16 41.11
C SER L 384 -35.31 -46.86 41.85
N VAL L 385 -35.27 -46.83 43.19
CA VAL L 385 -36.35 -47.46 43.95
C VAL L 385 -37.67 -46.76 43.69
N TYR L 386 -37.64 -45.44 43.48
CA TYR L 386 -38.87 -44.72 43.15
C TYR L 386 -39.45 -45.20 41.83
N MET L 387 -38.60 -45.31 40.80
CA MET L 387 -39.08 -45.79 39.51
C MET L 387 -39.64 -47.20 39.61
N CYS L 388 -38.99 -48.06 40.41
CA CYS L 388 -39.45 -49.44 40.53
C CYS L 388 -40.80 -49.53 41.24
N VAL L 389 -40.98 -48.77 42.33
CA VAL L 389 -42.26 -48.86 43.02
C VAL L 389 -43.37 -48.20 42.19
N VAL L 390 -43.04 -47.17 41.40
CA VAL L 390 -44.05 -46.58 40.54
C VAL L 390 -44.46 -47.55 39.44
N ALA L 391 -43.50 -48.30 38.90
CA ALA L 391 -43.85 -49.37 37.96
C ALA L 391 -44.76 -50.39 38.61
N ARG L 392 -44.44 -50.81 39.83
CA ARG L 392 -45.30 -51.78 40.52
C ARG L 392 -46.70 -51.23 40.74
N ASN L 393 -46.82 -49.96 41.09
CA ASN L 393 -48.13 -49.37 41.32
C ASN L 393 -48.92 -49.27 40.03
N LYS L 394 -48.29 -48.82 38.95
CA LYS L 394 -49.00 -48.74 37.68
C LYS L 394 -49.26 -50.12 37.07
N CYS L 395 -48.65 -51.17 37.60
CA CYS L 395 -49.00 -52.52 37.19
C CYS L 395 -50.03 -53.16 38.11
N LEU L 396 -50.23 -52.61 39.30
CA LEU L 396 -51.08 -53.24 40.31
C LEU L 396 -52.43 -52.57 40.51
N THR L 397 -52.46 -51.25 40.52
CA THR L 397 -53.64 -50.42 40.73
C THR L 397 -54.85 -50.78 39.86
N PRO L 398 -54.69 -51.31 38.62
CA PRO L 398 -55.89 -51.68 37.86
C PRO L 398 -56.58 -52.94 38.33
N TYR L 399 -56.26 -53.43 39.53
CA TYR L 399 -57.04 -54.48 40.17
C TYR L 399 -57.73 -53.97 41.43
N ALA L 400 -58.04 -52.68 41.47
CA ALA L 400 -58.60 -52.08 42.68
C ALA L 400 -60.11 -52.25 42.75
N LEU L 401 -60.78 -52.06 41.63
CA LEU L 401 -62.22 -52.28 41.45
C LEU L 401 -62.45 -53.72 41.03
N THR L 402 -63.64 -54.02 40.47
CA THR L 402 -64.07 -55.35 40.04
C THR L 402 -64.05 -56.32 41.21
N PRO L 403 -65.04 -56.22 42.10
CA PRO L 403 -65.00 -56.79 43.47
C PRO L 403 -64.31 -58.13 43.66
N GLY L 404 -64.62 -59.11 42.82
CA GLY L 404 -63.92 -60.37 42.89
C GLY L 404 -62.47 -60.18 42.51
N ALA L 405 -61.59 -60.20 43.49
CA ALA L 405 -60.17 -59.89 43.26
C ALA L 405 -59.37 -61.19 43.11
N VAL L 406 -59.68 -61.93 42.06
CA VAL L 406 -58.96 -63.17 41.78
C VAL L 406 -57.63 -62.81 41.12
N VAL L 407 -56.58 -62.77 41.93
CA VAL L 407 -55.27 -62.28 41.51
C VAL L 407 -54.35 -63.48 41.27
N PRO L 408 -53.68 -63.56 40.13
CA PRO L 408 -52.83 -64.73 39.81
C PRO L 408 -51.50 -64.78 40.55
N VAL L 409 -50.64 -65.68 40.08
CA VAL L 409 -49.37 -66.09 40.70
C VAL L 409 -48.37 -64.92 40.74
N THR L 410 -48.78 -63.76 40.24
CA THR L 410 -48.09 -62.49 40.51
C THR L 410 -48.10 -62.13 42.00
N ILE L 411 -48.64 -63.02 42.82
CA ILE L 411 -48.79 -62.99 44.28
C ILE L 411 -47.46 -62.72 44.98
N GLY L 412 -46.34 -62.85 44.26
CA GLY L 412 -45.07 -62.35 44.74
C GLY L 412 -45.08 -60.90 45.21
N VAL L 413 -46.11 -60.14 44.79
CA VAL L 413 -46.46 -58.85 45.35
C VAL L 413 -47.95 -58.89 45.71
N LEU L 414 -48.48 -57.75 46.19
CA LEU L 414 -49.91 -57.62 46.51
C LEU L 414 -50.34 -58.63 47.59
N CYS L 415 -49.85 -58.38 48.80
CA CYS L 415 -50.31 -59.10 49.99
C CYS L 415 -51.83 -59.29 49.98
N CYS L 416 -52.24 -60.51 50.33
CA CYS L 416 -53.60 -60.99 50.05
C CYS L 416 -54.62 -60.25 50.89
N ALA L 417 -55.54 -59.57 50.23
CA ALA L 417 -56.72 -58.94 50.75
C ALA L 417 -57.91 -59.90 50.75
N PRO L 418 -58.98 -59.62 51.50
CA PRO L 418 -60.16 -60.49 51.44
C PRO L 418 -60.79 -60.48 50.06
N LYS L 419 -60.72 -61.63 49.37
CA LYS L 419 -61.02 -61.73 47.95
C LYS L 419 -62.45 -61.34 47.60
#